data_8APL
#
_entry.id   8APL
#
_cell.length_a   1.00
_cell.length_b   1.00
_cell.length_c   1.00
_cell.angle_alpha   90.00
_cell.angle_beta   90.00
_cell.angle_gamma   90.00
#
_symmetry.space_group_name_H-M   'P 1'
#
_entity_poly.entity_id   1
_entity_poly.type   'polypeptide(L)'
_entity_poly.pdbx_seq_one_letter_code
;AMGNKLFNIAQRILDTNSVLLTERGDYIVWINNSWKFNSEEPLITKLILSIRHQLPKEYSSELLCPRKRKTVEANIRDML
VDSVETDTYPDKLPFKNGVLDLVDGMFYSGDDAKKYTCTVSTGFKFDDTKFVEDSPEMEELMNIINDIQPLTDENKKNRE
LYEKTLSSCLCGATKGCLTFFFGETATGKSTTKRLLKSAIGDLFVETGQTILTDVLDKGPNPFIANMHLKRSVFCSELPD
FACSGSKKIRSDNIKKLTEPCVIGRPCFSNKINNRNHATIIIDTNYKPVFDRIDNALMRRIAVVRFRTHFSQPSGREAAE
NNDAYDKVKLLDEGLDGKIQNNRYRFAFLYLLVKWYKKYHVPIMKLYPTPEEIPDFAFYLKIGTLLVSSSVKHIPLMTDL
SKKGYILYDNVVTLPLTTFQQKISKYFNSRLFGHDIESFINRHKKFANVSDEYLQYIFIEDISSP
;
_entity_poly.pdbx_strand_id   A,B,C,D,E,F
#
# COMPACT_ATOMS: atom_id res chain seq x y z
N ALA A 1 20.18 44.14 -4.11
CA ALA A 1 21.52 44.51 -3.68
C ALA A 1 22.45 43.30 -3.69
N MET A 2 22.89 42.91 -4.89
CA MET A 2 23.78 41.77 -5.07
C MET A 2 24.87 42.17 -6.04
N GLY A 3 25.66 41.19 -6.47
CA GLY A 3 26.79 41.42 -7.36
C GLY A 3 26.44 41.17 -8.82
N ASN A 4 27.20 41.83 -9.69
CA ASN A 4 27.04 41.68 -11.13
C ASN A 4 28.04 40.73 -11.76
N LYS A 5 29.24 40.60 -11.17
CA LYS A 5 30.27 39.72 -11.72
C LYS A 5 29.86 38.25 -11.69
N LEU A 6 28.94 37.87 -10.81
CA LEU A 6 28.57 36.47 -10.69
C LEU A 6 27.94 35.94 -11.95
N PHE A 7 27.14 36.75 -12.64
CA PHE A 7 26.58 36.30 -13.92
C PHE A 7 27.67 36.08 -14.96
N ASN A 8 28.71 36.92 -14.95
CA ASN A 8 29.84 36.69 -15.84
C ASN A 8 30.55 35.38 -15.50
N ILE A 9 30.67 35.06 -14.22
CA ILE A 9 31.27 33.79 -13.81
C ILE A 9 30.42 32.62 -14.31
N ALA A 10 29.11 32.74 -14.17
CA ALA A 10 28.22 31.68 -14.67
C ALA A 10 28.33 31.52 -16.18
N GLN A 11 28.43 32.62 -16.91
CA GLN A 11 28.60 32.55 -18.36
C GLN A 11 29.93 31.88 -18.72
N ARG A 12 31.00 32.22 -18.01
CA ARG A 12 32.28 31.56 -18.24
C ARG A 12 32.21 30.07 -17.93
N ILE A 13 31.50 29.69 -16.87
CA ILE A 13 31.33 28.28 -16.53
C ILE A 13 30.58 27.57 -17.65
N LEU A 14 29.49 28.16 -18.14
CA LEU A 14 28.74 27.54 -19.22
C LEU A 14 29.51 27.54 -20.54
N ASP A 15 30.51 28.41 -20.69
CA ASP A 15 31.33 28.39 -21.89
C ASP A 15 32.09 27.07 -22.03
N THR A 16 32.61 26.56 -20.93
CA THR A 16 33.35 25.31 -20.95
C THR A 16 32.46 24.08 -21.15
N ASN A 17 31.13 24.26 -21.06
CA ASN A 17 30.19 23.15 -21.18
C ASN A 17 30.49 22.05 -20.16
N SER A 18 30.89 22.46 -18.96
CA SER A 18 31.16 21.51 -17.88
C SER A 18 29.91 21.06 -17.16
N VAL A 19 28.76 21.69 -17.42
CA VAL A 19 27.49 21.31 -16.81
C VAL A 19 26.43 21.25 -17.90
N LEU A 20 25.68 20.16 -17.93
CA LEU A 20 24.67 19.95 -18.96
C LEU A 20 23.36 19.54 -18.30
N LEU A 21 22.26 19.83 -18.98
CA LEU A 21 20.93 19.45 -18.54
C LEU A 21 20.45 18.25 -19.33
N THR A 22 20.13 17.16 -18.63
CA THR A 22 19.72 15.94 -19.30
C THR A 22 18.27 16.07 -19.80
N GLU A 23 17.88 15.10 -20.63
CA GLU A 23 16.51 15.05 -21.12
C GLU A 23 15.52 14.75 -20.01
N ARG A 24 15.99 14.15 -18.91
CA ARG A 24 15.16 13.85 -17.76
C ARG A 24 15.03 15.02 -16.80
N GLY A 25 15.50 16.21 -17.19
CA GLY A 25 15.45 17.35 -16.30
C GLY A 25 16.44 17.30 -15.16
N ASP A 26 17.55 16.58 -15.33
CA ASP A 26 18.58 16.47 -14.31
C ASP A 26 19.86 17.14 -14.81
N TYR A 27 20.66 17.62 -13.86
CA TYR A 27 21.88 18.36 -14.15
C TYR A 27 23.09 17.48 -13.89
N ILE A 28 24.00 17.42 -14.85
CA ILE A 28 25.24 16.67 -14.72
C ILE A 28 26.41 17.64 -14.70
N VAL A 29 27.52 17.21 -14.10
CA VAL A 29 28.71 18.03 -13.99
C VAL A 29 29.92 17.22 -14.45
N TRP A 30 30.96 17.93 -14.87
CA TRP A 30 32.19 17.34 -15.36
C TRP A 30 33.31 17.68 -14.37
N ILE A 31 33.56 16.76 -13.44
CA ILE A 31 34.59 16.94 -12.41
C ILE A 31 35.48 15.71 -12.40
N ASN A 32 36.77 15.93 -12.21
CA ASN A 32 37.76 14.84 -12.10
C ASN A 32 37.72 13.93 -13.31
N ASN A 33 37.60 14.54 -14.50
CA ASN A 33 37.57 13.81 -15.77
C ASN A 33 36.48 12.73 -15.77
N SER A 34 35.30 13.12 -15.30
CA SER A 34 34.18 12.20 -15.23
C SER A 34 32.88 12.99 -15.13
N TRP A 35 31.85 12.57 -15.88
CA TRP A 35 30.55 13.22 -15.86
C TRP A 35 29.76 12.74 -14.65
N LYS A 36 30.12 13.27 -13.49
CA LYS A 36 29.41 12.93 -12.27
C LYS A 36 28.00 13.52 -12.28
N PHE A 37 27.06 12.79 -11.68
CA PHE A 37 25.66 13.15 -11.72
C PHE A 37 24.98 12.67 -10.44
N ASN A 38 24.11 13.51 -9.90
CA ASN A 38 23.38 13.16 -8.67
C ASN A 38 22.09 13.95 -8.64
N SER A 39 20.95 13.23 -8.63
CA SER A 39 19.65 13.89 -8.57
C SER A 39 19.33 14.38 -7.17
N GLU A 40 19.80 13.68 -6.13
CA GLU A 40 19.46 14.06 -4.77
C GLU A 40 20.12 15.40 -4.40
N GLU A 41 21.45 15.45 -4.42
CA GLU A 41 22.18 16.67 -4.14
C GLU A 41 22.74 17.26 -5.43
N PRO A 42 22.38 18.50 -5.76
CA PRO A 42 22.94 19.11 -6.97
C PRO A 42 24.44 19.30 -6.85
N LEU A 43 25.17 18.81 -7.85
CA LEU A 43 26.62 18.87 -7.87
C LEU A 43 27.16 20.14 -8.51
N ILE A 44 26.28 21.09 -8.86
CA ILE A 44 26.73 22.32 -9.50
C ILE A 44 27.67 23.09 -8.58
N THR A 45 27.34 23.17 -7.29
CA THR A 45 28.20 23.88 -6.34
C THR A 45 29.59 23.26 -6.27
N LYS A 46 29.66 21.92 -6.24
CA LYS A 46 30.95 21.25 -6.28
C LYS A 46 31.68 21.54 -7.58
N LEU A 47 30.96 21.58 -8.70
CA LEU A 47 31.60 21.90 -9.97
C LEU A 47 32.21 23.29 -9.95
N ILE A 48 31.48 24.26 -9.41
CA ILE A 48 31.99 25.62 -9.30
C ILE A 48 33.21 25.68 -8.41
N LEU A 49 33.16 25.01 -7.25
CA LEU A 49 34.30 24.99 -6.35
C LEU A 49 35.50 24.32 -7.00
N SER A 50 35.27 23.32 -7.86
CA SER A 50 36.37 22.66 -8.53
C SER A 50 36.99 23.56 -9.61
N ILE A 51 36.16 24.20 -10.41
CA ILE A 51 36.64 24.93 -11.58
C ILE A 51 36.91 26.41 -11.25
N ARG A 52 36.83 26.78 -9.98
CA ARG A 52 37.33 28.11 -9.58
C ARG A 52 38.78 28.30 -9.96
N HIS A 53 39.56 27.20 -10.02
CA HIS A 53 40.97 27.30 -10.36
C HIS A 53 41.19 27.61 -11.83
N GLN A 54 40.24 27.22 -12.69
CA GLN A 54 40.35 27.46 -14.13
C GLN A 54 39.84 28.83 -14.55
N LEU A 55 39.74 29.77 -13.61
CA LEU A 55 39.22 31.10 -13.84
C LEU A 55 40.20 32.14 -13.31
N PRO A 56 40.10 33.39 -13.77
CA PRO A 56 41.00 34.44 -13.26
C PRO A 56 40.87 34.61 -11.75
N LYS A 57 41.92 35.16 -11.16
CA LYS A 57 41.97 35.32 -9.71
C LYS A 57 40.83 36.20 -9.20
N GLU A 58 40.31 37.11 -10.03
CA GLU A 58 39.23 37.98 -9.62
C GLU A 58 37.93 37.22 -9.40
N TYR A 59 37.82 35.99 -9.89
CA TYR A 59 36.60 35.21 -9.78
C TYR A 59 36.66 34.10 -8.75
N SER A 60 37.84 33.52 -8.52
CA SER A 60 37.97 32.48 -7.52
C SER A 60 37.66 33.01 -6.12
N SER A 61 38.13 34.23 -5.81
CA SER A 61 37.80 34.84 -4.53
C SER A 61 36.30 35.04 -4.36
N GLU A 62 35.63 35.45 -5.44
CA GLU A 62 34.17 35.57 -5.39
C GLU A 62 33.52 34.21 -5.15
N LEU A 63 34.03 33.17 -5.81
CA LEU A 63 33.45 31.85 -5.70
C LEU A 63 33.75 31.16 -4.38
N LEU A 64 34.73 31.64 -3.62
CA LEU A 64 35.00 31.04 -2.31
C LEU A 64 33.82 31.16 -1.38
N CYS A 65 32.98 32.17 -1.57
CA CYS A 65 31.81 32.39 -0.71
C CYS A 65 30.68 31.44 -1.10
N PRO A 66 30.18 30.62 -0.17
CA PRO A 66 29.04 29.73 -0.51
C PRO A 66 27.79 30.48 -0.91
N ARG A 67 27.53 31.67 -0.39
CA ARG A 67 26.37 32.44 -0.83
C ARG A 67 26.50 32.82 -2.30
N LYS A 68 27.63 33.41 -2.68
CA LYS A 68 27.86 33.75 -4.08
C LYS A 68 27.95 32.50 -4.94
N ARG A 69 28.47 31.40 -4.39
CA ARG A 69 28.52 30.16 -5.16
C ARG A 69 27.13 29.64 -5.46
N LYS A 70 26.22 29.69 -4.47
CA LYS A 70 24.83 29.31 -4.72
C LYS A 70 24.16 30.28 -5.69
N THR A 71 24.52 31.56 -5.63
CA THR A 71 24.01 32.52 -6.61
C THR A 71 24.44 32.14 -8.03
N VAL A 72 25.71 31.79 -8.19
CA VAL A 72 26.20 31.36 -9.50
C VAL A 72 25.53 30.07 -9.94
N GLU A 73 25.28 29.16 -8.99
CA GLU A 73 24.57 27.93 -9.30
C GLU A 73 23.16 28.21 -9.81
N ALA A 74 22.46 29.15 -9.16
CA ALA A 74 21.14 29.54 -9.65
C ALA A 74 21.22 30.17 -11.03
N ASN A 75 22.22 31.01 -11.28
CA ASN A 75 22.39 31.60 -12.60
C ASN A 75 22.62 30.52 -13.65
N ILE A 76 23.44 29.52 -13.33
CA ILE A 76 23.70 28.42 -14.26
C ILE A 76 22.43 27.63 -14.52
N ARG A 77 21.64 27.36 -13.47
CA ARG A 77 20.37 26.67 -13.64
C ARG A 77 19.44 27.45 -14.55
N ASP A 78 19.41 28.77 -14.40
CA ASP A 78 18.58 29.60 -15.28
C ASP A 78 19.10 29.58 -16.72
N MET A 79 20.42 29.59 -16.89
CA MET A 79 21.01 29.63 -18.23
C MET A 79 20.90 28.31 -18.98
N LEU A 80 20.84 27.18 -18.27
CA LEU A 80 20.71 25.87 -18.92
C LEU A 80 19.25 25.67 -19.31
N VAL A 81 18.95 25.84 -20.59
CA VAL A 81 17.61 25.73 -21.12
C VAL A 81 17.46 24.52 -22.03
N ASP A 82 18.37 24.36 -22.99
CA ASP A 82 18.31 23.25 -23.93
C ASP A 82 18.62 21.94 -23.22
N SER A 83 17.62 21.05 -23.15
CA SER A 83 17.77 19.77 -22.48
C SER A 83 18.52 18.82 -23.40
N VAL A 84 19.85 18.95 -23.39
CA VAL A 84 20.70 18.15 -24.26
C VAL A 84 20.77 16.72 -23.73
N GLU A 85 20.42 15.76 -24.59
CA GLU A 85 20.50 14.37 -24.21
C GLU A 85 21.95 13.89 -24.20
N THR A 86 22.18 12.80 -23.47
CA THR A 86 23.52 12.26 -23.28
C THR A 86 23.55 10.78 -23.61
N ASP A 87 24.77 10.24 -23.66
CA ASP A 87 25.01 8.83 -23.96
C ASP A 87 24.43 8.45 -25.33
N THR A 88 24.89 9.16 -26.36
CA THR A 88 24.42 8.91 -27.72
C THR A 88 25.14 7.72 -28.34
N TYR A 89 26.46 7.80 -28.42
CA TYR A 89 27.38 6.83 -29.01
C TYR A 89 27.27 5.46 -28.35
N PRO A 90 27.23 4.38 -29.12
CA PRO A 90 27.26 3.04 -28.52
C PRO A 90 28.65 2.45 -28.49
N ASP A 91 29.62 3.13 -29.10
CA ASP A 91 30.97 2.59 -29.31
C ASP A 91 31.99 3.17 -28.34
N LYS A 92 31.54 3.80 -27.26
CA LYS A 92 32.45 4.41 -26.29
C LYS A 92 32.22 3.79 -24.91
N LEU A 93 33.32 3.48 -24.22
CA LEU A 93 33.27 2.88 -22.90
C LEU A 93 33.82 3.86 -21.87
N PRO A 94 33.00 4.30 -20.92
CA PRO A 94 33.46 5.29 -19.93
C PRO A 94 34.24 4.66 -18.77
N PHE A 95 35.25 5.37 -18.29
CA PHE A 95 36.04 4.91 -17.14
C PHE A 95 36.13 6.02 -16.10
N LYS A 96 36.73 5.72 -14.95
CA LYS A 96 36.95 6.74 -13.93
C LYS A 96 38.06 7.70 -14.30
N ASN A 97 38.84 7.41 -15.33
CA ASN A 97 39.88 8.31 -15.80
C ASN A 97 39.58 8.88 -17.18
N GLY A 98 38.49 8.48 -17.81
CA GLY A 98 38.14 8.95 -19.14
C GLY A 98 37.22 8.00 -19.88
N VAL A 99 37.34 7.97 -21.20
CA VAL A 99 36.49 7.12 -22.04
C VAL A 99 37.39 6.30 -22.97
N LEU A 100 37.13 4.99 -23.03
CA LEU A 100 37.86 4.10 -23.92
C LEU A 100 37.02 3.81 -25.16
N ASP A 101 37.59 4.07 -26.32
CA ASP A 101 36.89 3.85 -27.59
C ASP A 101 36.95 2.39 -28.00
N LEU A 102 35.90 1.94 -28.68
CA LEU A 102 35.84 0.58 -29.22
C LEU A 102 36.20 0.51 -30.69
N VAL A 103 36.19 1.64 -31.40
CA VAL A 103 36.54 1.64 -32.82
C VAL A 103 38.04 1.40 -33.00
N ASP A 104 38.86 2.30 -32.47
CA ASP A 104 40.30 2.18 -32.60
C ASP A 104 40.96 1.56 -31.37
N GLY A 105 40.23 1.44 -30.26
CA GLY A 105 40.81 0.91 -29.04
C GLY A 105 41.64 1.88 -28.24
N MET A 106 41.67 3.15 -28.63
CA MET A 106 42.42 4.17 -27.90
C MET A 106 41.58 4.72 -26.76
N PHE A 107 42.23 5.03 -25.65
CA PHE A 107 41.57 5.53 -24.45
C PHE A 107 41.71 7.05 -24.40
N TYR A 108 40.59 7.74 -24.23
CA TYR A 108 40.57 9.18 -24.09
C TYR A 108 40.48 9.58 -22.62
N SER A 109 40.98 10.77 -22.32
CA SER A 109 40.98 11.28 -20.96
C SER A 109 40.97 12.80 -21.01
N GLY A 110 40.56 13.42 -19.91
CA GLY A 110 40.54 14.87 -19.84
C GLY A 110 39.49 15.45 -20.79
N ASP A 111 39.86 16.55 -21.45
CA ASP A 111 38.94 17.20 -22.37
C ASP A 111 38.59 16.32 -23.56
N ASP A 112 39.47 15.37 -23.92
CA ASP A 112 39.12 14.42 -24.98
C ASP A 112 37.92 13.56 -24.57
N ALA A 113 37.90 13.12 -23.31
CA ALA A 113 36.72 12.42 -22.80
C ALA A 113 35.56 13.37 -22.53
N LYS A 114 35.84 14.65 -22.29
CA LYS A 114 34.76 15.61 -22.06
C LYS A 114 33.88 15.78 -23.28
N LYS A 115 34.42 15.55 -24.48
CA LYS A 115 33.60 15.57 -25.69
C LYS A 115 32.47 14.55 -25.59
N TYR A 116 32.69 13.46 -24.84
CA TYR A 116 31.67 12.46 -24.62
C TYR A 116 30.98 12.71 -23.28
N THR A 117 29.67 12.54 -23.27
CA THR A 117 28.83 12.79 -22.09
C THR A 117 28.21 11.46 -21.66
N CYS A 118 28.90 10.74 -20.79
CA CYS A 118 28.46 9.43 -20.32
C CYS A 118 27.76 9.56 -18.98
N THR A 119 26.56 9.00 -18.87
CA THR A 119 25.81 9.07 -17.63
C THR A 119 26.47 8.26 -16.52
N VAL A 120 27.12 7.15 -16.87
CA VAL A 120 27.73 6.25 -15.92
C VAL A 120 29.18 6.00 -16.33
N SER A 121 29.84 5.13 -15.58
CA SER A 121 31.22 4.76 -15.87
C SER A 121 31.45 3.32 -15.42
N THR A 122 32.59 2.77 -15.81
CA THR A 122 32.92 1.39 -15.48
C THR A 122 33.19 1.19 -13.98
N GLY A 123 33.34 2.27 -13.22
CA GLY A 123 33.52 2.17 -11.79
C GLY A 123 34.93 1.93 -11.31
N PHE A 124 35.91 1.97 -12.21
CA PHE A 124 37.31 1.85 -11.79
C PHE A 124 38.19 2.62 -12.76
N LYS A 125 39.37 2.99 -12.27
CA LYS A 125 40.31 3.75 -13.08
C LYS A 125 40.95 2.87 -14.15
N PHE A 126 41.07 3.42 -15.35
CA PHE A 126 41.68 2.71 -16.46
C PHE A 126 43.19 2.65 -16.30
N ASP A 127 43.78 1.58 -16.80
CA ASP A 127 45.23 1.37 -16.75
C ASP A 127 45.69 0.74 -18.05
N ASP A 128 46.36 1.55 -18.89
CA ASP A 128 46.87 1.04 -20.15
C ASP A 128 47.99 0.01 -19.94
N THR A 129 48.76 0.16 -18.86
CA THR A 129 49.83 -0.80 -18.58
C THR A 129 49.29 -2.20 -18.35
N LYS A 130 48.19 -2.32 -17.61
CA LYS A 130 47.52 -3.61 -17.44
C LYS A 130 46.68 -4.00 -18.64
N PHE A 131 46.43 -3.07 -19.56
CA PHE A 131 45.63 -3.34 -20.76
C PHE A 131 46.57 -3.71 -21.91
N VAL A 132 47.24 -4.84 -21.75
CA VAL A 132 48.16 -5.36 -22.75
C VAL A 132 47.92 -6.85 -22.94
N GLU A 133 48.14 -7.32 -24.16
CA GLU A 133 47.98 -8.74 -24.46
C GLU A 133 49.19 -9.54 -23.99
N ASP A 134 50.39 -8.95 -24.06
CA ASP A 134 51.61 -9.64 -23.65
C ASP A 134 51.71 -9.61 -22.12
N SER A 135 51.00 -10.55 -21.49
CA SER A 135 50.99 -10.65 -20.04
C SER A 135 50.61 -12.08 -19.66
N PRO A 136 51.16 -12.63 -18.58
CA PRO A 136 50.75 -13.98 -18.16
C PRO A 136 49.28 -14.09 -17.84
N GLU A 137 48.67 -13.04 -17.29
CA GLU A 137 47.25 -13.08 -16.97
C GLU A 137 46.42 -13.27 -18.23
N MET A 138 46.81 -12.61 -19.33
CA MET A 138 46.10 -12.77 -20.59
C MET A 138 46.13 -14.22 -21.06
N GLU A 139 47.31 -14.85 -21.03
CA GLU A 139 47.41 -16.25 -21.44
C GLU A 139 46.61 -17.16 -20.54
N GLU A 140 46.68 -16.94 -19.22
CA GLU A 140 45.92 -17.76 -18.29
C GLU A 140 44.42 -17.63 -18.54
N LEU A 141 43.94 -16.40 -18.75
CA LEU A 141 42.52 -16.20 -18.98
C LEU A 141 42.09 -16.75 -20.34
N MET A 142 42.97 -16.67 -21.35
CA MET A 142 42.66 -17.28 -22.63
C MET A 142 42.52 -18.79 -22.49
N ASN A 143 43.41 -19.42 -21.73
CA ASN A 143 43.29 -20.85 -21.48
C ASN A 143 42.01 -21.18 -20.72
N ILE A 144 41.65 -20.35 -19.73
CA ILE A 144 40.44 -20.58 -18.97
C ILE A 144 39.20 -20.48 -19.87
N ILE A 145 39.17 -19.47 -20.73
CA ILE A 145 38.03 -19.30 -21.63
C ILE A 145 37.95 -20.45 -22.63
N ASN A 146 39.10 -20.86 -23.18
CA ASN A 146 39.11 -22.02 -24.07
C ASN A 146 38.65 -23.29 -23.37
N ASP A 147 38.95 -23.43 -22.08
CA ASP A 147 38.37 -24.53 -21.30
C ASP A 147 36.87 -24.38 -21.20
N ILE A 148 36.38 -23.16 -20.96
CA ILE A 148 34.94 -22.92 -20.89
C ILE A 148 34.28 -23.19 -22.23
N GLN A 149 34.88 -22.70 -23.31
CA GLN A 149 34.37 -22.91 -24.66
C GLN A 149 35.52 -23.31 -25.57
N PRO A 150 35.61 -24.59 -25.96
CA PRO A 150 36.74 -25.03 -26.79
C PRO A 150 36.73 -24.39 -28.17
N LEU A 151 37.92 -24.24 -28.73
CA LEU A 151 38.10 -23.73 -30.08
C LEU A 151 38.05 -24.87 -31.11
N THR A 152 36.98 -25.65 -31.07
CA THR A 152 36.79 -26.79 -31.95
C THR A 152 35.73 -26.48 -32.99
N ASP A 153 35.84 -27.15 -34.14
CA ASP A 153 34.89 -26.93 -35.23
C ASP A 153 33.48 -27.36 -34.83
N GLU A 154 33.36 -28.42 -34.02
CA GLU A 154 32.05 -28.82 -33.52
C GLU A 154 31.45 -27.74 -32.61
N ASN A 155 32.28 -27.02 -31.88
CA ASN A 155 31.83 -25.91 -31.05
C ASN A 155 32.10 -24.55 -31.70
N LYS A 156 32.46 -24.53 -32.98
CA LYS A 156 32.88 -23.28 -33.62
C LYS A 156 31.74 -22.26 -33.63
N LYS A 157 30.54 -22.67 -34.04
CA LYS A 157 29.42 -21.73 -34.08
C LYS A 157 29.05 -21.26 -32.68
N ASN A 158 29.00 -22.18 -31.71
CA ASN A 158 28.65 -21.81 -30.35
C ASN A 158 29.70 -20.88 -29.75
N ARG A 159 30.98 -21.19 -29.95
CA ARG A 159 32.05 -20.33 -29.45
C ARG A 159 32.00 -18.94 -30.10
N GLU A 160 31.76 -18.90 -31.41
CA GLU A 160 31.68 -17.61 -32.10
C GLU A 160 30.51 -16.78 -31.59
N LEU A 161 29.34 -17.42 -31.39
CA LEU A 161 28.19 -16.70 -30.85
C LEU A 161 28.46 -16.22 -29.43
N TYR A 162 29.13 -17.04 -28.62
CA TYR A 162 29.48 -16.65 -27.26
C TYR A 162 30.39 -15.43 -27.26
N GLU A 163 31.41 -15.43 -28.13
CA GLU A 163 32.29 -14.28 -28.24
C GLU A 163 31.54 -13.04 -28.72
N LYS A 164 30.64 -13.22 -29.69
CA LYS A 164 29.86 -12.09 -30.20
C LYS A 164 28.98 -11.50 -29.11
N THR A 165 28.35 -12.34 -28.31
CA THR A 165 27.50 -11.84 -27.23
C THR A 165 28.32 -11.13 -26.16
N LEU A 166 29.46 -11.70 -25.77
CA LEU A 166 30.30 -11.04 -24.77
C LEU A 166 30.84 -9.71 -25.29
N SER A 167 31.14 -9.62 -26.59
CA SER A 167 31.57 -8.36 -27.17
C SER A 167 30.43 -7.35 -27.23
N SER A 168 29.21 -7.80 -27.58
CA SER A 168 28.04 -6.93 -27.59
C SER A 168 27.68 -6.43 -26.20
N CYS A 169 28.09 -7.15 -25.16
CA CYS A 169 27.92 -6.62 -23.80
C CYS A 169 28.61 -5.27 -23.63
N LEU A 170 29.65 -4.99 -24.42
CA LEU A 170 30.31 -3.70 -24.35
C LEU A 170 29.48 -2.59 -25.01
N CYS A 171 28.80 -2.91 -26.11
CA CYS A 171 28.14 -1.89 -26.91
C CYS A 171 27.02 -1.23 -26.12
N GLY A 172 26.96 0.09 -26.18
CA GLY A 172 25.91 0.85 -25.51
C GLY A 172 24.73 1.14 -26.42
N ALA A 173 24.20 0.11 -27.05
CA ALA A 173 23.05 0.24 -27.94
C ALA A 173 21.98 -0.76 -27.54
N THR A 174 20.82 -0.66 -28.20
CA THR A 174 19.70 -1.56 -27.90
C THR A 174 20.01 -2.96 -28.39
N LYS A 175 19.69 -3.95 -27.56
CA LYS A 175 19.91 -5.34 -27.95
C LYS A 175 18.88 -5.77 -28.99
N GLY A 176 19.37 -6.36 -30.07
CA GLY A 176 18.49 -6.78 -31.15
C GLY A 176 18.06 -8.23 -31.06
N CYS A 177 18.71 -9.01 -30.18
CA CYS A 177 18.41 -10.43 -30.07
C CYS A 177 18.84 -10.93 -28.71
N LEU A 178 17.88 -11.40 -27.91
CA LEU A 178 18.16 -11.93 -26.58
C LEU A 178 19.05 -13.16 -26.68
N THR A 179 19.91 -13.34 -25.67
CA THR A 179 20.87 -14.44 -25.64
C THR A 179 20.65 -15.28 -24.39
N PHE A 180 20.79 -16.60 -24.54
CA PHE A 180 20.61 -17.56 -23.46
C PHE A 180 21.89 -18.33 -23.25
N PHE A 181 22.22 -18.61 -21.99
CA PHE A 181 23.33 -19.49 -21.65
C PHE A 181 22.75 -20.83 -21.19
N PHE A 182 22.87 -21.84 -22.04
CA PHE A 182 22.31 -23.16 -21.77
C PHE A 182 23.41 -24.13 -21.36
N GLY A 183 23.11 -24.97 -20.39
CA GLY A 183 24.05 -25.97 -19.91
C GLY A 183 23.61 -26.59 -18.60
N GLU A 184 24.58 -27.04 -17.81
CA GLU A 184 24.32 -27.57 -16.48
C GLU A 184 24.88 -26.60 -15.44
N THR A 185 24.83 -27.00 -14.17
CA THR A 185 25.34 -26.15 -13.10
C THR A 185 26.86 -26.11 -13.14
N ALA A 186 27.41 -24.90 -13.04
CA ALA A 186 28.86 -24.67 -12.99
C ALA A 186 29.57 -25.26 -14.21
N THR A 187 28.97 -25.05 -15.38
CA THR A 187 29.57 -25.46 -16.64
C THR A 187 30.39 -24.35 -17.29
N GLY A 188 30.47 -23.18 -16.66
CA GLY A 188 31.20 -22.06 -17.21
C GLY A 188 30.38 -20.78 -17.28
N LYS A 189 29.08 -20.91 -17.05
CA LYS A 189 28.20 -19.74 -17.08
C LYS A 189 28.50 -18.79 -15.93
N SER A 190 28.60 -19.33 -14.71
CA SER A 190 28.88 -18.48 -13.56
C SER A 190 30.26 -17.84 -13.64
N THR A 191 31.26 -18.59 -14.13
CA THR A 191 32.60 -18.03 -14.30
C THR A 191 32.58 -16.89 -15.31
N THR A 192 31.86 -17.08 -16.42
CA THR A 192 31.73 -16.01 -17.40
C THR A 192 31.04 -14.79 -16.81
N LYS A 193 29.98 -15.02 -16.04
CA LYS A 193 29.28 -13.91 -15.39
C LYS A 193 30.21 -13.14 -14.46
N ARG A 194 30.97 -13.85 -13.63
CA ARG A 194 31.87 -13.19 -12.70
C ARG A 194 32.97 -12.43 -13.43
N LEU A 195 33.56 -13.04 -14.47
CA LEU A 195 34.60 -12.36 -15.23
C LEU A 195 34.07 -11.11 -15.91
N LEU A 196 32.89 -11.19 -16.53
CA LEU A 196 32.32 -10.04 -17.20
C LEU A 196 31.99 -8.94 -16.20
N LYS A 197 31.44 -9.30 -15.04
CA LYS A 197 31.14 -8.31 -14.02
C LYS A 197 32.41 -7.63 -13.53
N SER A 198 33.46 -8.39 -13.27
CA SER A 198 34.72 -7.79 -12.83
C SER A 198 35.33 -6.92 -13.92
N ALA A 199 35.11 -7.27 -15.19
CA ALA A 199 35.68 -6.49 -16.28
C ALA A 199 34.97 -5.16 -16.45
N ILE A 200 33.63 -5.17 -16.41
CA ILE A 200 32.86 -3.97 -16.74
C ILE A 200 32.38 -3.22 -15.51
N GLY A 201 32.72 -3.67 -14.31
CA GLY A 201 32.46 -2.86 -13.13
C GLY A 201 30.98 -2.58 -12.91
N ASP A 202 30.67 -1.33 -12.63
CA ASP A 202 29.30 -0.92 -12.31
C ASP A 202 28.35 -1.08 -13.49
N LEU A 203 28.87 -1.12 -14.72
CA LEU A 203 28.01 -1.32 -15.88
C LEU A 203 27.30 -2.66 -15.84
N PHE A 204 27.86 -3.64 -15.13
CA PHE A 204 27.20 -4.93 -14.99
C PHE A 204 26.00 -4.82 -14.06
N VAL A 205 25.01 -5.69 -14.30
CA VAL A 205 23.88 -5.83 -13.39
C VAL A 205 23.40 -7.29 -13.46
N GLU A 206 22.89 -7.78 -12.35
CA GLU A 206 22.39 -9.14 -12.24
C GLU A 206 20.99 -9.12 -11.64
N THR A 207 20.15 -10.06 -12.08
CA THR A 207 18.78 -10.14 -11.62
C THR A 207 18.33 -11.59 -11.67
N GLY A 208 17.14 -11.83 -11.15
CA GLY A 208 16.58 -13.16 -11.07
C GLY A 208 15.62 -13.48 -12.20
N GLN A 209 14.57 -14.24 -11.87
CA GLN A 209 13.57 -14.67 -12.82
C GLN A 209 12.35 -13.76 -12.89
N THR A 210 12.35 -12.66 -12.13
CA THR A 210 11.16 -11.80 -12.06
C THR A 210 10.85 -11.15 -13.40
N ILE A 211 11.86 -10.53 -14.03
CA ILE A 211 11.64 -9.85 -15.29
C ILE A 211 11.30 -10.81 -16.43
N LEU A 212 11.68 -12.07 -16.31
CA LEU A 212 11.38 -13.06 -17.34
C LEU A 212 10.08 -13.81 -17.11
N THR A 213 9.58 -13.82 -15.87
CA THR A 213 8.40 -14.59 -15.53
C THR A 213 7.22 -13.77 -15.00
N ASP A 214 7.42 -12.48 -14.73
CA ASP A 214 6.39 -11.64 -14.14
C ASP A 214 6.12 -10.43 -15.02
N VAL A 215 5.14 -9.63 -14.61
CA VAL A 215 4.76 -8.42 -15.34
C VAL A 215 5.66 -7.27 -14.90
N LEU A 216 6.25 -6.58 -15.87
CA LEU A 216 7.19 -5.51 -15.58
C LEU A 216 6.47 -4.25 -15.10
N ASP A 217 5.61 -3.69 -15.95
CA ASP A 217 4.99 -2.39 -15.69
C ASP A 217 3.78 -2.60 -14.78
N LYS A 218 4.05 -2.60 -13.47
CA LYS A 218 3.00 -2.64 -12.45
C LYS A 218 3.52 -1.87 -11.24
N GLY A 219 3.20 -0.58 -11.17
CA GLY A 219 3.67 0.27 -10.10
C GLY A 219 5.18 0.40 -10.12
N PRO A 220 5.79 0.52 -8.94
CA PRO A 220 7.25 0.57 -8.87
C PRO A 220 7.89 -0.71 -9.36
N ASN A 221 9.06 -0.56 -9.99
CA ASN A 221 9.84 -1.69 -10.50
C ASN A 221 11.31 -1.36 -10.36
N PRO A 222 11.89 -1.61 -9.19
CA PRO A 222 13.32 -1.30 -9.00
C PRO A 222 14.26 -2.08 -9.91
N PHE A 223 13.86 -3.28 -10.37
CA PHE A 223 14.71 -4.04 -11.28
C PHE A 223 14.93 -3.29 -12.59
N ILE A 224 13.84 -2.85 -13.23
CA ILE A 224 13.95 -2.11 -14.47
C ILE A 224 14.63 -0.77 -14.23
N ALA A 225 14.37 -0.14 -13.08
CA ALA A 225 15.02 1.13 -12.76
C ALA A 225 16.53 0.98 -12.67
N ASN A 226 17.01 -0.11 -12.07
CA ASN A 226 18.45 -0.36 -12.02
C ASN A 226 19.00 -0.79 -13.38
N MET A 227 18.22 -1.52 -14.17
CA MET A 227 18.68 -1.99 -15.47
C MET A 227 18.86 -0.86 -16.48
N HIS A 228 18.33 0.32 -16.22
CA HIS A 228 18.48 1.43 -17.15
C HIS A 228 19.93 1.90 -17.20
N LEU A 229 20.36 2.35 -18.38
CA LEU A 229 21.71 2.86 -18.60
C LEU A 229 22.78 1.83 -18.26
N LYS A 230 22.46 0.56 -18.40
CA LYS A 230 23.39 -0.53 -18.12
C LYS A 230 23.99 -1.07 -19.41
N ARG A 231 25.03 -1.88 -19.27
CA ARG A 231 25.70 -2.49 -20.41
C ARG A 231 25.39 -3.97 -20.58
N SER A 232 24.97 -4.66 -19.52
CA SER A 232 24.66 -6.08 -19.62
C SER A 232 23.75 -6.47 -18.46
N VAL A 233 22.83 -7.40 -18.74
CA VAL A 233 21.90 -7.92 -17.74
C VAL A 233 22.09 -9.43 -17.69
N PHE A 234 22.33 -9.97 -16.50
CA PHE A 234 22.47 -11.40 -16.30
C PHE A 234 21.28 -11.91 -15.48
N CYS A 235 20.53 -12.84 -16.06
CA CYS A 235 19.33 -13.40 -15.43
C CYS A 235 19.60 -14.86 -15.11
N SER A 236 19.93 -15.13 -13.85
CA SER A 236 20.15 -16.49 -13.37
C SER A 236 18.87 -17.02 -12.74
N GLU A 237 18.99 -18.17 -12.07
CA GLU A 237 17.89 -18.79 -11.32
C GLU A 237 16.69 -19.10 -12.23
N LEU A 238 16.94 -19.96 -13.22
CA LEU A 238 15.73 -20.32 -13.93
C LEU A 238 15.20 -21.67 -13.43
N PRO A 239 13.89 -21.78 -13.24
CA PRO A 239 13.33 -22.98 -12.64
C PRO A 239 13.24 -24.14 -13.64
N ASP A 240 12.98 -25.33 -13.09
CA ASP A 240 12.74 -26.50 -13.91
C ASP A 240 11.41 -26.34 -14.63
N PHE A 241 11.47 -26.08 -15.94
CA PHE A 241 10.26 -25.78 -16.69
C PHE A 241 9.36 -27.01 -16.85
N ALA A 242 9.94 -28.21 -16.87
CA ALA A 242 9.12 -29.41 -16.95
C ALA A 242 8.28 -29.60 -15.69
N CYS A 243 8.83 -29.27 -14.53
CA CYS A 243 8.09 -29.40 -13.28
C CYS A 243 6.97 -28.37 -13.22
N SER A 244 5.90 -28.74 -12.51
CA SER A 244 4.74 -27.86 -12.37
C SER A 244 5.06 -26.71 -11.40
N GLY A 245 4.36 -25.60 -11.61
CA GLY A 245 4.53 -24.42 -10.79
C GLY A 245 5.57 -23.43 -11.31
N SER A 246 6.43 -23.84 -12.23
CA SER A 246 7.46 -22.97 -12.77
C SER A 246 6.88 -22.13 -13.91
N LYS A 247 6.99 -20.81 -13.79
CA LYS A 247 6.47 -19.91 -14.79
C LYS A 247 7.28 -19.99 -16.08
N LYS A 248 6.62 -19.73 -17.19
CA LYS A 248 7.25 -19.71 -18.50
C LYS A 248 7.91 -18.36 -18.75
N ILE A 249 8.90 -18.36 -19.64
CA ILE A 249 9.54 -17.12 -20.06
C ILE A 249 8.54 -16.37 -20.93
N ARG A 250 7.97 -15.29 -20.38
CA ARG A 250 6.92 -14.56 -21.08
C ARG A 250 7.48 -13.85 -22.29
N SER A 251 6.96 -14.18 -23.48
CA SER A 251 7.38 -13.51 -24.71
C SER A 251 7.02 -12.03 -24.69
N ASP A 252 5.97 -11.64 -23.96
CA ASP A 252 5.67 -10.23 -23.78
C ASP A 252 6.81 -9.51 -23.09
N ASN A 253 7.38 -10.13 -22.05
CA ASN A 253 8.55 -9.54 -21.39
C ASN A 253 9.73 -9.44 -22.34
N ILE A 254 9.96 -10.48 -23.15
CA ILE A 254 11.07 -10.45 -24.09
C ILE A 254 10.91 -9.31 -25.09
N LYS A 255 9.69 -9.11 -25.60
CA LYS A 255 9.44 -7.99 -26.48
C LYS A 255 9.52 -6.66 -25.74
N LYS A 256 9.32 -6.68 -24.42
CA LYS A 256 9.42 -5.44 -23.65
C LYS A 256 10.87 -4.98 -23.47
N LEU A 257 11.78 -5.89 -23.14
CA LEU A 257 13.19 -5.54 -22.97
C LEU A 257 13.99 -5.75 -24.26
N THR A 258 13.46 -5.23 -25.37
CA THR A 258 14.16 -5.25 -26.65
C THR A 258 13.94 -3.93 -27.39
N GLU A 259 13.75 -2.85 -26.64
CA GLU A 259 13.50 -1.54 -27.20
C GLU A 259 14.42 -0.50 -26.59
N PRO A 260 14.77 0.55 -27.34
CA PRO A 260 15.64 1.59 -26.77
C PRO A 260 15.06 2.28 -25.55
N CYS A 261 13.73 2.41 -25.50
CA CYS A 261 13.05 3.08 -24.39
C CYS A 261 12.04 2.09 -23.79
N VAL A 262 12.36 1.55 -22.63
CA VAL A 262 11.54 0.53 -21.98
C VAL A 262 10.84 1.17 -20.79
N ILE A 263 9.51 0.99 -20.73
CA ILE A 263 8.72 1.56 -19.65
C ILE A 263 8.98 0.81 -18.34
N GLY A 264 8.55 1.42 -17.24
CA GLY A 264 8.75 0.86 -15.92
C GLY A 264 8.99 1.93 -14.88
N ARG A 265 8.26 1.86 -13.77
CA ARG A 265 8.35 3.00 -12.86
C ARG A 265 9.41 2.76 -11.79
N PRO A 266 10.28 3.76 -11.56
CA PRO A 266 11.22 3.68 -10.44
C PRO A 266 10.55 3.96 -9.11
N CYS A 267 11.33 4.02 -8.03
CA CYS A 267 10.81 4.20 -6.68
C CYS A 267 10.77 5.69 -6.35
N PHE A 268 9.55 6.22 -6.22
CA PHE A 268 9.32 7.62 -5.81
C PHE A 268 10.05 8.59 -6.74
N SER A 269 9.95 8.34 -8.04
CA SER A 269 10.52 9.23 -9.04
C SER A 269 9.84 8.96 -10.37
N ASN A 270 10.02 9.89 -11.31
CA ASN A 270 9.43 9.79 -12.65
C ASN A 270 10.55 9.56 -13.66
N LYS A 271 10.94 8.29 -13.81
CA LYS A 271 11.95 7.88 -14.78
C LYS A 271 11.48 6.69 -15.59
N ILE A 272 10.21 6.69 -16.01
CA ILE A 272 9.65 5.56 -16.74
C ILE A 272 10.37 5.34 -18.05
N ASN A 273 10.78 6.42 -18.73
CA ASN A 273 11.54 6.30 -19.97
C ASN A 273 12.97 5.88 -19.62
N ASN A 274 13.29 4.63 -19.87
CA ASN A 274 14.58 4.05 -19.51
C ASN A 274 15.34 3.69 -20.78
N ARG A 275 16.60 4.12 -20.84
CA ARG A 275 17.47 3.77 -21.96
C ARG A 275 18.02 2.37 -21.75
N ASN A 276 17.85 1.50 -22.73
CA ASN A 276 18.27 0.11 -22.65
C ASN A 276 19.49 -0.09 -23.55
N HIS A 277 20.67 -0.11 -22.95
CA HIS A 277 21.91 -0.36 -23.66
C HIS A 277 22.54 -1.69 -23.25
N ALA A 278 21.76 -2.57 -22.61
CA ALA A 278 22.30 -3.75 -21.95
C ALA A 278 22.11 -4.99 -22.79
N THR A 279 23.15 -5.82 -22.84
CA THR A 279 23.07 -7.15 -23.43
C THR A 279 22.61 -8.13 -22.38
N ILE A 280 21.37 -8.62 -22.52
CA ILE A 280 20.73 -9.45 -21.50
C ILE A 280 21.13 -10.89 -21.76
N ILE A 281 21.94 -11.46 -20.87
CA ILE A 281 22.36 -12.85 -20.95
C ILE A 281 21.63 -13.61 -19.84
N ILE A 282 20.95 -14.68 -20.20
CA ILE A 282 20.11 -15.43 -19.28
C ILE A 282 20.84 -16.71 -18.90
N ASP A 283 21.16 -16.84 -17.61
CA ASP A 283 21.82 -18.03 -17.11
C ASP A 283 20.75 -19.05 -16.70
N THR A 284 20.80 -20.24 -17.29
CA THR A 284 19.82 -21.28 -17.01
C THR A 284 20.47 -22.65 -17.10
N ASN A 285 19.81 -23.64 -16.52
CA ASN A 285 20.27 -25.01 -16.54
C ASN A 285 19.32 -25.95 -17.29
N TYR A 286 18.22 -25.43 -17.82
CA TYR A 286 17.23 -26.22 -18.54
C TYR A 286 16.95 -25.59 -19.90
N LYS A 287 16.26 -26.35 -20.75
CA LYS A 287 15.83 -25.78 -22.02
C LYS A 287 14.62 -24.87 -21.79
N PRO A 288 14.65 -23.65 -22.31
CA PRO A 288 13.58 -22.68 -22.02
C PRO A 288 12.23 -23.11 -22.57
N VAL A 289 11.19 -22.75 -21.83
CA VAL A 289 9.80 -22.98 -22.23
C VAL A 289 9.06 -21.66 -22.08
N PHE A 290 8.42 -21.22 -23.15
CA PHE A 290 7.80 -19.91 -23.22
C PHE A 290 6.28 -20.04 -23.22
N ASP A 291 5.61 -18.88 -23.10
CA ASP A 291 4.15 -18.83 -23.13
C ASP A 291 3.61 -18.58 -24.53
N ARG A 292 4.29 -17.75 -25.31
CA ARG A 292 3.90 -17.45 -26.68
C ARG A 292 5.10 -17.63 -27.59
N ILE A 293 4.87 -18.24 -28.76
CA ILE A 293 5.93 -18.52 -29.72
C ILE A 293 5.50 -17.99 -31.08
N ASP A 294 6.38 -17.25 -31.74
CA ASP A 294 6.13 -16.73 -33.06
C ASP A 294 7.47 -16.44 -33.73
N ASN A 295 7.40 -15.95 -34.98
CA ASN A 295 8.62 -15.67 -35.72
C ASN A 295 9.43 -14.54 -35.10
N ALA A 296 8.74 -13.52 -34.57
CA ALA A 296 9.46 -12.41 -33.94
C ALA A 296 10.28 -12.88 -32.75
N LEU A 297 9.71 -13.73 -31.90
CA LEU A 297 10.47 -14.26 -30.77
C LEU A 297 11.61 -15.17 -31.24
N MET A 298 11.36 -15.99 -32.26
CA MET A 298 12.41 -16.85 -32.80
C MET A 298 13.57 -16.04 -33.39
N ARG A 299 13.29 -14.85 -33.90
CA ARG A 299 14.33 -13.94 -34.34
C ARG A 299 14.89 -13.09 -33.21
N ARG A 300 14.24 -13.09 -32.05
CA ARG A 300 14.70 -12.33 -30.89
C ARG A 300 15.57 -13.13 -29.93
N ILE A 301 15.74 -14.43 -30.15
CA ILE A 301 16.37 -15.31 -29.16
C ILE A 301 17.58 -15.99 -29.79
N ALA A 302 18.72 -15.87 -29.12
CA ALA A 302 19.92 -16.64 -29.43
C ALA A 302 20.27 -17.51 -28.23
N VAL A 303 20.87 -18.67 -28.50
CA VAL A 303 21.19 -19.64 -27.46
C VAL A 303 22.67 -19.97 -27.55
N VAL A 304 23.37 -19.87 -26.43
CA VAL A 304 24.77 -20.25 -26.32
C VAL A 304 24.86 -21.43 -25.37
N ARG A 305 25.24 -22.60 -25.89
CA ARG A 305 25.35 -23.80 -25.08
C ARG A 305 26.69 -23.85 -24.36
N PHE A 306 26.69 -24.52 -23.20
CA PHE A 306 27.90 -24.80 -22.44
C PHE A 306 28.05 -26.31 -22.34
N ARG A 307 29.12 -26.84 -22.93
CA ARG A 307 29.31 -28.28 -23.04
C ARG A 307 30.68 -28.71 -22.50
N THR A 308 31.13 -28.10 -21.41
CA THR A 308 32.39 -28.48 -20.78
C THR A 308 32.26 -28.33 -19.27
N HIS A 309 32.26 -29.45 -18.57
CA HIS A 309 32.17 -29.46 -17.11
C HIS A 309 33.57 -29.41 -16.51
N PHE A 310 33.62 -28.99 -15.23
CA PHE A 310 34.87 -28.91 -14.48
C PHE A 310 34.63 -29.57 -13.12
N SER A 311 34.87 -30.87 -13.05
CA SER A 311 34.65 -31.63 -11.82
C SER A 311 35.61 -31.18 -10.73
N TYR A 325 28.25 -33.38 -21.97
CA TYR A 325 29.13 -32.28 -22.34
C TYR A 325 29.94 -32.64 -23.59
N ASP A 326 30.98 -31.85 -23.85
CA ASP A 326 31.95 -32.15 -24.88
C ASP A 326 33.36 -32.33 -24.33
N LYS A 327 33.57 -32.05 -23.05
CA LYS A 327 34.90 -32.11 -22.43
C LYS A 327 34.73 -32.01 -20.92
N VAL A 328 35.48 -32.81 -20.18
CA VAL A 328 35.41 -32.85 -18.72
C VAL A 328 36.82 -32.69 -18.17
N LYS A 329 37.00 -31.69 -17.31
CA LYS A 329 38.29 -31.42 -16.67
C LYS A 329 38.10 -31.34 -15.16
N LEU A 330 39.18 -30.98 -14.47
CA LEU A 330 39.18 -30.87 -13.02
C LEU A 330 38.81 -29.45 -12.59
N LEU A 331 38.39 -29.32 -11.34
CA LEU A 331 37.96 -28.03 -10.81
C LEU A 331 39.15 -27.20 -10.37
N ASP A 332 39.09 -25.90 -10.65
CA ASP A 332 40.08 -24.93 -10.20
C ASP A 332 39.46 -24.12 -9.07
N GLU A 333 39.71 -24.53 -7.83
CA GLU A 333 39.08 -23.87 -6.69
C GLU A 333 39.63 -22.47 -6.47
N GLY A 334 40.89 -22.23 -6.81
CA GLY A 334 41.50 -20.94 -6.63
C GLY A 334 41.22 -19.93 -7.73
N LEU A 335 40.41 -20.30 -8.73
CA LEU A 335 40.11 -19.38 -9.81
C LEU A 335 39.26 -18.21 -9.34
N ASP A 336 38.28 -18.47 -8.47
CA ASP A 336 37.35 -17.42 -8.06
C ASP A 336 38.04 -16.33 -7.25
N GLY A 337 39.07 -16.67 -6.49
CA GLY A 337 39.78 -15.66 -5.71
C GLY A 337 40.46 -14.62 -6.58
N LYS A 338 41.03 -15.04 -7.70
CA LYS A 338 41.64 -14.09 -8.64
C LYS A 338 40.58 -13.20 -9.29
N ILE A 339 39.40 -13.76 -9.58
CA ILE A 339 38.33 -12.96 -10.16
C ILE A 339 37.85 -11.91 -9.15
N GLN A 340 37.66 -12.31 -7.90
CA GLN A 340 37.23 -11.36 -6.88
C GLN A 340 38.28 -10.29 -6.60
N ASN A 341 39.55 -10.62 -6.83
CA ASN A 341 40.64 -9.64 -6.70
C ASN A 341 40.90 -8.86 -7.98
N ASN A 342 40.10 -9.10 -9.02
CA ASN A 342 40.20 -8.38 -10.29
C ASN A 342 41.57 -8.56 -10.94
N ARG A 343 42.17 -9.74 -10.74
CA ARG A 343 43.44 -10.02 -11.40
C ARG A 343 43.27 -10.10 -12.91
N TYR A 344 42.19 -10.74 -13.37
CA TYR A 344 41.90 -10.88 -14.79
C TYR A 344 40.89 -9.85 -15.28
N ARG A 345 40.84 -8.68 -14.64
CA ARG A 345 39.90 -7.65 -15.06
C ARG A 345 40.32 -7.04 -16.39
N PHE A 346 41.53 -6.48 -16.44
CA PHE A 346 42.01 -5.84 -17.67
C PHE A 346 42.30 -6.86 -18.77
N ALA A 347 42.70 -8.08 -18.43
CA ALA A 347 42.86 -9.11 -19.46
C ALA A 347 41.52 -9.44 -20.10
N PHE A 348 40.46 -9.58 -19.29
CA PHE A 348 39.14 -9.83 -19.84
C PHE A 348 38.66 -8.63 -20.65
N LEU A 349 38.99 -7.42 -20.20
CA LEU A 349 38.63 -6.23 -20.96
C LEU A 349 39.32 -6.22 -22.32
N TYR A 350 40.61 -6.59 -22.36
CA TYR A 350 41.34 -6.66 -23.62
C TYR A 350 40.72 -7.72 -24.53
N LEU A 351 40.35 -8.86 -23.98
CA LEU A 351 39.68 -9.89 -24.76
C LEU A 351 38.35 -9.40 -25.32
N LEU A 352 37.56 -8.69 -24.50
CA LEU A 352 36.29 -8.15 -24.95
C LEU A 352 36.49 -7.12 -26.07
N VAL A 353 37.50 -6.27 -25.92
CA VAL A 353 37.79 -5.27 -26.95
C VAL A 353 38.20 -5.96 -28.25
N LYS A 354 39.04 -6.99 -28.16
CA LYS A 354 39.44 -7.71 -29.36
C LYS A 354 38.26 -8.39 -30.03
N TRP A 355 37.36 -8.99 -29.25
CA TRP A 355 36.15 -9.59 -29.82
C TRP A 355 35.25 -8.54 -30.46
N TYR A 356 35.11 -7.37 -29.84
CA TYR A 356 34.31 -6.31 -30.43
C TYR A 356 34.90 -5.85 -31.75
N LYS A 357 36.23 -5.70 -31.81
CA LYS A 357 36.88 -5.34 -33.06
C LYS A 357 36.70 -6.43 -34.11
N LYS A 358 36.73 -7.70 -33.70
CA LYS A 358 36.62 -8.80 -34.65
C LYS A 358 35.20 -8.92 -35.21
N TYR A 359 34.18 -8.71 -34.40
CA TYR A 359 32.81 -8.98 -34.82
C TYR A 359 31.98 -7.70 -35.01
N HIS A 360 31.88 -6.86 -33.99
CA HIS A 360 30.92 -5.76 -34.00
C HIS A 360 31.48 -4.47 -34.59
N VAL A 361 32.74 -4.44 -34.96
CA VAL A 361 33.33 -3.29 -35.65
C VAL A 361 33.21 -3.53 -37.16
N PRO A 362 32.63 -2.60 -37.92
CA PRO A 362 32.08 -1.31 -37.50
C PRO A 362 30.57 -1.34 -37.20
N ILE A 363 29.90 -2.46 -37.45
CA ILE A 363 28.44 -2.53 -37.34
C ILE A 363 28.08 -3.58 -36.29
N MET A 364 27.20 -3.21 -35.37
CA MET A 364 26.69 -4.16 -34.39
C MET A 364 25.79 -5.18 -35.07
N LYS A 365 26.04 -6.46 -34.79
CA LYS A 365 25.27 -7.55 -35.36
C LYS A 365 24.90 -8.54 -34.27
N LEU A 366 23.62 -8.91 -34.22
CA LEU A 366 23.09 -9.88 -33.26
C LEU A 366 22.11 -10.77 -34.00
N TYR A 367 22.58 -11.93 -34.44
CA TYR A 367 21.71 -12.82 -35.21
C TYR A 367 21.19 -13.95 -34.32
N PRO A 368 19.91 -14.28 -34.45
CA PRO A 368 19.33 -15.32 -33.60
C PRO A 368 19.78 -16.72 -33.99
N THR A 369 19.66 -17.63 -33.03
CA THR A 369 19.91 -19.06 -33.24
C THR A 369 18.73 -19.84 -32.66
N PRO A 370 17.56 -19.75 -33.29
CA PRO A 370 16.40 -20.49 -32.79
C PRO A 370 16.50 -22.00 -32.98
N GLU A 371 17.41 -22.48 -33.82
CA GLU A 371 17.57 -23.90 -34.05
C GLU A 371 18.09 -24.65 -32.83
N GLU A 372 18.57 -23.94 -31.80
CA GLU A 372 19.07 -24.56 -30.59
C GLU A 372 17.97 -24.86 -29.58
N ILE A 373 16.74 -24.45 -29.86
CA ILE A 373 15.59 -24.69 -28.99
C ILE A 373 14.64 -25.65 -29.71
N PRO A 374 14.26 -26.77 -29.10
CA PRO A 374 13.34 -27.69 -29.78
C PRO A 374 12.01 -27.06 -30.17
N ASP A 375 11.46 -26.18 -29.33
CA ASP A 375 10.19 -25.53 -29.67
C ASP A 375 10.36 -24.65 -30.90
N PHE A 376 11.41 -23.83 -30.92
CA PHE A 376 11.65 -22.96 -32.06
C PHE A 376 12.03 -23.74 -33.32
N ALA A 377 12.78 -24.84 -33.17
CA ALA A 377 13.06 -25.70 -34.32
C ALA A 377 11.79 -26.30 -34.89
N PHE A 378 10.89 -26.77 -34.02
CA PHE A 378 9.60 -27.29 -34.48
C PHE A 378 8.82 -26.21 -35.21
N TYR A 379 8.77 -25.00 -34.64
CA TYR A 379 8.02 -23.92 -35.28
C TYR A 379 8.62 -23.52 -36.63
N LEU A 380 9.95 -23.50 -36.73
CA LEU A 380 10.58 -23.18 -38.02
C LEU A 380 10.31 -24.26 -39.05
N LYS A 381 10.43 -25.53 -38.66
CA LYS A 381 10.14 -26.61 -39.60
C LYS A 381 8.67 -26.63 -40.01
N ILE A 382 7.79 -26.17 -39.12
CA ILE A 382 6.38 -26.00 -39.49
C ILE A 382 6.24 -24.87 -40.51
N GLY A 383 6.69 -23.67 -40.14
CA GLY A 383 6.54 -22.51 -40.99
C GLY A 383 7.16 -22.66 -42.36
N THR A 384 8.21 -23.47 -42.49
CA THR A 384 8.74 -23.78 -43.81
C THR A 384 7.74 -24.60 -44.62
N LEU A 385 7.20 -25.67 -44.01
CA LEU A 385 6.31 -26.58 -44.71
C LEU A 385 4.84 -26.25 -44.53
N LEU A 386 4.50 -25.20 -43.78
CA LEU A 386 3.09 -24.87 -43.53
C LEU A 386 2.81 -23.42 -43.90
N VAL A 387 3.20 -23.00 -45.10
CA VAL A 387 2.91 -21.64 -45.55
C VAL A 387 1.41 -21.40 -45.53
N SER A 388 1.01 -20.25 -44.97
CA SER A 388 -0.40 -19.94 -44.81
C SER A 388 -1.06 -19.69 -46.15
N SER A 389 -2.31 -20.12 -46.27
CA SER A 389 -3.07 -19.93 -47.50
C SER A 389 -3.32 -18.44 -47.74
N SER A 390 -3.43 -18.09 -49.01
CA SER A 390 -3.61 -16.70 -49.41
C SER A 390 -4.37 -16.67 -50.73
N VAL A 391 -4.61 -15.45 -51.25
CA VAL A 391 -5.27 -15.31 -52.54
C VAL A 391 -4.41 -15.91 -53.64
N LYS A 392 -3.08 -15.77 -53.55
CA LYS A 392 -2.20 -16.38 -54.53
C LYS A 392 -2.30 -17.90 -54.52
N HIS A 393 -2.68 -18.49 -53.39
CA HIS A 393 -2.82 -19.93 -53.27
C HIS A 393 -4.18 -20.42 -53.75
N ILE A 394 -5.13 -19.52 -54.01
CA ILE A 394 -6.44 -19.94 -54.50
C ILE A 394 -6.36 -20.61 -55.86
N PRO A 395 -5.64 -20.09 -56.86
CA PRO A 395 -5.58 -20.77 -58.17
C PRO A 395 -4.95 -22.16 -58.13
N LEU A 396 -4.42 -22.59 -56.99
CA LEU A 396 -3.89 -23.95 -56.85
C LEU A 396 -4.98 -24.98 -56.64
N MET A 397 -6.23 -24.55 -56.50
CA MET A 397 -7.35 -25.47 -56.29
C MET A 397 -7.51 -26.47 -57.42
N THR A 398 -7.15 -26.12 -58.65
CA THR A 398 -7.31 -27.04 -59.78
C THR A 398 -6.54 -28.33 -59.53
N ASP A 399 -5.38 -28.26 -58.87
CA ASP A 399 -4.61 -29.44 -58.52
C ASP A 399 -4.82 -29.90 -57.09
N LEU A 400 -5.29 -29.02 -56.20
CA LEU A 400 -5.48 -29.38 -54.80
C LEU A 400 -6.87 -29.94 -54.50
N SER A 401 -7.80 -29.93 -55.46
CA SER A 401 -9.11 -30.50 -55.22
C SER A 401 -9.03 -32.01 -55.06
N LYS A 402 -8.20 -32.68 -55.85
CA LYS A 402 -8.01 -34.11 -55.76
C LYS A 402 -6.92 -34.50 -54.77
N LYS A 403 -6.32 -33.51 -54.10
CA LYS A 403 -5.25 -33.76 -53.14
C LYS A 403 -5.71 -33.60 -51.69
N GLY A 404 -7.03 -33.50 -51.47
CA GLY A 404 -7.58 -33.42 -50.14
C GLY A 404 -7.92 -32.01 -49.67
N TYR A 405 -7.48 -30.99 -50.38
CA TYR A 405 -7.73 -29.61 -49.98
C TYR A 405 -9.11 -29.18 -50.45
N ILE A 406 -10.03 -29.02 -49.50
CA ILE A 406 -11.38 -28.52 -49.79
C ILE A 406 -11.39 -27.01 -49.66
N LEU A 407 -12.04 -26.33 -50.59
CA LEU A 407 -12.09 -24.88 -50.62
C LEU A 407 -13.21 -24.40 -49.71
N TYR A 408 -12.86 -23.76 -48.60
CA TYR A 408 -13.82 -23.23 -47.65
C TYR A 408 -13.58 -21.73 -47.50
N ASP A 409 -14.62 -20.94 -47.75
CA ASP A 409 -14.56 -19.48 -47.63
C ASP A 409 -13.44 -18.89 -48.48
N ASN A 410 -13.27 -19.44 -49.69
CA ASN A 410 -12.24 -19.01 -50.64
C ASN A 410 -10.84 -19.11 -50.02
N VAL A 411 -10.67 -20.12 -49.16
CA VAL A 411 -9.39 -20.40 -48.54
C VAL A 411 -9.08 -21.88 -48.71
N VAL A 412 -7.84 -22.18 -49.08
CA VAL A 412 -7.39 -23.57 -49.24
C VAL A 412 -7.31 -24.18 -47.85
N THR A 413 -8.23 -25.09 -47.53
CA THR A 413 -8.34 -25.68 -46.21
C THR A 413 -8.01 -27.16 -46.26
N LEU A 414 -7.22 -27.62 -45.29
CA LEU A 414 -6.82 -29.00 -45.14
C LEU A 414 -7.49 -29.63 -43.92
N PRO A 415 -8.06 -30.82 -44.06
CA PRO A 415 -8.73 -31.45 -42.92
C PRO A 415 -7.77 -31.71 -41.77
N LEU A 416 -8.31 -31.65 -40.55
CA LEU A 416 -7.49 -31.86 -39.35
C LEU A 416 -6.90 -33.25 -39.32
N THR A 417 -7.68 -34.28 -39.68
CA THR A 417 -7.15 -35.64 -39.68
C THR A 417 -6.00 -35.78 -40.66
N THR A 418 -6.17 -35.24 -41.88
CA THR A 418 -5.09 -35.27 -42.85
C THR A 418 -3.89 -34.45 -42.38
N PHE A 419 -4.14 -33.30 -41.76
CA PHE A 419 -3.04 -32.49 -41.24
C PHE A 419 -2.23 -33.25 -40.20
N GLN A 420 -2.92 -33.95 -39.28
CA GLN A 420 -2.21 -34.72 -38.27
C GLN A 420 -1.47 -35.91 -38.88
N GLN A 421 -2.11 -36.64 -39.80
CA GLN A 421 -1.46 -37.78 -40.43
C GLN A 421 -0.24 -37.36 -41.24
N LYS A 422 -0.23 -36.14 -41.77
CA LYS A 422 0.92 -35.65 -42.51
C LYS A 422 1.99 -35.04 -41.62
N ILE A 423 1.60 -34.37 -40.53
CA ILE A 423 2.58 -33.82 -39.60
C ILE A 423 3.27 -34.92 -38.80
N SER A 424 2.63 -36.08 -38.63
CA SER A 424 3.28 -37.21 -38.00
C SER A 424 4.40 -37.78 -38.87
N LYS A 425 4.43 -37.49 -40.16
CA LYS A 425 5.46 -38.01 -41.04
C LYS A 425 6.78 -37.28 -40.88
N TYR A 426 6.74 -35.96 -40.66
CA TYR A 426 7.94 -35.13 -40.58
C TYR A 426 8.42 -34.91 -39.15
N PHE A 427 7.52 -34.85 -38.19
CA PHE A 427 7.87 -34.64 -36.79
C PHE A 427 7.61 -35.90 -35.98
N ASN A 428 8.47 -36.14 -34.99
CA ASN A 428 8.25 -37.23 -34.06
C ASN A 428 7.05 -36.89 -33.18
N SER A 429 5.89 -37.46 -33.52
CA SER A 429 4.66 -37.14 -32.79
C SER A 429 4.73 -37.53 -31.33
N ARG A 430 5.42 -38.61 -30.99
CA ARG A 430 5.59 -39.00 -29.60
C ARG A 430 6.42 -38.01 -28.80
N LEU A 431 7.48 -37.46 -29.40
CA LEU A 431 8.26 -36.43 -28.73
C LEU A 431 7.57 -35.07 -28.77
N PHE A 432 6.92 -34.74 -29.89
CA PHE A 432 6.29 -33.45 -30.08
C PHE A 432 4.78 -33.48 -29.81
N GLY A 433 4.32 -34.38 -28.95
CA GLY A 433 2.88 -34.50 -28.71
C GLY A 433 2.25 -33.21 -28.21
N HIS A 434 2.78 -32.66 -27.11
CA HIS A 434 2.21 -31.43 -26.56
C HIS A 434 2.36 -30.26 -27.51
N ASP A 435 3.50 -30.15 -28.19
CA ASP A 435 3.70 -29.07 -29.14
C ASP A 435 2.70 -29.12 -30.29
N ILE A 436 2.49 -30.31 -30.88
CA ILE A 436 1.52 -30.45 -31.95
C ILE A 436 0.11 -30.17 -31.44
N GLU A 437 -0.22 -30.66 -30.25
CA GLU A 437 -1.56 -30.40 -29.70
C GLU A 437 -1.80 -28.91 -29.49
N SER A 438 -0.81 -28.20 -28.94
CA SER A 438 -0.94 -26.76 -28.74
C SER A 438 -1.03 -26.01 -30.06
N PHE A 439 -0.22 -26.38 -31.05
CA PHE A 439 -0.30 -25.74 -32.35
C PHE A 439 -1.66 -25.96 -33.00
N ILE A 440 -2.20 -27.16 -32.89
CA ILE A 440 -3.54 -27.43 -33.44
C ILE A 440 -4.58 -26.61 -32.71
N ASN A 441 -4.55 -26.61 -31.38
CA ASN A 441 -5.55 -25.87 -30.61
C ASN A 441 -5.45 -24.36 -30.83
N ARG A 442 -4.28 -23.86 -31.22
CA ARG A 442 -4.13 -22.43 -31.45
C ARG A 442 -4.44 -22.01 -32.88
N HIS A 443 -4.10 -22.83 -33.88
CA HIS A 443 -4.18 -22.41 -35.27
C HIS A 443 -5.22 -23.15 -36.09
N LYS A 444 -6.16 -23.87 -35.47
CA LYS A 444 -7.19 -24.56 -36.24
C LYS A 444 -8.46 -23.72 -36.31
N LYS A 445 -9.28 -24.02 -37.32
CA LYS A 445 -10.59 -23.41 -37.47
C LYS A 445 -11.61 -24.49 -37.80
N PHE A 446 -12.82 -24.32 -37.27
CA PHE A 446 -13.91 -25.29 -37.45
C PHE A 446 -14.77 -24.88 -38.63
N ALA A 447 -15.14 -25.85 -39.46
CA ALA A 447 -16.02 -25.56 -40.59
C ALA A 447 -17.42 -25.24 -40.11
N ASN A 448 -18.11 -26.21 -39.51
CA ASN A 448 -19.39 -25.95 -38.86
C ASN A 448 -19.33 -26.26 -37.37
N VAL A 449 -19.11 -27.52 -36.97
CA VAL A 449 -18.89 -27.86 -35.58
C VAL A 449 -17.71 -28.81 -35.45
N SER A 450 -17.48 -29.62 -36.48
CA SER A 450 -16.57 -30.75 -36.37
C SER A 450 -15.56 -30.87 -37.50
N ASP A 451 -15.87 -30.36 -38.70
CA ASP A 451 -14.96 -30.46 -39.83
C ASP A 451 -13.82 -29.45 -39.66
N GLU A 452 -13.05 -29.66 -38.60
CA GLU A 452 -11.97 -28.74 -38.27
C GLU A 452 -10.88 -28.78 -39.32
N TYR A 453 -10.40 -27.60 -39.70
CA TYR A 453 -9.40 -27.45 -40.76
C TYR A 453 -8.33 -26.47 -40.31
N LEU A 454 -7.18 -26.53 -40.99
CA LEU A 454 -6.10 -25.59 -40.79
C LEU A 454 -5.76 -24.91 -42.11
N GLN A 455 -5.53 -23.60 -42.05
CA GLN A 455 -5.28 -22.80 -43.25
C GLN A 455 -3.77 -22.73 -43.54
N TYR A 456 -3.20 -23.89 -43.84
CA TYR A 456 -1.79 -24.00 -44.16
C TYR A 456 -1.61 -25.07 -45.24
N ILE A 457 -0.67 -24.83 -46.15
CA ILE A 457 -0.45 -25.69 -47.30
C ILE A 457 0.98 -26.20 -47.27
N PHE A 458 1.15 -27.49 -47.56
CA PHE A 458 2.48 -28.08 -47.67
C PHE A 458 3.18 -27.58 -48.94
N ILE A 459 4.51 -27.59 -48.89
CA ILE A 459 5.30 -27.27 -50.08
C ILE A 459 5.12 -28.32 -51.17
N GLU A 460 4.99 -29.60 -50.80
CA GLU A 460 4.80 -30.68 -51.75
C GLU A 460 3.47 -30.59 -52.50
N ASP A 461 2.62 -29.62 -52.18
CA ASP A 461 1.33 -29.48 -52.82
C ASP A 461 1.20 -28.24 -53.70
N ILE A 462 2.12 -27.29 -53.61
CA ILE A 462 2.10 -26.11 -54.45
C ILE A 462 2.31 -26.49 -55.91
N ALA B 1 28.49 39.52 0.44
CA ALA B 1 29.08 40.15 1.63
C ALA B 1 29.27 39.12 2.74
N MET B 2 30.30 38.29 2.60
CA MET B 2 30.61 37.25 3.58
C MET B 2 32.11 37.28 3.84
N GLY B 3 32.59 36.26 4.56
CA GLY B 3 33.99 36.18 4.93
C GLY B 3 34.80 35.31 4.00
N ASN B 4 36.10 35.58 3.95
CA ASN B 4 37.04 34.82 3.13
C ASN B 4 37.80 33.77 3.92
N LYS B 5 38.03 34.00 5.21
CA LYS B 5 38.79 33.05 6.04
C LYS B 5 38.08 31.71 6.17
N LEU B 6 36.76 31.68 6.00
CA LEU B 6 36.01 30.44 6.21
C LEU B 6 36.43 29.36 5.21
N PHE B 7 36.72 29.74 3.97
CA PHE B 7 37.20 28.75 3.01
C PHE B 7 38.54 28.19 3.43
N ASN B 8 39.42 29.02 4.00
CA ASN B 8 40.68 28.52 4.54
C ASN B 8 40.44 27.53 5.67
N ILE B 9 39.46 27.82 6.54
CA ILE B 9 39.13 26.89 7.61
C ILE B 9 38.64 25.56 7.04
N ALA B 10 37.79 25.62 6.00
CA ALA B 10 37.32 24.40 5.38
C ALA B 10 38.46 23.61 4.75
N GLN B 11 39.40 24.31 4.11
CA GLN B 11 40.57 23.61 3.54
C GLN B 11 41.41 22.96 4.62
N ARG B 12 41.62 23.66 5.74
CA ARG B 12 42.34 23.06 6.86
C ARG B 12 41.62 21.84 7.42
N ILE B 13 40.29 21.91 7.50
CA ILE B 13 39.51 20.76 7.98
C ILE B 13 39.68 19.58 7.03
N LEU B 14 39.58 19.83 5.72
CA LEU B 14 39.76 18.74 4.76
C LEU B 14 41.20 18.24 4.70
N ASP B 15 42.16 19.04 5.16
CA ASP B 15 43.54 18.56 5.21
C ASP B 15 43.69 17.38 6.15
N THR B 16 43.02 17.43 7.30
CA THR B 16 43.09 16.35 8.27
C THR B 16 42.34 15.09 7.82
N ASN B 17 41.54 15.18 6.76
CA ASN B 17 40.73 14.05 6.28
C ASN B 17 39.81 13.54 7.37
N SER B 18 39.28 14.45 8.19
CA SER B 18 38.35 14.08 9.25
C SER B 18 36.92 13.89 8.74
N VAL B 19 36.64 14.26 7.50
CA VAL B 19 35.31 14.08 6.91
C VAL B 19 35.49 13.48 5.52
N LEU B 20 34.73 12.43 5.25
CA LEU B 20 34.83 11.73 3.97
C LEU B 20 33.44 11.53 3.38
N LEU B 21 33.39 11.42 2.07
CA LEU B 21 32.15 11.17 1.34
C LEU B 21 32.09 9.71 0.92
N THR B 22 31.04 9.02 1.36
CA THR B 22 30.93 7.60 1.06
C THR B 22 30.49 7.38 -0.39
N GLU B 23 30.58 6.13 -0.82
CA GLU B 23 30.13 5.76 -2.16
C GLU B 23 28.62 5.89 -2.29
N ARG B 24 27.90 5.86 -1.17
CA ARG B 24 26.44 6.02 -1.16
C ARG B 24 26.01 7.48 -1.14
N GLY B 25 26.94 8.42 -1.32
CA GLY B 25 26.60 9.82 -1.26
C GLY B 25 26.32 10.34 0.12
N ASP B 26 26.89 9.71 1.15
CA ASP B 26 26.71 10.12 2.54
C ASP B 26 28.04 10.61 3.10
N TYR B 27 27.95 11.51 4.07
CA TYR B 27 29.11 12.14 4.68
C TYR B 27 29.36 11.55 6.06
N ILE B 28 30.60 11.15 6.32
CA ILE B 28 31.00 10.62 7.61
C ILE B 28 31.97 11.60 8.26
N VAL B 29 32.06 11.56 9.59
CA VAL B 29 32.93 12.42 10.35
C VAL B 29 33.74 11.59 11.33
N TRP B 30 34.88 12.13 11.73
CA TRP B 30 35.80 11.48 12.66
C TRP B 30 35.83 12.29 13.95
N ILE B 31 34.99 11.90 14.91
CA ILE B 31 34.89 12.57 16.20
C ILE B 31 35.03 11.52 17.30
N ASN B 32 35.72 11.91 18.38
CA ASN B 32 35.90 11.06 19.56
C ASN B 32 36.49 9.70 19.19
N ASN B 33 37.50 9.73 18.31
CA ASN B 33 38.21 8.53 17.86
C ASN B 33 37.23 7.49 17.32
N SER B 34 36.30 7.94 16.48
CA SER B 34 35.30 7.06 15.90
C SER B 34 34.71 7.72 14.67
N TRP B 35 34.53 6.94 13.59
CA TRP B 35 33.94 7.44 12.35
C TRP B 35 32.42 7.46 12.49
N LYS B 36 31.94 8.46 13.21
CA LYS B 36 30.49 8.64 13.36
C LYS B 36 29.86 9.05 12.04
N PHE B 37 28.63 8.57 11.83
CA PHE B 37 27.95 8.78 10.56
C PHE B 37 26.44 8.83 10.82
N ASN B 38 25.77 9.76 10.13
CA ASN B 38 24.33 9.92 10.28
C ASN B 38 23.77 10.54 9.01
N SER B 39 22.88 9.82 8.33
CA SER B 39 22.26 10.34 7.12
C SER B 39 21.17 11.36 7.42
N GLU B 40 20.46 11.21 8.54
CA GLU B 40 19.37 12.11 8.85
C GLU B 40 19.88 13.52 9.14
N GLU B 41 20.70 13.66 10.18
CA GLU B 41 21.30 14.93 10.54
C GLU B 41 22.76 14.95 10.15
N PRO B 42 23.19 15.90 9.31
CA PRO B 42 24.61 15.97 8.95
C PRO B 42 25.47 16.31 10.16
N LEU B 43 26.49 15.50 10.38
CA LEU B 43 27.38 15.65 11.53
C LEU B 43 28.57 16.56 11.23
N ILE B 44 28.60 17.20 10.07
CA ILE B 44 29.72 18.07 9.72
C ILE B 44 29.82 19.23 10.69
N THR B 45 28.69 19.83 11.07
CA THR B 45 28.70 20.93 12.02
C THR B 45 29.29 20.51 13.36
N LYS B 46 28.90 19.32 13.85
CA LYS B 46 29.48 18.80 15.07
C LYS B 46 30.98 18.56 14.92
N LEU B 47 31.40 18.06 13.75
CA LEU B 47 32.82 17.85 13.51
C LEU B 47 33.59 19.16 13.59
N ILE B 48 33.05 20.22 12.97
CA ILE B 48 33.69 21.52 13.01
C ILE B 48 33.77 22.05 14.44
N LEU B 49 32.67 21.94 15.18
CA LEU B 49 32.66 22.38 16.56
C LEU B 49 33.65 21.60 17.41
N SER B 50 33.86 20.32 17.09
CA SER B 50 34.80 19.51 17.83
C SER B 50 36.24 19.90 17.51
N ILE B 51 36.55 20.08 16.23
CA ILE B 51 37.93 20.28 15.80
C ILE B 51 38.30 21.76 15.72
N ARG B 52 37.41 22.64 16.20
CA ARG B 52 37.81 24.04 16.38
C ARG B 52 39.02 24.15 17.30
N HIS B 53 39.19 23.21 18.23
CA HIS B 53 40.31 23.26 19.16
C HIS B 53 41.63 22.91 18.49
N GLN B 54 41.59 22.14 17.41
CA GLN B 54 42.80 21.73 16.69
C GLN B 54 43.23 22.76 15.65
N LEU B 55 42.76 23.99 15.76
CA LEU B 55 43.02 25.05 14.81
C LEU B 55 43.53 26.29 15.54
N PRO B 56 44.19 27.21 14.84
CA PRO B 56 44.67 28.43 15.50
C PRO B 56 43.51 29.23 16.11
N LYS B 57 43.87 30.07 17.09
CA LYS B 57 42.87 30.84 17.81
C LYS B 57 42.07 31.75 16.89
N GLU B 58 42.67 32.18 15.78
CA GLU B 58 41.99 33.06 14.83
C GLU B 58 40.82 32.37 14.14
N TYR B 59 40.75 31.04 14.19
CA TYR B 59 39.71 30.30 13.50
C TYR B 59 38.64 29.74 14.42
N SER B 60 38.98 29.40 15.66
CA SER B 60 37.98 28.90 16.60
C SER B 60 36.93 29.97 16.89
N SER B 61 37.34 31.22 17.05
CA SER B 61 36.39 32.31 17.26
C SER B 61 35.44 32.44 16.08
N GLU B 62 35.96 32.30 14.86
CA GLU B 62 35.10 32.32 13.67
C GLU B 62 34.13 31.15 13.69
N LEU B 63 34.61 29.97 14.09
CA LEU B 63 33.77 28.77 14.09
C LEU B 63 32.75 28.74 15.21
N LEU B 64 32.91 29.58 16.25
CA LEU B 64 31.92 29.62 17.32
C LEU B 64 30.54 30.05 16.80
N CYS B 65 30.51 30.81 15.71
CA CYS B 65 29.25 31.28 15.15
C CYS B 65 28.57 30.18 14.35
N PRO B 66 27.34 29.79 14.66
CA PRO B 66 26.65 28.78 13.86
C PRO B 66 26.43 29.17 12.41
N ARG B 67 26.26 30.45 12.10
CA ARG B 67 26.13 30.86 10.70
C ARG B 67 27.42 30.59 9.94
N LYS B 68 28.55 31.04 10.48
CA LYS B 68 29.84 30.76 9.84
C LYS B 68 30.15 29.28 9.86
N ARG B 69 29.72 28.56 10.90
CA ARG B 69 29.93 27.12 10.93
C ARG B 69 29.17 26.42 9.83
N LYS B 70 27.92 26.82 9.59
CA LYS B 70 27.17 26.27 8.46
C LYS B 70 27.79 26.67 7.13
N THR B 71 28.35 27.87 7.05
CA THR B 71 29.07 28.28 5.85
C THR B 71 30.27 27.36 5.58
N VAL B 72 31.03 27.07 6.63
CA VAL B 72 32.18 26.16 6.49
C VAL B 72 31.70 24.77 6.12
N GLU B 73 30.57 24.34 6.69
CA GLU B 73 30.01 23.04 6.34
C GLU B 73 29.64 22.97 4.86
N ALA B 74 29.04 24.04 4.34
CA ALA B 74 28.73 24.09 2.91
C ALA B 74 30.00 24.06 2.07
N ASN B 75 31.04 24.78 2.50
CA ASN B 75 32.30 24.76 1.78
C ASN B 75 32.89 23.35 1.76
N ILE B 76 32.84 22.65 2.90
CA ILE B 76 33.34 21.28 2.97
C ILE B 76 32.54 20.37 2.05
N ARG B 77 31.21 20.52 2.05
CA ARG B 77 30.37 19.72 1.15
C ARG B 77 30.74 19.96 -0.31
N ASP B 78 31.01 21.22 -0.67
CA ASP B 78 31.44 21.52 -2.03
C ASP B 78 32.80 20.93 -2.34
N MET B 79 33.73 20.96 -1.37
CA MET B 79 35.08 20.47 -1.59
C MET B 79 35.17 18.96 -1.64
N LEU B 80 34.26 18.24 -0.99
CA LEU B 80 34.28 16.78 -1.02
C LEU B 80 33.63 16.32 -2.32
N VAL B 81 34.47 15.89 -3.27
CA VAL B 81 34.03 15.47 -4.59
C VAL B 81 34.26 13.97 -4.80
N ASP B 82 35.46 13.49 -4.50
CA ASP B 82 35.80 12.08 -4.68
C ASP B 82 35.04 11.23 -3.67
N SER B 83 34.12 10.39 -4.16
CA SER B 83 33.32 9.53 -3.30
C SER B 83 34.17 8.33 -2.87
N VAL B 84 34.98 8.57 -1.84
CA VAL B 84 35.90 7.53 -1.36
C VAL B 84 35.11 6.48 -0.60
N GLU B 85 35.24 5.22 -1.01
CA GLU B 85 34.58 4.13 -0.32
C GLU B 85 35.28 3.81 1.00
N THR B 86 34.54 3.16 1.89
CA THR B 86 35.02 2.87 3.23
C THR B 86 34.84 1.39 3.54
N ASP B 87 35.43 0.97 4.66
CA ASP B 87 35.37 -0.41 5.14
C ASP B 87 35.93 -1.38 4.10
N THR B 88 37.18 -1.15 3.72
CA THR B 88 37.85 -1.99 2.73
C THR B 88 38.37 -3.29 3.36
N TYR B 89 39.24 -3.14 4.35
CA TYR B 89 39.92 -4.19 5.09
C TYR B 89 38.94 -5.14 5.76
N PRO B 90 39.18 -6.46 5.67
CA PRO B 90 38.32 -7.40 6.42
C PRO B 90 38.95 -7.82 7.75
N ASP B 91 40.19 -7.40 7.99
CA ASP B 91 40.97 -7.87 9.12
C ASP B 91 41.04 -6.85 10.27
N LYS B 92 40.15 -5.85 10.26
CA LYS B 92 40.15 -4.83 11.29
C LYS B 92 38.80 -4.81 12.00
N LEU B 93 38.84 -4.71 13.33
CA LEU B 93 37.64 -4.69 14.16
C LEU B 93 37.49 -3.32 14.81
N PRO B 94 36.43 -2.58 14.50
CA PRO B 94 36.28 -1.23 15.08
C PRO B 94 35.68 -1.24 16.48
N PHE B 95 36.14 -0.33 17.33
CA PHE B 95 35.61 -0.19 18.69
C PHE B 95 35.22 1.27 18.95
N LYS B 96 34.62 1.54 20.10
CA LYS B 96 34.30 2.91 20.49
C LYS B 96 35.53 3.71 20.90
N ASN B 97 36.68 3.06 21.08
CA ASN B 97 37.92 3.74 21.40
C ASN B 97 38.94 3.64 20.28
N GLY B 98 38.64 2.93 19.21
CA GLY B 98 39.57 2.76 18.11
C GLY B 98 39.30 1.52 17.29
N VAL B 99 40.34 0.93 16.71
CA VAL B 99 40.20 -0.26 15.87
C VAL B 99 41.16 -1.33 16.37
N LEU B 100 40.66 -2.56 16.54
CA LEU B 100 41.49 -3.68 16.94
C LEU B 100 41.83 -4.53 15.72
N ASP B 101 43.12 -4.77 15.51
CA ASP B 101 43.57 -5.55 14.37
C ASP B 101 43.46 -7.04 14.67
N LEU B 102 43.22 -7.82 13.62
CA LEU B 102 43.18 -9.27 13.71
C LEU B 102 44.47 -9.94 13.27
N VAL B 103 45.34 -9.22 12.56
CA VAL B 103 46.60 -9.81 12.12
C VAL B 103 47.54 -10.00 13.30
N ASP B 104 47.91 -8.90 13.95
CA ASP B 104 48.82 -8.95 15.08
C ASP B 104 48.11 -8.92 16.42
N GLY B 105 46.81 -8.62 16.44
CA GLY B 105 46.08 -8.54 17.69
C GLY B 105 46.27 -7.25 18.47
N MET B 106 46.98 -6.27 17.90
CA MET B 106 47.18 -4.98 18.55
C MET B 106 46.00 -4.06 18.28
N PHE B 107 45.65 -3.26 19.29
CA PHE B 107 44.52 -2.34 19.21
C PHE B 107 45.02 -0.94 18.88
N TYR B 108 44.45 -0.33 17.85
CA TYR B 108 44.78 1.03 17.46
C TYR B 108 43.74 2.01 18.01
N SER B 109 44.18 3.25 18.20
CA SER B 109 43.32 4.29 18.73
C SER B 109 43.83 5.63 18.23
N GLY B 110 42.95 6.64 18.27
CA GLY B 110 43.33 7.96 17.83
C GLY B 110 43.58 8.01 16.34
N ASP B 111 44.64 8.74 15.95
CA ASP B 111 44.99 8.86 14.54
C ASP B 111 45.39 7.53 13.93
N ASP B 112 45.89 6.59 14.74
CA ASP B 112 46.17 5.26 14.22
C ASP B 112 44.90 4.57 13.73
N ALA B 113 43.81 4.71 14.49
CA ALA B 113 42.52 4.21 14.02
C ALA B 113 41.93 5.08 12.94
N LYS B 114 42.30 6.36 12.88
CA LYS B 114 41.79 7.25 11.85
C LYS B 114 42.23 6.81 10.46
N LYS B 115 43.38 6.12 10.35
CA LYS B 115 43.79 5.56 9.07
C LYS B 115 42.74 4.59 8.53
N TYR B 116 41.99 3.96 9.42
CA TYR B 116 40.90 3.07 9.03
C TYR B 116 39.58 3.83 9.08
N THR B 117 38.73 3.59 8.08
CA THR B 117 37.44 4.24 7.95
C THR B 117 36.35 3.18 8.07
N CYS B 118 35.88 2.96 9.29
CA CYS B 118 34.88 1.95 9.58
C CYS B 118 33.50 2.60 9.67
N THR B 119 32.54 2.04 8.92
CA THR B 119 31.19 2.58 8.93
C THR B 119 30.51 2.37 10.27
N VAL B 120 30.82 1.28 10.97
CA VAL B 120 30.19 0.92 12.23
C VAL B 120 31.27 0.63 13.25
N SER B 121 30.84 0.22 14.44
CA SER B 121 31.75 -0.13 15.52
C SER B 121 31.12 -1.22 16.36
N THR B 122 31.92 -1.80 17.25
CA THR B 122 31.44 -2.87 18.13
C THR B 122 30.44 -2.39 19.16
N GLY B 123 30.28 -1.07 19.33
CA GLY B 123 29.27 -0.55 20.23
C GLY B 123 29.69 -0.46 21.69
N PHE B 124 30.95 -0.72 22.01
CA PHE B 124 31.42 -0.56 23.37
C PHE B 124 32.91 -0.20 23.35
N LYS B 125 33.36 0.42 24.44
CA LYS B 125 34.75 0.83 24.54
C LYS B 125 35.65 -0.36 24.78
N PHE B 126 36.79 -0.38 24.10
CA PHE B 126 37.76 -1.45 24.24
C PHE B 126 38.51 -1.32 25.55
N ASP B 127 38.91 -2.46 26.10
CA ASP B 127 39.66 -2.51 27.37
C ASP B 127 40.71 -3.60 27.25
N ASP B 128 41.98 -3.18 27.12
CA ASP B 128 43.07 -4.14 27.05
C ASP B 128 43.26 -4.89 28.37
N THR B 129 42.96 -4.24 29.49
CA THR B 129 43.09 -4.90 30.79
C THR B 129 42.16 -6.11 30.90
N LYS B 130 40.92 -5.98 30.43
CA LYS B 130 40.02 -7.12 30.39
C LYS B 130 40.29 -8.05 29.22
N PHE B 131 41.12 -7.62 28.27
CA PHE B 131 41.45 -8.44 27.10
C PHE B 131 42.76 -9.19 27.37
N VAL B 132 42.68 -10.10 28.35
CA VAL B 132 43.82 -10.92 28.74
C VAL B 132 43.37 -12.36 28.92
N GLU B 133 44.26 -13.29 28.61
CA GLU B 133 43.95 -14.71 28.78
C GLU B 133 44.07 -15.14 30.24
N ASP B 134 45.02 -14.56 30.98
CA ASP B 134 45.23 -14.90 32.38
C ASP B 134 44.15 -14.21 33.22
N SER B 135 42.97 -14.84 33.26
CA SER B 135 41.85 -14.31 34.03
C SER B 135 40.91 -15.45 34.35
N PRO B 136 40.25 -15.45 35.53
CA PRO B 136 39.30 -16.52 35.83
C PRO B 136 38.15 -16.59 34.84
N GLU B 137 37.70 -15.46 34.31
CA GLU B 137 36.61 -15.46 33.34
C GLU B 137 37.00 -16.23 32.09
N MET B 138 38.26 -16.09 31.65
CA MET B 138 38.72 -16.83 30.49
C MET B 138 38.66 -18.33 30.72
N GLU B 139 39.13 -18.79 31.87
CA GLU B 139 39.07 -20.22 32.17
C GLU B 139 37.64 -20.72 32.28
N GLU B 140 36.78 -19.94 32.94
CA GLU B 140 35.37 -20.34 33.06
C GLU B 140 34.71 -20.45 31.68
N LEU B 141 34.97 -19.47 30.81
CA LEU B 141 34.36 -19.49 29.48
C LEU B 141 34.95 -20.60 28.62
N MET B 142 36.24 -20.89 28.78
CA MET B 142 36.84 -22.02 28.07
C MET B 142 36.19 -23.33 28.50
N ASN B 143 35.96 -23.50 29.80
CA ASN B 143 35.26 -24.69 30.27
C ASN B 143 33.84 -24.76 29.74
N ILE B 144 33.15 -23.62 29.70
CA ILE B 144 31.77 -23.59 29.18
C ILE B 144 31.75 -23.98 27.71
N ILE B 145 32.68 -23.43 26.92
CA ILE B 145 32.73 -23.75 25.50
C ILE B 145 33.08 -25.23 25.28
N ASN B 146 34.04 -25.74 26.05
CA ASN B 146 34.36 -27.17 25.97
C ASN B 146 33.17 -28.04 26.34
N ASP B 147 32.35 -27.60 27.29
CA ASP B 147 31.09 -28.30 27.55
C ASP B 147 30.17 -28.23 26.34
N ILE B 148 30.08 -27.07 25.71
CA ILE B 148 29.24 -26.93 24.52
C ILE B 148 29.77 -27.79 23.38
N GLN B 149 31.08 -27.77 23.16
CA GLN B 149 31.72 -28.58 22.13
C GLN B 149 32.95 -29.24 22.71
N PRO B 150 32.91 -30.55 22.98
CA PRO B 150 34.07 -31.22 23.61
C PRO B 150 35.28 -31.25 22.70
N LEU B 151 36.45 -31.25 23.33
CA LEU B 151 37.73 -31.37 22.62
C LEU B 151 38.11 -32.83 22.41
N THR B 152 37.21 -33.60 21.81
CA THR B 152 37.41 -35.02 21.56
C THR B 152 37.65 -35.27 20.08
N ASP B 153 38.38 -36.35 19.79
CA ASP B 153 38.68 -36.70 18.41
C ASP B 153 37.43 -37.01 17.62
N GLU B 154 36.43 -37.62 18.25
CA GLU B 154 35.15 -37.87 17.59
C GLU B 154 34.45 -36.56 17.22
N ASN B 155 34.62 -35.53 18.05
CA ASN B 155 34.08 -34.21 17.77
C ASN B 155 35.12 -33.24 17.23
N LYS B 156 36.31 -33.75 16.86
CA LYS B 156 37.41 -32.87 16.48
C LYS B 156 37.07 -32.03 15.25
N LYS B 157 36.53 -32.67 14.21
CA LYS B 157 36.19 -31.94 13.00
C LYS B 157 35.06 -30.94 13.27
N ASN B 158 34.03 -31.35 14.00
CA ASN B 158 32.92 -30.45 14.30
C ASN B 158 33.38 -29.28 15.16
N ARG B 159 34.19 -29.55 16.19
CA ARG B 159 34.71 -28.48 17.03
C ARG B 159 35.59 -27.53 16.22
N GLU B 160 36.44 -28.06 15.35
CA GLU B 160 37.29 -27.21 14.54
C GLU B 160 36.48 -26.33 13.60
N LEU B 161 35.45 -26.90 12.97
CA LEU B 161 34.59 -26.10 12.09
C LEU B 161 33.83 -25.04 12.89
N TYR B 162 33.38 -25.39 14.09
CA TYR B 162 32.69 -24.42 14.95
C TYR B 162 33.60 -23.26 15.30
N GLU B 163 34.85 -23.55 15.67
CA GLU B 163 35.81 -22.50 15.97
C GLU B 163 36.09 -21.65 14.73
N LYS B 164 36.24 -22.29 13.57
CA LYS B 164 36.49 -21.55 12.34
C LYS B 164 35.35 -20.62 12.00
N THR B 165 34.11 -21.08 12.16
CA THR B 165 32.95 -20.23 11.88
C THR B 165 32.87 -19.07 12.86
N LEU B 166 33.07 -19.34 14.15
CA LEU B 166 33.03 -18.24 15.12
C LEU B 166 34.13 -17.24 14.88
N SER B 167 35.31 -17.69 14.44
CA SER B 167 36.38 -16.76 14.10
C SER B 167 36.06 -15.97 12.83
N SER B 168 35.46 -16.61 11.83
CA SER B 168 35.06 -15.92 10.61
C SER B 168 33.96 -14.90 10.87
N CYS B 169 33.20 -15.07 11.95
CA CYS B 169 32.24 -14.03 12.35
C CYS B 169 32.94 -12.69 12.57
N LEU B 170 34.23 -12.70 12.91
CA LEU B 170 34.97 -11.45 13.07
C LEU B 170 35.30 -10.81 11.74
N CYS B 171 35.63 -11.61 10.72
CA CYS B 171 36.14 -11.09 9.47
C CYS B 171 35.09 -10.24 8.76
N GLY B 172 35.50 -9.08 8.28
CA GLY B 172 34.61 -8.19 7.55
C GLY B 172 34.68 -8.40 6.04
N ALA B 173 34.53 -9.65 5.60
CA ALA B 173 34.55 -9.99 4.20
C ALA B 173 33.30 -10.81 3.86
N THR B 174 33.15 -11.09 2.56
CA THR B 174 32.00 -11.85 2.10
C THR B 174 32.10 -13.31 2.52
N LYS B 175 31.00 -13.86 3.00
CA LYS B 175 30.99 -15.26 3.42
C LYS B 175 31.03 -16.16 2.18
N GLY B 176 31.94 -17.14 2.20
CA GLY B 176 32.10 -18.04 1.08
C GLY B 176 31.35 -19.34 1.24
N CYS B 177 30.83 -19.61 2.44
CA CYS B 177 30.14 -20.87 2.69
C CYS B 177 29.22 -20.70 3.90
N LEU B 178 27.91 -20.85 3.68
CA LEU B 178 26.93 -20.74 4.74
C LEU B 178 27.14 -21.82 5.79
N THR B 179 26.85 -21.49 7.04
CA THR B 179 27.06 -22.39 8.17
C THR B 179 25.73 -22.63 8.89
N PHE B 180 25.53 -23.87 9.33
CA PHE B 180 24.32 -24.27 10.04
C PHE B 180 24.69 -24.80 11.42
N PHE B 181 23.86 -24.48 12.40
CA PHE B 181 23.99 -25.04 13.75
C PHE B 181 22.90 -26.08 13.94
N PHE B 182 23.29 -27.36 13.91
CA PHE B 182 22.36 -28.47 14.00
C PHE B 182 22.41 -29.08 15.39
N GLY B 183 21.23 -29.45 15.91
CA GLY B 183 21.13 -30.07 17.21
C GLY B 183 19.71 -30.10 17.72
N GLU B 184 19.55 -30.10 19.05
CA GLU B 184 18.25 -30.03 19.67
C GLU B 184 18.10 -28.66 20.36
N THR B 185 17.00 -28.49 21.08
CA THR B 185 16.77 -27.23 21.77
C THR B 185 17.70 -27.08 22.96
N ALA B 186 18.33 -25.91 23.08
CA ALA B 186 19.22 -25.59 24.20
C ALA B 186 20.36 -26.58 24.33
N THR B 187 20.96 -26.93 23.19
CA THR B 187 22.13 -27.80 23.16
C THR B 187 23.43 -27.01 23.14
N GLY B 188 23.36 -25.68 23.15
CA GLY B 188 24.56 -24.86 23.12
C GLY B 188 24.51 -23.81 22.04
N LYS B 189 23.52 -23.91 21.14
CA LYS B 189 23.39 -22.95 20.06
C LYS B 189 22.99 -21.57 20.58
N SER B 190 21.98 -21.52 21.46
CA SER B 190 21.55 -20.25 22.01
C SER B 190 22.62 -19.61 22.88
N THR B 191 23.34 -20.42 23.67
CA THR B 191 24.43 -19.88 24.47
C THR B 191 25.52 -19.29 23.60
N THR B 192 25.87 -19.99 22.51
CA THR B 192 26.86 -19.46 21.58
C THR B 192 26.38 -18.15 20.94
N LYS B 193 25.11 -18.11 20.56
CA LYS B 193 24.55 -16.88 19.98
C LYS B 193 24.64 -15.72 20.96
N ARG B 194 24.25 -15.95 22.21
CA ARG B 194 24.29 -14.88 23.21
C ARG B 194 25.72 -14.44 23.48
N LEU B 195 26.65 -15.38 23.61
CA LEU B 195 28.05 -15.02 23.85
C LEU B 195 28.63 -14.23 22.69
N LEU B 196 28.37 -14.66 21.46
CA LEU B 196 28.88 -13.94 20.30
C LEU B 196 28.27 -12.55 20.20
N LYS B 197 26.97 -12.43 20.47
CA LYS B 197 26.34 -11.12 20.44
C LYS B 197 26.93 -10.20 21.49
N SER B 198 27.12 -10.69 22.72
CA SER B 198 27.73 -9.87 23.75
C SER B 198 29.16 -9.51 23.41
N ALA B 199 29.87 -10.38 22.71
CA ALA B 199 31.27 -10.11 22.37
C ALA B 199 31.37 -9.03 21.29
N ILE B 200 30.56 -9.12 20.25
CA ILE B 200 30.71 -8.25 19.09
C ILE B 200 29.74 -7.08 19.09
N GLY B 201 28.90 -6.94 20.12
CA GLY B 201 28.11 -5.72 20.27
C GLY B 201 27.16 -5.50 19.11
N ASP B 202 27.15 -4.26 18.60
CA ASP B 202 26.23 -3.88 17.54
C ASP B 202 26.50 -4.59 16.23
N LEU B 203 27.71 -5.12 16.03
CA LEU B 203 28.01 -5.85 14.82
C LEU B 203 27.15 -7.10 14.67
N PHE B 204 26.65 -7.64 15.78
CA PHE B 204 25.77 -8.79 15.74
C PHE B 204 24.39 -8.39 15.21
N VAL B 205 23.71 -9.33 14.56
CA VAL B 205 22.33 -9.17 14.16
C VAL B 205 21.66 -10.54 14.20
N GLU B 206 20.37 -10.55 14.50
CA GLU B 206 19.58 -11.76 14.57
C GLU B 206 18.30 -11.59 13.75
N THR B 207 17.86 -12.68 13.16
CA THR B 207 16.68 -12.67 12.30
C THR B 207 16.00 -14.03 12.38
N GLY B 208 14.83 -14.12 11.75
CA GLY B 208 14.04 -15.33 11.75
C GLY B 208 14.22 -16.16 10.50
N GLN B 209 13.11 -16.77 10.07
CA GLN B 209 13.10 -17.66 8.91
C GLN B 209 12.71 -16.95 7.62
N THR B 210 12.49 -15.64 7.66
CA THR B 210 11.99 -14.93 6.49
C THR B 210 13.01 -14.94 5.35
N ILE B 211 14.25 -14.57 5.64
CA ILE B 211 15.28 -14.51 4.61
C ILE B 211 15.63 -15.88 4.06
N LEU B 212 15.38 -16.96 4.81
CA LEU B 212 15.68 -18.31 4.35
C LEU B 212 14.50 -18.98 3.67
N THR B 213 13.28 -18.49 3.89
CA THR B 213 12.10 -19.14 3.35
C THR B 213 11.25 -18.25 2.43
N ASP B 214 11.57 -16.97 2.32
CA ASP B 214 10.76 -16.03 1.54
C ASP B 214 11.64 -15.33 0.50
N VAL B 215 10.99 -14.51 -0.33
CA VAL B 215 11.68 -13.77 -1.38
C VAL B 215 12.24 -12.49 -0.78
N LEU B 216 13.52 -12.24 -1.02
CA LEU B 216 14.19 -11.06 -0.45
C LEU B 216 13.79 -9.78 -1.18
N ASP B 217 14.10 -9.70 -2.48
CA ASP B 217 13.92 -8.48 -3.25
C ASP B 217 12.47 -8.36 -3.68
N LYS B 218 11.65 -7.79 -2.79
CA LYS B 218 10.26 -7.46 -3.11
C LYS B 218 9.89 -6.21 -2.30
N GLY B 219 10.04 -5.04 -2.93
CA GLY B 219 9.79 -3.78 -2.27
C GLY B 219 10.74 -3.56 -1.11
N PRO B 220 10.24 -2.91 -0.06
CA PRO B 220 11.08 -2.71 1.14
C PRO B 220 11.43 -4.03 1.79
N ASN B 221 12.63 -4.07 2.37
CA ASN B 221 13.12 -5.26 3.08
C ASN B 221 14.01 -4.79 4.23
N PRO B 222 13.39 -4.46 5.38
CA PRO B 222 14.19 -4.00 6.52
C PRO B 222 15.19 -5.02 7.05
N PHE B 223 14.93 -6.32 6.86
CA PHE B 223 15.88 -7.34 7.33
C PHE B 223 17.21 -7.20 6.60
N ILE B 224 17.18 -7.18 5.27
CA ILE B 224 18.40 -7.02 4.49
C ILE B 224 19.03 -5.66 4.74
N ALA B 225 18.21 -4.62 4.93
CA ALA B 225 18.74 -3.29 5.21
C ALA B 225 19.53 -3.28 6.52
N ASN B 226 19.04 -3.97 7.55
CA ASN B 226 19.77 -4.06 8.81
C ASN B 226 20.98 -4.98 8.69
N MET B 227 20.87 -6.04 7.88
CA MET B 227 21.98 -6.99 7.73
C MET B 227 23.19 -6.39 7.03
N HIS B 228 23.04 -5.25 6.36
CA HIS B 228 24.17 -4.65 5.66
C HIS B 228 25.20 -4.13 6.66
N LEU B 229 26.47 -4.21 6.26
CA LEU B 229 27.59 -3.73 7.07
C LEU B 229 27.66 -4.43 8.43
N LYS B 230 27.18 -5.67 8.50
CA LYS B 230 27.20 -6.45 9.72
C LYS B 230 28.34 -7.45 9.70
N ARG B 231 28.60 -8.04 10.86
CA ARG B 231 29.66 -9.02 11.01
C ARG B 231 29.16 -10.46 11.13
N SER B 232 27.91 -10.65 11.56
CA SER B 232 27.36 -11.99 11.68
C SER B 232 25.84 -11.93 11.67
N VAL B 233 25.22 -12.94 11.08
CA VAL B 233 23.77 -13.07 11.00
C VAL B 233 23.37 -14.38 11.65
N PHE B 234 22.47 -14.33 12.62
CA PHE B 234 21.96 -15.53 13.28
C PHE B 234 20.50 -15.73 12.90
N CYS B 235 20.20 -16.87 12.29
CA CYS B 235 18.86 -17.20 11.81
C CYS B 235 18.32 -18.35 12.65
N SER B 236 17.50 -18.03 13.65
CA SER B 236 16.85 -19.02 14.47
C SER B 236 15.45 -19.34 13.93
N GLU B 237 14.68 -20.08 14.73
CA GLU B 237 13.28 -20.39 14.42
C GLU B 237 13.16 -21.16 13.10
N LEU B 238 13.78 -22.33 13.06
CA LEU B 238 13.48 -23.05 11.83
C LEU B 238 12.38 -24.09 12.08
N PRO B 239 11.44 -24.22 11.17
CA PRO B 239 10.28 -25.08 11.39
C PRO B 239 10.62 -26.55 11.16
N ASP B 240 9.70 -27.41 11.60
CA ASP B 240 9.80 -28.84 11.36
C ASP B 240 9.61 -29.10 9.87
N PHE B 241 10.70 -29.41 9.17
CA PHE B 241 10.63 -29.57 7.72
C PHE B 241 9.85 -30.80 7.30
N ALA B 242 9.84 -31.85 8.13
CA ALA B 242 9.05 -33.03 7.81
C ALA B 242 7.56 -32.73 7.83
N CYS B 243 7.11 -31.89 8.76
CA CYS B 243 5.71 -31.52 8.84
C CYS B 243 5.30 -30.66 7.65
N SER B 244 4.04 -30.76 7.27
CA SER B 244 3.51 -30.00 6.15
C SER B 244 3.33 -28.53 6.53
N GLY B 245 3.41 -27.67 5.52
CA GLY B 245 3.27 -26.24 5.71
C GLY B 245 4.56 -25.50 5.98
N SER B 246 5.63 -26.20 6.32
CA SER B 246 6.92 -25.57 6.60
C SER B 246 7.68 -25.34 5.30
N LYS B 247 8.06 -24.09 5.05
CA LYS B 247 8.77 -23.76 3.83
C LYS B 247 10.19 -24.33 3.86
N LYS B 248 10.71 -24.60 2.67
CA LYS B 248 12.06 -25.10 2.51
C LYS B 248 13.05 -23.93 2.48
N ILE B 249 14.30 -24.24 2.83
CA ILE B 249 15.37 -23.27 2.74
C ILE B 249 15.66 -23.04 1.27
N ARG B 250 15.25 -21.88 0.75
CA ARG B 250 15.37 -21.59 -0.67
C ARG B 250 16.82 -21.44 -1.05
N SER B 251 17.29 -22.28 -1.98
CA SER B 251 18.66 -22.17 -2.47
C SER B 251 18.89 -20.85 -3.21
N ASP B 252 17.84 -20.27 -3.80
CA ASP B 252 17.98 -18.95 -4.39
C ASP B 252 18.34 -17.91 -3.34
N ASN B 253 17.72 -17.98 -2.16
CA ASN B 253 18.09 -17.09 -1.07
C ASN B 253 19.54 -17.30 -0.64
N ILE B 254 19.95 -18.56 -0.55
CA ILE B 254 21.32 -18.87 -0.14
C ILE B 254 22.32 -18.29 -1.13
N LYS B 255 22.04 -18.42 -2.42
CA LYS B 255 22.89 -17.80 -3.43
C LYS B 255 22.79 -16.29 -3.41
N LYS B 256 21.69 -15.74 -2.88
CA LYS B 256 21.55 -14.29 -2.78
C LYS B 256 22.41 -13.70 -1.68
N LEU B 257 22.43 -14.31 -0.50
CA LEU B 257 23.24 -13.81 0.61
C LEU B 257 24.61 -14.49 0.66
N THR B 258 25.29 -14.54 -0.49
CA THR B 258 26.64 -15.05 -0.58
C THR B 258 27.47 -14.21 -1.54
N GLU B 259 27.13 -12.93 -1.64
CA GLU B 259 27.80 -12.01 -2.54
C GLU B 259 28.21 -10.73 -1.80
N PRO B 260 29.30 -10.08 -2.23
CA PRO B 260 29.71 -8.84 -1.57
C PRO B 260 28.67 -7.74 -1.63
N CYS B 261 27.88 -7.69 -2.71
CA CYS B 261 26.85 -6.67 -2.89
C CYS B 261 25.51 -7.38 -3.09
N VAL B 262 24.66 -7.35 -2.07
CA VAL B 262 23.38 -8.05 -2.08
C VAL B 262 22.27 -7.01 -2.25
N ILE B 263 21.39 -7.25 -3.23
CA ILE B 263 20.29 -6.33 -3.48
C ILE B 263 19.24 -6.42 -2.38
N GLY B 264 18.35 -5.45 -2.35
CA GLY B 264 17.31 -5.37 -1.34
C GLY B 264 17.01 -3.93 -0.96
N ARG B 265 15.73 -3.58 -0.95
CA ARG B 265 15.45 -2.16 -0.78
C ARG B 265 15.20 -1.83 0.70
N PRO B 266 15.84 -0.78 1.20
CA PRO B 266 15.54 -0.30 2.55
C PRO B 266 14.23 0.48 2.61
N CYS B 267 13.92 1.05 3.77
CA CYS B 267 12.66 1.76 3.98
C CYS B 267 12.85 3.24 3.65
N PHE B 268 12.19 3.69 2.58
CA PHE B 268 12.18 5.09 2.18
C PHE B 268 13.60 5.63 1.98
N SER B 269 14.43 4.84 1.31
CA SER B 269 15.79 5.26 0.99
C SER B 269 16.30 4.39 -0.15
N ASN B 270 17.38 4.84 -0.77
CA ASN B 270 18.00 4.13 -1.89
C ASN B 270 19.35 3.58 -1.43
N LYS B 271 19.30 2.39 -0.83
CA LYS B 271 20.50 1.69 -0.36
C LYS B 271 20.46 0.23 -0.79
N ILE B 272 20.03 -0.03 -2.03
CA ILE B 272 19.89 -1.41 -2.50
C ILE B 272 21.23 -2.12 -2.52
N ASN B 273 22.30 -1.41 -2.86
CA ASN B 273 23.64 -1.99 -2.85
C ASN B 273 24.10 -2.10 -1.40
N ASN B 274 24.10 -3.32 -0.88
CA ASN B 274 24.41 -3.59 0.51
C ASN B 274 25.70 -4.40 0.61
N ARG B 275 26.62 -3.95 1.45
CA ARG B 275 27.87 -4.67 1.67
C ARG B 275 27.60 -5.80 2.67
N ASN B 276 27.98 -7.02 2.29
CA ASN B 276 27.73 -8.21 3.10
C ASN B 276 29.07 -8.68 3.68
N HIS B 277 29.31 -8.35 4.95
CA HIS B 277 30.50 -8.79 5.66
C HIS B 277 30.16 -9.76 6.78
N ALA B 278 28.95 -10.33 6.75
CA ALA B 278 28.41 -11.07 7.88
C ALA B 278 28.56 -12.57 7.69
N THR B 279 28.96 -13.26 8.76
CA THR B 279 28.94 -14.71 8.80
C THR B 279 27.58 -15.18 9.26
N ILE B 280 26.80 -15.77 8.36
CA ILE B 280 25.41 -16.13 8.62
C ILE B 280 25.39 -17.51 9.25
N ILE B 281 25.05 -17.58 10.53
CA ILE B 281 24.91 -18.84 11.26
C ILE B 281 23.44 -19.09 11.49
N ILE B 282 22.98 -20.28 11.08
CA ILE B 282 21.55 -20.61 11.11
C ILE B 282 21.32 -21.54 12.28
N ASP B 283 20.51 -21.09 13.24
CA ASP B 283 20.15 -21.90 14.38
C ASP B 283 18.90 -22.73 14.06
N THR B 284 19.01 -24.05 14.17
CA THR B 284 17.90 -24.93 13.84
C THR B 284 17.95 -26.15 14.75
N ASN B 285 16.81 -26.85 14.82
CA ASN B 285 16.67 -28.06 15.60
C ASN B 285 16.40 -29.29 14.75
N TYR B 286 16.29 -29.13 13.43
CA TYR B 286 16.00 -30.23 12.52
C TYR B 286 17.04 -30.26 11.41
N LYS B 287 17.04 -31.36 10.65
CA LYS B 287 17.90 -31.42 9.48
C LYS B 287 17.30 -30.60 8.35
N PRO B 288 18.08 -29.72 7.72
CA PRO B 288 17.53 -28.81 6.72
C PRO B 288 17.01 -29.53 5.48
N VAL B 289 15.95 -28.97 4.91
CA VAL B 289 15.35 -29.45 3.68
C VAL B 289 15.20 -28.26 2.74
N PHE B 290 15.77 -28.36 1.55
CA PHE B 290 15.84 -27.25 0.60
C PHE B 290 14.91 -27.49 -0.58
N ASP B 291 14.78 -26.46 -1.41
CA ASP B 291 13.95 -26.53 -2.60
C ASP B 291 14.75 -26.93 -3.84
N ARG B 292 15.99 -26.48 -3.93
CA ARG B 292 16.87 -26.82 -5.05
C ARG B 292 18.22 -27.29 -4.50
N ILE B 293 18.76 -28.35 -5.08
CA ILE B 293 20.02 -28.95 -4.64
C ILE B 293 20.94 -29.08 -5.85
N ASP B 294 22.17 -28.62 -5.69
CA ASP B 294 23.18 -28.73 -6.75
C ASP B 294 24.55 -28.67 -6.10
N ASN B 295 25.60 -28.78 -6.93
CA ASN B 295 26.96 -28.74 -6.41
C ASN B 295 27.32 -27.39 -5.81
N ALA B 296 26.82 -26.30 -6.39
CA ALA B 296 27.11 -24.98 -5.85
C ALA B 296 26.58 -24.83 -4.43
N LEU B 297 25.34 -25.27 -4.19
CA LEU B 297 24.79 -25.21 -2.84
C LEU B 297 25.53 -26.14 -1.90
N MET B 298 25.90 -27.34 -2.36
CA MET B 298 26.66 -28.26 -1.52
C MET B 298 28.02 -27.70 -1.14
N ARG B 299 28.61 -26.87 -2.00
CA ARG B 299 29.84 -26.16 -1.66
C ARG B 299 29.59 -24.87 -0.90
N ARG B 300 28.33 -24.42 -0.83
CA ARG B 300 27.97 -23.21 -0.11
C ARG B 300 27.52 -23.45 1.32
N ILE B 301 27.38 -24.70 1.76
CA ILE B 301 26.75 -25.02 3.03
C ILE B 301 27.72 -25.81 3.89
N ALA B 302 27.94 -25.33 5.12
CA ALA B 302 28.64 -26.07 6.16
C ALA B 302 27.70 -26.31 7.33
N VAL B 303 27.90 -27.43 8.02
CA VAL B 303 27.02 -27.83 9.11
C VAL B 303 27.85 -28.07 10.36
N VAL B 304 27.46 -27.43 11.46
CA VAL B 304 28.10 -27.62 12.75
C VAL B 304 27.08 -28.27 13.68
N ARG B 305 27.34 -29.52 14.08
CA ARG B 305 26.43 -30.24 14.95
C ARG B 305 26.67 -29.88 16.41
N PHE B 306 25.60 -29.99 17.20
CA PHE B 306 25.67 -29.82 18.65
C PHE B 306 25.21 -31.12 19.30
N ARG B 307 26.12 -31.77 20.02
CA ARG B 307 25.88 -33.10 20.56
C ARG B 307 26.15 -33.15 22.06
N THR B 308 25.78 -32.10 22.79
CA THR B 308 25.96 -32.08 24.24
C THR B 308 24.80 -31.30 24.86
N HIS B 309 23.93 -32.02 25.56
CA HIS B 309 22.79 -31.41 26.24
C HIS B 309 23.18 -30.99 27.66
N PHE B 310 22.39 -30.07 28.22
CA PHE B 310 22.59 -29.58 29.58
C PHE B 310 21.23 -29.62 30.28
N SER B 311 20.93 -30.75 30.91
CA SER B 311 19.65 -30.91 31.60
C SER B 311 19.54 -29.96 32.80
N TYR B 325 22.89 -37.32 21.83
CA TYR B 325 24.03 -36.42 22.00
C TYR B 325 25.33 -37.21 22.13
N ASP B 326 26.38 -36.53 22.58
CA ASP B 326 27.63 -37.17 22.94
C ASP B 326 28.00 -36.99 24.41
N LYS B 327 27.26 -36.17 25.14
CA LYS B 327 27.56 -35.87 26.53
C LYS B 327 26.37 -35.15 27.14
N VAL B 328 26.02 -35.50 28.37
CA VAL B 328 24.87 -34.91 29.07
C VAL B 328 25.34 -34.42 30.43
N LYS B 329 25.12 -33.14 30.71
CA LYS B 329 25.48 -32.53 31.98
C LYS B 329 24.26 -31.82 32.58
N LEU B 330 24.49 -31.11 33.68
CA LEU B 330 23.45 -30.40 34.38
C LEU B 330 23.35 -28.96 33.88
N LEU B 331 22.20 -28.34 34.12
CA LEU B 331 21.94 -26.99 33.66
C LEU B 331 22.58 -25.95 34.58
N ASP B 332 23.14 -24.91 33.99
CA ASP B 332 23.70 -23.77 34.72
C ASP B 332 22.73 -22.60 34.53
N GLU B 333 21.82 -22.42 35.49
CA GLU B 333 20.80 -21.39 35.36
C GLU B 333 21.39 -19.99 35.48
N GLY B 334 22.47 -19.83 36.25
CA GLY B 334 23.09 -18.54 36.43
C GLY B 334 24.05 -18.12 35.33
N LEU B 335 24.21 -18.94 34.29
CA LEU B 335 25.12 -18.60 33.21
C LEU B 335 24.62 -17.41 32.41
N ASP B 336 23.31 -17.35 32.15
CA ASP B 336 22.78 -16.30 31.29
C ASP B 336 22.93 -14.92 31.91
N GLY B 337 22.84 -14.82 33.23
CA GLY B 337 23.00 -13.52 33.88
C GLY B 337 24.37 -12.90 33.66
N LYS B 338 25.42 -13.72 33.68
CA LYS B 338 26.76 -13.22 33.39
C LYS B 338 26.89 -12.78 31.95
N ILE B 339 26.25 -13.50 31.02
CA ILE B 339 26.28 -13.10 29.61
C ILE B 339 25.59 -11.77 29.41
N GLN B 340 24.41 -11.60 30.03
CA GLN B 340 23.67 -10.34 29.91
C GLN B 340 24.42 -9.19 30.56
N ASN B 341 25.25 -9.48 31.56
CA ASN B 341 26.08 -8.46 32.20
C ASN B 341 27.43 -8.30 31.51
N ASN B 342 27.66 -9.02 30.42
CA ASN B 342 28.89 -8.90 29.63
C ASN B 342 30.13 -9.24 30.46
N ARG B 343 29.99 -10.17 31.40
CA ARG B 343 31.13 -10.61 32.18
C ARG B 343 32.14 -11.35 31.30
N TYR B 344 31.65 -12.20 30.40
CA TYR B 344 32.49 -12.96 29.48
C TYR B 344 32.57 -12.31 28.10
N ARG B 345 32.42 -10.98 28.02
CA ARG B 345 32.50 -10.30 26.73
C ARG B 345 33.92 -10.30 26.21
N PHE B 346 34.85 -9.72 26.98
CA PHE B 346 36.24 -9.64 26.55
C PHE B 346 36.93 -11.00 26.52
N ALA B 347 36.53 -11.92 27.40
CA ALA B 347 37.07 -13.28 27.32
C ALA B 347 36.66 -13.96 26.01
N PHE B 348 35.39 -13.82 25.64
CA PHE B 348 34.95 -14.38 24.36
C PHE B 348 35.63 -13.68 23.20
N LEU B 349 35.86 -12.37 23.32
CA LEU B 349 36.59 -11.65 22.27
C LEU B 349 38.01 -12.18 22.13
N TYR B 350 38.68 -12.43 23.25
CA TYR B 350 40.03 -12.99 23.22
C TYR B 350 40.03 -14.37 22.59
N LEU B 351 39.04 -15.19 22.93
CA LEU B 351 38.91 -16.50 22.30
C LEU B 351 38.70 -16.40 20.80
N LEU B 352 37.84 -15.47 20.37
CA LEU B 352 37.59 -15.27 18.95
C LEU B 352 38.85 -14.81 18.22
N VAL B 353 39.61 -13.90 18.85
CA VAL B 353 40.85 -13.43 18.25
C VAL B 353 41.86 -14.57 18.12
N LYS B 354 41.96 -15.40 19.16
CA LYS B 354 42.88 -16.54 19.11
C LYS B 354 42.47 -17.52 18.03
N TRP B 355 41.17 -17.79 17.89
CA TRP B 355 40.69 -18.66 16.82
C TRP B 355 40.97 -18.06 15.44
N TYR B 356 40.77 -16.75 15.28
CA TYR B 356 41.06 -16.10 14.01
C TYR B 356 42.55 -16.22 13.66
N LYS B 357 43.41 -16.00 14.65
CA LYS B 357 44.84 -16.18 14.42
C LYS B 357 45.19 -17.62 14.08
N LYS B 358 44.51 -18.58 14.70
CA LYS B 358 44.81 -19.98 14.48
C LYS B 358 44.37 -20.45 13.09
N TYR B 359 43.21 -19.98 12.62
CA TYR B 359 42.64 -20.51 11.38
C TYR B 359 42.68 -19.51 10.24
N HIS B 360 42.11 -18.31 10.40
CA HIS B 360 41.89 -17.39 9.29
C HIS B 360 43.06 -16.46 9.03
N VAL B 361 44.10 -16.48 9.85
CA VAL B 361 45.31 -15.71 9.63
C VAL B 361 46.29 -16.58 8.83
N PRO B 362 46.80 -16.11 7.69
CA PRO B 362 46.55 -14.81 7.06
C PRO B 362 45.44 -14.82 6.02
N ILE B 363 44.87 -15.98 5.69
CA ILE B 363 43.91 -16.12 4.60
C ILE B 363 42.59 -16.64 5.17
N MET B 364 41.49 -15.97 4.82
CA MET B 364 40.17 -16.45 5.19
C MET B 364 39.83 -17.73 4.45
N LYS B 365 39.39 -18.74 5.19
CA LYS B 365 39.02 -20.03 4.62
C LYS B 365 37.68 -20.48 5.19
N LEU B 366 36.77 -20.88 4.29
CA LEU B 366 35.45 -21.38 4.66
C LEU B 366 35.15 -22.57 3.77
N TYR B 367 35.41 -23.78 4.28
CA TYR B 367 35.19 -24.96 3.46
C TYR B 367 33.88 -25.65 3.85
N PRO B 368 33.10 -26.09 2.87
CA PRO B 368 31.81 -26.71 3.15
C PRO B 368 31.94 -28.11 3.75
N THR B 369 30.88 -28.52 4.43
CA THR B 369 30.74 -29.87 4.96
C THR B 369 29.39 -30.42 4.55
N PRO B 370 29.19 -30.70 3.26
CA PRO B 370 27.90 -31.25 2.81
C PRO B 370 27.64 -32.67 3.26
N GLU B 371 28.66 -33.39 3.72
CA GLU B 371 28.48 -34.77 4.18
C GLU B 371 27.66 -34.87 5.44
N GLU B 372 27.39 -33.76 6.13
CA GLU B 372 26.59 -33.77 7.34
C GLU B 372 25.10 -33.68 7.06
N ILE B 373 24.70 -33.52 5.80
CA ILE B 373 23.29 -33.46 5.40
C ILE B 373 22.99 -34.69 4.58
N PRO B 374 21.96 -35.47 4.92
CA PRO B 374 21.64 -36.67 4.12
C PRO B 374 21.34 -36.36 2.66
N ASP B 375 20.66 -35.26 2.37
CA ASP B 375 20.37 -34.91 0.99
C ASP B 375 21.65 -34.62 0.21
N PHE B 376 22.54 -33.82 0.79
CA PHE B 376 23.80 -33.51 0.14
C PHE B 376 24.71 -34.72 0.05
N ALA B 377 24.71 -35.58 1.06
CA ALA B 377 25.47 -36.83 0.96
C ALA B 377 24.96 -37.71 -0.15
N PHE B 378 23.64 -37.83 -0.30
CA PHE B 378 23.05 -38.59 -1.40
C PHE B 378 23.47 -38.00 -2.74
N TYR B 379 23.39 -36.67 -2.86
CA TYR B 379 23.76 -36.03 -4.12
C TYR B 379 25.23 -36.19 -4.44
N LEU B 380 26.11 -36.12 -3.44
CA LEU B 380 27.53 -36.34 -3.68
C LEU B 380 27.81 -37.77 -4.10
N LYS B 381 27.20 -38.75 -3.42
CA LYS B 381 27.41 -40.14 -3.78
C LYS B 381 26.83 -40.44 -5.16
N ILE B 382 25.78 -39.72 -5.56
CA ILE B 382 25.28 -39.82 -6.94
C ILE B 382 26.30 -39.26 -7.92
N GLY B 383 26.66 -37.98 -7.73
CA GLY B 383 27.56 -37.31 -8.65
C GLY B 383 28.91 -38.00 -8.82
N THR B 384 29.38 -38.70 -7.78
CA THR B 384 30.58 -39.51 -7.94
C THR B 384 30.34 -40.67 -8.89
N LEU B 385 29.25 -41.41 -8.69
CA LEU B 385 28.96 -42.59 -9.47
C LEU B 385 28.06 -42.33 -10.67
N LEU B 386 27.62 -41.09 -10.89
CA LEU B 386 26.71 -40.79 -11.99
C LEU B 386 27.25 -39.66 -12.86
N VAL B 387 28.51 -39.77 -13.28
CA VAL B 387 29.09 -38.76 -14.16
C VAL B 387 28.26 -38.65 -15.43
N SER B 388 27.95 -37.41 -15.82
CA SER B 388 27.09 -37.16 -16.97
C SER B 388 27.79 -37.56 -18.26
N SER B 389 27.00 -38.10 -19.19
CA SER B 389 27.53 -38.50 -20.48
C SER B 389 28.01 -37.29 -21.27
N SER B 390 29.01 -37.52 -22.11
CA SER B 390 29.62 -36.46 -22.90
C SER B 390 30.16 -37.06 -24.19
N VAL B 391 30.78 -36.21 -25.01
CA VAL B 391 31.40 -36.67 -26.25
C VAL B 391 32.55 -37.63 -25.94
N LYS B 392 33.30 -37.36 -24.87
CA LYS B 392 34.38 -38.25 -24.48
C LYS B 392 33.85 -39.63 -24.07
N HIS B 393 32.59 -39.70 -23.61
CA HIS B 393 31.98 -40.96 -23.23
C HIS B 393 31.38 -41.72 -24.41
N ILE B 394 31.29 -41.09 -25.59
CA ILE B 394 30.75 -41.77 -26.76
C ILE B 394 31.61 -42.96 -27.18
N PRO B 395 32.95 -42.85 -27.27
CA PRO B 395 33.75 -44.02 -27.68
C PRO B 395 33.66 -45.20 -26.72
N LEU B 396 33.00 -45.07 -25.57
CA LEU B 396 32.80 -46.19 -24.66
C LEU B 396 31.67 -47.12 -25.12
N MET B 397 30.96 -46.76 -26.19
CA MET B 397 29.87 -47.58 -26.68
C MET B 397 30.30 -48.99 -27.08
N THR B 398 31.54 -49.16 -27.53
CA THR B 398 32.01 -50.48 -27.93
C THR B 398 31.88 -51.49 -26.80
N ASP B 399 32.09 -51.05 -25.56
CA ASP B 399 31.93 -51.91 -24.39
C ASP B 399 30.59 -51.72 -23.69
N LEU B 400 29.93 -50.58 -23.88
CA LEU B 400 28.66 -50.33 -23.22
C LEU B 400 27.44 -50.81 -24.00
N SER B 401 27.62 -51.27 -25.24
CA SER B 401 26.48 -51.79 -26.00
C SER B 401 25.94 -53.08 -25.39
N LYS B 402 26.83 -53.95 -24.92
CA LYS B 402 26.43 -55.20 -24.27
C LYS B 402 26.22 -55.03 -22.77
N LYS B 403 26.38 -53.82 -22.24
CA LYS B 403 26.22 -53.54 -20.83
C LYS B 403 24.92 -52.81 -20.51
N GLY B 404 24.00 -52.72 -21.48
CA GLY B 404 22.70 -52.12 -21.28
C GLY B 404 22.58 -50.68 -21.73
N TYR B 405 23.70 -50.03 -22.07
CA TYR B 405 23.66 -48.63 -22.50
C TYR B 405 23.33 -48.55 -23.98
N ILE B 406 22.12 -48.07 -24.28
CA ILE B 406 21.70 -47.85 -25.66
C ILE B 406 22.04 -46.43 -26.07
N LEU B 407 22.56 -46.27 -27.28
CA LEU B 407 23.01 -44.98 -27.78
C LEU B 407 21.81 -44.24 -28.38
N TYR B 408 21.39 -43.17 -27.71
CA TYR B 408 20.27 -42.34 -28.18
C TYR B 408 20.76 -40.92 -28.36
N ASP B 409 20.58 -40.39 -29.57
CA ASP B 409 20.96 -39.02 -29.92
C ASP B 409 22.45 -38.77 -29.63
N ASN B 410 23.27 -39.78 -29.94
CA ASN B 410 24.73 -39.71 -29.73
C ASN B 410 25.06 -39.44 -28.26
N VAL B 411 24.22 -39.96 -27.38
CA VAL B 411 24.42 -39.85 -25.93
C VAL B 411 24.28 -41.24 -25.32
N VAL B 412 25.20 -41.57 -24.42
CA VAL B 412 25.15 -42.85 -23.71
C VAL B 412 23.98 -42.80 -22.74
N THR B 413 22.93 -43.55 -23.04
CA THR B 413 21.69 -43.52 -22.28
C THR B 413 21.47 -44.85 -21.58
N LEU B 414 21.07 -44.78 -20.30
CA LEU B 414 20.78 -45.95 -19.48
C LEU B 414 19.27 -46.04 -19.21
N PRO B 415 18.67 -47.21 -19.37
CA PRO B 415 17.23 -47.34 -19.13
C PRO B 415 16.87 -47.02 -17.69
N LEU B 416 15.66 -46.48 -17.53
CA LEU B 416 15.19 -46.08 -16.19
C LEU B 416 15.08 -47.28 -15.26
N THR B 417 14.58 -48.41 -15.75
CA THR B 417 14.47 -49.61 -14.91
C THR B 417 15.85 -50.07 -14.45
N THR B 418 16.82 -50.12 -15.37
CA THR B 418 18.18 -50.48 -14.99
C THR B 418 18.78 -49.45 -14.04
N PHE B 419 18.53 -48.16 -14.27
CA PHE B 419 19.05 -47.13 -13.38
C PHE B 419 18.50 -47.30 -11.97
N GLN B 420 17.21 -47.59 -11.83
CA GLN B 420 16.63 -47.81 -10.51
C GLN B 420 17.15 -49.08 -9.86
N GLN B 421 17.24 -50.18 -10.62
CA GLN B 421 17.75 -51.43 -10.06
C GLN B 421 19.20 -51.30 -9.62
N LYS B 422 19.98 -50.42 -10.27
CA LYS B 422 21.36 -50.22 -9.88
C LYS B 422 21.51 -49.21 -8.75
N ILE B 423 20.68 -48.17 -8.72
CA ILE B 423 20.74 -47.20 -7.62
C ILE B 423 20.20 -47.80 -6.33
N SER B 424 19.34 -48.81 -6.40
CA SER B 424 18.93 -49.51 -5.19
C SER B 424 20.04 -50.32 -4.55
N LYS B 425 21.11 -50.61 -5.30
CA LYS B 425 22.23 -51.38 -4.75
C LYS B 425 23.12 -50.54 -3.84
N TYR B 426 23.32 -49.27 -4.16
CA TYR B 426 24.23 -48.40 -3.41
C TYR B 426 23.53 -47.55 -2.36
N PHE B 427 22.28 -47.16 -2.62
CA PHE B 427 21.52 -46.33 -1.69
C PHE B 427 20.37 -47.14 -1.10
N ASN B 428 20.06 -46.86 0.16
CA ASN B 428 18.90 -47.46 0.81
C ASN B 428 17.65 -46.88 0.18
N SER B 429 17.04 -47.62 -0.75
CA SER B 429 15.86 -47.12 -1.45
C SER B 429 14.70 -46.83 -0.53
N ARG B 430 14.53 -47.61 0.53
CA ARG B 430 13.46 -47.35 1.49
C ARG B 430 13.66 -46.05 2.26
N LEU B 431 14.90 -45.73 2.64
CA LEU B 431 15.18 -44.46 3.29
C LEU B 431 15.21 -43.30 2.29
N PHE B 432 15.78 -43.54 1.09
CA PHE B 432 15.92 -42.50 0.08
C PHE B 432 14.83 -42.54 -0.97
N GLY B 433 13.63 -43.01 -0.62
CA GLY B 433 12.58 -43.12 -1.62
C GLY B 433 12.22 -41.79 -2.27
N HIS B 434 11.88 -40.79 -1.46
CA HIS B 434 11.51 -39.49 -2.01
C HIS B 434 12.67 -38.83 -2.74
N ASP B 435 13.89 -38.94 -2.21
CA ASP B 435 15.04 -38.36 -2.86
C ASP B 435 15.29 -38.98 -4.23
N ILE B 436 15.23 -40.30 -4.34
CA ILE B 436 15.43 -40.97 -5.62
C ILE B 436 14.31 -40.61 -6.59
N GLU B 437 13.07 -40.56 -6.09
CA GLU B 437 11.94 -40.19 -6.95
C GLU B 437 12.09 -38.78 -7.50
N SER B 438 12.48 -37.83 -6.65
CA SER B 438 12.70 -36.45 -7.11
C SER B 438 13.86 -36.35 -8.08
N PHE B 439 14.96 -37.05 -7.81
CA PHE B 439 16.09 -37.03 -8.74
C PHE B 439 15.70 -37.61 -10.09
N ILE B 440 14.93 -38.69 -10.11
CA ILE B 440 14.47 -39.27 -11.36
C ILE B 440 13.56 -38.29 -12.10
N ASN B 441 12.58 -37.73 -11.40
CA ASN B 441 11.65 -36.80 -12.03
C ASN B 441 12.32 -35.54 -12.53
N ARG B 442 13.46 -35.16 -11.94
CA ARG B 442 14.16 -33.95 -12.39
C ARG B 442 15.17 -34.22 -13.50
N HIS B 443 15.86 -35.35 -13.48
CA HIS B 443 16.99 -35.58 -14.38
C HIS B 443 16.76 -36.69 -15.40
N LYS B 444 15.52 -37.13 -15.61
CA LYS B 444 15.27 -38.16 -16.62
C LYS B 444 14.83 -37.53 -17.94
N LYS B 445 15.01 -38.29 -19.02
CA LYS B 445 14.53 -37.91 -20.34
C LYS B 445 13.84 -39.10 -20.99
N PHE B 446 12.79 -38.82 -21.74
CA PHE B 446 11.99 -39.84 -22.40
C PHE B 446 12.48 -40.04 -23.82
N ALA B 447 12.58 -41.31 -24.24
CA ALA B 447 13.00 -41.58 -25.61
C ALA B 447 11.91 -41.20 -26.60
N ASN B 448 10.75 -41.87 -26.54
CA ASN B 448 9.59 -41.45 -27.32
C ASN B 448 8.42 -41.09 -26.42
N VAL B 449 7.87 -42.04 -25.65
CA VAL B 449 6.85 -41.73 -24.66
C VAL B 449 7.16 -42.44 -23.34
N SER B 450 7.82 -43.60 -23.44
CA SER B 450 7.93 -44.50 -22.30
C SER B 450 9.34 -45.02 -22.03
N ASP B 451 10.20 -45.08 -23.04
CA ASP B 451 11.56 -45.60 -22.86
C ASP B 451 12.41 -44.53 -22.18
N GLU B 452 12.02 -44.20 -20.96
CA GLU B 452 12.67 -43.15 -20.19
C GLU B 452 14.10 -43.56 -19.86
N TYR B 453 15.03 -42.62 -20.02
CA TYR B 453 16.45 -42.86 -19.80
C TYR B 453 17.05 -41.71 -19.02
N LEU B 454 18.21 -41.97 -18.43
CA LEU B 454 19.00 -40.95 -17.74
C LEU B 454 20.39 -40.88 -18.35
N GLN B 455 20.88 -39.67 -18.55
CA GLN B 455 22.17 -39.44 -19.20
C GLN B 455 23.29 -39.37 -18.17
N TYR B 456 23.50 -40.51 -17.50
CA TYR B 456 24.54 -40.65 -16.49
C TYR B 456 25.12 -42.05 -16.57
N ILE B 457 26.43 -42.16 -16.36
CA ILE B 457 27.17 -43.41 -16.50
C ILE B 457 27.83 -43.75 -15.18
N PHE B 458 27.76 -45.02 -14.79
CA PHE B 458 28.45 -45.50 -13.60
C PHE B 458 29.96 -45.55 -13.83
N ILE B 459 30.71 -45.43 -12.73
CA ILE B 459 32.16 -45.59 -12.80
C ILE B 459 32.55 -47.02 -13.18
N GLU B 460 31.80 -48.01 -12.70
CA GLU B 460 32.07 -49.42 -13.00
C GLU B 460 31.88 -49.75 -14.48
N ASP B 461 31.42 -48.80 -15.30
CA ASP B 461 31.18 -49.04 -16.72
C ASP B 461 32.14 -48.33 -17.64
N ILE B 462 32.90 -47.36 -17.15
CA ILE B 462 33.89 -46.65 -17.97
C ILE B 462 34.98 -47.62 -18.42
N ALA C 1 28.55 37.94 10.81
CA ALA C 1 28.20 39.06 11.69
C ALA C 1 27.17 38.63 12.72
N MET C 2 27.63 37.90 13.74
CA MET C 2 26.77 37.41 14.80
C MET C 2 27.46 37.66 16.13
N GLY C 3 26.91 37.09 17.21
CA GLY C 3 27.42 37.29 18.54
C GLY C 3 28.34 36.16 18.99
N ASN C 4 29.22 36.49 19.93
CA ASN C 4 30.16 35.53 20.50
C ASN C 4 29.70 34.98 21.85
N LYS C 5 28.94 35.75 22.62
CA LYS C 5 28.49 35.31 23.93
C LYS C 5 27.55 34.11 23.85
N LEU C 6 26.89 33.90 22.71
CA LEU C 6 25.91 32.82 22.61
C LEU C 6 26.57 31.46 22.77
N PHE C 7 27.78 31.28 22.25
CA PHE C 7 28.49 30.02 22.45
C PHE C 7 28.80 29.80 23.93
N ASN C 8 29.14 30.86 24.66
CA ASN C 8 29.33 30.73 26.09
C ASN C 8 28.04 30.32 26.79
N ILE C 9 26.90 30.87 26.35
CA ILE C 9 25.62 30.47 26.92
C ILE C 9 25.35 28.99 26.65
N ALA C 10 25.64 28.53 25.43
CA ALA C 10 25.46 27.12 25.11
C ALA C 10 26.37 26.23 25.94
N GLN C 11 27.61 26.66 26.17
CA GLN C 11 28.51 25.89 27.02
C GLN C 11 28.00 25.82 28.45
N ARG C 12 27.50 26.94 28.97
CA ARG C 12 26.91 26.95 30.31
C ARG C 12 25.70 26.04 30.39
N ILE C 13 24.87 26.03 29.35
CA ILE C 13 23.71 25.14 29.33
C ILE C 13 24.14 23.68 29.34
N LEU C 14 25.15 23.34 28.52
CA LEU C 14 25.63 21.97 28.51
C LEU C 14 26.38 21.60 29.79
N ASP C 15 26.85 22.58 30.56
CA ASP C 15 27.49 22.28 31.83
C ASP C 15 26.50 21.63 32.80
N THR C 16 25.26 22.12 32.84
CA THR C 16 24.25 21.56 33.72
C THR C 16 23.75 20.19 33.28
N ASN C 17 24.10 19.75 32.07
CA ASN C 17 23.65 18.47 31.52
C ASN C 17 22.12 18.40 31.50
N SER C 18 21.48 19.53 31.21
CA SER C 18 20.03 19.58 31.11
C SER C 18 19.50 19.09 29.77
N VAL C 19 20.38 18.86 28.79
CA VAL C 19 19.98 18.35 27.49
C VAL C 19 20.93 17.23 27.11
N LEU C 20 20.38 16.09 26.68
CA LEU C 20 21.17 14.93 26.33
C LEU C 20 20.72 14.39 24.98
N LEU C 21 21.65 13.73 24.30
CA LEU C 21 21.38 13.10 23.02
C LEU C 21 21.21 11.60 23.22
N THR C 22 20.05 11.08 22.82
CA THR C 22 19.77 9.66 23.01
C THR C 22 20.53 8.82 21.99
N GLU C 23 20.53 7.51 22.22
CA GLU C 23 21.14 6.57 21.29
C GLU C 23 20.39 6.52 19.97
N ARG C 24 19.12 6.92 19.97
CA ARG C 24 18.30 6.95 18.76
C ARG C 24 18.48 8.24 17.98
N GLY C 25 19.45 9.08 18.34
CA GLY C 25 19.63 10.34 17.65
C GLY C 25 18.59 11.38 17.98
N ASP C 26 17.96 11.30 19.15
CA ASP C 26 16.95 12.24 19.58
C ASP C 26 17.46 13.02 20.78
N TYR C 27 16.96 14.25 20.92
CA TYR C 27 17.38 15.17 21.97
C TYR C 27 16.32 15.25 23.06
N ILE C 28 16.74 15.09 24.31
CA ILE C 28 15.85 15.21 25.45
C ILE C 28 16.25 16.43 26.26
N VAL C 29 15.28 16.97 27.01
CA VAL C 29 15.50 18.15 27.83
C VAL C 29 14.99 17.88 29.24
N TRP C 30 15.53 18.63 30.20
CA TRP C 30 15.18 18.51 31.61
C TRP C 30 14.48 19.79 32.03
N ILE C 31 13.15 19.79 31.98
CA ILE C 31 12.33 20.94 32.34
C ILE C 31 11.28 20.49 33.34
N ASN C 32 10.99 21.34 34.32
CA ASN C 32 9.96 21.09 35.32
C ASN C 32 10.17 19.76 36.04
N ASN C 33 11.43 19.48 36.38
CA ASN C 33 11.81 18.28 37.10
C ASN C 33 11.32 17.02 36.37
N SER C 34 11.54 17.00 35.05
CA SER C 34 11.11 15.88 34.23
C SER C 34 11.88 15.90 32.92
N TRP C 35 12.34 14.72 32.48
CA TRP C 35 13.08 14.59 31.21
C TRP C 35 12.08 14.56 30.06
N LYS C 36 11.56 15.74 29.71
CA LYS C 36 10.64 15.84 28.59
C LYS C 36 11.37 15.60 27.27
N PHE C 37 10.68 14.99 26.33
CA PHE C 37 11.27 14.58 25.07
C PHE C 37 10.21 14.62 23.98
N ASN C 38 10.60 15.11 22.80
CA ASN C 38 9.69 15.21 21.67
C ASN C 38 10.50 15.18 20.38
N SER C 39 10.26 14.17 19.54
CA SER C 39 10.97 14.07 18.26
C SER C 39 10.42 15.03 17.22
N GLU C 40 9.12 15.32 17.28
CA GLU C 40 8.51 16.18 16.27
C GLU C 40 9.02 17.61 16.40
N GLU C 41 8.77 18.25 17.54
CA GLU C 41 9.24 19.59 17.80
C GLU C 41 10.41 19.56 18.78
N PRO C 42 11.58 20.08 18.40
CA PRO C 42 12.72 20.10 19.34
C PRO C 42 12.41 20.99 20.53
N LEU C 43 12.61 20.44 21.73
CA LEU C 43 12.32 21.14 22.97
C LEU C 43 13.52 21.92 23.49
N ILE C 44 14.61 21.98 22.73
CA ILE C 44 15.79 22.71 23.18
C ILE C 44 15.48 24.19 23.39
N THR C 45 14.71 24.79 22.49
CA THR C 45 14.35 26.20 22.64
C THR C 45 13.57 26.44 23.93
N LYS C 46 12.61 25.55 24.23
CA LYS C 46 11.88 25.65 25.48
C LYS C 46 12.81 25.47 26.68
N LEU C 47 13.78 24.56 26.58
CA LEU C 47 14.73 24.38 27.67
C LEU C 47 15.53 25.65 27.91
N ILE C 48 15.98 26.30 26.84
CA ILE C 48 16.74 27.53 26.98
C ILE C 48 15.88 28.62 27.60
N LEU C 49 14.64 28.76 27.12
CA LEU C 49 13.75 29.76 27.68
C LEU C 49 13.45 29.48 29.14
N SER C 50 13.43 28.22 29.54
CA SER C 50 13.18 27.88 30.94
C SER C 50 14.39 28.20 31.81
N ILE C 51 15.58 27.84 31.35
CA ILE C 51 16.78 27.94 32.18
C ILE C 51 17.51 29.27 31.98
N ARG C 52 16.90 30.20 31.23
CA ARG C 52 17.42 31.57 31.22
C ARG C 52 17.49 32.15 32.62
N HIS C 53 16.60 31.71 33.52
CA HIS C 53 16.59 32.25 34.87
C HIS C 53 17.76 31.75 35.70
N GLN C 54 18.31 30.58 35.37
CA GLN C 54 19.43 30.01 36.10
C GLN C 54 20.78 30.51 35.59
N LEU C 55 20.79 31.63 34.88
CA LEU C 55 21.99 32.20 34.28
C LEU C 55 22.12 33.67 34.67
N PRO C 56 23.32 34.25 34.56
CA PRO C 56 23.47 35.67 34.90
C PRO C 56 22.59 36.55 34.04
N LYS C 57 22.32 37.76 34.57
CA LYS C 57 21.42 38.69 33.88
C LYS C 57 21.93 39.05 32.49
N GLU C 58 23.24 39.00 32.28
CA GLU C 58 23.79 39.34 30.98
C GLU C 58 23.42 38.33 29.89
N TYR C 59 22.93 37.15 30.28
CA TYR C 59 22.61 36.10 29.32
C TYR C 59 21.11 35.92 29.10
N SER C 60 20.29 36.17 30.12
CA SER C 60 18.85 36.06 29.95
C SER C 60 18.33 37.05 28.92
N SER C 61 18.84 38.29 28.94
CA SER C 61 18.45 39.27 27.95
C SER C 61 18.82 38.81 26.53
N GLU C 62 20.00 38.21 26.38
CA GLU C 62 20.38 37.65 25.09
C GLU C 62 19.43 36.53 24.68
N LEU C 63 19.05 35.68 25.62
CA LEU C 63 18.20 34.53 25.33
C LEU C 63 16.74 34.91 25.09
N LEU C 64 16.32 36.12 25.49
CA LEU C 64 14.95 36.54 25.22
C LEU C 64 14.65 36.60 23.72
N CYS C 65 15.67 36.81 22.90
CA CYS C 65 15.49 36.89 21.46
C CYS C 65 15.36 35.51 20.85
N PRO C 66 14.27 35.20 20.14
CA PRO C 66 14.16 33.89 19.49
C PRO C 66 15.24 33.60 18.46
N ARG C 67 15.76 34.61 17.76
CA ARG C 67 16.85 34.38 16.82
C ARG C 67 18.10 33.90 17.55
N LYS C 68 18.50 34.62 18.59
CA LYS C 68 19.65 34.20 19.39
C LYS C 68 19.37 32.89 20.12
N ARG C 69 18.12 32.66 20.51
CA ARG C 69 17.78 31.40 21.17
C ARG C 69 17.94 30.23 20.20
N LYS C 70 17.50 30.39 18.95
CA LYS C 70 17.72 29.36 17.94
C LYS C 70 19.21 29.20 17.64
N THR C 71 19.97 30.28 17.68
CA THR C 71 21.42 30.19 17.52
C THR C 71 22.05 29.34 18.62
N VAL C 72 21.63 29.59 19.87
CA VAL C 72 22.12 28.80 21.00
C VAL C 72 21.70 27.34 20.87
N GLU C 73 20.47 27.12 20.37
CA GLU C 73 20.00 25.75 20.15
C GLU C 73 20.87 25.03 19.13
N ALA C 74 21.23 25.73 18.05
CA ALA C 74 22.13 25.13 17.05
C ALA C 74 23.50 24.84 17.65
N ASN C 75 24.02 25.77 18.48
CA ASN C 75 25.29 25.53 19.15
C ASN C 75 25.23 24.30 20.04
N ILE C 76 24.14 24.15 20.79
CA ILE C 76 23.96 22.99 21.66
C ILE C 76 23.89 21.71 20.83
N ARG C 77 23.15 21.74 19.72
CA ARG C 77 23.09 20.58 18.84
C ARG C 77 24.46 20.19 18.32
N ASP C 78 25.28 21.19 17.96
CA ASP C 78 26.64 20.92 17.51
C ASP C 78 27.49 20.35 18.63
N MET C 79 27.32 20.86 19.85
CA MET C 79 28.14 20.44 20.99
C MET C 79 27.77 19.05 21.51
N LEU C 80 26.53 18.61 21.33
CA LEU C 80 26.10 17.29 21.78
C LEU C 80 26.57 16.26 20.75
N VAL C 81 27.63 15.55 21.08
CA VAL C 81 28.23 14.56 20.18
C VAL C 81 28.06 13.15 20.72
N ASP C 82 28.41 12.93 21.99
CA ASP C 82 28.31 11.61 22.60
C ASP C 82 26.85 11.22 22.78
N SER C 83 26.41 10.18 22.05
CA SER C 83 25.04 9.71 22.10
C SER C 83 24.85 8.88 23.38
N VAL C 84 24.64 9.60 24.49
CA VAL C 84 24.50 8.94 25.79
C VAL C 84 23.13 8.26 25.86
N GLU C 85 23.14 6.97 26.16
CA GLU C 85 21.90 6.22 26.31
C GLU C 85 21.24 6.55 27.64
N THR C 86 19.94 6.30 27.72
CA THR C 86 19.13 6.65 28.86
C THR C 86 18.33 5.44 29.34
N ASP C 87 17.72 5.59 30.52
CA ASP C 87 16.90 4.55 31.14
C ASP C 87 17.72 3.28 31.37
N THR C 88 18.81 3.42 32.11
CA THR C 88 19.68 2.28 32.39
C THR C 88 19.13 1.43 33.54
N TYR C 89 18.94 2.06 34.69
CA TYR C 89 18.48 1.47 35.94
C TYR C 89 17.10 0.82 35.80
N PRO C 90 16.91 -0.37 36.34
CA PRO C 90 15.56 -0.97 36.33
C PRO C 90 14.82 -0.73 37.64
N ASP C 91 15.49 -0.15 38.63
CA ASP C 91 14.96 -0.02 39.98
C ASP C 91 14.45 1.38 40.29
N LYS C 92 14.25 2.21 39.28
CA LYS C 92 13.78 3.59 39.47
C LYS C 92 12.47 3.80 38.74
N LEU C 93 11.53 4.46 39.41
CA LEU C 93 10.21 4.74 38.87
C LEU C 93 10.04 6.24 38.66
N PRO C 94 9.88 6.70 37.42
CA PRO C 94 9.77 8.14 37.18
C PRO C 94 8.37 8.69 37.41
N PHE C 95 8.28 9.92 37.92
CA PHE C 95 7.00 10.58 38.14
C PHE C 95 7.02 11.97 37.51
N LYS C 96 5.88 12.67 37.54
CA LYS C 96 5.83 14.04 37.05
C LYS C 96 6.49 15.03 37.99
N ASN C 97 6.83 14.62 39.21
CA ASN C 97 7.54 15.45 40.16
C ASN C 97 8.95 14.98 40.44
N GLY C 98 9.36 13.84 39.87
CA GLY C 98 10.67 13.29 40.12
C GLY C 98 10.74 11.80 39.86
N VAL C 99 11.60 11.10 40.59
CA VAL C 99 11.79 9.66 40.42
C VAL C 99 11.66 8.98 41.79
N LEU C 100 10.87 7.92 41.84
CA LEU C 100 10.71 7.14 43.06
C LEU C 100 11.56 5.88 42.98
N ASP C 101 12.41 5.68 43.98
CA ASP C 101 13.29 4.51 44.01
C ASP C 101 12.55 3.29 44.54
N LEU C 102 12.95 2.12 44.05
CA LEU C 102 12.41 0.86 44.52
C LEU C 102 13.30 0.16 45.54
N VAL C 103 14.56 0.57 45.65
CA VAL C 103 15.46 -0.06 46.62
C VAL C 103 15.08 0.35 48.03
N ASP C 104 15.14 1.65 48.32
CA ASP C 104 14.83 2.16 49.65
C ASP C 104 13.40 2.70 49.75
N GLY C 105 12.72 2.90 48.62
CA GLY C 105 11.38 3.45 48.64
C GLY C 105 11.32 4.95 48.79
N MET C 106 12.44 5.64 48.76
CA MET C 106 12.48 7.10 48.86
C MET C 106 12.25 7.72 47.49
N PHE C 107 11.55 8.85 47.47
CA PHE C 107 11.22 9.55 46.23
C PHE C 107 12.19 10.70 46.04
N TYR C 108 12.80 10.77 44.86
CA TYR C 108 13.70 11.85 44.51
C TYR C 108 12.98 12.88 43.65
N SER C 109 13.48 14.12 43.72
CA SER C 109 12.89 15.22 42.97
C SER C 109 13.97 16.26 42.70
N GLY C 110 13.73 17.11 41.70
CA GLY C 110 14.69 18.14 41.37
C GLY C 110 15.97 17.56 40.81
N ASP C 111 17.11 18.14 41.22
CA ASP C 111 18.40 17.66 40.75
C ASP C 111 18.69 16.23 41.18
N ASP C 112 18.10 15.77 42.28
CA ASP C 112 18.24 14.37 42.67
C ASP C 112 17.64 13.45 41.61
N ALA C 113 16.47 13.81 41.07
CA ALA C 113 15.91 13.07 39.96
C ALA C 113 16.64 13.34 38.65
N LYS C 114 17.29 14.50 38.53
CA LYS C 114 18.03 14.82 37.32
C LYS C 114 19.20 13.85 37.10
N LYS C 115 19.74 13.28 38.18
CA LYS C 115 20.77 12.25 38.04
C LYS C 115 20.26 11.08 37.22
N TYR C 116 18.95 10.83 37.27
CA TYR C 116 18.33 9.78 36.48
C TYR C 116 17.75 10.38 35.21
N THR C 117 17.91 9.66 34.09
CA THR C 117 17.45 10.10 32.77
C THR C 117 16.40 9.12 32.29
N CYS C 118 15.14 9.40 32.61
CA CYS C 118 14.02 8.54 32.26
C CYS C 118 13.35 9.05 31.00
N THR C 119 13.16 8.16 30.03
CA THR C 119 12.52 8.55 28.77
C THR C 119 11.05 8.89 28.97
N VAL C 120 10.38 8.22 29.92
CA VAL C 120 8.96 8.39 30.16
C VAL C 120 8.74 8.65 31.65
N SER C 121 7.47 8.76 32.03
CA SER C 121 7.11 8.97 33.42
C SER C 121 5.76 8.31 33.68
N THR C 122 5.39 8.23 34.95
CA THR C 122 4.14 7.60 35.34
C THR C 122 2.92 8.41 34.91
N GLY C 123 3.10 9.64 34.46
CA GLY C 123 1.99 10.43 33.96
C GLY C 123 1.18 11.17 35.00
N PHE C 124 1.60 11.17 36.26
CA PHE C 124 0.91 11.94 37.28
C PHE C 124 1.92 12.37 38.35
N LYS C 125 1.56 13.42 39.07
CA LYS C 125 2.43 13.95 40.12
C LYS C 125 2.42 13.04 41.33
N PHE C 126 3.60 12.82 41.90
CA PHE C 126 3.74 11.99 43.09
C PHE C 126 3.25 12.74 44.32
N ASP C 127 2.72 11.97 45.28
CA ASP C 127 2.20 12.53 46.53
C ASP C 127 2.58 11.58 47.66
N ASP C 128 3.55 12.00 48.48
CA ASP C 128 3.95 11.18 49.62
C ASP C 128 2.86 11.09 50.68
N THR C 129 2.03 12.14 50.80
CA THR C 129 0.94 12.11 51.77
C THR C 129 -0.05 11.00 51.46
N LYS C 130 -0.40 10.82 50.19
CA LYS C 130 -1.25 9.71 49.78
C LYS C 130 -0.50 8.39 49.70
N PHE C 131 0.83 8.42 49.74
CA PHE C 131 1.65 7.22 49.67
C PHE C 131 1.98 6.76 51.10
N VAL C 132 0.94 6.34 51.81
CA VAL C 132 1.07 5.87 53.19
C VAL C 132 0.23 4.61 53.35
N GLU C 133 0.69 3.71 54.21
CA GLU C 133 -0.03 2.49 54.49
C GLU C 133 -1.19 2.73 55.46
N ASP C 134 -1.00 3.65 56.40
CA ASP C 134 -2.03 3.96 57.40
C ASP C 134 -3.09 4.86 56.76
N SER C 135 -4.02 4.22 56.03
CA SER C 135 -5.08 4.93 55.34
C SER C 135 -6.24 3.97 55.11
N PRO C 136 -7.49 4.43 55.18
CA PRO C 136 -8.61 3.53 54.90
C PRO C 136 -8.58 2.95 53.50
N GLU C 137 -8.10 3.70 52.51
CA GLU C 137 -8.02 3.20 51.14
C GLU C 137 -7.09 2.00 51.06
N MET C 138 -5.97 2.04 51.80
CA MET C 138 -5.05 0.91 51.81
C MET C 138 -5.72 -0.35 52.35
N GLU C 139 -6.45 -0.24 53.46
CA GLU C 139 -7.14 -1.40 54.01
C GLU C 139 -8.22 -1.91 53.07
N GLU C 140 -8.98 -1.00 52.47
CA GLU C 140 -10.03 -1.41 51.52
C GLU C 140 -9.43 -2.14 50.33
N LEU C 141 -8.32 -1.62 49.79
CA LEU C 141 -7.71 -2.25 48.63
C LEU C 141 -7.05 -3.58 49.01
N MET C 142 -6.48 -3.68 50.22
CA MET C 142 -5.96 -4.95 50.70
C MET C 142 -7.05 -5.99 50.79
N ASN C 143 -8.21 -5.61 51.32
CA ASN C 143 -9.35 -6.53 51.38
C ASN C 143 -9.80 -6.93 49.97
N ILE C 144 -9.84 -5.97 49.04
CA ILE C 144 -10.25 -6.28 47.67
C ILE C 144 -9.28 -7.26 47.03
N ILE C 145 -7.99 -7.04 47.21
CA ILE C 145 -6.98 -7.93 46.62
C ILE C 145 -7.07 -9.32 47.25
N ASN C 146 -7.24 -9.39 48.57
CA ASN C 146 -7.41 -10.67 49.23
C ASN C 146 -8.67 -11.39 48.75
N ASP C 147 -9.73 -10.65 48.41
CA ASP C 147 -10.89 -11.26 47.76
C ASP C 147 -10.51 -11.79 46.38
N ILE C 148 -9.72 -11.03 45.62
CA ILE C 148 -9.29 -11.48 44.31
C ILE C 148 -8.40 -12.70 44.43
N GLN C 149 -7.44 -12.67 45.36
CA GLN C 149 -6.54 -13.79 45.60
C GLN C 149 -6.46 -14.04 47.10
N PRO C 150 -7.08 -15.11 47.60
CA PRO C 150 -7.07 -15.35 49.05
C PRO C 150 -5.68 -15.67 49.58
N LEU C 151 -5.46 -15.32 50.84
CA LEU C 151 -4.21 -15.63 51.54
C LEU C 151 -4.26 -17.02 52.19
N THR C 152 -4.60 -18.03 51.40
CA THR C 152 -4.72 -19.39 51.88
C THR C 152 -3.56 -20.23 51.39
N ASP C 153 -3.24 -21.28 52.17
CA ASP C 153 -2.13 -22.16 51.82
C ASP C 153 -2.38 -22.88 50.51
N GLU C 154 -3.64 -23.23 50.22
CA GLU C 154 -3.96 -23.84 48.94
C GLU C 154 -3.71 -22.87 47.78
N ASN C 155 -3.91 -21.58 48.00
CA ASN C 155 -3.61 -20.55 47.02
C ASN C 155 -2.30 -19.83 47.29
N LYS C 156 -1.48 -20.35 48.21
CA LYS C 156 -0.27 -19.64 48.63
C LYS C 156 0.69 -19.44 47.47
N LYS C 157 0.97 -20.50 46.71
CA LYS C 157 1.89 -20.38 45.59
C LYS C 157 1.33 -19.46 44.50
N ASN C 158 0.05 -19.60 44.18
CA ASN C 158 -0.56 -18.75 43.16
C ASN C 158 -0.58 -17.28 43.60
N ARG C 159 -0.94 -17.03 44.86
CA ARG C 159 -0.94 -15.67 45.38
C ARG C 159 0.47 -15.07 45.38
N GLU C 160 1.47 -15.88 45.77
CA GLU C 160 2.84 -15.38 45.79
C GLU C 160 3.32 -15.07 44.39
N LEU C 161 3.01 -15.92 43.41
CA LEU C 161 3.40 -15.65 42.03
C LEU C 161 2.68 -14.41 41.49
N TYR C 162 1.41 -14.24 41.85
CA TYR C 162 0.66 -13.06 41.43
C TYR C 162 1.30 -11.79 41.97
N GLU C 163 1.66 -11.80 43.26
CA GLU C 163 2.33 -10.65 43.86
C GLU C 163 3.67 -10.40 43.19
N LYS C 164 4.44 -11.46 42.92
CA LYS C 164 5.73 -11.30 42.27
C LYS C 164 5.60 -10.69 40.89
N THR C 165 4.60 -11.14 40.12
CA THR C 165 4.38 -10.58 38.78
C THR C 165 3.97 -9.12 38.85
N LEU C 166 3.04 -8.79 39.75
CA LEU C 166 2.61 -7.40 39.87
C LEU C 166 3.76 -6.51 40.33
N SER C 167 4.65 -7.02 41.18
CA SER C 167 5.82 -6.24 41.58
C SER C 167 6.82 -6.10 40.44
N SER C 168 7.01 -7.16 39.64
CA SER C 168 7.90 -7.08 38.48
C SER C 168 7.37 -6.15 37.41
N CYS C 169 6.05 -5.88 37.41
CA CYS C 169 5.51 -4.85 36.52
C CYS C 169 6.17 -3.50 36.77
N LEU C 170 6.68 -3.27 37.99
CA LEU C 170 7.37 -2.02 38.28
C LEU C 170 8.76 -1.98 37.66
N CYS C 171 9.46 -3.11 37.67
CA CYS C 171 10.87 -3.14 37.27
C CYS C 171 11.03 -2.76 35.81
N GLY C 172 12.00 -1.89 35.52
CA GLY C 172 12.28 -1.48 34.17
C GLY C 172 13.38 -2.31 33.52
N ALA C 173 13.24 -3.62 33.57
CA ALA C 173 14.19 -4.55 32.98
C ALA C 173 13.47 -5.52 32.06
N THR C 174 14.26 -6.34 31.36
CA THR C 174 13.69 -7.31 30.43
C THR C 174 12.99 -8.43 31.19
N LYS C 175 11.81 -8.81 30.72
CA LYS C 175 11.07 -9.90 31.36
C LYS C 175 11.73 -11.24 31.05
N GLY C 176 11.96 -12.03 32.09
CA GLY C 176 12.62 -13.31 31.92
C GLY C 176 11.65 -14.47 31.80
N CYS C 177 10.37 -14.24 32.08
CA CYS C 177 9.39 -15.32 32.05
C CYS C 177 8.00 -14.71 31.86
N LEU C 178 7.35 -15.05 30.75
CA LEU C 178 6.01 -14.56 30.47
C LEU C 178 5.02 -15.07 31.52
N THR C 179 4.01 -14.26 31.82
CA THR C 179 3.01 -14.57 32.83
C THR C 179 1.62 -14.58 32.22
N PHE C 180 0.80 -15.52 32.66
CA PHE C 180 -0.57 -15.68 32.17
C PHE C 180 -1.54 -15.52 33.33
N PHE C 181 -2.68 -14.88 33.07
CA PHE C 181 -3.77 -14.80 34.03
C PHE C 181 -4.87 -15.75 33.57
N PHE C 182 -5.01 -16.87 34.26
CA PHE C 182 -5.98 -17.90 33.91
C PHE C 182 -7.17 -17.85 34.85
N GLY C 183 -8.36 -18.05 34.29
CA GLY C 183 -9.58 -18.07 35.06
C GLY C 183 -10.82 -17.97 34.19
N GLU C 184 -11.89 -17.42 34.73
CA GLU C 184 -13.11 -17.19 33.99
C GLU C 184 -13.29 -15.69 33.79
N THR C 185 -14.43 -15.29 33.21
CA THR C 185 -14.70 -13.88 32.99
C THR C 185 -14.99 -13.17 34.30
N ALA C 186 -14.35 -12.01 34.50
CA ALA C 186 -14.56 -11.17 35.67
C ALA C 186 -14.29 -11.92 36.98
N THR C 187 -13.19 -12.69 36.98
CA THR C 187 -12.74 -13.39 38.18
C THR C 187 -11.71 -12.59 38.97
N GLY C 188 -11.36 -11.39 38.51
CA GLY C 188 -10.38 -10.58 39.19
C GLY C 188 -9.27 -10.08 38.27
N LYS C 189 -9.22 -10.64 37.06
CA LYS C 189 -8.20 -10.25 36.11
C LYS C 189 -8.41 -8.82 35.62
N SER C 190 -9.64 -8.48 35.24
CA SER C 190 -9.92 -7.12 34.78
C SER C 190 -9.74 -6.10 35.88
N THR C 191 -10.15 -6.43 37.11
CA THR C 191 -9.94 -5.51 38.23
C THR C 191 -8.45 -5.27 38.47
N THR C 192 -7.65 -6.34 38.42
CA THR C 192 -6.21 -6.19 38.58
C THR C 192 -5.62 -5.33 37.47
N LYS C 193 -6.08 -5.55 36.23
CA LYS C 193 -5.60 -4.75 35.11
C LYS C 193 -5.92 -3.26 35.32
N ARG C 194 -7.16 -2.97 35.71
CA ARG C 194 -7.56 -1.58 35.92
C ARG C 194 -6.78 -0.94 37.07
N LEU C 195 -6.61 -1.67 38.18
CA LEU C 195 -5.86 -1.14 39.31
C LEU C 195 -4.40 -0.87 38.94
N LEU C 196 -3.77 -1.81 38.24
CA LEU C 196 -2.39 -1.62 37.83
C LEU C 196 -2.25 -0.46 36.87
N LYS C 197 -3.18 -0.33 35.91
CA LYS C 197 -3.12 0.78 34.98
C LYS C 197 -3.28 2.11 35.70
N SER C 198 -4.24 2.20 36.64
CA SER C 198 -4.40 3.44 37.40
C SER C 198 -3.19 3.72 38.27
N ALA C 199 -2.51 2.69 38.76
CA ALA C 199 -1.35 2.90 39.61
C ALA C 199 -0.16 3.42 38.82
N ILE C 200 0.12 2.82 37.65
CA ILE C 200 1.34 3.12 36.92
C ILE C 200 1.12 4.10 35.78
N GLY C 201 -0.10 4.60 35.59
CA GLY C 201 -0.30 5.69 34.64
C GLY C 201 0.07 5.33 33.23
N ASP C 202 0.82 6.22 32.58
CA ASP C 202 1.18 6.05 31.17
C ASP C 202 2.11 4.87 30.95
N LEU C 203 2.81 4.40 31.98
CA LEU C 203 3.67 3.23 31.83
C LEU C 203 2.89 1.99 31.46
N PHE C 204 1.60 1.95 31.78
CA PHE C 204 0.76 0.82 31.41
C PHE C 204 0.46 0.85 29.91
N VAL C 205 0.25 -0.33 29.35
CA VAL C 205 -0.21 -0.47 27.97
C VAL C 205 -1.05 -1.73 27.88
N GLU C 206 -2.04 -1.71 27.00
CA GLU C 206 -2.94 -2.84 26.77
C GLU C 206 -3.03 -3.13 25.28
N THR C 207 -3.18 -4.41 24.96
CA THR C 207 -3.23 -4.85 23.58
C THR C 207 -4.10 -6.09 23.49
N GLY C 208 -4.35 -6.52 22.26
CA GLY C 208 -5.19 -7.67 21.99
C GLY C 208 -4.41 -8.94 21.77
N GLN C 209 -4.92 -9.77 20.85
CA GLN C 209 -4.34 -11.06 20.53
C GLN C 209 -3.39 -11.02 19.34
N THR C 210 -3.15 -9.83 18.77
CA THR C 210 -2.35 -9.74 17.55
C THR C 210 -0.91 -10.16 17.80
N ILE C 211 -0.28 -9.60 18.83
CA ILE C 211 1.12 -9.91 19.12
C ILE C 211 1.33 -11.36 19.55
N LEU C 212 0.28 -12.02 20.05
CA LEU C 212 0.39 -13.41 20.48
C LEU C 212 0.00 -14.40 19.40
N THR C 213 -0.73 -13.96 18.38
CA THR C 213 -1.24 -14.86 17.36
C THR C 213 -0.77 -14.53 15.93
N ASP C 214 -0.12 -13.39 15.73
CA ASP C 214 0.28 -12.95 14.40
C ASP C 214 1.79 -12.70 14.35
N VAL C 215 2.28 -12.36 13.16
CA VAL C 215 3.69 -12.09 12.95
C VAL C 215 3.97 -10.64 13.30
N LEU C 216 4.99 -10.41 14.14
CA LEU C 216 5.30 -9.06 14.59
C LEU C 216 6.01 -8.26 13.50
N ASP C 217 7.18 -8.72 13.07
CA ASP C 217 8.03 -7.96 12.16
C ASP C 217 7.53 -8.14 10.73
N LYS C 218 6.56 -7.31 10.34
CA LYS C 218 6.07 -7.25 8.96
C LYS C 218 5.64 -5.82 8.69
N GLY C 219 6.55 -5.02 8.14
CA GLY C 219 6.29 -3.63 7.88
C GLY C 219 6.06 -2.86 9.15
N PRO C 220 5.17 -1.85 9.09
CA PRO C 220 4.84 -1.10 10.30
C PRO C 220 4.16 -1.98 11.34
N ASN C 221 4.42 -1.68 12.61
CA ASN C 221 3.82 -2.40 13.73
C ASN C 221 3.62 -1.42 14.87
N PRO C 222 2.51 -0.69 14.87
CA PRO C 222 2.26 0.29 15.95
C PRO C 222 2.14 -0.33 17.33
N PHE C 223 1.73 -1.60 17.44
CA PHE C 223 1.65 -2.24 18.74
C PHE C 223 3.01 -2.34 19.40
N ILE C 224 3.99 -2.88 18.70
CA ILE C 224 5.35 -2.98 19.23
C ILE C 224 5.94 -1.60 19.44
N ALA C 225 5.64 -0.65 18.55
CA ALA C 225 6.14 0.71 18.71
C ALA C 225 5.63 1.34 20.00
N ASN C 226 4.36 1.13 20.35
CA ASN C 226 3.84 1.65 21.60
C ASN C 226 4.35 0.85 22.81
N MET C 227 4.58 -0.45 22.65
CA MET C 227 5.05 -1.28 23.74
C MET C 227 6.48 -0.96 24.16
N HIS C 228 7.23 -0.23 23.35
CA HIS C 228 8.60 0.10 23.72
C HIS C 228 8.63 1.07 24.89
N LEU C 229 9.65 0.93 25.74
CA LEU C 229 9.85 1.79 26.91
C LEU C 229 8.66 1.75 27.86
N LYS C 230 7.96 0.63 27.89
CA LYS C 230 6.81 0.45 28.77
C LYS C 230 7.19 -0.37 30.00
N ARG C 231 6.29 -0.38 30.98
CA ARG C 231 6.52 -1.13 32.21
C ARG C 231 5.69 -2.39 32.32
N SER C 232 4.58 -2.49 31.59
CA SER C 232 3.74 -3.69 31.63
C SER C 232 2.88 -3.75 30.38
N VAL C 233 2.64 -4.96 29.90
CA VAL C 233 1.81 -5.22 28.72
C VAL C 233 0.69 -6.16 29.15
N PHE C 234 -0.55 -5.76 28.90
CA PHE C 234 -1.71 -6.60 29.21
C PHE C 234 -2.36 -7.05 27.90
N CYS C 235 -2.43 -8.36 27.70
CA CYS C 235 -2.97 -8.96 26.49
C CYS C 235 -4.26 -9.68 26.84
N SER C 236 -5.39 -9.03 26.58
CA SER C 236 -6.70 -9.62 26.80
C SER C 236 -7.21 -10.25 25.50
N GLU C 237 -8.49 -10.63 25.50
CA GLU C 237 -9.18 -11.16 24.33
C GLU C 237 -8.50 -12.41 23.79
N LEU C 238 -8.46 -13.44 24.63
CA LEU C 238 -7.94 -14.64 23.99
C LEU C 238 -9.08 -15.55 23.57
N PRO C 239 -9.01 -16.12 22.37
CA PRO C 239 -10.12 -16.90 21.83
C PRO C 239 -10.21 -18.29 22.45
N ASP C 240 -11.33 -18.94 22.19
CA ASP C 240 -11.53 -20.33 22.60
C ASP C 240 -10.61 -21.22 21.77
N PHE C 241 -9.54 -21.72 22.39
CA PHE C 241 -8.55 -22.48 21.65
C PHE C 241 -9.07 -23.84 21.19
N ALA C 242 -10.02 -24.43 21.93
CA ALA C 242 -10.61 -25.69 21.50
C ALA C 242 -11.41 -25.52 20.21
N CYS C 243 -12.11 -24.39 20.06
CA CYS C 243 -12.89 -24.15 18.86
C CYS C 243 -11.98 -23.91 17.67
N SER C 244 -12.47 -24.26 16.49
CA SER C 244 -11.71 -24.09 15.26
C SER C 244 -11.65 -22.62 14.86
N GLY C 245 -10.59 -22.27 14.14
CA GLY C 245 -10.38 -20.92 13.68
C GLY C 245 -9.59 -20.03 14.61
N SER C 246 -9.42 -20.43 15.87
CA SER C 246 -8.69 -19.66 16.85
C SER C 246 -7.20 -19.95 16.72
N LYS C 247 -6.40 -18.90 16.52
CA LYS C 247 -4.97 -19.07 16.37
C LYS C 247 -4.32 -19.46 17.69
N LYS C 248 -3.21 -20.17 17.59
CA LYS C 248 -2.44 -20.59 18.75
C LYS C 248 -1.49 -19.47 19.18
N ILE C 249 -1.10 -19.51 20.45
CA ILE C 249 -0.11 -18.58 20.97
C ILE C 249 1.24 -18.98 20.37
N ARG C 250 1.73 -18.20 19.41
CA ARG C 250 2.95 -18.54 18.69
C ARG C 250 4.15 -18.45 19.63
N SER C 251 4.85 -19.58 19.80
CA SER C 251 6.07 -19.58 20.61
C SER C 251 7.16 -18.70 20.01
N ASP C 252 7.16 -18.51 18.69
CA ASP C 252 8.08 -17.56 18.07
C ASP C 252 7.83 -16.15 18.59
N ASN C 253 6.55 -15.75 18.71
CA ASN C 253 6.23 -14.45 19.28
C ASN C 253 6.70 -14.35 20.73
N ILE C 254 6.50 -15.42 21.51
CA ILE C 254 6.91 -15.41 22.90
C ILE C 254 8.41 -15.23 23.02
N LYS C 255 9.18 -15.93 22.18
CA LYS C 255 10.62 -15.75 22.16
C LYS C 255 11.00 -14.36 21.63
N LYS C 256 10.13 -13.74 20.83
CA LYS C 256 10.42 -12.40 20.32
C LYS C 256 10.28 -11.34 21.39
N LEU C 257 9.22 -11.38 22.20
CA LEU C 257 9.03 -10.39 23.26
C LEU C 257 9.59 -10.87 24.59
N THR C 258 10.83 -11.37 24.57
CA THR C 258 11.55 -11.75 25.78
C THR C 258 13.01 -11.34 25.69
N GLU C 259 13.28 -10.25 24.96
CA GLU C 259 14.63 -9.76 24.76
C GLU C 259 14.71 -8.27 25.06
N PRO C 260 15.87 -7.78 25.52
CA PRO C 260 16.00 -6.34 25.80
C PRO C 260 15.76 -5.47 24.58
N CYS C 261 16.11 -5.95 23.39
CA CYS C 261 15.95 -5.19 22.15
C CYS C 261 15.10 -6.01 21.20
N VAL C 262 13.85 -5.61 21.02
CA VAL C 262 12.88 -6.34 20.20
C VAL C 262 12.67 -5.57 18.91
N ILE C 263 12.80 -6.27 17.78
CA ILE C 263 12.63 -5.64 16.48
C ILE C 263 11.15 -5.33 16.24
N GLY C 264 10.91 -4.50 15.23
CA GLY C 264 9.56 -4.07 14.88
C GLY C 264 9.53 -2.64 14.39
N ARG C 265 8.88 -2.42 13.25
CA ARG C 265 9.02 -1.09 12.67
C ARG C 265 7.88 -0.18 13.12
N PRO C 266 8.19 1.03 13.57
CA PRO C 266 7.15 2.02 13.87
C PRO C 266 6.57 2.64 12.60
N CYS C 267 5.71 3.63 12.76
CA CYS C 267 5.01 4.25 11.63
C CYS C 267 5.81 5.46 11.16
N PHE C 268 6.36 5.36 9.94
CA PHE C 268 7.10 6.44 9.29
C PHE C 268 8.25 6.96 10.16
N SER C 269 8.99 6.03 10.75
CA SER C 269 10.17 6.37 11.53
C SER C 269 11.05 5.13 11.63
N ASN C 270 12.30 5.36 12.05
CA ASN C 270 13.29 4.28 12.19
C ASN C 270 13.57 4.09 13.68
N LYS C 271 12.72 3.28 14.33
CA LYS C 271 12.87 2.94 15.74
C LYS C 271 12.72 1.44 15.95
N ILE C 272 13.31 0.63 15.05
CA ILE C 272 13.16 -0.82 15.13
C ILE C 272 13.76 -1.37 16.42
N ASN C 273 14.86 -0.79 16.88
CA ASN C 273 15.46 -1.20 18.14
C ASN C 273 14.62 -0.65 19.28
N ASN C 274 13.85 -1.52 19.93
CA ASN C 274 12.91 -1.14 20.98
C ASN C 274 13.36 -1.73 22.31
N ARG C 275 13.42 -0.89 23.34
CA ARG C 275 13.76 -1.36 24.67
C ARG C 275 12.52 -1.95 25.32
N ASN C 276 12.64 -3.19 25.80
CA ASN C 276 11.53 -3.93 26.40
C ASN C 276 11.74 -4.00 27.90
N HIS C 277 11.04 -3.14 28.63
CA HIS C 277 11.08 -3.14 30.10
C HIS C 277 9.74 -3.57 30.69
N ALA C 278 8.88 -4.19 29.89
CA ALA C 278 7.49 -4.40 30.26
C ALA C 278 7.26 -5.82 30.74
N THR C 279 6.49 -5.95 31.81
CA THR C 279 6.01 -7.24 32.28
C THR C 279 4.70 -7.58 31.56
N ILE C 280 4.75 -8.55 30.67
CA ILE C 280 3.63 -8.87 29.80
C ILE C 280 2.72 -9.85 30.53
N ILE C 281 1.53 -9.38 30.92
CA ILE C 281 0.53 -10.21 31.58
C ILE C 281 -0.59 -10.46 30.59
N ILE C 282 -0.92 -11.73 30.38
CA ILE C 282 -1.89 -12.13 29.36
C ILE C 282 -3.19 -12.49 30.05
N ASP C 283 -4.24 -11.73 29.74
CA ASP C 283 -5.56 -12.00 30.29
C ASP C 283 -6.31 -12.96 29.38
N THR C 284 -6.72 -14.10 29.93
CA THR C 284 -7.40 -15.12 29.15
C THR C 284 -8.43 -15.83 30.02
N ASN C 285 -9.36 -16.52 29.36
CA ASN C 285 -10.40 -17.28 30.04
C ASN C 285 -10.31 -18.78 29.76
N TYR C 286 -9.34 -19.21 28.95
CA TYR C 286 -9.16 -20.61 28.60
C TYR C 286 -7.73 -21.04 28.88
N LYS C 287 -7.50 -22.35 28.84
CA LYS C 287 -6.14 -22.85 28.95
C LYS C 287 -5.39 -22.64 27.64
N PRO C 288 -4.20 -22.05 27.67
CA PRO C 288 -3.49 -21.71 26.44
C PRO C 288 -3.09 -22.92 25.62
N VAL C 289 -3.13 -22.74 24.30
CA VAL C 289 -2.70 -23.75 23.34
C VAL C 289 -1.72 -23.09 22.37
N PHE C 290 -0.53 -23.66 22.25
CA PHE C 290 0.56 -23.06 21.49
C PHE C 290 0.82 -23.84 20.21
N ASP C 291 1.67 -23.28 19.37
CA ASP C 291 2.05 -23.93 18.12
C ASP C 291 3.33 -24.76 18.26
N ARG C 292 4.27 -24.30 19.07
CA ARG C 292 5.51 -25.01 19.32
C ARG C 292 5.75 -25.09 20.82
N ILE C 293 6.19 -26.26 21.28
CA ILE C 293 6.41 -26.51 22.70
C ILE C 293 7.81 -27.08 22.87
N ASP C 294 8.58 -26.51 23.81
CA ASP C 294 9.92 -26.98 24.11
C ASP C 294 10.27 -26.54 25.52
N ASN C 295 11.48 -26.90 25.97
CA ASN C 295 11.91 -26.56 27.32
C ASN C 295 12.08 -25.05 27.49
N ALA C 296 12.56 -24.36 26.46
CA ALA C 296 12.73 -22.91 26.56
C ALA C 296 11.40 -22.22 26.80
N LEU C 297 10.35 -22.60 26.06
CA LEU C 297 9.04 -22.01 26.29
C LEU C 297 8.48 -22.38 27.66
N MET C 298 8.68 -23.64 28.09
CA MET C 298 8.23 -24.04 29.41
C MET C 298 8.92 -23.27 30.53
N ARG C 299 10.16 -22.85 30.30
CA ARG C 299 10.85 -21.97 31.24
C ARG C 299 10.52 -20.50 31.01
N ARG C 300 9.87 -20.16 29.90
CA ARG C 300 9.49 -18.79 29.61
C ARG C 300 8.09 -18.43 30.06
N ILE C 301 7.30 -19.38 30.55
CA ILE C 301 5.87 -19.17 30.79
C ILE C 301 5.56 -19.43 32.25
N ALA C 302 4.92 -18.46 32.91
CA ALA C 302 4.34 -18.62 34.22
C ALA C 302 2.83 -18.41 34.13
N VAL C 303 2.08 -19.10 34.99
CA VAL C 303 0.63 -19.07 34.97
C VAL C 303 0.12 -18.68 36.35
N VAL C 304 -0.74 -17.67 36.39
CA VAL C 304 -1.39 -17.23 37.63
C VAL C 304 -2.88 -17.50 37.47
N ARG C 305 -3.40 -18.42 38.27
CA ARG C 305 -4.81 -18.77 38.21
C ARG C 305 -5.65 -17.81 39.03
N PHE C 306 -6.91 -17.64 38.62
CA PHE C 306 -7.90 -16.87 39.35
C PHE C 306 -9.04 -17.79 39.71
N ARG C 307 -9.25 -18.00 41.01
CA ARG C 307 -10.20 -18.98 41.52
C ARG C 307 -11.18 -18.36 42.51
N THR C 308 -11.63 -17.13 42.26
CA THR C 308 -12.59 -16.48 43.13
C THR C 308 -13.51 -15.60 42.28
N HIS C 309 -14.77 -16.01 42.16
CA HIS C 309 -15.75 -15.26 41.40
C HIS C 309 -16.45 -14.25 42.30
N PHE C 310 -17.06 -13.24 41.66
CA PHE C 310 -17.81 -12.19 42.36
C PHE C 310 -19.14 -12.03 41.64
N SER C 311 -20.14 -12.80 42.06
CA SER C 311 -21.46 -12.75 41.44
C SER C 311 -22.12 -11.40 41.66
N TYR C 325 -14.20 -22.47 41.07
CA TYR C 325 -13.39 -21.50 41.80
C TYR C 325 -12.95 -22.05 43.14
N ASP C 326 -12.47 -21.16 44.01
CA ASP C 326 -12.19 -21.49 45.40
C ASP C 326 -13.01 -20.68 46.38
N LYS C 327 -13.75 -19.68 45.91
CA LYS C 327 -14.52 -18.78 46.76
C LYS C 327 -15.46 -17.97 45.88
N VAL C 328 -16.69 -17.77 46.34
CA VAL C 328 -17.70 -17.04 45.60
C VAL C 328 -18.29 -15.97 46.51
N LYS C 329 -18.25 -14.72 46.07
CA LYS C 329 -18.79 -13.59 46.82
C LYS C 329 -19.74 -12.80 45.93
N LEU C 330 -20.21 -11.68 46.46
CA LEU C 330 -21.14 -10.80 45.74
C LEU C 330 -20.38 -9.73 44.96
N LEU C 331 -21.06 -9.16 43.97
CA LEU C 331 -20.44 -8.16 43.11
C LEU C 331 -20.44 -6.79 43.77
N ASP C 332 -19.34 -6.06 43.59
CA ASP C 332 -19.21 -4.68 44.05
C ASP C 332 -19.29 -3.78 42.83
N GLU C 333 -20.49 -3.29 42.52
CA GLU C 333 -20.68 -2.48 41.32
C GLU C 333 -19.98 -1.13 41.42
N GLY C 334 -19.88 -0.57 42.62
CA GLY C 334 -19.25 0.72 42.82
C GLY C 334 -17.74 0.69 42.89
N LEU C 335 -17.12 -0.47 42.75
CA LEU C 335 -15.67 -0.56 42.83
C LEU C 335 -14.99 0.13 41.64
N ASP C 336 -15.56 -0.03 40.45
CA ASP C 336 -14.91 0.50 39.25
C ASP C 336 -14.87 2.02 39.25
N GLY C 337 -15.87 2.68 39.84
CA GLY C 337 -15.87 4.12 39.88
C GLY C 337 -14.71 4.69 40.68
N LYS C 338 -14.35 4.05 41.79
CA LYS C 338 -13.19 4.49 42.56
C LYS C 338 -11.90 4.27 41.80
N ILE C 339 -11.80 3.18 41.03
CA ILE C 339 -10.61 2.94 40.22
C ILE C 339 -10.47 3.99 39.14
N GLN C 340 -11.57 4.31 38.46
CA GLN C 340 -11.53 5.34 37.43
C GLN C 340 -11.23 6.71 37.99
N ASN C 341 -11.57 6.95 39.26
CA ASN C 341 -11.25 8.20 39.95
C ASN C 341 -9.89 8.17 40.61
N ASN C 342 -9.15 7.06 40.48
CA ASN C 342 -7.80 6.92 41.02
C ASN C 342 -7.79 7.07 42.54
N ARG C 343 -8.87 6.63 43.19
CA ARG C 343 -8.91 6.64 44.65
C ARG C 343 -7.88 5.68 45.24
N TYR C 344 -7.75 4.49 44.65
CA TYR C 344 -6.80 3.48 45.10
C TYR C 344 -5.53 3.47 44.26
N ARG C 345 -5.15 4.62 43.69
CA ARG C 345 -3.94 4.68 42.88
C ARG C 345 -2.70 4.58 43.76
N PHE C 346 -2.55 5.49 44.71
CA PHE C 346 -1.38 5.49 45.58
C PHE C 346 -1.38 4.31 46.55
N ALA C 347 -2.55 3.83 46.97
CA ALA C 347 -2.58 2.62 47.78
C ALA C 347 -2.05 1.41 47.00
N PHE C 348 -2.48 1.27 45.74
CA PHE C 348 -1.97 0.19 44.91
C PHE C 348 -0.48 0.37 44.65
N LEU C 349 -0.03 1.62 44.49
CA LEU C 349 1.40 1.87 44.32
C LEU C 349 2.19 1.45 45.55
N TYR C 350 1.67 1.76 46.74
CA TYR C 350 2.32 1.35 47.98
C TYR C 350 2.37 -0.16 48.09
N LEU C 351 1.28 -0.84 47.72
CA LEU C 351 1.26 -2.30 47.71
C LEU C 351 2.30 -2.86 46.74
N LEU C 352 2.39 -2.28 45.54
CA LEU C 352 3.37 -2.73 44.55
C LEU C 352 4.79 -2.52 45.05
N VAL C 353 5.05 -1.39 45.70
CA VAL C 353 6.37 -1.12 46.24
C VAL C 353 6.71 -2.12 47.35
N LYS C 354 5.75 -2.41 48.22
CA LYS C 354 5.98 -3.39 49.27
C LYS C 354 6.25 -4.78 48.70
N TRP C 355 5.50 -5.18 47.68
CA TRP C 355 5.77 -6.45 47.01
C TRP C 355 7.13 -6.49 46.35
N TYR C 356 7.54 -5.39 45.70
CA TYR C 356 8.85 -5.33 45.09
C TYR C 356 9.95 -5.48 46.14
N LYS C 357 9.79 -4.79 47.28
CA LYS C 357 10.75 -4.93 48.36
C LYS C 357 10.77 -6.35 48.92
N LYS C 358 9.61 -7.00 48.99
CA LYS C 358 9.53 -8.34 49.54
C LYS C 358 10.17 -9.38 48.63
N TYR C 359 9.98 -9.25 47.32
CA TYR C 359 10.40 -10.30 46.39
C TYR C 359 11.58 -9.88 45.54
N HIS C 360 11.49 -8.79 44.79
CA HIS C 360 12.47 -8.45 43.76
C HIS C 360 13.64 -7.62 44.28
N VAL C 361 13.63 -7.23 45.55
CA VAL C 361 14.76 -6.54 46.15
C VAL C 361 15.66 -7.58 46.80
N PRO C 362 16.95 -7.61 46.49
CA PRO C 362 17.68 -6.73 45.56
C PRO C 362 17.79 -7.27 44.14
N ILE C 363 17.36 -8.50 43.88
CA ILE C 363 17.55 -9.16 42.60
C ILE C 363 16.19 -9.49 41.99
N MET C 364 16.01 -9.12 40.73
CA MET C 364 14.80 -9.49 40.00
C MET C 364 14.77 -10.99 39.74
N LYS C 365 13.64 -11.62 40.08
CA LYS C 365 13.46 -13.05 39.90
C LYS C 365 12.11 -13.32 39.26
N LEU C 366 12.11 -14.13 38.20
CA LEU C 366 10.91 -14.52 37.47
C LEU C 366 11.03 -16.01 37.15
N TYR C 367 10.43 -16.84 37.99
CA TYR C 367 10.55 -18.29 37.77
C TYR C 367 9.27 -18.83 37.12
N PRO C 368 9.42 -19.72 36.15
CA PRO C 368 8.26 -20.25 35.44
C PRO C 368 7.47 -21.24 36.28
N THR C 369 6.19 -21.40 35.91
CA THR C 369 5.31 -22.40 36.49
C THR C 369 4.64 -23.17 35.36
N PRO C 370 5.40 -24.00 34.63
CA PRO C 370 4.81 -24.78 33.53
C PRO C 370 3.88 -25.89 34.00
N GLU C 371 3.93 -26.26 35.28
CA GLU C 371 3.06 -27.31 35.80
C GLU C 371 1.59 -26.93 35.81
N GLU C 372 1.27 -25.66 35.59
CA GLU C 372 -0.12 -25.20 35.57
C GLU C 372 -0.76 -25.36 34.20
N ILE C 373 -0.01 -25.79 33.19
CA ILE C 373 -0.53 -26.01 31.85
C ILE C 373 -0.46 -27.51 31.56
N PRO C 374 -1.57 -28.14 31.15
CA PRO C 374 -1.52 -29.57 30.86
C PRO C 374 -0.51 -29.95 29.79
N ASP C 375 -0.37 -29.14 28.75
CA ASP C 375 0.60 -29.43 27.70
C ASP C 375 2.03 -29.41 28.25
N PHE C 376 2.36 -28.37 29.00
CA PHE C 376 3.69 -28.28 29.58
C PHE C 376 3.93 -29.33 30.65
N ALA C 377 2.91 -29.69 31.44
CA ALA C 377 3.05 -30.78 32.39
C ALA C 377 3.32 -32.10 31.68
N PHE C 378 2.59 -32.36 30.58
CA PHE C 378 2.84 -33.56 29.80
C PHE C 378 4.27 -33.57 29.26
N TYR C 379 4.72 -32.44 28.72
CA TYR C 379 6.07 -32.36 28.17
C TYR C 379 7.13 -32.55 29.24
N LEU C 380 6.93 -31.99 30.44
CA LEU C 380 7.89 -32.17 31.52
C LEU C 380 7.93 -33.62 31.99
N LYS C 381 6.75 -34.25 32.15
CA LYS C 381 6.73 -35.65 32.56
C LYS C 381 7.33 -36.55 31.48
N ILE C 382 7.22 -36.16 30.22
CA ILE C 382 7.92 -36.88 29.15
C ILE C 382 9.42 -36.71 29.29
N GLY C 383 9.89 -35.46 29.28
CA GLY C 383 11.32 -35.18 29.33
C GLY C 383 12.02 -35.76 30.54
N THR C 384 11.32 -35.91 31.66
CA THR C 384 11.90 -36.62 32.80
C THR C 384 12.10 -38.09 32.47
N LEU C 385 11.08 -38.75 31.93
CA LEU C 385 11.14 -40.18 31.67
C LEU C 385 11.58 -40.53 30.26
N LEU C 386 11.86 -39.53 29.41
CA LEU C 386 12.24 -39.80 28.02
C LEU C 386 13.55 -39.12 27.66
N VAL C 387 14.58 -39.30 28.50
CA VAL C 387 15.89 -38.73 28.20
C VAL C 387 16.38 -39.23 26.86
N SER C 388 16.86 -38.31 26.03
CA SER C 388 17.28 -38.65 24.68
C SER C 388 18.54 -39.51 24.69
N SER C 389 18.61 -40.45 23.77
CA SER C 389 19.76 -41.33 23.66
C SER C 389 21.01 -40.54 23.26
N SER C 390 22.16 -41.04 23.71
CA SER C 390 23.43 -40.37 23.47
C SER C 390 24.53 -41.41 23.44
N VAL C 391 25.77 -40.96 23.25
CA VAL C 391 26.91 -41.86 23.26
C VAL C 391 27.08 -42.49 24.63
N LYS C 392 26.80 -41.73 25.71
CA LYS C 392 26.86 -42.30 27.05
C LYS C 392 25.83 -43.39 27.26
N HIS C 393 24.73 -43.36 26.50
CA HIS C 393 23.70 -44.38 26.60
C HIS C 393 23.99 -45.61 25.75
N ILE C 394 25.01 -45.55 24.88
CA ILE C 394 25.36 -46.71 24.07
C ILE C 394 25.82 -47.90 24.91
N PRO C 395 26.70 -47.74 25.90
CA PRO C 395 27.13 -48.90 26.71
C PRO C 395 26.00 -49.56 27.50
N LEU C 396 24.79 -49.01 27.50
CA LEU C 396 23.66 -49.64 28.15
C LEU C 396 23.04 -50.75 27.30
N MET C 397 23.53 -50.95 26.08
CA MET C 397 22.99 -51.98 25.20
C MET C 397 23.13 -53.38 25.78
N THR C 398 24.14 -53.64 26.61
CA THR C 398 24.32 -54.96 27.19
C THR C 398 23.08 -55.39 27.97
N ASP C 399 22.42 -54.45 28.65
CA ASP C 399 21.19 -54.74 29.37
C ASP C 399 19.93 -54.37 28.60
N LEU C 400 20.03 -53.48 27.61
CA LEU C 400 18.86 -53.06 26.86
C LEU C 400 18.58 -53.92 25.62
N SER C 401 19.47 -54.85 25.28
CA SER C 401 19.21 -55.73 24.15
C SER C 401 18.04 -56.67 24.42
N LYS C 402 17.94 -57.18 25.65
CA LYS C 402 16.84 -58.06 26.04
C LYS C 402 15.65 -57.28 26.58
N LYS C 403 15.72 -55.96 26.60
CA LYS C 403 14.65 -55.11 27.10
C LYS C 403 13.87 -54.43 25.99
N GLY C 404 14.08 -54.83 24.74
CA GLY C 404 13.35 -54.31 23.61
C GLY C 404 14.06 -53.21 22.83
N TYR C 405 15.16 -52.68 23.35
CA TYR C 405 15.89 -51.61 22.68
C TYR C 405 16.81 -52.20 21.62
N ILE C 406 16.49 -51.99 20.35
CA ILE C 406 17.33 -52.41 19.25
C ILE C 406 18.27 -51.28 18.88
N LEU C 407 19.53 -51.63 18.63
CA LEU C 407 20.57 -50.63 18.33
C LEU C 407 20.52 -50.32 16.83
N TYR C 408 20.11 -49.11 16.50
CA TYR C 408 20.04 -48.64 15.11
C TYR C 408 20.91 -47.40 14.97
N ASP C 409 21.87 -47.47 14.04
CA ASP C 409 22.77 -46.34 13.76
C ASP C 409 23.50 -45.88 15.01
N ASN C 410 23.93 -46.86 15.82
CA ASN C 410 24.64 -46.60 17.08
C ASN C 410 23.83 -45.70 18.00
N VAL C 411 22.51 -45.85 17.96
CA VAL C 411 21.59 -45.11 18.81
C VAL C 411 20.63 -46.11 19.44
N VAL C 412 20.39 -45.96 20.73
CA VAL C 412 19.44 -46.81 21.45
C VAL C 412 18.05 -46.44 20.99
N THR C 413 17.42 -47.33 20.23
CA THR C 413 16.12 -47.07 19.61
C THR C 413 15.06 -47.98 20.21
N LEU C 414 13.90 -47.41 20.51
CA LEU C 414 12.75 -48.12 21.05
C LEU C 414 11.64 -48.20 20.02
N PRO C 415 11.04 -49.37 19.81
CA PRO C 415 9.97 -49.49 18.82
C PRO C 415 8.78 -48.61 19.16
N LEU C 416 8.11 -48.14 18.10
CA LEU C 416 6.95 -47.26 18.28
C LEU C 416 5.83 -47.94 19.04
N THR C 417 5.55 -49.22 18.73
CA THR C 417 4.50 -49.93 19.45
C THR C 417 4.82 -50.05 20.94
N THR C 418 6.07 -50.41 21.26
CA THR C 418 6.48 -50.47 22.66
C THR C 418 6.44 -49.09 23.30
N PHE C 419 6.86 -48.05 22.58
CA PHE C 419 6.81 -46.70 23.13
C PHE C 419 5.38 -46.29 23.47
N GLN C 420 4.43 -46.59 22.60
CA GLN C 420 3.03 -46.27 22.86
C GLN C 420 2.47 -47.09 24.02
N GLN C 421 2.75 -48.40 24.04
CA GLN C 421 2.26 -49.25 25.11
C GLN C 421 2.83 -48.84 26.46
N LYS C 422 4.04 -48.26 26.48
CA LYS C 422 4.62 -47.80 27.73
C LYS C 422 4.18 -46.39 28.11
N ILE C 423 3.97 -45.50 27.14
CA ILE C 423 3.49 -44.17 27.43
C ILE C 423 2.03 -44.18 27.86
N SER C 424 1.26 -45.20 27.44
CA SER C 424 -0.10 -45.35 27.94
C SER C 424 -0.16 -45.70 29.41
N LYS C 425 0.94 -46.20 29.98
CA LYS C 425 0.95 -46.57 31.40
C LYS C 425 1.05 -45.36 32.31
N TYR C 426 1.81 -44.33 31.92
CA TYR C 426 2.04 -43.17 32.77
C TYR C 426 1.11 -42.01 32.46
N PHE C 427 0.67 -41.85 31.21
CA PHE C 427 -0.21 -40.77 30.82
C PHE C 427 -1.58 -41.34 30.44
N ASN C 428 -2.62 -40.56 30.76
CA ASN C 428 -3.96 -40.93 30.34
C ASN C 428 -4.06 -40.76 28.83
N SER C 429 -3.95 -41.87 28.09
CA SER C 429 -3.97 -41.82 26.65
C SER C 429 -5.25 -41.24 26.08
N ARG C 430 -6.39 -41.51 26.72
CA ARG C 430 -7.66 -40.94 26.28
C ARG C 430 -7.72 -39.43 26.43
N LEU C 431 -7.17 -38.89 27.52
CA LEU C 431 -7.10 -37.44 27.66
C LEU C 431 -5.98 -36.83 26.84
N PHE C 432 -4.83 -37.50 26.75
CA PHE C 432 -3.66 -36.99 26.04
C PHE C 432 -3.54 -37.57 24.63
N GLY C 433 -4.64 -37.93 23.99
CA GLY C 433 -4.56 -38.54 22.67
C GLY C 433 -3.88 -37.65 21.65
N HIS C 434 -4.38 -36.43 21.46
CA HIS C 434 -3.80 -35.52 20.49
C HIS C 434 -2.36 -35.15 20.84
N ASP C 435 -2.07 -34.93 22.12
CA ASP C 435 -0.72 -34.60 22.53
C ASP C 435 0.26 -35.72 22.23
N ILE C 436 -0.11 -36.97 22.54
CA ILE C 436 0.77 -38.10 22.26
C ILE C 436 0.93 -38.28 20.75
N GLU C 437 -0.16 -38.11 19.99
CA GLU C 437 -0.06 -38.24 18.54
C GLU C 437 0.88 -37.19 17.95
N SER C 438 0.76 -35.94 18.39
CA SER C 438 1.64 -34.89 17.91
C SER C 438 3.09 -35.12 18.31
N PHE C 439 3.33 -35.55 19.56
CA PHE C 439 4.69 -35.85 19.98
C PHE C 439 5.29 -36.98 19.16
N ILE C 440 4.51 -38.02 18.87
CA ILE C 440 5.00 -39.11 18.04
C ILE C 440 5.31 -38.61 16.63
N ASN C 441 4.38 -37.87 16.03
CA ASN C 441 4.59 -37.40 14.67
C ASN C 441 5.75 -36.42 14.57
N ARG C 442 6.10 -35.74 15.66
CA ARG C 442 7.21 -34.79 15.63
C ARG C 442 8.56 -35.42 15.95
N HIS C 443 8.61 -36.39 16.87
CA HIS C 443 9.87 -36.89 17.39
C HIS C 443 10.16 -38.34 17.02
N LYS C 444 9.46 -38.93 16.07
CA LYS C 444 9.75 -40.30 15.67
C LYS C 444 10.67 -40.34 14.45
N LYS C 445 11.33 -41.47 14.28
CA LYS C 445 12.15 -41.73 13.10
C LYS C 445 11.87 -43.13 12.59
N PHE C 446 11.90 -43.28 11.27
CA PHE C 446 11.60 -44.55 10.61
C PHE C 446 12.89 -45.30 10.35
N ALA C 447 12.88 -46.61 10.61
CA ALA C 447 14.07 -47.43 10.33
C ALA C 447 14.28 -47.58 8.84
N ASN C 448 13.35 -48.26 8.15
CA ASN C 448 13.37 -48.30 6.69
C ASN C 448 12.11 -47.67 6.10
N VAL C 449 10.93 -48.24 6.34
CA VAL C 449 9.68 -47.61 5.93
C VAL C 449 8.67 -47.67 7.06
N SER C 450 8.77 -48.69 7.91
CA SER C 450 7.71 -49.01 8.86
C SER C 450 8.19 -49.25 10.28
N ASP C 451 9.43 -49.69 10.48
CA ASP C 451 9.94 -49.96 11.82
C ASP C 451 10.26 -48.64 12.53
N GLU C 452 9.21 -47.85 12.73
CA GLU C 452 9.35 -46.53 13.31
C GLU C 452 9.81 -46.64 14.77
N TYR C 453 10.78 -45.79 15.14
CA TYR C 453 11.38 -45.81 16.46
C TYR C 453 11.50 -44.39 16.98
N LEU C 454 11.67 -44.28 18.30
CA LEU C 454 11.93 -43.02 18.96
C LEU C 454 13.23 -43.10 19.75
N GLN C 455 14.03 -42.05 19.66
CA GLN C 455 15.35 -42.03 20.30
C GLN C 455 15.26 -41.45 21.70
N TYR C 456 14.54 -42.17 22.56
CA TYR C 456 14.37 -41.78 23.96
C TYR C 456 14.34 -43.03 24.82
N ILE C 457 14.93 -42.93 26.01
CA ILE C 457 15.08 -44.07 26.92
C ILE C 457 14.38 -43.75 28.23
N PHE C 458 13.66 -44.73 28.76
CA PHE C 458 13.03 -44.61 30.07
C PHE C 458 14.09 -44.63 31.17
N ILE C 459 13.74 -43.99 32.30
CA ILE C 459 14.60 -44.06 33.48
C ILE C 459 14.67 -45.48 34.05
N GLU C 460 13.58 -46.22 34.00
CA GLU C 460 13.53 -47.59 34.49
C GLU C 460 14.41 -48.55 33.69
N ASP C 461 15.05 -48.08 32.62
CA ASP C 461 15.88 -48.92 31.78
C ASP C 461 17.37 -48.60 31.85
N ILE C 462 17.75 -47.45 32.42
CA ILE C 462 19.15 -47.10 32.57
C ILE C 462 19.84 -48.07 33.52
N ALA D 1 20.36 41.08 16.96
CA ALA D 1 19.84 42.43 16.77
C ALA D 1 18.33 42.41 16.59
N MET D 2 17.61 42.22 17.70
CA MET D 2 16.16 42.16 17.69
C MET D 2 15.64 43.02 18.85
N GLY D 3 14.34 42.92 19.11
CA GLY D 3 13.70 43.71 20.14
C GLY D 3 13.55 42.95 21.45
N ASN D 4 13.45 43.72 22.54
CA ASN D 4 13.28 43.16 23.88
C ASN D 4 11.85 43.21 24.36
N LYS D 5 11.06 44.18 23.89
CA LYS D 5 9.67 44.30 24.32
C LYS D 5 8.82 43.12 23.89
N LEU D 6 9.22 42.39 22.84
CA LEU D 6 8.39 41.30 22.34
C LEU D 6 8.24 40.18 23.37
N PHE D 7 9.29 39.91 24.14
CA PHE D 7 9.16 38.90 25.20
C PHE D 7 8.17 39.36 26.27
N ASN D 8 8.14 40.66 26.59
CA ASN D 8 7.13 41.17 27.51
C ASN D 8 5.73 40.99 26.94
N ILE D 9 5.56 41.21 25.63
CA ILE D 9 4.27 41.00 25.00
C ILE D 9 3.86 39.53 25.11
N ALA D 10 4.80 38.62 24.86
CA ALA D 10 4.51 37.20 24.99
C ALA D 10 4.14 36.82 26.42
N GLN D 11 4.83 37.39 27.40
CA GLN D 11 4.48 37.14 28.80
C GLN D 11 3.08 37.65 29.13
N ARG D 12 2.74 38.85 28.65
CA ARG D 12 1.40 39.37 28.84
C ARG D 12 0.34 38.48 28.18
N ILE D 13 0.63 37.97 26.98
CA ILE D 13 -0.29 37.07 26.31
C ILE D 13 -0.48 35.80 27.12
N LEU D 14 0.60 35.21 27.62
CA LEU D 14 0.48 34.01 28.44
C LEU D 14 -0.16 34.28 29.79
N ASP D 15 -0.16 35.54 30.25
CA ASP D 15 -0.84 35.86 31.50
C ASP D 15 -2.34 35.61 31.39
N THR D 16 -2.94 35.97 30.26
CA THR D 16 -4.37 35.77 30.06
C THR D 16 -4.74 34.31 29.85
N ASN D 17 -3.76 33.42 29.67
CA ASN D 17 -4.02 31.99 29.42
C ASN D 17 -4.91 31.81 28.20
N SER D 18 -4.72 32.65 27.18
CA SER D 18 -5.48 32.55 25.95
C SER D 18 -4.93 31.49 25.00
N VAL D 19 -3.76 30.93 25.28
CA VAL D 19 -3.17 29.89 24.46
C VAL D 19 -2.66 28.79 25.38
N LEU D 20 -3.02 27.54 25.08
CA LEU D 20 -2.65 26.40 25.90
C LEU D 20 -2.05 25.31 25.02
N LEU D 21 -1.21 24.48 25.63
CA LEU D 21 -0.59 23.35 24.96
C LEU D 21 -1.30 22.07 25.38
N THR D 22 -1.84 21.34 24.41
CA THR D 22 -2.57 20.12 24.72
C THR D 22 -1.62 18.99 25.07
N GLU D 23 -2.21 17.91 25.60
CA GLU D 23 -1.43 16.72 25.91
C GLU D 23 -0.89 16.04 24.65
N ARG D 24 -1.52 16.30 23.50
CA ARG D 24 -1.07 15.76 22.23
C ARG D 24 0.02 16.60 21.58
N GLY D 25 0.56 17.58 22.29
CA GLY D 25 1.58 18.44 21.70
C GLY D 25 1.04 19.44 20.70
N ASP D 26 -0.23 19.80 20.81
CA ASP D 26 -0.86 20.77 19.92
C ASP D 26 -1.22 22.04 20.69
N TYR D 27 -1.26 23.15 19.98
CA TYR D 27 -1.51 24.46 20.58
C TYR D 27 -2.93 24.91 20.24
N ILE D 28 -3.67 25.34 21.25
CA ILE D 28 -5.01 25.86 21.08
C ILE D 28 -5.01 27.34 21.42
N VAL D 29 -5.98 28.07 20.85
CA VAL D 29 -6.11 29.51 21.08
C VAL D 29 -7.55 29.82 21.46
N TRP D 30 -7.72 30.94 22.15
CA TRP D 30 -9.02 31.42 22.61
C TRP D 30 -9.35 32.69 21.87
N ILE D 31 -10.09 32.56 20.76
CA ILE D 31 -10.50 33.69 19.94
C ILE D 31 -12.00 33.62 19.72
N ASN D 32 -12.64 34.80 19.73
CA ASN D 32 -14.08 34.92 19.46
C ASN D 32 -14.89 34.05 20.42
N ASN D 33 -14.50 34.04 21.69
CA ASN D 33 -15.19 33.29 22.73
C ASN D 33 -15.31 31.80 22.36
N SER D 34 -14.20 31.24 21.88
CA SER D 34 -14.18 29.84 21.46
C SER D 34 -12.73 29.36 21.42
N TRP D 35 -12.49 28.16 21.92
CA TRP D 35 -11.15 27.55 21.92
C TRP D 35 -10.88 26.94 20.55
N LYS D 36 -10.57 27.82 19.59
CA LYS D 36 -10.22 27.36 18.25
C LYS D 36 -8.88 26.64 18.26
N PHE D 37 -8.77 25.64 17.41
CA PHE D 37 -7.60 24.77 17.38
C PHE D 37 -7.38 24.27 15.96
N ASN D 38 -6.12 24.24 15.53
CA ASN D 38 -5.77 23.77 14.20
C ASN D 38 -4.33 23.26 14.21
N SER D 39 -4.16 21.97 13.92
CA SER D 39 -2.81 21.39 13.87
C SER D 39 -2.07 21.77 12.61
N GLU D 40 -2.78 21.95 11.49
CA GLU D 40 -2.11 22.26 10.22
C GLU D 40 -1.47 23.63 10.26
N GLU D 41 -2.28 24.68 10.44
CA GLU D 41 -1.80 26.04 10.54
C GLU D 41 -1.85 26.51 11.98
N PRO D 42 -0.73 26.92 12.57
CA PRO D 42 -0.76 27.42 13.95
C PRO D 42 -1.56 28.70 14.04
N LEU D 43 -2.52 28.73 14.97
CA LEU D 43 -3.40 29.87 15.15
C LEU D 43 -2.86 30.89 16.14
N ILE D 44 -1.62 30.71 16.61
CA ILE D 44 -1.05 31.64 17.58
C ILE D 44 -0.94 33.05 16.97
N THR D 45 -0.53 33.15 15.71
CA THR D 45 -0.42 34.45 15.07
C THR D 45 -1.77 35.15 15.01
N LYS D 46 -2.83 34.41 14.66
CA LYS D 46 -4.16 34.98 14.67
C LYS D 46 -4.58 35.40 16.08
N LEU D 47 -4.22 34.61 17.08
CA LEU D 47 -4.53 34.98 18.46
C LEU D 47 -3.86 36.29 18.84
N ILE D 48 -2.59 36.46 18.47
CA ILE D 48 -1.87 37.69 18.76
C ILE D 48 -2.50 38.87 18.04
N LEU D 49 -2.83 38.68 16.76
CA LEU D 49 -3.47 39.76 16.01
C LEU D 49 -4.83 40.11 16.60
N SER D 50 -5.54 39.14 17.17
CA SER D 50 -6.83 39.42 17.78
C SER D 50 -6.67 40.18 19.10
N ILE D 51 -5.74 39.74 19.94
CA ILE D 51 -5.63 40.27 21.29
C ILE D 51 -4.64 41.44 21.36
N ARG D 52 -4.15 41.92 20.22
CA ARG D 52 -3.42 43.18 20.20
C ARG D 52 -4.26 44.32 20.78
N HIS D 53 -5.59 44.23 20.66
CA HIS D 53 -6.45 45.29 21.16
C HIS D 53 -6.54 45.29 22.68
N GLN D 54 -6.32 44.13 23.31
CA GLN D 54 -6.39 44.02 24.77
C GLN D 54 -5.07 44.36 25.45
N LEU D 55 -4.18 45.07 24.76
CA LEU D 55 -2.86 45.42 25.25
C LEU D 55 -2.64 46.92 25.09
N PRO D 56 -1.68 47.48 25.82
CA PRO D 56 -1.40 48.92 25.69
C PRO D 56 -1.00 49.28 24.26
N LYS D 57 -1.18 50.56 23.94
CA LYS D 57 -0.91 51.04 22.58
C LYS D 57 0.54 50.82 22.18
N GLU D 58 1.46 50.79 23.15
CA GLU D 58 2.86 50.58 22.84
C GLU D 58 3.15 49.18 22.30
N TYR D 59 2.22 48.24 22.47
CA TYR D 59 2.42 46.86 22.05
C TYR D 59 1.65 46.49 20.78
N SER D 60 0.48 47.09 20.56
CA SER D 60 -0.26 46.80 19.34
C SER D 60 0.51 47.22 18.10
N SER D 61 1.16 48.38 18.14
CA SER D 61 1.99 48.81 17.02
C SER D 61 3.11 47.82 16.75
N GLU D 62 3.74 47.30 17.81
CA GLU D 62 4.77 46.28 17.63
C GLU D 62 4.18 45.02 17.01
N LEU D 63 2.98 44.62 17.44
CA LEU D 63 2.35 43.40 16.95
C LEU D 63 1.80 43.53 15.54
N LEU D 64 1.63 44.76 15.04
CA LEU D 64 1.16 44.91 13.66
C LEU D 64 2.13 44.31 12.66
N CYS D 65 3.40 44.22 13.00
CA CYS D 65 4.41 43.67 12.09
C CYS D 65 4.37 42.15 12.11
N PRO D 66 4.17 41.48 10.97
CA PRO D 66 4.18 40.02 10.95
C PRO D 66 5.50 39.40 11.39
N ARG D 67 6.65 40.05 11.15
CA ARG D 67 7.91 39.52 11.64
C ARG D 67 7.95 39.51 13.15
N LYS D 68 7.62 40.64 13.79
CA LYS D 68 7.56 40.68 15.24
C LYS D 68 6.46 39.79 15.78
N ARG D 69 5.36 39.65 15.04
CA ARG D 69 4.28 38.77 15.48
C ARG D 69 4.75 37.31 15.50
N LYS D 70 5.48 36.89 14.45
CA LYS D 70 6.05 35.55 14.45
C LYS D 70 7.09 35.39 15.55
N THR D 71 7.85 36.45 15.84
CA THR D 71 8.79 36.41 16.96
C THR D 71 8.06 36.16 18.28
N VAL D 72 6.95 36.88 18.50
CA VAL D 72 6.17 36.70 19.71
C VAL D 72 5.57 35.29 19.74
N GLU D 73 5.15 34.78 18.59
CA GLU D 73 4.62 33.42 18.50
C GLU D 73 5.68 32.41 18.91
N ALA D 74 6.92 32.59 18.45
CA ALA D 74 8.00 31.71 18.86
C ALA D 74 8.27 31.81 20.35
N ASN D 75 8.22 33.03 20.90
CA ASN D 75 8.40 33.20 22.34
C ASN D 75 7.32 32.47 23.12
N ILE D 76 6.07 32.57 22.66
CA ILE D 76 4.96 31.88 23.31
C ILE D 76 5.15 30.37 23.23
N ARG D 77 5.56 29.86 22.07
CA ARG D 77 5.83 28.44 21.93
C ARG D 77 6.92 27.98 22.90
N ASP D 78 7.96 28.79 23.07
CA ASP D 78 9.00 28.45 24.03
C ASP D 78 8.49 28.49 25.46
N MET D 79 7.63 29.46 25.78
CA MET D 79 7.13 29.62 27.14
C MET D 79 6.10 28.57 27.53
N LEU D 80 5.37 28.00 26.56
CA LEU D 80 4.39 26.96 26.87
C LEU D 80 5.11 25.63 27.03
N VAL D 81 5.28 25.21 28.27
CA VAL D 81 6.00 23.99 28.62
C VAL D 81 5.06 22.92 29.19
N ASP D 82 4.24 23.30 30.17
CA ASP D 82 3.33 22.37 30.80
C ASP D 82 2.22 21.98 29.83
N SER D 83 2.19 20.70 29.44
CA SER D 83 1.20 20.19 28.50
C SER D 83 -0.11 19.98 29.24
N VAL D 84 -0.86 21.08 29.40
CA VAL D 84 -2.11 21.04 30.14
C VAL D 84 -3.18 20.35 29.30
N GLU D 85 -3.79 19.31 29.86
CA GLU D 85 -4.86 18.60 29.16
C GLU D 85 -6.15 19.42 29.19
N THR D 86 -7.05 19.12 28.25
CA THR D 86 -8.27 19.86 28.07
C THR D 86 -9.47 18.91 28.05
N ASP D 87 -10.66 19.51 28.10
CA ASP D 87 -11.93 18.76 28.06
C ASP D 87 -12.00 17.78 29.23
N THR D 88 -11.88 18.31 30.45
CA THR D 88 -11.93 17.47 31.65
C THR D 88 -13.38 17.16 32.03
N TYR D 89 -14.16 18.20 32.28
CA TYR D 89 -15.55 18.17 32.71
C TYR D 89 -16.44 17.42 31.72
N PRO D 90 -17.33 16.55 32.20
CA PRO D 90 -18.29 15.91 31.30
C PRO D 90 -19.65 16.62 31.28
N ASP D 91 -19.81 17.62 32.14
CA ASP D 91 -21.10 18.27 32.36
C ASP D 91 -21.20 19.63 31.67
N LYS D 92 -20.30 19.93 30.74
CA LYS D 92 -20.30 21.22 30.04
C LYS D 92 -20.46 20.99 28.55
N LEU D 93 -21.31 21.80 27.93
CA LEU D 93 -21.60 21.72 26.50
C LEU D 93 -21.07 22.97 25.80
N PRO D 94 -20.10 22.84 24.91
CA PRO D 94 -19.53 24.02 24.24
C PRO D 94 -20.36 24.51 23.06
N PHE D 95 -20.43 25.83 22.87
CA PHE D 95 -21.14 26.42 21.75
C PHE D 95 -20.23 27.40 21.01
N LYS D 96 -20.69 27.96 19.90
CA LYS D 96 -19.94 28.98 19.18
C LYS D 96 -19.96 30.33 19.89
N ASN D 97 -20.80 30.50 20.90
CA ASN D 97 -20.84 31.72 21.69
C ASN D 97 -20.38 31.51 23.12
N GLY D 98 -20.06 30.27 23.52
CA GLY D 98 -19.65 30.00 24.87
C GLY D 98 -19.87 28.55 25.26
N VAL D 99 -20.13 28.29 26.53
CA VAL D 99 -20.33 26.94 27.05
C VAL D 99 -21.63 26.91 27.83
N LEU D 100 -22.47 25.90 27.55
CA LEU D 100 -23.71 25.71 28.28
C LEU D 100 -23.54 24.60 29.31
N ASP D 101 -23.86 24.91 30.56
CA ASP D 101 -23.72 23.95 31.65
C ASP D 101 -24.92 23.02 31.69
N LEU D 102 -24.68 21.78 32.14
CA LEU D 102 -25.73 20.79 32.31
C LEU D 102 -26.19 20.68 33.76
N VAL D 103 -25.41 21.19 34.71
CA VAL D 103 -25.81 21.11 36.12
C VAL D 103 -26.96 22.06 36.40
N ASP D 104 -26.74 23.36 36.20
CA ASP D 104 -27.77 24.35 36.44
C ASP D 104 -28.51 24.78 35.18
N GLY D 105 -28.01 24.41 34.01
CA GLY D 105 -28.64 24.82 32.76
C GLY D 105 -28.33 26.23 32.32
N MET D 106 -27.43 26.93 33.01
CA MET D 106 -27.05 28.28 32.63
C MET D 106 -25.95 28.24 31.57
N PHE D 107 -26.01 29.20 30.64
CA PHE D 107 -25.06 29.28 29.54
C PHE D 107 -23.99 30.31 29.87
N TYR D 108 -22.72 29.91 29.75
CA TYR D 108 -21.60 30.80 29.96
C TYR D 108 -21.08 31.31 28.63
N SER D 109 -20.45 32.49 28.69
CA SER D 109 -19.89 33.12 27.50
C SER D 109 -18.75 34.02 27.92
N GLY D 110 -17.89 34.35 26.96
CA GLY D 110 -16.75 35.22 27.25
C GLY D 110 -15.76 34.55 28.18
N ASP D 111 -15.24 35.33 29.13
CA ASP D 111 -14.27 34.80 30.07
C ASP D 111 -14.86 33.72 30.97
N ASP D 112 -16.17 33.73 31.19
CA ASP D 112 -16.81 32.64 31.93
C ASP D 112 -16.63 31.31 31.20
N ALA D 113 -16.81 31.32 29.88
CA ALA D 113 -16.54 30.13 29.08
C ALA D 113 -15.04 29.87 28.93
N LYS D 114 -14.21 30.92 29.04
CA LYS D 114 -12.77 30.74 28.93
C LYS D 114 -12.22 29.87 30.06
N LYS D 115 -12.89 29.86 31.21
CA LYS D 115 -12.49 28.95 32.29
C LYS D 115 -12.54 27.50 31.83
N TYR D 116 -13.41 27.20 30.87
CA TYR D 116 -13.50 25.87 30.30
C TYR D 116 -12.70 25.82 29.00
N THR D 117 -12.00 24.71 28.80
CA THR D 117 -11.13 24.51 27.63
C THR D 117 -11.69 23.34 26.84
N CYS D 118 -12.58 23.63 25.89
CA CYS D 118 -13.24 22.61 25.08
C CYS D 118 -12.53 22.49 23.74
N THR D 119 -12.17 21.25 23.37
CA THR D 119 -11.49 21.02 22.10
C THR D 119 -12.39 21.30 20.92
N VAL D 120 -13.70 21.05 21.06
CA VAL D 120 -14.67 21.19 19.98
C VAL D 120 -15.83 22.05 20.48
N SER D 121 -16.83 22.21 19.61
CA SER D 121 -18.03 22.97 19.95
C SER D 121 -19.20 22.38 19.20
N THR D 122 -20.40 22.82 19.57
CA THR D 122 -21.62 22.32 18.94
C THR D 122 -21.76 22.77 17.49
N GLY D 123 -20.94 23.71 17.03
CA GLY D 123 -20.97 24.12 15.64
C GLY D 123 -22.01 25.16 15.28
N PHE D 124 -22.70 25.73 16.26
CA PHE D 124 -23.63 26.81 15.97
C PHE D 124 -23.72 27.72 17.19
N LYS D 125 -24.15 28.96 16.95
CA LYS D 125 -24.26 29.94 18.01
C LYS D 125 -25.47 29.64 18.89
N PHE D 126 -25.27 29.78 20.20
CA PHE D 126 -26.32 29.55 21.17
C PHE D 126 -27.32 30.71 21.16
N ASP D 127 -28.58 30.39 21.45
CA ASP D 127 -29.65 31.38 21.50
C ASP D 127 -30.56 31.04 22.66
N ASP D 128 -30.49 31.84 23.73
CA ASP D 128 -31.36 31.63 24.88
C ASP D 128 -32.81 31.91 24.55
N THR D 129 -33.07 32.84 23.62
CA THR D 129 -34.44 33.15 23.25
C THR D 129 -35.14 31.94 22.63
N LYS D 130 -34.44 31.20 21.76
CA LYS D 130 -34.98 29.96 21.21
C LYS D 130 -34.87 28.80 22.18
N PHE D 131 -34.12 28.96 23.27
CA PHE D 131 -33.97 27.90 24.27
C PHE D 131 -34.97 28.12 25.40
N VAL D 132 -36.24 27.97 25.04
CA VAL D 132 -37.35 28.14 25.98
C VAL D 132 -38.35 27.01 25.77
N GLU D 133 -39.00 26.60 26.87
CA GLU D 133 -40.00 25.56 26.78
C GLU D 133 -41.33 26.10 26.27
N ASP D 134 -41.66 27.35 26.60
CA ASP D 134 -42.92 27.97 26.19
C ASP D 134 -42.76 28.42 24.73
N SER D 135 -42.96 27.46 23.82
CA SER D 135 -42.86 27.74 22.39
C SER D 135 -43.64 26.68 21.63
N PRO D 136 -44.29 27.03 20.52
CA PRO D 136 -45.01 26.01 19.75
C PRO D 136 -44.11 24.88 19.25
N GLU D 137 -42.86 25.20 18.91
CA GLU D 137 -41.95 24.15 18.43
C GLU D 137 -41.70 23.11 19.52
N MET D 138 -41.60 23.55 20.78
CA MET D 138 -41.41 22.61 21.88
C MET D 138 -42.59 21.65 21.99
N GLU D 139 -43.81 22.17 21.92
CA GLU D 139 -44.99 21.31 22.00
C GLU D 139 -45.07 20.35 20.82
N GLU D 140 -44.79 20.86 19.61
CA GLU D 140 -44.81 20.01 18.42
C GLU D 140 -43.79 18.89 18.54
N LEU D 141 -42.58 19.22 18.99
CA LEU D 141 -41.54 18.20 19.12
C LEU D 141 -41.85 17.22 20.24
N MET D 142 -42.45 17.69 21.33
CA MET D 142 -42.89 16.78 22.38
C MET D 142 -43.92 15.80 21.87
N ASN D 143 -44.89 16.29 21.08
CA ASN D 143 -45.87 15.39 20.48
C ASN D 143 -45.20 14.40 19.53
N ILE D 144 -44.23 14.85 18.74
CA ILE D 144 -43.53 13.97 17.81
C ILE D 144 -42.78 12.87 18.56
N ILE D 145 -42.09 13.25 19.64
CA ILE D 145 -41.34 12.28 20.42
C ILE D 145 -42.28 11.29 21.10
N ASN D 146 -43.40 11.78 21.65
CA ASN D 146 -44.40 10.88 22.24
C ASN D 146 -44.98 9.94 21.19
N ASP D 147 -45.13 10.39 19.95
CA ASP D 147 -45.49 9.47 18.88
C ASP D 147 -44.41 8.43 18.65
N ILE D 148 -43.14 8.85 18.66
CA ILE D 148 -42.04 7.91 18.49
C ILE D 148 -41.97 6.94 19.65
N GLN D 149 -42.11 7.43 20.87
CA GLN D 149 -42.11 6.60 22.07
C GLN D 149 -43.26 7.01 22.97
N PRO D 150 -44.32 6.22 23.05
CA PRO D 150 -45.48 6.62 23.86
C PRO D 150 -45.16 6.66 25.35
N LEU D 151 -45.88 7.54 26.05
CA LEU D 151 -45.77 7.66 27.51
C LEU D 151 -46.71 6.68 28.22
N THR D 152 -46.62 5.41 27.87
CA THR D 152 -47.47 4.37 28.42
C THR D 152 -46.68 3.49 29.38
N ASP D 153 -47.39 2.92 30.35
CA ASP D 153 -46.76 2.05 31.34
C ASP D 153 -46.13 0.82 30.70
N GLU D 154 -46.76 0.28 29.65
CA GLU D 154 -46.18 -0.84 28.92
C GLU D 154 -44.86 -0.44 28.25
N ASN D 155 -44.76 0.81 27.81
CA ASN D 155 -43.53 1.34 27.23
C ASN D 155 -42.74 2.20 28.21
N LYS D 156 -43.11 2.19 29.49
CA LYS D 156 -42.50 3.11 30.46
C LYS D 156 -41.01 2.87 30.59
N LYS D 157 -40.60 1.60 30.76
CA LYS D 157 -39.18 1.30 30.90
C LYS D 157 -38.41 1.63 29.62
N ASN D 158 -38.96 1.27 28.46
CA ASN D 158 -38.29 1.55 27.20
C ASN D 158 -38.19 3.06 26.96
N ARG D 159 -39.26 3.80 27.22
CA ARG D 159 -39.23 5.25 27.06
C ARG D 159 -38.23 5.88 28.02
N GLU D 160 -38.19 5.42 29.26
CA GLU D 160 -37.25 5.97 30.23
C GLU D 160 -35.81 5.69 29.82
N LEU D 161 -35.53 4.48 29.34
CA LEU D 161 -34.18 4.16 28.87
C LEU D 161 -33.81 5.00 27.64
N TYR D 162 -34.77 5.21 26.74
CA TYR D 162 -34.54 6.03 25.56
C TYR D 162 -34.19 7.46 25.96
N GLU D 163 -34.94 8.03 26.90
CA GLU D 163 -34.64 9.37 27.38
C GLU D 163 -33.28 9.42 28.06
N LYS D 164 -32.95 8.40 28.86
CA LYS D 164 -31.66 8.37 29.55
C LYS D 164 -30.52 8.31 28.54
N THR D 165 -30.66 7.51 27.49
CA THR D 165 -29.61 7.42 26.48
C THR D 165 -29.47 8.73 25.72
N LEU D 166 -30.59 9.35 25.32
CA LEU D 166 -30.49 10.62 24.61
C LEU D 166 -29.89 11.71 25.48
N SER D 167 -30.16 11.68 26.80
CA SER D 167 -29.55 12.64 27.70
C SER D 167 -28.06 12.36 27.89
N SER D 168 -27.68 11.08 27.97
CA SER D 168 -26.27 10.72 28.07
C SER D 168 -25.49 11.07 26.82
N CYS D 169 -26.17 11.20 25.68
CA CYS D 169 -25.50 11.71 24.48
C CYS D 169 -24.90 13.09 24.72
N LEU D 170 -25.45 13.86 25.66
CA LEU D 170 -24.87 15.16 25.99
C LEU D 170 -23.59 15.04 26.80
N CYS D 171 -23.52 14.07 27.71
CA CYS D 171 -22.41 13.98 28.65
C CYS D 171 -21.10 13.72 27.93
N GLY D 172 -20.06 14.46 28.29
CA GLY D 172 -18.75 14.27 27.72
C GLY D 172 -17.88 13.34 28.53
N ALA D 173 -18.39 12.16 28.85
CA ALA D 173 -17.67 11.14 29.61
C ALA D 173 -17.70 9.82 28.85
N THR D 174 -16.97 8.84 29.39
CA THR D 174 -16.90 7.53 28.77
C THR D 174 -18.22 6.79 28.93
N LYS D 175 -18.67 6.16 27.86
CA LYS D 175 -19.91 5.40 27.92
C LYS D 175 -19.70 4.11 28.70
N GLY D 176 -20.60 3.86 29.66
CA GLY D 176 -20.48 2.68 30.51
C GLY D 176 -21.31 1.51 30.02
N CYS D 177 -22.19 1.73 29.06
CA CYS D 177 -23.07 0.67 28.57
C CYS D 177 -23.56 1.03 27.18
N LEU D 178 -23.21 0.21 26.20
CA LEU D 178 -23.64 0.42 24.82
C LEU D 178 -25.16 0.33 24.70
N THR D 179 -25.72 1.11 23.79
CA THR D 179 -27.16 1.18 23.60
C THR D 179 -27.51 0.81 22.17
N PHE D 180 -28.62 0.09 22.01
CA PHE D 180 -29.10 -0.38 20.71
C PHE D 180 -30.49 0.19 20.46
N PHE D 181 -30.76 0.56 19.21
CA PHE D 181 -32.10 0.97 18.79
C PHE D 181 -32.69 -0.17 17.97
N PHE D 182 -33.64 -0.90 18.54
CA PHE D 182 -34.25 -2.05 17.91
C PHE D 182 -35.64 -1.71 17.40
N GLY D 183 -35.97 -2.21 16.22
CA GLY D 183 -37.27 -1.99 15.63
C GLY D 183 -37.31 -2.38 14.16
N GLU D 184 -38.18 -1.73 13.40
CA GLU D 184 -38.26 -1.92 11.96
C GLU D 184 -37.76 -0.67 11.25
N THR D 185 -37.88 -0.65 9.93
CA THR D 185 -37.43 0.50 9.16
C THR D 185 -38.37 1.68 9.38
N ALA D 186 -37.79 2.86 9.63
CA ALA D 186 -38.54 4.11 9.79
C ALA D 186 -39.58 4.00 10.90
N THR D 187 -39.19 3.40 12.02
CA THR D 187 -40.03 3.31 13.20
C THR D 187 -39.78 4.45 14.18
N GLY D 188 -38.86 5.36 13.87
CA GLY D 188 -38.55 6.46 14.75
C GLY D 188 -37.07 6.60 15.03
N LYS D 189 -36.30 5.58 14.64
CA LYS D 189 -34.86 5.60 14.86
C LYS D 189 -34.18 6.67 14.02
N SER D 190 -34.51 6.72 12.72
CA SER D 190 -33.92 7.72 11.84
C SER D 190 -34.34 9.13 12.22
N THR D 191 -35.59 9.33 12.61
CA THR D 191 -36.03 10.64 13.07
C THR D 191 -35.27 11.08 14.31
N THR D 192 -35.09 10.16 15.27
CA THR D 192 -34.31 10.47 16.46
C THR D 192 -32.88 10.81 16.11
N LYS D 193 -32.28 10.06 15.18
CA LYS D 193 -30.91 10.34 14.76
C LYS D 193 -30.81 11.74 14.16
N ARG D 194 -31.73 12.09 13.27
CA ARG D 194 -31.70 13.39 12.62
C ARG D 194 -31.91 14.52 13.63
N LEU D 195 -32.86 14.34 14.55
CA LEU D 195 -33.11 15.36 15.56
C LEU D 195 -31.90 15.56 16.46
N LEU D 196 -31.30 14.47 16.91
CA LEU D 196 -30.13 14.56 17.77
C LEU D 196 -28.95 15.22 17.04
N LYS D 197 -28.74 14.85 15.76
CA LYS D 197 -27.68 15.46 14.99
C LYS D 197 -27.91 16.96 14.83
N SER D 198 -29.14 17.36 14.50
CA SER D 198 -29.43 18.78 14.37
C SER D 198 -29.28 19.51 15.69
N ALA D 199 -29.57 18.83 16.81
CA ALA D 199 -29.48 19.49 18.11
C ALA D 199 -28.02 19.70 18.51
N ILE D 200 -27.17 18.69 18.33
CA ILE D 200 -25.81 18.74 18.86
C ILE D 200 -24.78 19.12 17.80
N GLY D 201 -25.20 19.39 16.56
CA GLY D 201 -24.28 19.97 15.59
C GLY D 201 -23.10 19.06 15.29
N ASP D 202 -21.90 19.65 15.29
CA ASP D 202 -20.69 18.91 14.93
C ASP D 202 -20.34 17.82 15.93
N LEU D 203 -20.85 17.90 17.16
CA LEU D 203 -20.59 16.85 18.14
C LEU D 203 -21.15 15.51 17.70
N PHE D 204 -22.16 15.51 16.84
CA PHE D 204 -22.71 14.27 16.32
C PHE D 204 -21.75 13.63 15.31
N VAL D 205 -21.81 12.31 15.23
CA VAL D 205 -21.09 11.57 14.20
C VAL D 205 -21.90 10.32 13.87
N GLU D 206 -21.80 9.89 12.61
CA GLU D 206 -22.50 8.72 12.13
C GLU D 206 -21.53 7.81 11.40
N THR D 207 -21.76 6.50 11.51
CA THR D 207 -20.89 5.51 10.89
C THR D 207 -21.71 4.29 10.54
N GLY D 208 -21.07 3.35 9.85
CA GLY D 208 -21.72 2.14 9.40
C GLY D 208 -21.48 0.95 10.29
N GLN D 209 -21.35 -0.22 9.68
CA GLN D 209 -21.16 -1.47 10.39
C GLN D 209 -19.69 -1.86 10.54
N THR D 210 -18.76 -1.03 10.08
CA THR D 210 -17.35 -1.40 10.08
C THR D 210 -16.82 -1.55 11.50
N ILE D 211 -17.06 -0.56 12.37
CA ILE D 211 -16.55 -0.62 13.73
C ILE D 211 -17.19 -1.72 14.56
N LEU D 212 -18.38 -2.18 14.17
CA LEU D 212 -19.07 -3.24 14.90
C LEU D 212 -18.78 -4.62 14.35
N THR D 213 -18.31 -4.72 13.10
CA THR D 213 -18.11 -6.02 12.47
C THR D 213 -16.67 -6.28 12.02
N ASP D 214 -15.79 -5.29 12.10
CA ASP D 214 -14.42 -5.43 11.61
C ASP D 214 -13.43 -5.11 12.73
N VAL D 215 -12.14 -5.28 12.42
CA VAL D 215 -11.07 -5.02 13.37
C VAL D 215 -10.73 -3.53 13.33
N LEU D 216 -10.70 -2.90 14.50
CA LEU D 216 -10.44 -1.47 14.57
C LEU D 216 -8.96 -1.14 14.33
N ASP D 217 -8.09 -1.65 15.21
CA ASP D 217 -6.68 -1.29 15.20
C ASP D 217 -5.95 -2.11 14.13
N LYS D 218 -5.97 -1.60 12.90
CA LYS D 218 -5.20 -2.18 11.80
C LYS D 218 -4.82 -1.03 10.87
N GLY D 219 -3.62 -0.48 11.07
CA GLY D 219 -3.15 0.65 10.31
C GLY D 219 -4.01 1.88 10.52
N PRO D 220 -4.18 2.68 9.47
CA PRO D 220 -5.06 3.85 9.58
C PRO D 220 -6.50 3.44 9.82
N ASN D 221 -7.21 4.28 10.59
CA ASN D 221 -8.62 4.06 10.89
C ASN D 221 -9.30 5.42 11.00
N PRO D 222 -9.72 5.99 9.87
CA PRO D 222 -10.38 7.31 9.91
C PRO D 222 -11.68 7.33 10.71
N PHE D 223 -12.38 6.21 10.82
CA PHE D 223 -13.62 6.18 11.60
C PHE D 223 -13.34 6.48 13.06
N ILE D 224 -12.39 5.76 13.67
CA ILE D 224 -12.04 6.01 15.06
C ILE D 224 -11.43 7.39 15.23
N ALA D 225 -10.65 7.83 14.25
CA ALA D 225 -10.06 9.18 14.31
C ALA D 225 -11.13 10.25 14.36
N ASN D 226 -12.20 10.10 13.57
CA ASN D 226 -13.30 11.07 13.62
C ASN D 226 -14.13 10.91 14.88
N MET D 227 -14.28 9.67 15.38
CA MET D 227 -15.09 9.44 16.57
C MET D 227 -14.47 10.02 17.83
N HIS D 228 -13.20 10.39 17.82
CA HIS D 228 -12.56 10.95 19.00
C HIS D 228 -13.14 12.33 19.31
N LEU D 229 -13.21 12.64 20.61
CA LEU D 229 -13.70 13.93 21.10
C LEU D 229 -15.14 14.21 20.63
N LYS D 230 -15.92 13.15 20.43
CA LYS D 230 -17.30 13.28 19.99
C LYS D 230 -18.25 13.10 21.17
N ARG D 231 -19.52 13.43 20.94
CA ARG D 231 -20.54 13.31 21.98
C ARG D 231 -21.49 12.14 21.74
N SER D 232 -21.62 11.66 20.51
CA SER D 232 -22.51 10.54 20.23
C SER D 232 -22.09 9.88 18.92
N VAL D 233 -22.24 8.56 18.86
CA VAL D 233 -21.92 7.77 17.67
C VAL D 233 -23.19 7.02 17.28
N PHE D 234 -23.60 7.17 16.02
CA PHE D 234 -24.76 6.46 15.50
C PHE D 234 -24.30 5.44 14.47
N CYS D 235 -24.59 4.17 14.72
CA CYS D 235 -24.17 3.07 13.84
C CYS D 235 -25.42 2.46 13.20
N SER D 236 -25.68 2.86 11.95
CA SER D 236 -26.80 2.31 11.19
C SER D 236 -26.31 1.16 10.31
N GLU D 237 -27.18 0.72 9.41
CA GLU D 237 -26.87 -0.31 8.42
C GLU D 237 -26.45 -1.62 9.08
N LEU D 238 -27.37 -2.18 9.86
CA LEU D 238 -26.95 -3.50 10.33
C LEU D 238 -27.58 -4.59 9.46
N PRO D 239 -26.82 -5.61 9.10
CA PRO D 239 -27.30 -6.62 8.17
C PRO D 239 -28.23 -7.62 8.84
N ASP D 240 -28.90 -8.40 8.00
CA ASP D 240 -29.75 -9.49 8.48
C ASP D 240 -28.86 -10.58 9.07
N PHE D 241 -28.85 -10.68 10.40
CA PHE D 241 -27.95 -11.61 11.07
C PHE D 241 -28.32 -13.07 10.83
N ALA D 242 -29.60 -13.36 10.62
CA ALA D 242 -30.02 -14.72 10.31
C ALA D 242 -29.47 -15.18 8.97
N CYS D 243 -29.43 -14.29 7.98
CA CYS D 243 -28.90 -14.64 6.67
C CYS D 243 -27.39 -14.86 6.74
N SER D 244 -26.90 -15.72 5.85
CA SER D 244 -25.49 -16.04 5.80
C SER D 244 -24.70 -14.88 5.19
N GLY D 245 -23.43 -14.79 5.57
CA GLY D 245 -22.54 -13.75 5.10
C GLY D 245 -22.51 -12.49 5.93
N SER D 246 -23.50 -12.30 6.82
CA SER D 246 -23.55 -11.13 7.67
C SER D 246 -22.68 -11.33 8.90
N LYS D 247 -21.74 -10.41 9.11
CA LYS D 247 -20.83 -10.51 10.25
C LYS D 247 -21.57 -10.25 11.56
N LYS D 248 -21.07 -10.85 12.62
CA LYS D 248 -21.62 -10.67 13.95
C LYS D 248 -21.04 -9.41 14.60
N ILE D 249 -21.78 -8.86 15.56
CA ILE D 249 -21.29 -7.73 16.34
C ILE D 249 -20.18 -8.25 17.25
N ARG D 250 -18.95 -7.91 16.92
CA ARG D 250 -17.79 -8.43 17.64
C ARG D 250 -17.76 -7.86 19.06
N SER D 251 -17.82 -8.74 20.07
CA SER D 251 -17.72 -8.31 21.45
C SER D 251 -16.37 -7.69 21.76
N ASP D 252 -15.32 -8.08 21.03
CA ASP D 252 -14.03 -7.42 21.18
C ASP D 252 -14.13 -5.94 20.80
N ASN D 253 -14.84 -5.63 19.71
CA ASN D 253 -15.07 -4.24 19.34
C ASN D 253 -15.85 -3.50 20.41
N ILE D 254 -16.88 -4.14 20.97
CA ILE D 254 -17.69 -3.51 22.00
C ILE D 254 -16.83 -3.18 23.22
N LYS D 255 -15.97 -4.11 23.62
CA LYS D 255 -15.06 -3.83 24.73
C LYS D 255 -14.01 -2.79 24.34
N LYS D 256 -13.74 -2.64 23.04
CA LYS D 256 -12.78 -1.64 22.61
C LYS D 256 -13.32 -0.22 22.71
N LEU D 257 -14.57 0.01 22.27
CA LEU D 257 -15.18 1.34 22.34
C LEU D 257 -15.99 1.51 23.62
N THR D 258 -15.40 1.15 24.76
CA THR D 258 -16.01 1.37 26.06
C THR D 258 -14.96 1.83 27.07
N GLU D 259 -13.93 2.51 26.59
CA GLU D 259 -12.83 2.98 27.42
C GLU D 259 -12.56 4.46 27.18
N PRO D 260 -12.08 5.17 28.20
CA PRO D 260 -11.77 6.60 28.00
C PRO D 260 -10.73 6.85 26.93
N CYS D 261 -9.78 5.94 26.76
CA CYS D 261 -8.69 6.09 25.78
C CYS D 261 -8.74 4.87 24.87
N VAL D 262 -9.22 5.06 23.64
CA VAL D 262 -9.39 3.97 22.68
C VAL D 262 -8.31 4.10 21.60
N ILE D 263 -7.59 3.00 21.36
CA ILE D 263 -6.52 3.01 20.37
C ILE D 263 -7.11 3.06 18.96
N GLY D 264 -6.25 3.36 18.01
CA GLY D 264 -6.64 3.49 16.61
C GLY D 264 -5.84 4.56 15.90
N ARG D 265 -5.31 4.23 14.73
CA ARG D 265 -4.39 5.19 14.14
C ARG D 265 -5.11 6.12 13.16
N PRO D 266 -4.89 7.43 13.28
CA PRO D 266 -5.42 8.36 12.28
C PRO D 266 -4.62 8.33 10.99
N CYS D 267 -4.94 9.23 10.05
CA CYS D 267 -4.32 9.26 8.74
C CYS D 267 -3.12 10.20 8.78
N PHE D 268 -1.91 9.64 8.64
CA PHE D 268 -0.66 10.39 8.57
C PHE D 268 -0.50 11.32 9.77
N SER D 269 -0.78 10.78 10.96
CA SER D 269 -0.58 11.51 12.20
C SER D 269 -0.52 10.52 13.34
N ASN D 270 -0.03 10.99 14.49
CA ASN D 270 0.11 10.17 15.69
C ASN D 270 -0.91 10.64 16.73
N LYS D 271 -2.13 10.13 16.62
CA LYS D 271 -3.20 10.42 17.56
C LYS D 271 -3.91 9.15 18.00
N ILE D 272 -3.14 8.10 18.27
CA ILE D 272 -3.73 6.80 18.64
C ILE D 272 -4.51 6.91 19.94
N ASN D 273 -4.04 7.71 20.89
CA ASN D 273 -4.76 7.93 22.13
C ASN D 273 -5.95 8.85 21.86
N ASN D 274 -7.15 8.27 21.83
CA ASN D 274 -8.36 8.99 21.48
C ASN D 274 -9.28 9.07 22.69
N ARG D 275 -9.76 10.27 23.00
CA ARG D 275 -10.71 10.45 24.09
C ARG D 275 -12.10 10.08 23.61
N ASN D 276 -12.77 9.18 24.32
CA ASN D 276 -14.09 8.68 23.95
C ASN D 276 -15.12 9.28 24.90
N HIS D 277 -15.83 10.32 24.44
CA HIS D 277 -16.90 10.94 25.21
C HIS D 277 -18.26 10.71 24.57
N ALA D 278 -18.34 9.75 23.65
CA ALA D 278 -19.50 9.60 22.79
C ALA D 278 -20.43 8.51 23.28
N THR D 279 -21.74 8.79 23.24
CA THR D 279 -22.76 7.78 23.48
C THR D 279 -23.09 7.08 22.17
N ILE D 280 -22.69 5.82 22.05
CA ILE D 280 -22.79 5.08 20.80
C ILE D 280 -24.16 4.43 20.74
N ILE D 281 -25.01 4.93 19.84
CA ILE D 281 -26.34 4.39 19.62
C ILE D 281 -26.33 3.65 18.29
N ILE D 282 -26.76 2.39 18.31
CA ILE D 282 -26.67 1.52 17.14
C ILE D 282 -28.06 1.39 16.54
N ASP D 283 -28.21 1.86 15.31
CA ASP D 283 -29.49 1.75 14.60
C ASP D 283 -29.53 0.44 13.84
N THR D 284 -30.54 -0.38 14.14
CA THR D 284 -30.66 -1.69 13.51
C THR D 284 -32.13 -2.04 13.33
N ASN D 285 -32.38 -3.01 12.46
CA ASN D 285 -33.74 -3.50 12.20
C ASN D 285 -33.93 -4.95 12.59
N TYR D 286 -32.89 -5.61 13.10
CA TYR D 286 -32.95 -7.00 13.49
C TYR D 286 -32.45 -7.16 14.93
N LYS D 287 -32.68 -8.34 15.49
CA LYS D 287 -32.13 -8.64 16.81
C LYS D 287 -30.64 -8.95 16.68
N PRO D 288 -29.79 -8.32 17.49
CA PRO D 288 -28.34 -8.48 17.32
C PRO D 288 -27.86 -9.89 17.61
N VAL D 289 -26.85 -10.30 16.86
CA VAL D 289 -26.18 -11.58 17.03
C VAL D 289 -24.69 -11.32 17.13
N PHE D 290 -24.06 -11.79 18.21
CA PHE D 290 -22.67 -11.49 18.52
C PHE D 290 -21.80 -12.73 18.32
N ASP D 291 -20.49 -12.51 18.42
CA ASP D 291 -19.53 -13.60 18.29
C ASP D 291 -19.15 -14.20 19.65
N ARG D 292 -19.06 -13.35 20.68
CA ARG D 292 -18.73 -13.80 22.03
C ARG D 292 -19.74 -13.21 23.00
N ILE D 293 -20.20 -14.03 23.94
CA ILE D 293 -21.21 -13.63 24.91
C ILE D 293 -20.69 -13.96 26.31
N ASP D 294 -20.78 -12.99 27.22
CA ASP D 294 -20.36 -13.18 28.60
C ASP D 294 -21.08 -12.15 29.47
N ASN D 295 -20.82 -12.20 30.77
CA ASN D 295 -21.47 -11.28 31.69
C ASN D 295 -21.05 -9.84 31.45
N ALA D 296 -19.78 -9.62 31.11
CA ALA D 296 -19.31 -8.26 30.84
C ALA D 296 -20.07 -7.63 29.68
N LEU D 297 -20.24 -8.37 28.58
CA LEU D 297 -20.99 -7.85 27.45
C LEU D 297 -22.47 -7.64 27.81
N MET D 298 -23.05 -8.57 28.57
CA MET D 298 -24.44 -8.40 28.99
C MET D 298 -24.63 -7.18 29.89
N ARG D 299 -23.61 -6.80 30.64
CA ARG D 299 -23.64 -5.56 31.40
C ARG D 299 -23.22 -4.35 30.57
N ARG D 300 -22.66 -4.57 29.39
CA ARG D 300 -22.24 -3.50 28.50
C ARG D 300 -23.29 -3.08 27.48
N ILE D 301 -24.41 -3.79 27.39
CA ILE D 301 -25.36 -3.61 26.29
C ILE D 301 -26.73 -3.24 26.86
N ALA D 302 -27.29 -2.14 26.37
CA ALA D 302 -28.67 -1.77 26.61
C ALA D 302 -29.42 -1.73 25.29
N VAL D 303 -30.71 -2.05 25.33
CA VAL D 303 -31.54 -2.15 24.13
C VAL D 303 -32.75 -1.23 24.30
N VAL D 304 -32.99 -0.38 23.32
CA VAL D 304 -34.16 0.49 23.27
C VAL D 304 -34.99 0.07 22.08
N ARG D 305 -36.19 -0.46 22.34
CA ARG D 305 -37.07 -0.91 21.28
C ARG D 305 -37.88 0.24 20.71
N PHE D 306 -38.25 0.11 19.45
CA PHE D 306 -39.14 1.05 18.78
C PHE D 306 -40.37 0.29 18.32
N ARG D 307 -41.53 0.64 18.88
CA ARG D 307 -42.77 -0.11 18.65
C ARG D 307 -43.90 0.80 18.18
N THR D 308 -43.59 1.77 17.32
CA THR D 308 -44.62 2.65 16.77
C THR D 308 -44.24 3.00 15.33
N HIS D 309 -45.01 2.48 14.38
CA HIS D 309 -44.79 2.76 12.97
C HIS D 309 -45.57 4.00 12.55
N PHE D 310 -45.13 4.59 11.43
CA PHE D 310 -45.77 5.77 10.86
C PHE D 310 -45.97 5.52 9.37
N SER D 311 -47.10 4.93 9.01
CA SER D 311 -47.39 4.60 7.61
C SER D 311 -47.53 5.87 6.77
N TYR D 325 -45.84 -3.75 16.27
CA TYR D 325 -45.61 -2.50 17.00
C TYR D 325 -46.54 -2.39 18.20
N ASP D 326 -46.63 -1.19 18.75
CA ASP D 326 -47.61 -0.87 19.79
C ASP D 326 -48.59 0.22 19.36
N LYS D 327 -48.36 0.86 18.21
CA LYS D 327 -49.17 1.98 17.75
C LYS D 327 -48.81 2.27 16.30
N VAL D 328 -49.82 2.53 15.47
CA VAL D 328 -49.63 2.80 14.05
C VAL D 328 -50.34 4.10 13.71
N LYS D 329 -49.60 5.05 13.15
CA LYS D 329 -50.13 6.34 12.73
C LYS D 329 -49.78 6.60 11.27
N LEU D 330 -50.11 7.81 10.81
CA LEU D 330 -49.84 8.22 9.44
C LEU D 330 -48.48 8.90 9.33
N LEU D 331 -47.96 8.94 8.11
CA LEU D 331 -46.65 9.53 7.86
C LEU D 331 -46.73 11.04 7.78
N ASP D 332 -45.72 11.71 8.35
CA ASP D 332 -45.58 13.16 8.26
C ASP D 332 -44.42 13.45 7.30
N GLU D 333 -44.74 13.66 6.03
CA GLU D 333 -43.71 13.87 5.02
C GLU D 333 -42.97 15.19 5.21
N GLY D 334 -43.64 16.21 5.74
CA GLY D 334 -43.02 17.49 5.95
C GLY D 334 -42.20 17.62 7.21
N LEU D 335 -42.09 16.56 8.00
CA LEU D 335 -41.32 16.62 9.24
C LEU D 335 -39.83 16.79 8.97
N ASP D 336 -39.31 16.10 7.96
CA ASP D 336 -37.87 16.11 7.71
C ASP D 336 -37.38 17.49 7.29
N GLY D 337 -38.20 18.25 6.57
CA GLY D 337 -37.80 19.58 6.15
C GLY D 337 -37.55 20.52 7.31
N LYS D 338 -38.36 20.44 8.35
CA LYS D 338 -38.13 21.25 9.54
C LYS D 338 -36.87 20.83 10.27
N ILE D 339 -36.58 19.53 10.29
CA ILE D 339 -35.34 19.05 10.93
C ILE D 339 -34.12 19.56 10.17
N GLN D 340 -34.16 19.47 8.84
CA GLN D 340 -33.04 19.95 8.04
C GLN D 340 -32.87 21.47 8.14
N ASN D 341 -33.95 22.18 8.43
CA ASN D 341 -33.89 23.63 8.65
C ASN D 341 -33.62 23.99 10.10
N ASN D 342 -33.41 22.99 10.96
CA ASN D 342 -33.07 23.20 12.37
C ASN D 342 -34.17 23.98 13.10
N ARG D 343 -35.42 23.78 12.69
CA ARG D 343 -36.53 24.42 13.39
C ARG D 343 -36.67 23.88 14.81
N TYR D 344 -36.52 22.57 14.99
CA TYR D 344 -36.60 21.92 16.29
C TYR D 344 -35.23 21.66 16.90
N ARG D 345 -34.24 22.48 16.56
CA ARG D 345 -32.90 22.29 17.11
C ARG D 345 -32.86 22.66 18.59
N PHE D 346 -33.21 23.91 18.91
CA PHE D 346 -33.18 24.36 20.29
C PHE D 346 -34.27 23.71 21.14
N ALA D 347 -35.41 23.36 20.55
CA ALA D 347 -36.41 22.62 21.31
C ALA D 347 -35.89 21.24 21.71
N PHE D 348 -35.23 20.55 20.78
CA PHE D 348 -34.63 19.25 21.12
C PHE D 348 -33.51 19.42 22.13
N LEU D 349 -32.75 20.51 22.02
CA LEU D 349 -31.71 20.78 23.01
C LEU D 349 -32.30 20.99 24.40
N TYR D 350 -33.40 21.73 24.48
CA TYR D 350 -34.09 21.94 25.76
C TYR D 350 -34.60 20.62 26.32
N LEU D 351 -35.17 19.78 25.46
CA LEU D 351 -35.61 18.46 25.90
C LEU D 351 -34.45 17.61 26.40
N LEU D 352 -33.32 17.63 25.71
CA LEU D 352 -32.14 16.88 26.14
C LEU D 352 -31.63 17.39 27.48
N VAL D 353 -31.61 18.71 27.66
CA VAL D 353 -31.16 19.29 28.92
C VAL D 353 -32.09 18.88 30.06
N LYS D 354 -33.41 18.92 29.81
CA LYS D 354 -34.36 18.51 30.84
C LYS D 354 -34.20 17.04 31.19
N TRP D 355 -33.99 16.18 30.19
CA TRP D 355 -33.73 14.77 30.47
C TRP D 355 -32.44 14.55 31.24
N TYR D 356 -31.39 15.31 30.90
CA TYR D 356 -30.14 15.19 31.64
C TYR D 356 -30.32 15.60 33.09
N LYS D 357 -31.06 16.69 33.33
CA LYS D 357 -31.35 17.10 34.70
C LYS D 357 -32.20 16.06 35.42
N LYS D 358 -33.12 15.42 34.72
CA LYS D 358 -34.01 14.44 35.35
C LYS D 358 -33.26 13.16 35.72
N TYR D 359 -32.34 12.70 34.87
CA TYR D 359 -31.73 11.39 35.08
C TYR D 359 -30.26 11.49 35.46
N HIS D 360 -29.42 12.15 34.68
CA HIS D 360 -27.97 12.09 34.85
C HIS D 360 -27.43 13.15 35.80
N VAL D 361 -28.25 14.05 36.31
CA VAL D 361 -27.84 15.02 37.31
C VAL D 361 -28.12 14.43 38.69
N PRO D 362 -27.14 14.36 39.58
CA PRO D 362 -25.75 14.82 39.43
C PRO D 362 -24.79 13.74 38.97
N ILE D 363 -25.23 12.49 38.87
CA ILE D 363 -24.34 11.36 38.58
C ILE D 363 -24.78 10.70 37.28
N MET D 364 -23.83 10.47 36.38
CA MET D 364 -24.10 9.74 35.16
C MET D 364 -24.38 8.28 35.46
N LYS D 365 -25.48 7.76 34.92
CA LYS D 365 -25.89 6.38 35.12
C LYS D 365 -26.29 5.77 33.78
N LEU D 366 -25.74 4.57 33.50
CA LEU D 366 -26.02 3.82 32.29
C LEU D 366 -26.16 2.35 32.68
N TYR D 367 -27.39 1.91 32.88
CA TYR D 367 -27.60 0.53 33.31
C TYR D 367 -28.02 -0.33 32.12
N PRO D 368 -27.48 -1.54 32.02
CA PRO D 368 -27.79 -2.41 30.89
C PRO D 368 -29.19 -3.01 30.98
N THR D 369 -29.70 -3.41 29.81
CA THR D 369 -30.96 -4.13 29.70
C THR D 369 -30.74 -5.36 28.83
N PRO D 370 -30.00 -6.35 29.33
CA PRO D 370 -29.76 -7.57 28.54
C PRO D 370 -30.99 -8.45 28.37
N GLU D 371 -32.04 -8.23 29.16
CA GLU D 371 -33.26 -9.03 29.05
C GLU D 371 -34.00 -8.78 27.75
N GLU D 372 -33.65 -7.76 26.99
CA GLU D 372 -34.30 -7.47 25.73
C GLU D 372 -33.70 -8.24 24.55
N ILE D 373 -32.63 -9.00 24.79
CA ILE D 373 -31.98 -9.81 23.76
C ILE D 373 -32.19 -11.28 24.14
N PRO D 374 -32.72 -12.11 23.23
CA PRO D 374 -32.92 -13.53 23.57
C PRO D 374 -31.64 -14.25 23.94
N ASP D 375 -30.52 -13.95 23.29
CA ASP D 375 -29.26 -14.59 23.64
C ASP D 375 -28.83 -14.22 25.06
N PHE D 376 -28.89 -12.93 25.39
CA PHE D 376 -28.52 -12.50 26.73
C PHE D 376 -29.50 -12.98 27.78
N ALA D 377 -30.79 -13.03 27.46
CA ALA D 377 -31.76 -13.60 28.39
C ALA D 377 -31.48 -15.08 28.65
N PHE D 378 -31.15 -15.84 27.60
CA PHE D 378 -30.78 -17.24 27.78
C PHE D 378 -29.55 -17.37 28.67
N TYR D 379 -28.53 -16.54 28.40
CA TYR D 379 -27.30 -16.60 29.20
C TYR D 379 -27.55 -16.22 30.65
N LEU D 380 -28.40 -15.22 30.91
CA LEU D 380 -28.71 -14.85 32.29
C LEU D 380 -29.47 -15.97 33.01
N LYS D 381 -30.47 -16.55 32.33
CA LYS D 381 -31.23 -17.64 32.94
C LYS D 381 -30.35 -18.86 33.17
N ILE D 382 -29.32 -19.05 32.32
CA ILE D 382 -28.34 -20.11 32.57
C ILE D 382 -27.52 -19.78 33.81
N GLY D 383 -26.84 -18.62 33.79
CA GLY D 383 -25.97 -18.24 34.88
C GLY D 383 -26.65 -18.19 36.24
N THR D 384 -27.94 -17.90 36.28
CA THR D 384 -28.68 -18.00 37.54
C THR D 384 -28.76 -19.45 38.00
N LEU D 385 -29.16 -20.36 37.11
CA LEU D 385 -29.36 -21.75 37.46
C LEU D 385 -28.14 -22.63 37.21
N LEU D 386 -27.05 -22.08 36.70
CA LEU D 386 -25.86 -22.88 36.39
C LEU D 386 -24.61 -22.32 37.07
N VAL D 387 -24.69 -22.06 38.37
CA VAL D 387 -23.53 -21.57 39.10
C VAL D 387 -22.38 -22.55 38.97
N SER D 388 -21.20 -22.04 38.66
CA SER D 388 -20.04 -22.88 38.42
C SER D 388 -19.58 -23.55 39.72
N SER D 389 -19.13 -24.79 39.59
CA SER D 389 -18.64 -25.55 40.74
C SER D 389 -17.38 -24.90 41.30
N SER D 390 -17.19 -25.07 42.61
CA SER D 390 -16.07 -24.47 43.31
C SER D 390 -15.72 -25.35 44.50
N VAL D 391 -14.71 -24.92 45.26
CA VAL D 391 -14.33 -25.63 46.47
C VAL D 391 -15.46 -25.60 47.49
N LYS D 392 -16.19 -24.48 47.57
CA LYS D 392 -17.33 -24.41 48.48
C LYS D 392 -18.43 -25.39 48.09
N HIS D 393 -18.50 -25.78 46.81
CA HIS D 393 -19.49 -26.73 46.33
C HIS D 393 -19.05 -28.17 46.52
N ILE D 394 -17.79 -28.42 46.89
CA ILE D 394 -17.33 -29.79 47.11
C ILE D 394 -18.06 -30.46 48.28
N PRO D 395 -18.23 -29.82 49.44
CA PRO D 395 -18.95 -30.49 50.55
C PRO D 395 -20.39 -30.85 50.24
N LEU D 396 -20.94 -30.43 49.10
CA LEU D 396 -22.28 -30.82 48.70
C LEU D 396 -22.35 -32.22 48.12
N MET D 397 -21.20 -32.89 47.96
CA MET D 397 -21.16 -34.23 47.41
C MET D 397 -21.96 -35.24 48.23
N THR D 398 -22.05 -35.04 49.55
CA THR D 398 -22.80 -35.97 50.39
C THR D 398 -24.24 -36.12 49.92
N ASP D 399 -24.84 -35.04 49.43
CA ASP D 399 -26.20 -35.07 48.90
C ASP D 399 -26.24 -35.17 47.38
N LEU D 400 -25.17 -34.78 46.68
CA LEU D 400 -25.16 -34.82 45.23
C LEU D 400 -24.66 -36.14 44.65
N SER D 401 -24.17 -37.06 45.49
CA SER D 401 -23.73 -38.35 44.97
C SER D 401 -24.91 -39.17 44.46
N LYS D 402 -26.04 -39.12 45.14
CA LYS D 402 -27.25 -39.83 44.73
C LYS D 402 -28.13 -38.98 43.80
N LYS D 403 -27.69 -37.78 43.46
CA LYS D 403 -28.44 -36.88 42.59
C LYS D 403 -27.84 -36.80 41.18
N GLY D 404 -26.90 -37.68 40.85
CA GLY D 404 -26.32 -37.75 39.53
C GLY D 404 -24.99 -37.05 39.38
N TYR D 405 -24.58 -36.25 40.37
CA TYR D 405 -23.32 -35.52 40.28
C TYR D 405 -22.17 -36.43 40.68
N ILE D 406 -21.35 -36.81 39.71
CA ILE D 406 -20.14 -37.60 39.96
C ILE D 406 -18.96 -36.66 40.19
N LEU D 407 -18.15 -36.98 41.20
CA LEU D 407 -17.01 -36.14 41.57
C LEU D 407 -15.82 -36.50 40.69
N TYR D 408 -15.44 -35.58 39.80
CA TYR D 408 -14.30 -35.76 38.91
C TYR D 408 -13.29 -34.64 39.16
N ASP D 409 -12.06 -35.01 39.48
CA ASP D 409 -10.97 -34.05 39.72
C ASP D 409 -11.35 -33.05 40.81
N ASN D 410 -12.01 -33.55 41.86
CA ASN D 410 -12.45 -32.72 42.98
C ASN D 410 -13.35 -31.58 42.52
N VAL D 411 -14.13 -31.83 41.47
CA VAL D 411 -15.09 -30.88 40.93
C VAL D 411 -16.43 -31.59 40.79
N VAL D 412 -17.50 -30.91 41.20
CA VAL D 412 -18.85 -31.45 41.06
C VAL D 412 -19.21 -31.42 39.58
N THR D 413 -19.28 -32.59 38.96
CA THR D 413 -19.49 -32.72 37.52
C THR D 413 -20.84 -33.37 37.26
N LEU D 414 -21.57 -32.82 36.29
CA LEU D 414 -22.87 -33.32 35.86
C LEU D 414 -22.76 -33.92 34.46
N PRO D 415 -23.32 -35.10 34.25
CA PRO D 415 -23.24 -35.73 32.91
C PRO D 415 -23.92 -34.88 31.86
N LEU D 416 -23.38 -34.96 30.63
CA LEU D 416 -23.92 -34.18 29.52
C LEU D 416 -25.36 -34.55 29.20
N THR D 417 -25.68 -35.85 29.21
CA THR D 417 -27.05 -36.27 28.95
C THR D 417 -28.00 -35.72 29.99
N THR D 418 -27.64 -35.80 31.27
CA THR D 418 -28.46 -35.22 32.33
C THR D 418 -28.55 -33.72 32.20
N PHE D 419 -27.44 -33.05 31.85
CA PHE D 419 -27.47 -31.61 31.67
C PHE D 419 -28.44 -31.21 30.57
N GLN D 420 -28.43 -31.93 29.44
CA GLN D 420 -29.35 -31.62 28.36
C GLN D 420 -30.80 -31.92 28.73
N GLN D 421 -31.04 -33.06 29.37
CA GLN D 421 -32.40 -33.40 29.78
C GLN D 421 -32.95 -32.42 30.79
N LYS D 422 -32.09 -31.80 31.60
CA LYS D 422 -32.55 -30.81 32.56
C LYS D 422 -32.66 -29.41 31.96
N ILE D 423 -31.78 -29.05 31.02
CA ILE D 423 -31.88 -27.74 30.38
C ILE D 423 -33.05 -27.69 29.41
N SER D 424 -33.50 -28.84 28.90
CA SER D 424 -34.71 -28.87 28.09
C SER D 424 -35.97 -28.57 28.90
N LYS D 425 -35.90 -28.69 30.23
CA LYS D 425 -37.07 -28.42 31.06
C LYS D 425 -37.33 -26.93 31.23
N TYR D 426 -36.27 -26.11 31.33
CA TYR D 426 -36.42 -24.68 31.58
C TYR D 426 -36.38 -23.84 30.32
N PHE D 427 -35.65 -24.26 29.29
CA PHE D 427 -35.54 -23.54 28.04
C PHE D 427 -36.24 -24.31 26.93
N ASN D 428 -36.84 -23.56 26.01
CA ASN D 428 -37.43 -24.16 24.82
C ASN D 428 -36.29 -24.67 23.93
N SER D 429 -36.02 -25.97 23.99
CA SER D 429 -34.92 -26.55 23.23
C SER D 429 -35.08 -26.38 21.73
N ARG D 430 -36.30 -26.42 21.22
CA ARG D 430 -36.54 -26.21 19.80
C ARG D 430 -36.23 -24.78 19.37
N LEU D 431 -36.55 -23.78 20.19
CA LEU D 431 -36.19 -22.41 19.88
C LEU D 431 -34.72 -22.13 20.17
N PHE D 432 -34.19 -22.68 21.26
CA PHE D 432 -32.82 -22.44 21.69
C PHE D 432 -31.86 -23.54 21.27
N GLY D 433 -32.14 -24.23 20.15
CA GLY D 433 -31.28 -25.33 19.75
C GLY D 433 -29.84 -24.92 19.50
N HIS D 434 -29.63 -23.93 18.63
CA HIS D 434 -28.27 -23.49 18.34
C HIS D 434 -27.59 -22.89 19.56
N ASP D 435 -28.32 -22.13 20.37
CA ASP D 435 -27.73 -21.55 21.57
C ASP D 435 -27.27 -22.62 22.55
N ILE D 436 -28.10 -23.63 22.80
CA ILE D 436 -27.72 -24.71 23.70
C ILE D 436 -26.55 -25.49 23.13
N GLU D 437 -26.56 -25.75 21.82
CA GLU D 437 -25.46 -26.48 21.21
C GLU D 437 -24.14 -25.72 21.34
N SER D 438 -24.17 -24.40 21.09
CA SER D 438 -22.96 -23.60 21.23
C SER D 438 -22.48 -23.52 22.68
N PHE D 439 -23.42 -23.36 23.63
CA PHE D 439 -23.03 -23.34 25.03
C PHE D 439 -22.40 -24.66 25.46
N ILE D 440 -22.96 -25.78 24.99
CA ILE D 440 -22.38 -27.08 25.31
C ILE D 440 -21.00 -27.22 24.70
N ASN D 441 -20.86 -26.88 23.42
CA ASN D 441 -19.57 -27.00 22.74
C ASN D 441 -18.51 -26.07 23.33
N ARG D 442 -18.93 -24.98 23.97
CA ARG D 442 -17.96 -24.05 24.54
C ARG D 442 -17.61 -24.37 25.99
N HIS D 443 -18.57 -24.85 26.79
CA HIS D 443 -18.36 -24.99 28.23
C HIS D 443 -18.37 -26.42 28.73
N LYS D 444 -18.24 -27.42 27.86
CA LYS D 444 -18.19 -28.80 28.32
C LYS D 444 -16.76 -29.28 28.45
N LYS D 445 -16.57 -30.33 29.26
CA LYS D 445 -15.28 -30.99 29.41
C LYS D 445 -15.50 -32.51 29.36
N PHE D 446 -14.53 -33.20 28.76
CA PHE D 446 -14.61 -34.64 28.57
C PHE D 446 -13.88 -35.33 29.72
N ALA D 447 -14.48 -36.41 30.24
CA ALA D 447 -13.83 -37.15 31.31
C ALA D 447 -12.63 -37.92 30.77
N ASN D 448 -12.87 -38.90 29.88
CA ASN D 448 -11.77 -39.56 29.18
C ASN D 448 -11.87 -39.35 27.67
N VAL D 449 -12.91 -39.85 27.01
CA VAL D 449 -13.15 -39.55 25.60
C VAL D 449 -14.61 -39.19 25.37
N SER D 450 -15.50 -39.75 26.20
CA SER D 450 -16.93 -39.71 25.92
C SER D 450 -17.79 -39.29 27.09
N ASP D 451 -17.35 -39.50 28.34
CA ASP D 451 -18.14 -39.13 29.50
C ASP D 451 -18.08 -37.62 29.71
N GLU D 452 -18.60 -36.90 28.72
CA GLU D 452 -18.55 -35.45 28.73
C GLU D 452 -19.41 -34.89 29.86
N TYR D 453 -18.86 -33.90 30.57
CA TYR D 453 -19.51 -33.30 31.72
C TYR D 453 -19.40 -31.79 31.65
N LEU D 454 -20.25 -31.12 32.42
CA LEU D 454 -20.22 -29.67 32.57
C LEU D 454 -20.07 -29.32 34.04
N GLN D 455 -19.21 -28.35 34.33
CA GLN D 455 -18.91 -27.96 35.70
C GLN D 455 -19.85 -26.83 36.16
N TYR D 456 -21.14 -27.16 36.23
CA TYR D 456 -22.16 -26.24 36.68
C TYR D 456 -23.20 -27.00 37.47
N ILE D 457 -23.73 -26.36 38.52
CA ILE D 457 -24.68 -26.98 39.44
C ILE D 457 -25.97 -26.19 39.45
N PHE D 458 -27.09 -26.90 39.43
CA PHE D 458 -28.40 -26.28 39.54
C PHE D 458 -28.63 -25.75 40.95
N ILE D 459 -29.47 -24.72 41.05
CA ILE D 459 -29.88 -24.21 42.36
C ILE D 459 -30.69 -25.24 43.14
N GLU D 460 -31.53 -26.02 42.45
CA GLU D 460 -32.34 -27.05 43.09
C GLU D 460 -31.52 -28.18 43.69
N ASP D 461 -30.20 -28.16 43.52
CA ASP D 461 -29.34 -29.21 44.03
C ASP D 461 -28.42 -28.78 45.17
N ILE D 462 -28.28 -27.48 45.40
CA ILE D 462 -27.47 -26.98 46.51
C ILE D 462 -28.07 -27.41 47.85
N ALA E 1 11.93 45.70 12.36
CA ALA E 1 12.17 46.80 11.44
C ALA E 1 11.40 46.59 10.14
N MET E 2 10.10 46.84 10.18
CA MET E 2 9.22 46.68 9.02
C MET E 2 8.32 47.91 8.94
N GLY E 3 7.32 47.84 8.06
CA GLY E 3 6.41 48.94 7.84
C GLY E 3 5.11 48.81 8.62
N ASN E 4 4.49 49.96 8.86
CA ASN E 4 3.21 50.01 9.57
C ASN E 4 2.01 50.15 8.66
N LYS E 5 2.20 50.77 7.48
CA LYS E 5 1.09 50.97 6.55
C LYS E 5 0.54 49.66 6.01
N LEU E 6 1.33 48.59 6.02
CA LEU E 6 0.89 47.33 5.43
C LEU E 6 -0.30 46.75 6.18
N PHE E 7 -0.35 46.91 7.51
CA PHE E 7 -1.52 46.45 8.25
C PHE E 7 -2.76 47.23 7.86
N ASN E 8 -2.62 48.54 7.60
CA ASN E 8 -3.74 49.32 7.10
C ASN E 8 -4.20 48.82 5.74
N ILE E 9 -3.27 48.45 4.87
CA ILE E 9 -3.63 47.89 3.58
C ILE E 9 -4.39 46.58 3.75
N ALA E 10 -3.93 45.73 4.66
CA ALA E 10 -4.63 44.48 4.93
C ALA E 10 -6.04 44.72 5.47
N GLN E 11 -6.18 45.71 6.35
CA GLN E 11 -7.51 46.04 6.86
C GLN E 11 -8.42 46.55 5.76
N ARG E 12 -7.90 47.40 4.87
CA ARG E 12 -8.69 47.86 3.73
C ARG E 12 -9.08 46.71 2.82
N ILE E 13 -8.17 45.75 2.60
CA ILE E 13 -8.49 44.59 1.78
C ILE E 13 -9.60 43.78 2.43
N LEU E 14 -9.50 43.53 3.74
CA LEU E 14 -10.55 42.79 4.42
C LEU E 14 -11.86 43.57 4.52
N ASP E 15 -11.82 44.89 4.37
CA ASP E 15 -13.06 45.67 4.36
C ASP E 15 -13.95 45.29 3.19
N THR E 16 -13.34 45.08 2.01
CA THR E 16 -14.10 44.71 0.82
C THR E 16 -14.62 43.29 0.87
N ASN E 17 -14.17 42.48 1.84
CA ASN E 17 -14.56 41.07 1.93
C ASN E 17 -14.25 40.32 0.65
N SER E 18 -13.12 40.65 0.03
CA SER E 18 -12.68 39.98 -1.19
C SER E 18 -11.97 38.66 -0.91
N VAL E 19 -11.66 38.37 0.35
CA VAL E 19 -11.01 37.11 0.72
C VAL E 19 -11.74 36.54 1.94
N LEU E 20 -12.10 35.27 1.87
CA LEU E 20 -12.84 34.62 2.94
C LEU E 20 -12.16 33.30 3.30
N LEU E 21 -12.38 32.88 4.54
CA LEU E 21 -11.86 31.61 5.04
C LEU E 21 -12.99 30.59 5.08
N THR E 22 -12.80 29.48 4.38
CA THR E 22 -13.83 28.46 4.31
C THR E 22 -13.89 27.65 5.61
N GLU E 23 -14.95 26.87 5.73
CA GLU E 23 -15.09 25.98 6.89
C GLU E 23 -14.05 24.87 6.87
N ARG E 24 -13.47 24.57 5.70
CA ARG E 24 -12.42 23.57 5.58
C ARG E 24 -11.04 24.13 5.86
N GLY E 25 -10.95 25.35 6.36
CA GLY E 25 -9.65 25.96 6.61
C GLY E 25 -8.91 26.38 5.37
N ASP E 26 -9.63 26.67 4.29
CA ASP E 26 -9.04 27.12 3.03
C ASP E 26 -9.45 28.56 2.75
N TYR E 27 -8.60 29.27 2.02
CA TYR E 27 -8.79 30.68 1.72
C TYR E 27 -9.23 30.84 0.28
N ILE E 28 -10.30 31.61 0.07
CA ILE E 28 -10.81 31.91 -1.26
C ILE E 28 -10.61 33.39 -1.54
N VAL E 29 -10.54 33.74 -2.83
CA VAL E 29 -10.35 35.12 -3.26
C VAL E 29 -11.39 35.47 -4.31
N TRP E 30 -11.65 36.75 -4.44
CA TRP E 30 -12.63 37.28 -5.39
C TRP E 30 -11.87 38.10 -6.44
N ILE E 31 -11.54 37.46 -7.55
CA ILE E 31 -10.81 38.09 -8.64
C ILE E 31 -11.56 37.84 -9.94
N ASN E 32 -11.59 38.85 -10.81
CA ASN E 32 -12.20 38.75 -12.13
C ASN E 32 -13.66 38.30 -12.04
N ASN E 33 -14.38 38.87 -11.07
CA ASN E 33 -15.80 38.58 -10.86
C ASN E 33 -16.04 37.09 -10.70
N SER E 34 -15.19 36.45 -9.87
CA SER E 34 -15.30 35.01 -9.64
C SER E 34 -14.55 34.66 -8.36
N TRP E 35 -15.16 33.81 -7.54
CA TRP E 35 -14.55 33.35 -6.28
C TRP E 35 -13.56 32.24 -6.58
N LYS E 36 -12.39 32.65 -7.08
CA LYS E 36 -11.32 31.69 -7.35
C LYS E 36 -10.75 31.14 -6.05
N PHE E 37 -10.36 29.87 -6.08
CA PHE E 37 -9.91 29.16 -4.90
C PHE E 37 -8.88 28.13 -5.30
N ASN E 38 -7.83 28.01 -4.49
CA ASN E 38 -6.77 27.03 -4.75
C ASN E 38 -6.09 26.69 -3.44
N SER E 39 -6.14 25.41 -3.05
CA SER E 39 -5.50 24.97 -1.82
C SER E 39 -3.99 24.82 -1.99
N GLU E 40 -3.53 24.45 -3.18
CA GLU E 40 -2.10 24.23 -3.39
C GLU E 40 -1.32 25.55 -3.27
N GLU E 41 -1.62 26.50 -4.15
CA GLU E 41 -0.99 27.82 -4.12
C GLU E 41 -1.96 28.85 -3.58
N PRO E 42 -1.60 29.54 -2.49
CA PRO E 42 -2.50 30.58 -1.96
C PRO E 42 -2.65 31.72 -2.96
N LEU E 43 -3.90 32.07 -3.26
CA LEU E 43 -4.20 33.12 -4.22
C LEU E 43 -4.31 34.50 -3.60
N ILE E 44 -3.99 34.62 -2.31
CA ILE E 44 -4.08 35.92 -1.64
C ILE E 44 -3.14 36.93 -2.28
N THR E 45 -1.93 36.51 -2.63
CA THR E 45 -0.98 37.42 -3.27
C THR E 45 -1.53 37.93 -4.61
N LYS E 46 -2.12 37.04 -5.40
CA LYS E 46 -2.75 37.45 -6.65
C LYS E 46 -3.90 38.41 -6.39
N LEU E 47 -4.69 38.15 -5.34
CA LEU E 47 -5.78 39.06 -5.00
C LEU E 47 -5.27 40.45 -4.67
N ILE E 48 -4.19 40.53 -3.89
CA ILE E 48 -3.61 41.82 -3.53
C ILE E 48 -3.08 42.52 -4.77
N LEU E 49 -2.38 41.79 -5.64
CA LEU E 49 -1.86 42.40 -6.86
C LEU E 49 -3.00 42.87 -7.77
N SER E 50 -4.14 42.18 -7.73
CA SER E 50 -5.27 42.60 -8.55
C SER E 50 -5.93 43.85 -7.98
N ILE E 51 -6.16 43.89 -6.67
CA ILE E 51 -6.93 44.96 -6.05
C ILE E 51 -6.05 46.11 -5.59
N ARG E 52 -4.76 46.08 -5.92
CA ARG E 52 -3.92 47.27 -5.72
C ARG E 52 -4.51 48.48 -6.45
N HIS E 53 -5.22 48.25 -7.55
CA HIS E 53 -5.79 49.36 -8.31
C HIS E 53 -6.97 50.01 -7.60
N GLN E 54 -7.67 49.25 -6.75
CA GLN E 54 -8.83 49.75 -6.02
C GLN E 54 -8.44 50.45 -4.72
N LEU E 55 -7.19 50.85 -4.58
CA LEU E 55 -6.66 51.47 -3.38
C LEU E 55 -5.96 52.78 -3.73
N PRO E 56 -5.77 53.67 -2.76
CA PRO E 56 -5.06 54.93 -3.04
C PRO E 56 -3.66 54.67 -3.56
N LYS E 57 -3.13 55.69 -4.26
CA LYS E 57 -1.81 55.55 -4.89
C LYS E 57 -0.72 55.28 -3.87
N GLU E 58 -0.91 55.73 -2.62
CA GLU E 58 0.09 55.51 -1.59
C GLU E 58 0.23 54.04 -1.21
N TYR E 59 -0.73 53.20 -1.58
CA TYR E 59 -0.72 51.80 -1.21
C TYR E 59 -0.34 50.87 -2.35
N SER E 60 -0.69 51.22 -3.60
CA SER E 60 -0.30 50.39 -4.73
C SER E 60 1.21 50.29 -4.88
N SER E 61 1.92 51.40 -4.68
CA SER E 61 3.38 51.37 -4.72
C SER E 61 3.94 50.45 -3.65
N GLU E 62 3.36 50.47 -2.45
CA GLU E 62 3.79 49.55 -1.40
C GLU E 62 3.52 48.10 -1.82
N LEU E 63 2.36 47.85 -2.43
CA LEU E 63 1.99 46.50 -2.81
C LEU E 63 2.75 45.98 -4.02
N LEU E 64 3.40 46.85 -4.79
CA LEU E 64 4.19 46.37 -5.93
C LEU E 64 5.33 45.46 -5.47
N CYS E 65 5.81 45.63 -4.24
CA CYS E 65 6.91 44.82 -3.73
C CYS E 65 6.40 43.45 -3.29
N PRO E 66 6.94 42.35 -3.83
CA PRO E 66 6.52 41.01 -3.38
C PRO E 66 6.77 40.74 -1.91
N ARG E 67 7.83 41.32 -1.32
CA ARG E 67 8.06 41.13 0.11
C ARG E 67 6.94 41.77 0.92
N LYS E 68 6.62 43.03 0.64
CA LYS E 68 5.52 43.69 1.32
C LYS E 68 4.19 43.03 0.98
N ARG E 69 4.04 42.51 -0.23
CA ARG E 69 2.81 41.82 -0.59
C ARG E 69 2.63 40.56 0.22
N LYS E 70 3.70 39.79 0.41
CA LYS E 70 3.64 38.61 1.28
C LYS E 70 3.38 39.01 2.72
N THR E 71 3.94 40.15 3.16
CA THR E 71 3.64 40.65 4.49
C THR E 71 2.16 40.95 4.66
N VAL E 72 1.56 41.61 3.66
CA VAL E 72 0.14 41.90 3.70
C VAL E 72 -0.67 40.60 3.67
N GLU E 73 -0.21 39.62 2.89
CA GLU E 73 -0.88 38.32 2.84
C GLU E 73 -0.87 37.65 4.22
N ALA E 74 0.27 37.71 4.92
CA ALA E 74 0.33 37.17 6.26
C ALA E 74 -0.60 37.92 7.21
N ASN E 75 -0.65 39.25 7.09
CA ASN E 75 -1.57 40.02 7.92
C ASN E 75 -3.02 39.62 7.66
N ILE E 76 -3.38 39.42 6.40
CA ILE E 76 -4.74 39.00 6.05
C ILE E 76 -5.03 37.62 6.62
N ARG E 77 -4.07 36.70 6.52
CA ARG E 77 -4.25 35.37 7.09
C ARG E 77 -4.47 35.44 8.59
N ASP E 78 -3.73 36.32 9.28
CA ASP E 78 -3.93 36.50 10.72
C ASP E 78 -5.30 37.11 11.02
N MET E 79 -5.74 38.06 10.20
CA MET E 79 -6.99 38.75 10.44
C MET E 79 -8.22 37.89 10.13
N LEU E 80 -8.11 36.92 9.24
CA LEU E 80 -9.23 36.04 8.91
C LEU E 80 -9.33 34.97 9.98
N VAL E 81 -10.29 35.13 10.88
CA VAL E 81 -10.50 34.22 12.01
C VAL E 81 -11.80 33.44 11.86
N ASP E 82 -12.90 34.14 11.60
CA ASP E 82 -14.21 33.50 11.48
C ASP E 82 -14.26 32.66 10.21
N SER E 83 -14.37 31.33 10.37
CA SER E 83 -14.41 30.40 9.25
C SER E 83 -15.81 30.43 8.64
N VAL E 84 -16.03 31.44 7.79
CA VAL E 84 -17.34 31.63 7.18
C VAL E 84 -17.55 30.57 6.10
N GLU E 85 -18.64 29.83 6.21
CA GLU E 85 -18.97 28.81 5.21
C GLU E 85 -19.50 29.48 3.95
N THR E 86 -19.42 28.74 2.83
CA THR E 86 -19.78 29.25 1.52
C THR E 86 -20.76 28.29 0.85
N ASP E 87 -21.33 28.76 -0.26
CA ASP E 87 -22.28 27.99 -1.07
C ASP E 87 -23.50 27.59 -0.24
N THR E 88 -24.17 28.60 0.32
CA THR E 88 -25.35 28.35 1.14
C THR E 88 -26.59 28.12 0.29
N TYR E 89 -26.92 29.11 -0.54
CA TYR E 89 -28.08 29.17 -1.42
C TYR E 89 -28.09 28.01 -2.41
N PRO E 90 -29.25 27.37 -2.62
CA PRO E 90 -29.34 26.34 -3.66
C PRO E 90 -29.89 26.88 -4.97
N ASP E 91 -30.34 28.13 -4.97
CA ASP E 91 -31.06 28.72 -6.09
C ASP E 91 -30.19 29.65 -6.94
N LYS E 92 -28.87 29.59 -6.79
CA LYS E 92 -27.97 30.44 -7.54
C LYS E 92 -27.01 29.59 -8.37
N LEU E 93 -26.79 30.00 -9.61
CA LEU E 93 -25.93 29.30 -10.54
C LEU E 93 -24.71 30.17 -10.86
N PRO E 94 -23.50 29.74 -10.50
CA PRO E 94 -22.32 30.56 -10.75
C PRO E 94 -21.77 30.44 -12.16
N PHE E 95 -21.27 31.54 -12.72
CA PHE E 95 -20.67 31.55 -14.04
C PHE E 95 -19.29 32.19 -13.99
N LYS E 96 -18.57 32.17 -15.11
CA LYS E 96 -17.28 32.84 -15.18
C LYS E 96 -17.39 34.36 -15.25
N ASN E 97 -18.60 34.89 -15.46
CA ASN E 97 -18.84 36.32 -15.46
C ASN E 97 -19.70 36.78 -14.28
N GLY E 98 -20.18 35.86 -13.45
CA GLY E 98 -21.03 36.21 -12.34
C GLY E 98 -21.89 35.04 -11.88
N VAL E 99 -23.08 35.35 -11.35
CA VAL E 99 -24.00 34.33 -10.84
C VAL E 99 -25.37 34.54 -11.47
N LEU E 100 -25.95 33.46 -11.98
CA LEU E 100 -27.29 33.50 -12.55
C LEU E 100 -28.30 32.96 -11.55
N ASP E 101 -29.32 33.75 -11.26
CA ASP E 101 -30.34 33.34 -10.30
C ASP E 101 -31.38 32.45 -10.96
N LEU E 102 -31.93 31.53 -10.16
CA LEU E 102 -33.00 30.66 -10.61
C LEU E 102 -34.38 31.12 -10.21
N VAL E 103 -34.47 32.05 -9.24
CA VAL E 103 -35.78 32.55 -8.82
C VAL E 103 -36.39 33.44 -9.90
N ASP E 104 -35.71 34.53 -10.21
CA ASP E 104 -36.19 35.46 -11.22
C ASP E 104 -35.56 35.27 -12.60
N GLY E 105 -34.51 34.46 -12.68
CA GLY E 105 -33.82 34.26 -13.94
C GLY E 105 -32.88 35.37 -14.35
N MET E 106 -32.64 36.36 -13.50
CA MET E 106 -31.73 37.44 -13.79
C MET E 106 -30.30 37.03 -13.44
N PHE E 107 -29.35 37.49 -14.25
CA PHE E 107 -27.94 37.16 -14.08
C PHE E 107 -27.24 38.31 -13.37
N TYR E 108 -26.52 37.99 -12.29
CA TYR E 108 -25.75 38.96 -11.54
C TYR E 108 -24.28 38.89 -11.96
N SER E 109 -23.59 40.03 -11.79
CA SER E 109 -22.19 40.13 -12.15
C SER E 109 -21.54 41.20 -11.29
N GLY E 110 -20.22 41.15 -11.18
CA GLY E 110 -19.50 42.13 -10.39
C GLY E 110 -19.81 42.00 -8.92
N ASP E 111 -19.97 43.14 -8.25
CA ASP E 111 -20.26 43.15 -6.82
C ASP E 111 -21.61 42.50 -6.50
N ASP E 112 -22.55 42.51 -7.46
CA ASP E 112 -23.81 41.81 -7.25
C ASP E 112 -23.57 40.30 -7.08
N ALA E 113 -22.68 39.73 -7.91
CA ALA E 113 -22.29 38.35 -7.72
C ALA E 113 -21.38 38.16 -6.52
N LYS E 114 -20.65 39.20 -6.12
CA LYS E 114 -19.77 39.10 -4.97
C LYS E 114 -20.54 38.84 -3.68
N LYS E 115 -21.81 39.28 -3.63
CA LYS E 115 -22.65 38.94 -2.48
C LYS E 115 -22.78 37.43 -2.31
N TYR E 116 -22.67 36.70 -3.41
CA TYR E 116 -22.70 35.24 -3.37
C TYR E 116 -21.28 34.70 -3.37
N THR E 117 -21.05 33.66 -2.57
CA THR E 117 -19.73 33.05 -2.42
C THR E 117 -19.82 31.61 -2.91
N CYS E 118 -19.56 31.41 -4.20
CA CYS E 118 -19.64 30.10 -4.83
C CYS E 118 -18.27 29.47 -4.91
N THR E 119 -18.17 28.22 -4.44
CA THR E 119 -16.89 27.52 -4.47
C THR E 119 -16.45 27.19 -5.88
N VAL E 120 -17.40 26.94 -6.78
CA VAL E 120 -17.12 26.54 -8.15
C VAL E 120 -17.92 27.44 -9.09
N SER E 121 -17.83 27.15 -10.39
CA SER E 121 -18.54 27.89 -11.40
C SER E 121 -18.86 26.95 -12.55
N THR E 122 -19.72 27.42 -13.47
CA THR E 122 -20.12 26.61 -14.61
C THR E 122 -18.99 26.39 -15.60
N GLY E 123 -17.87 27.10 -15.47
CA GLY E 123 -16.72 26.87 -16.33
C GLY E 123 -16.74 27.59 -17.66
N PHE E 124 -17.71 28.47 -17.89
CA PHE E 124 -17.72 29.26 -19.12
C PHE E 124 -18.40 30.59 -18.85
N LYS E 125 -18.09 31.58 -19.70
CA LYS E 125 -18.66 32.91 -19.54
C LYS E 125 -20.12 32.93 -19.97
N PHE E 126 -20.94 33.63 -19.17
CA PHE E 126 -22.36 33.75 -19.46
C PHE E 126 -22.58 34.72 -20.62
N ASP E 127 -23.64 34.47 -21.38
CA ASP E 127 -24.01 35.30 -22.52
C ASP E 127 -25.53 35.43 -22.55
N ASP E 128 -26.03 36.61 -22.19
CA ASP E 128 -27.47 36.84 -22.24
C ASP E 128 -27.99 36.86 -23.66
N THR E 129 -27.18 37.28 -24.63
CA THR E 129 -27.62 37.30 -26.01
C THR E 129 -27.93 35.90 -26.52
N LYS E 130 -27.10 34.92 -26.18
CA LYS E 130 -27.38 33.53 -26.52
C LYS E 130 -28.40 32.90 -25.58
N PHE E 131 -28.72 33.56 -24.46
CA PHE E 131 -29.69 33.04 -23.51
C PHE E 131 -31.07 33.64 -23.80
N VAL E 132 -31.60 33.27 -24.97
CA VAL E 132 -32.90 33.74 -25.42
C VAL E 132 -33.67 32.57 -25.98
N GLU E 133 -35.00 32.61 -25.82
CA GLU E 133 -35.86 31.56 -26.36
C GLU E 133 -36.09 31.75 -27.85
N ASP E 134 -36.16 32.99 -28.33
CA ASP E 134 -36.39 33.28 -29.73
C ASP E 134 -35.08 33.08 -30.50
N SER E 135 -34.81 31.81 -30.83
CA SER E 135 -33.60 31.46 -31.56
C SER E 135 -33.83 30.13 -32.25
N PRO E 136 -33.27 29.92 -33.45
CA PRO E 136 -33.44 28.62 -34.11
C PRO E 136 -32.87 27.46 -33.31
N GLU E 137 -31.79 27.67 -32.57
CA GLU E 137 -31.21 26.61 -31.76
C GLU E 137 -32.19 26.14 -30.69
N MET E 138 -32.93 27.08 -30.10
CA MET E 138 -33.93 26.71 -29.09
C MET E 138 -35.01 25.82 -29.69
N GLU E 139 -35.52 26.17 -30.87
CA GLU E 139 -36.54 25.34 -31.51
C GLU E 139 -35.99 23.97 -31.89
N GLU E 140 -34.77 23.93 -32.44
CA GLU E 140 -34.16 22.65 -32.80
C GLU E 140 -33.98 21.76 -31.58
N LEU E 141 -33.51 22.33 -30.47
CA LEU E 141 -33.29 21.55 -29.27
C LEU E 141 -34.61 21.12 -28.63
N MET E 142 -35.64 21.97 -28.71
CA MET E 142 -36.96 21.57 -28.24
C MET E 142 -37.49 20.39 -29.03
N ASN E 143 -37.32 20.43 -30.37
CA ASN E 143 -37.73 19.29 -31.18
C ASN E 143 -36.93 18.03 -30.84
N ILE E 144 -35.62 18.18 -30.60
CA ILE E 144 -34.79 17.03 -30.24
C ILE E 144 -35.24 16.43 -28.92
N ILE E 145 -35.52 17.27 -27.93
CA ILE E 145 -35.96 16.78 -26.63
C ILE E 145 -37.32 16.11 -26.74
N ASN E 146 -38.25 16.71 -27.50
CA ASN E 146 -39.54 16.08 -27.72
C ASN E 146 -39.41 14.74 -28.44
N ASP E 147 -38.42 14.60 -29.34
CA ASP E 147 -38.12 13.29 -29.90
C ASP E 147 -37.62 12.34 -28.82
N ILE E 148 -36.76 12.81 -27.94
CA ILE E 148 -36.26 11.98 -26.84
C ILE E 148 -37.39 11.59 -25.90
N GLN E 149 -38.23 12.56 -25.54
CA GLN E 149 -39.38 12.30 -24.66
C GLN E 149 -40.61 12.99 -25.26
N PRO E 150 -41.54 12.23 -25.83
CA PRO E 150 -42.70 12.86 -26.47
C PRO E 150 -43.61 13.55 -25.46
N LEU E 151 -44.29 14.58 -25.94
CA LEU E 151 -45.28 15.32 -25.14
C LEU E 151 -46.65 14.68 -25.25
N THR E 152 -46.74 13.38 -24.96
CA THR E 152 -47.97 12.63 -25.05
C THR E 152 -48.49 12.30 -23.65
N ASP E 153 -49.81 12.13 -23.55
CA ASP E 153 -50.43 11.82 -22.27
C ASP E 153 -49.96 10.49 -21.73
N GLU E 154 -49.72 9.51 -22.60
CA GLU E 154 -49.17 8.23 -22.15
C GLU E 154 -47.77 8.41 -21.56
N ASN E 155 -46.99 9.34 -22.09
CA ASN E 155 -45.68 9.67 -21.56
C ASN E 155 -45.68 10.91 -20.69
N LYS E 156 -46.85 11.43 -20.33
CA LYS E 156 -46.94 12.71 -19.63
C LYS E 156 -46.23 12.65 -18.28
N LYS E 157 -46.49 11.61 -17.49
CA LYS E 157 -45.85 11.50 -16.18
C LYS E 157 -44.35 11.31 -16.31
N ASN E 158 -43.92 10.45 -17.24
CA ASN E 158 -42.49 10.22 -17.44
C ASN E 158 -41.79 11.48 -17.93
N ARG E 159 -42.40 12.18 -18.89
CA ARG E 159 -41.81 13.43 -19.39
C ARG E 159 -41.73 14.48 -18.29
N GLU E 160 -42.79 14.59 -17.48
CA GLU E 160 -42.79 15.57 -16.40
C GLU E 160 -41.71 15.25 -15.37
N LEU E 161 -41.56 13.96 -15.01
CA LEU E 161 -40.51 13.58 -14.07
C LEU E 161 -39.12 13.82 -14.66
N TYR E 162 -38.95 13.57 -15.96
CA TYR E 162 -37.68 13.83 -16.62
C TYR E 162 -37.33 15.31 -16.58
N GLU E 163 -38.31 16.17 -16.88
CA GLU E 163 -38.08 17.61 -16.80
C GLU E 163 -37.76 18.03 -15.37
N LYS E 164 -38.49 17.48 -14.39
CA LYS E 164 -38.24 17.84 -13.00
C LYS E 164 -36.82 17.44 -12.57
N THR E 165 -36.38 16.26 -12.97
CA THR E 165 -35.02 15.82 -12.62
C THR E 165 -33.96 16.70 -13.30
N LEU E 166 -34.15 17.00 -14.59
CA LEU E 166 -33.18 17.84 -15.27
C LEU E 166 -33.14 19.25 -14.67
N SER E 167 -34.29 19.76 -14.21
CA SER E 167 -34.31 21.05 -13.54
C SER E 167 -33.66 20.99 -12.17
N SER E 168 -33.87 19.90 -11.42
CA SER E 168 -33.23 19.72 -10.13
C SER E 168 -31.73 19.55 -10.26
N CYS E 169 -31.24 19.14 -11.43
CA CYS E 169 -29.80 19.13 -11.66
C CYS E 169 -29.19 20.52 -11.46
N LEU E 170 -29.99 21.58 -11.65
CA LEU E 170 -29.49 22.93 -11.44
C LEU E 170 -29.37 23.25 -9.95
N CYS E 171 -30.31 22.78 -9.14
CA CYS E 171 -30.38 23.18 -7.74
C CYS E 171 -29.14 22.73 -6.97
N GLY E 172 -28.58 23.63 -6.17
CA GLY E 172 -27.43 23.30 -5.36
C GLY E 172 -27.81 22.87 -3.95
N ALA E 173 -28.72 21.90 -3.85
CA ALA E 173 -29.16 21.37 -2.57
C ALA E 173 -29.02 19.85 -2.58
N THR E 174 -29.29 19.26 -1.42
CA THR E 174 -29.18 17.81 -1.27
C THR E 174 -30.31 17.12 -2.03
N LYS E 175 -29.97 16.05 -2.75
CA LYS E 175 -30.98 15.31 -3.47
C LYS E 175 -31.84 14.49 -2.52
N GLY E 176 -33.16 14.60 -2.67
CA GLY E 176 -34.08 13.92 -1.79
C GLY E 176 -34.56 12.59 -2.33
N CYS E 177 -34.30 12.32 -3.61
CA CYS E 177 -34.78 11.09 -4.23
C CYS E 177 -33.92 10.79 -5.45
N LEU E 178 -33.23 9.65 -5.42
CA LEU E 178 -32.39 9.23 -6.54
C LEU E 178 -33.24 8.99 -7.79
N THR E 179 -32.64 9.27 -8.95
CA THR E 179 -33.33 9.15 -10.23
C THR E 179 -32.59 8.17 -11.13
N PHE E 180 -33.34 7.37 -11.88
CA PHE E 180 -32.80 6.37 -12.78
C PHE E 180 -33.27 6.67 -14.20
N PHE E 181 -32.38 6.47 -15.17
CA PHE E 181 -32.73 6.54 -16.59
C PHE E 181 -32.81 5.13 -17.14
N PHE E 182 -34.03 4.65 -17.38
CA PHE E 182 -34.27 3.29 -17.84
C PHE E 182 -34.61 3.29 -19.33
N GLY E 183 -34.07 2.31 -20.04
CA GLY E 183 -34.34 2.16 -21.45
C GLY E 183 -33.39 1.19 -22.12
N GLU E 184 -33.13 1.38 -23.41
CA GLU E 184 -32.17 0.59 -24.14
C GLU E 184 -30.96 1.45 -24.50
N THR E 185 -30.03 0.90 -25.26
CA THR E 185 -28.84 1.64 -25.65
C THR E 185 -29.19 2.73 -26.66
N ALA E 186 -28.68 3.94 -26.42
CA ALA E 186 -28.87 5.08 -27.33
C ALA E 186 -30.34 5.39 -27.56
N THR E 187 -31.13 5.35 -26.49
CA THR E 187 -32.54 5.71 -26.53
C THR E 187 -32.77 7.18 -26.17
N GLY E 188 -31.72 7.93 -25.87
CA GLY E 188 -31.87 9.32 -25.51
C GLY E 188 -31.15 9.67 -24.22
N LYS E 189 -30.71 8.64 -23.49
CA LYS E 189 -30.03 8.86 -22.23
C LYS E 189 -28.66 9.51 -22.45
N SER E 190 -27.88 8.98 -23.39
CA SER E 190 -26.56 9.55 -23.66
C SER E 190 -26.66 10.95 -24.23
N THR E 191 -27.64 11.21 -25.10
CA THR E 191 -27.83 12.55 -25.63
C THR E 191 -28.18 13.53 -24.51
N THR E 192 -29.06 13.12 -23.60
CA THR E 192 -29.41 13.97 -22.47
C THR E 192 -28.18 14.24 -21.59
N LYS E 193 -27.37 13.20 -21.35
CA LYS E 193 -26.16 13.38 -20.56
C LYS E 193 -25.22 14.38 -21.21
N ARG E 194 -24.99 14.24 -22.52
CA ARG E 194 -24.09 15.15 -23.21
C ARG E 194 -24.63 16.58 -23.21
N LEU E 195 -25.93 16.75 -23.46
CA LEU E 195 -26.52 18.09 -23.45
C LEU E 195 -26.42 18.73 -22.08
N LEU E 196 -26.73 17.98 -21.02
CA LEU E 196 -26.64 18.51 -19.67
C LEU E 196 -25.21 18.88 -19.32
N LYS E 197 -24.25 18.01 -19.68
CA LYS E 197 -22.86 18.32 -19.41
C LYS E 197 -22.41 19.58 -20.13
N SER E 198 -22.77 19.71 -21.41
CA SER E 198 -22.41 20.92 -22.15
C SER E 198 -23.09 22.15 -21.57
N ALA E 199 -24.29 22.00 -21.03
CA ALA E 199 -25.01 23.14 -20.48
C ALA E 199 -24.39 23.62 -19.17
N ILE E 200 -24.06 22.69 -18.27
CA ILE E 200 -23.63 23.05 -16.93
C ILE E 200 -22.12 23.02 -16.76
N GLY E 201 -21.36 22.71 -17.81
CA GLY E 201 -19.91 22.88 -17.74
C GLY E 201 -19.27 22.01 -16.67
N ASP E 202 -18.38 22.64 -15.89
CA ASP E 202 -17.62 21.91 -14.87
C ASP E 202 -18.49 21.37 -13.75
N LEU E 203 -19.69 21.93 -13.56
CA LEU E 203 -20.58 21.42 -12.52
C LEU E 203 -21.01 19.98 -12.79
N PHE E 204 -20.96 19.54 -14.04
CA PHE E 204 -21.27 18.17 -14.37
C PHE E 204 -20.15 17.23 -13.93
N VAL E 205 -20.52 15.99 -13.60
CA VAL E 205 -19.55 14.94 -13.34
C VAL E 205 -20.17 13.62 -13.77
N GLU E 206 -19.31 12.70 -14.21
CA GLU E 206 -19.72 11.38 -14.66
C GLU E 206 -18.87 10.31 -13.97
N THR E 207 -19.50 9.18 -13.70
CA THR E 207 -18.83 8.08 -13.01
C THR E 207 -19.41 6.77 -13.48
N GLY E 208 -18.82 5.68 -13.03
CA GLY E 208 -19.22 4.34 -13.41
C GLY E 208 -20.12 3.68 -12.40
N GLN E 209 -19.94 2.36 -12.25
CA GLN E 209 -20.74 1.55 -11.35
C GLN E 209 -20.10 1.37 -9.97
N THR E 210 -18.96 1.99 -9.72
CA THR E 210 -18.23 1.76 -8.47
C THR E 210 -19.02 2.26 -7.27
N ILE E 211 -19.50 3.51 -7.33
CA ILE E 211 -20.24 4.07 -6.20
C ILE E 211 -21.58 3.39 -5.96
N LEU E 212 -22.14 2.72 -6.97
CA LEU E 212 -23.41 2.03 -6.83
C LEU E 212 -23.25 0.57 -6.46
N THR E 213 -22.07 -0.03 -6.68
CA THR E 213 -21.86 -1.44 -6.45
C THR E 213 -20.78 -1.76 -5.45
N ASP E 214 -20.00 -0.78 -5.00
CA ASP E 214 -18.87 -1.01 -4.11
C ASP E 214 -19.03 -0.18 -2.84
N VAL E 215 -18.09 -0.37 -1.91
CA VAL E 215 -18.08 0.35 -0.64
C VAL E 215 -17.39 1.69 -0.84
N LEU E 216 -18.05 2.76 -0.41
CA LEU E 216 -17.51 4.11 -0.61
C LEU E 216 -16.37 4.40 0.36
N ASP E 217 -16.66 4.37 1.66
CA ASP E 217 -15.70 4.81 2.68
C ASP E 217 -14.74 3.65 2.97
N LYS E 218 -13.67 3.59 2.17
CA LYS E 218 -12.57 2.65 2.39
C LYS E 218 -11.30 3.32 1.89
N GLY E 219 -10.58 3.99 2.79
CA GLY E 219 -9.38 4.72 2.42
C GLY E 219 -9.68 5.85 1.46
N PRO E 220 -8.75 6.12 0.55
CA PRO E 220 -8.99 7.16 -0.46
C PRO E 220 -10.14 6.79 -1.38
N ASN E 221 -10.87 7.82 -1.81
CA ASN E 221 -12.01 7.65 -2.72
C ASN E 221 -12.08 8.86 -3.62
N PRO E 222 -11.30 8.88 -4.72
CA PRO E 222 -11.32 10.04 -5.62
C PRO E 222 -12.68 10.30 -6.26
N PHE E 223 -13.52 9.29 -6.42
CA PHE E 223 -14.84 9.50 -7.01
C PHE E 223 -15.69 10.42 -6.13
N ILE E 224 -15.79 10.10 -4.84
CA ILE E 224 -16.55 10.93 -3.92
C ILE E 224 -15.89 12.30 -3.76
N ALA E 225 -14.55 12.34 -3.78
CA ALA E 225 -13.85 13.62 -3.68
C ALA E 225 -14.19 14.53 -4.85
N ASN E 226 -14.27 13.99 -6.07
CA ASN E 226 -14.66 14.80 -7.22
C ASN E 226 -16.15 15.13 -7.19
N MET E 227 -16.99 14.22 -6.68
CA MET E 227 -18.42 14.46 -6.64
C MET E 227 -18.83 15.57 -5.68
N HIS E 228 -17.95 15.97 -4.77
CA HIS E 228 -18.29 17.04 -3.84
C HIS E 228 -18.43 18.37 -4.56
N LEU E 229 -19.35 19.20 -4.05
CA LEU E 229 -19.61 20.53 -4.60
C LEU E 229 -20.03 20.49 -6.07
N LYS E 230 -20.66 19.38 -6.48
CA LYS E 230 -21.12 19.22 -7.85
C LYS E 230 -22.61 19.48 -7.95
N ARG E 231 -23.09 19.61 -9.18
CA ARG E 231 -24.50 19.86 -9.44
C ARG E 231 -25.25 18.65 -9.97
N SER E 232 -24.55 17.68 -10.55
CA SER E 232 -25.21 16.48 -11.07
C SER E 232 -24.19 15.36 -11.20
N VAL E 233 -24.64 14.13 -10.96
CA VAL E 233 -23.81 12.94 -11.06
C VAL E 233 -24.49 12.00 -12.05
N PHE E 234 -23.75 11.57 -13.08
CA PHE E 234 -24.26 10.61 -14.06
C PHE E 234 -23.52 9.30 -13.90
N CYS E 235 -24.28 8.23 -13.62
CA CYS E 235 -23.72 6.90 -13.39
C CYS E 235 -24.16 6.00 -14.54
N SER E 236 -23.26 5.79 -15.51
CA SER E 236 -23.52 4.91 -16.62
C SER E 236 -22.93 3.53 -16.34
N GLU E 237 -22.90 2.68 -17.36
CA GLU E 237 -22.29 1.35 -17.30
C GLU E 237 -22.94 0.48 -16.22
N LEU E 238 -24.23 0.24 -16.40
CA LEU E 238 -24.74 -0.72 -15.42
C LEU E 238 -24.80 -2.11 -16.03
N PRO E 239 -24.39 -3.13 -15.29
CA PRO E 239 -24.29 -4.48 -15.85
C PRO E 239 -25.65 -5.16 -15.94
N ASP E 240 -25.66 -6.28 -16.68
CA ASP E 240 -26.85 -7.12 -16.78
C ASP E 240 -27.09 -7.78 -15.43
N PHE E 241 -28.11 -7.30 -14.71
CA PHE E 241 -28.36 -7.78 -13.36
C PHE E 241 -28.85 -9.23 -13.34
N ALA E 242 -29.55 -9.67 -14.39
CA ALA E 242 -29.97 -11.07 -14.45
C ALA E 242 -28.78 -12.01 -14.56
N CYS E 243 -27.75 -11.62 -15.31
CA CYS E 243 -26.57 -12.46 -15.44
C CYS E 243 -25.79 -12.53 -14.14
N SER E 244 -25.11 -13.65 -13.93
CA SER E 244 -24.32 -13.85 -12.73
C SER E 244 -23.04 -13.01 -12.77
N GLY E 245 -22.56 -12.67 -11.57
CA GLY E 245 -21.36 -11.88 -11.43
C GLY E 245 -21.59 -10.38 -11.36
N SER E 246 -22.77 -9.91 -11.74
CA SER E 246 -23.07 -8.48 -11.71
C SER E 246 -23.55 -8.08 -10.33
N LYS E 247 -22.87 -7.09 -9.74
CA LYS E 247 -23.20 -6.64 -8.41
C LYS E 247 -24.53 -5.90 -8.41
N LYS E 248 -25.22 -5.95 -7.27
CA LYS E 248 -26.48 -5.25 -7.09
C LYS E 248 -26.24 -3.81 -6.68
N ILE E 249 -27.23 -2.96 -6.95
CA ILE E 249 -27.17 -1.57 -6.51
C ILE E 249 -27.35 -1.57 -4.99
N ARG E 250 -26.27 -1.31 -4.27
CA ARG E 250 -26.29 -1.40 -2.81
C ARG E 250 -27.15 -0.28 -2.24
N SER E 251 -28.21 -0.64 -1.50
CA SER E 251 -29.05 0.34 -0.85
C SER E 251 -28.29 1.13 0.21
N ASP E 252 -27.24 0.54 0.80
CA ASP E 252 -26.39 1.30 1.70
C ASP E 252 -25.71 2.46 0.98
N ASN E 253 -25.23 2.22 -0.24
CA ASN E 253 -24.66 3.30 -1.03
C ASN E 253 -25.70 4.37 -1.35
N ILE E 254 -26.91 3.95 -1.69
CA ILE E 254 -27.97 4.91 -2.00
C ILE E 254 -28.27 5.79 -0.80
N LYS E 255 -28.35 5.18 0.39
CA LYS E 255 -28.55 5.96 1.60
C LYS E 255 -27.33 6.81 1.93
N LYS E 256 -26.15 6.42 1.44
CA LYS E 256 -24.95 7.21 1.69
C LYS E 256 -24.91 8.49 0.85
N LEU E 257 -25.25 8.42 -0.43
CA LEU E 257 -25.26 9.61 -1.29
C LEU E 257 -26.64 10.25 -1.34
N THR E 258 -27.26 10.45 -0.18
CA THR E 258 -28.53 11.16 -0.07
C THR E 258 -28.52 12.07 1.15
N GLU E 259 -27.33 12.57 1.52
CA GLU E 259 -27.17 13.41 2.69
C GLU E 259 -26.38 14.67 2.33
N PRO E 260 -26.63 15.79 3.02
CA PRO E 260 -25.86 17.01 2.73
C PRO E 260 -24.37 16.86 2.95
N CYS E 261 -23.96 16.03 3.90
CA CYS E 261 -22.55 15.81 4.22
C CYS E 261 -22.25 14.32 4.09
N VAL E 262 -21.57 13.94 3.02
CA VAL E 262 -21.27 12.54 2.72
C VAL E 262 -19.80 12.28 3.00
N ILE E 263 -19.54 11.23 3.79
CA ILE E 263 -18.16 10.89 4.14
C ILE E 263 -17.44 10.29 2.93
N GLY E 264 -16.12 10.21 3.05
CA GLY E 264 -15.28 9.72 1.97
C GLY E 264 -13.95 10.43 1.92
N ARG E 265 -12.86 9.68 1.85
CA ARG E 265 -11.58 10.36 2.00
C ARG E 265 -10.99 10.72 0.64
N PRO E 266 -10.56 11.97 0.48
CA PRO E 266 -9.83 12.35 -0.75
C PRO E 266 -8.41 11.83 -0.76
N CYS E 267 -7.63 12.22 -1.77
CA CYS E 267 -6.27 11.73 -1.95
C CYS E 267 -5.30 12.68 -1.26
N PHE E 268 -4.66 12.20 -0.18
CA PHE E 268 -3.63 12.94 0.55
C PHE E 268 -4.15 14.30 1.02
N SER E 269 -5.36 14.30 1.57
CA SER E 269 -5.95 15.51 2.13
C SER E 269 -7.08 15.10 3.08
N ASN E 270 -7.50 16.05 3.91
CA ASN E 270 -8.56 15.82 4.89
C ASN E 270 -9.79 16.62 4.46
N LYS E 271 -10.59 16.03 3.58
CA LYS E 271 -11.83 16.62 3.10
C LYS E 271 -12.97 15.62 3.15
N ILE E 272 -13.04 14.83 4.23
CA ILE E 272 -14.05 13.77 4.34
C ILE E 272 -15.45 14.37 4.34
N ASN E 273 -15.64 15.53 4.96
CA ASN E 273 -16.93 16.20 4.95
C ASN E 273 -17.14 16.83 3.58
N ASN E 274 -18.00 16.21 2.78
CA ASN E 274 -18.25 16.63 1.40
C ASN E 274 -19.68 17.14 1.27
N ARG E 275 -19.81 18.32 0.67
CA ARG E 275 -21.14 18.88 0.41
C ARG E 275 -21.71 18.25 -0.85
N ASN E 276 -22.92 17.70 -0.74
CA ASN E 276 -23.57 17.00 -1.84
C ASN E 276 -24.71 17.86 -2.36
N HIS E 277 -24.46 18.55 -3.47
CA HIS E 277 -25.48 19.37 -4.13
C HIS E 277 -25.87 18.78 -5.49
N ALA E 278 -25.55 17.52 -5.74
CA ALA E 278 -25.62 16.93 -7.06
C ALA E 278 -26.88 16.09 -7.22
N THR E 279 -27.53 16.23 -8.37
CA THR E 279 -28.62 15.36 -8.76
C THR E 279 -28.05 14.14 -9.49
N ILE E 280 -28.12 12.98 -8.84
CA ILE E 280 -27.47 11.78 -9.34
C ILE E 280 -28.44 11.07 -10.28
N ILE E 281 -28.11 11.07 -11.56
CA ILE E 281 -28.90 10.39 -12.59
C ILE E 281 -28.13 9.16 -13.03
N ILE E 282 -28.77 8.01 -12.97
CA ILE E 282 -28.12 6.73 -13.25
C ILE E 282 -28.54 6.26 -14.62
N ASP E 283 -27.56 6.15 -15.53
CA ASP E 283 -27.82 5.66 -16.88
C ASP E 283 -27.68 4.15 -16.89
N THR E 284 -28.75 3.46 -17.30
CA THR E 284 -28.76 2.00 -17.33
C THR E 284 -29.60 1.51 -18.49
N ASN E 285 -29.40 0.25 -18.84
CA ASN E 285 -30.14 -0.40 -19.92
C ASN E 285 -31.00 -1.56 -19.42
N TYR E 286 -30.97 -1.86 -18.13
CA TYR E 286 -31.72 -2.96 -17.54
C TYR E 286 -32.55 -2.45 -16.36
N LYS E 287 -33.47 -3.29 -15.90
CA LYS E 287 -34.20 -2.96 -14.69
C LYS E 287 -33.32 -3.19 -13.47
N PRO E 288 -33.23 -2.21 -12.57
CA PRO E 288 -32.30 -2.33 -11.44
C PRO E 288 -32.67 -3.45 -10.48
N VAL E 289 -31.62 -4.06 -9.92
CA VAL E 289 -31.76 -5.10 -8.90
C VAL E 289 -30.86 -4.70 -7.73
N PHE E 290 -31.44 -4.64 -6.54
CA PHE E 290 -30.76 -4.13 -5.36
C PHE E 290 -30.48 -5.26 -4.38
N ASP E 291 -29.71 -4.94 -3.34
CA ASP E 291 -29.38 -5.90 -2.30
C ASP E 291 -30.34 -5.83 -1.12
N ARG E 292 -30.80 -4.63 -0.78
CA ARG E 292 -31.75 -4.43 0.31
C ARG E 292 -32.89 -3.56 -0.19
N ILE E 293 -34.12 -3.93 0.18
CA ILE E 293 -35.33 -3.23 -0.24
C ILE E 293 -36.16 -2.89 0.98
N ASP E 294 -36.59 -1.64 1.08
CA ASP E 294 -37.43 -1.19 2.18
C ASP E 294 -38.19 0.05 1.73
N ASN E 295 -39.02 0.58 2.62
CA ASN E 295 -39.82 1.76 2.29
C ASN E 295 -38.95 2.99 2.07
N ALA E 296 -37.87 3.13 2.84
CA ALA E 296 -36.98 4.28 2.67
C ALA E 296 -36.36 4.30 1.27
N LEU E 297 -35.88 3.14 0.81
CA LEU E 297 -35.33 3.08 -0.54
C LEU E 297 -36.40 3.32 -1.60
N MET E 298 -37.60 2.76 -1.41
CA MET E 298 -38.68 2.99 -2.35
C MET E 298 -39.08 4.46 -2.42
N ARG E 299 -38.93 5.21 -1.34
CA ARG E 299 -39.14 6.65 -1.35
C ARG E 299 -37.89 7.41 -1.81
N ARG E 300 -36.74 6.74 -1.90
CA ARG E 300 -35.51 7.37 -2.34
C ARG E 300 -35.24 7.23 -3.83
N ILE E 301 -36.05 6.47 -4.57
CA ILE E 301 -35.74 6.10 -5.95
C ILE E 301 -36.86 6.57 -6.86
N ALA E 302 -36.49 7.31 -7.89
CA ALA E 302 -37.38 7.66 -9.00
C ALA E 302 -36.82 7.07 -10.29
N VAL E 303 -37.72 6.72 -11.21
CA VAL E 303 -37.34 6.05 -12.46
C VAL E 303 -37.90 6.86 -13.61
N VAL E 304 -37.04 7.21 -14.57
CA VAL E 304 -37.43 7.88 -15.80
C VAL E 304 -37.17 6.93 -16.96
N ARG E 305 -38.23 6.48 -17.62
CA ARG E 305 -38.10 5.56 -18.72
C ARG E 305 -37.81 6.31 -20.02
N PHE E 306 -37.12 5.62 -20.94
CA PHE E 306 -36.86 6.11 -22.28
C PHE E 306 -37.49 5.14 -23.27
N ARG E 307 -38.47 5.62 -24.02
CA ARG E 307 -39.27 4.75 -24.89
C ARG E 307 -39.30 5.29 -26.32
N THR E 308 -38.18 5.82 -26.81
CA THR E 308 -38.11 6.31 -28.19
C THR E 308 -36.71 6.05 -28.73
N HIS E 309 -36.62 5.11 -29.67
CA HIS E 309 -35.35 4.78 -30.30
C HIS E 309 -35.11 5.66 -31.52
N PHE E 310 -33.85 5.75 -31.93
CA PHE E 310 -33.43 6.53 -33.10
C PHE E 310 -32.51 5.65 -33.94
N SER E 311 -33.09 4.87 -34.85
CA SER E 311 -32.33 3.96 -35.69
C SER E 311 -31.40 4.73 -36.62
N TYR E 325 -40.43 0.24 -27.47
CA TYR E 325 -40.45 1.69 -27.30
C TYR E 325 -41.87 2.23 -27.46
N ASP E 326 -41.96 3.55 -27.62
CA ASP E 326 -43.21 4.21 -27.98
C ASP E 326 -43.14 4.95 -29.31
N LYS E 327 -41.95 5.05 -29.90
CA LYS E 327 -41.74 5.79 -31.14
C LYS E 327 -40.36 5.46 -31.67
N VAL E 328 -40.26 5.29 -32.99
CA VAL E 328 -39.01 4.93 -33.64
C VAL E 328 -38.78 5.92 -34.79
N LYS E 329 -37.62 6.57 -34.77
CA LYS E 329 -37.23 7.52 -35.81
C LYS E 329 -35.85 7.17 -36.36
N LEU E 330 -35.34 8.04 -37.22
CA LEU E 330 -34.04 7.83 -37.83
C LEU E 330 -32.94 8.51 -37.01
N LEU E 331 -31.70 8.06 -37.23
CA LEU E 331 -30.56 8.57 -36.47
C LEU E 331 -30.08 9.89 -37.05
N ASP E 332 -29.72 10.81 -36.15
CA ASP E 332 -29.12 12.09 -36.52
C ASP E 332 -27.64 12.03 -36.17
N GLU E 333 -26.81 11.67 -37.15
CA GLU E 333 -25.38 11.49 -36.89
C GLU E 333 -24.68 12.81 -36.60
N GLY E 334 -25.16 13.90 -37.19
CA GLY E 334 -24.55 15.20 -36.97
C GLY E 334 -24.97 15.91 -35.72
N LEU E 335 -25.82 15.30 -34.89
CA LEU E 335 -26.28 15.94 -33.67
C LEU E 335 -25.14 16.08 -32.66
N ASP E 336 -24.29 15.06 -32.54
CA ASP E 336 -23.25 15.07 -31.51
C ASP E 336 -22.22 16.17 -31.76
N GLY E 337 -21.94 16.49 -33.02
CA GLY E 337 -20.98 17.54 -33.31
C GLY E 337 -21.41 18.90 -32.80
N LYS E 338 -22.70 19.22 -32.91
CA LYS E 338 -23.21 20.47 -32.36
C LYS E 338 -23.12 20.49 -30.84
N ILE E 339 -23.37 19.34 -30.19
CA ILE E 339 -23.26 19.28 -28.74
C ILE E 339 -21.81 19.50 -28.30
N GLN E 340 -20.86 18.86 -28.99
CA GLN E 340 -19.46 19.02 -28.64
C GLN E 340 -18.98 20.44 -28.92
N ASN E 341 -19.62 21.14 -29.86
CA ASN E 341 -19.29 22.53 -30.13
C ASN E 341 -20.11 23.50 -29.28
N ASN E 342 -20.94 22.98 -28.37
CA ASN E 342 -21.73 23.80 -27.45
C ASN E 342 -22.68 24.74 -28.18
N ARG E 343 -23.17 24.29 -29.34
CA ARG E 343 -24.16 25.08 -30.07
C ARG E 343 -25.46 25.20 -29.28
N TYR E 344 -25.90 24.09 -28.67
CA TYR E 344 -27.12 24.06 -27.88
C TYR E 344 -26.85 24.18 -26.39
N ARG E 345 -25.76 24.84 -26.01
CA ARG E 345 -25.43 24.99 -24.60
C ARG E 345 -26.40 25.97 -23.92
N PHE E 346 -26.46 27.20 -24.42
CA PHE E 346 -27.34 28.20 -23.84
C PHE E 346 -28.82 27.91 -24.07
N ALA E 347 -29.16 27.26 -25.18
CA ALA E 347 -30.55 26.84 -25.37
C ALA E 347 -30.96 25.81 -24.33
N PHE E 348 -30.09 24.83 -24.07
CA PHE E 348 -30.38 23.85 -23.02
C PHE E 348 -30.42 24.51 -21.65
N LEU E 349 -29.55 25.50 -21.43
CA LEU E 349 -29.60 26.24 -20.16
C LEU E 349 -30.91 26.98 -20.00
N TYR E 350 -31.41 27.61 -21.07
CA TYR E 350 -32.69 28.29 -21.03
C TYR E 350 -33.82 27.30 -20.75
N LEU E 351 -33.77 26.13 -21.38
CA LEU E 351 -34.77 25.10 -21.12
C LEU E 351 -34.72 24.64 -19.66
N LEU E 352 -33.51 24.44 -19.12
CA LEU E 352 -33.38 24.02 -17.73
C LEU E 352 -33.92 25.09 -16.77
N VAL E 353 -33.64 26.37 -17.07
CA VAL E 353 -34.14 27.45 -16.24
C VAL E 353 -35.66 27.50 -16.29
N LYS E 354 -36.24 27.34 -17.48
CA LYS E 354 -37.69 27.33 -17.60
C LYS E 354 -38.32 26.17 -16.84
N TRP E 355 -37.71 24.98 -16.92
CA TRP E 355 -38.19 23.85 -16.14
C TRP E 355 -38.06 24.08 -14.64
N TYR E 356 -36.97 24.69 -14.20
CA TYR E 356 -36.81 24.99 -12.78
C TYR E 356 -37.88 25.97 -12.31
N LYS E 357 -38.16 27.00 -13.12
CA LYS E 357 -39.23 27.93 -12.78
C LYS E 357 -40.59 27.25 -12.76
N LYS E 358 -40.81 26.29 -13.68
CA LYS E 358 -42.10 25.62 -13.76
C LYS E 358 -42.33 24.68 -12.58
N TYR E 359 -41.29 23.96 -12.14
CA TYR E 359 -41.47 22.91 -11.14
C TYR E 359 -40.87 23.28 -9.79
N HIS E 360 -39.58 23.60 -9.73
CA HIS E 360 -38.88 23.72 -8.46
C HIS E 360 -38.93 25.11 -7.85
N VAL E 361 -39.53 26.08 -8.54
CA VAL E 361 -39.74 27.42 -7.99
C VAL E 361 -41.11 27.45 -7.32
N PRO E 362 -41.22 27.85 -6.06
CA PRO E 362 -40.14 28.29 -5.16
C PRO E 362 -39.56 27.19 -4.28
N ILE E 363 -40.13 25.98 -4.31
CA ILE E 363 -39.73 24.90 -3.40
C ILE E 363 -39.23 23.72 -4.22
N MET E 364 -38.06 23.21 -3.84
CA MET E 364 -37.53 22.00 -4.47
C MET E 364 -38.38 20.80 -4.09
N LYS E 365 -38.78 20.02 -5.11
CA LYS E 365 -39.59 18.83 -4.90
C LYS E 365 -39.01 17.67 -5.71
N LEU E 366 -38.85 16.53 -5.05
CA LEU E 366 -38.33 15.31 -5.67
C LEU E 366 -39.16 14.14 -5.14
N TYR E 367 -40.18 13.74 -5.88
CA TYR E 367 -41.03 12.66 -5.41
C TYR E 367 -40.67 11.35 -6.10
N PRO E 368 -40.64 10.26 -5.33
CA PRO E 368 -40.24 8.97 -5.90
C PRO E 368 -41.31 8.37 -6.80
N THR E 369 -40.87 7.47 -7.67
CA THR E 369 -41.75 6.68 -8.54
C THR E 369 -41.35 5.21 -8.42
N PRO E 370 -41.59 4.58 -7.27
CA PRO E 370 -41.23 3.17 -7.11
C PRO E 370 -42.10 2.22 -7.92
N GLU E 371 -43.25 2.68 -8.42
CA GLU E 371 -44.13 1.82 -9.21
C GLU E 371 -43.52 1.43 -10.56
N GLU E 372 -42.43 2.06 -10.97
CA GLU E 372 -41.78 1.73 -12.23
C GLU E 372 -40.80 0.58 -12.10
N ILE E 373 -40.57 0.08 -10.90
CA ILE E 373 -39.68 -1.05 -10.66
C ILE E 373 -40.52 -2.23 -10.19
N PRO E 374 -40.41 -3.40 -10.83
CA PRO E 374 -41.21 -4.55 -10.38
C PRO E 374 -40.96 -4.95 -8.93
N ASP E 375 -39.72 -4.87 -8.46
CA ASP E 375 -39.43 -5.21 -7.07
C ASP E 375 -40.11 -4.25 -6.12
N PHE E 376 -40.01 -2.95 -6.38
CA PHE E 376 -40.65 -1.95 -5.54
C PHE E 376 -42.17 -2.01 -5.64
N ALA E 377 -42.71 -2.29 -6.83
CA ALA E 377 -44.15 -2.48 -6.95
C ALA E 377 -44.63 -3.67 -6.14
N PHE E 378 -43.89 -4.79 -6.19
CA PHE E 378 -44.22 -5.95 -5.37
C PHE E 378 -44.19 -5.60 -3.88
N TYR E 379 -43.14 -4.89 -3.46
CA TYR E 379 -43.04 -4.52 -2.05
C TYR E 379 -44.14 -3.58 -1.62
N LEU E 380 -44.53 -2.63 -2.47
CA LEU E 380 -45.64 -1.73 -2.12
C LEU E 380 -46.96 -2.48 -2.03
N LYS E 381 -47.23 -3.37 -3.00
CA LYS E 381 -48.47 -4.14 -2.96
C LYS E 381 -48.49 -5.09 -1.76
N ILE E 382 -47.32 -5.54 -1.32
CA ILE E 382 -47.24 -6.32 -0.09
C ILE E 382 -47.57 -5.44 1.11
N GLY E 383 -46.81 -4.35 1.29
CA GLY E 383 -46.98 -3.48 2.44
C GLY E 383 -48.38 -2.91 2.57
N THR E 384 -49.09 -2.72 1.46
CA THR E 384 -50.50 -2.33 1.55
C THR E 384 -51.33 -3.44 2.16
N LEU E 385 -51.17 -4.66 1.66
CA LEU E 385 -51.99 -5.79 2.10
C LEU E 385 -51.35 -6.61 3.21
N LEU E 386 -50.15 -6.24 3.68
CA LEU E 386 -49.47 -7.02 4.71
C LEU E 386 -49.06 -6.14 5.88
N VAL E 387 -50.00 -5.34 6.41
CA VAL E 387 -49.71 -4.50 7.56
C VAL E 387 -49.23 -5.37 8.72
N SER E 388 -48.14 -4.95 9.36
CA SER E 388 -47.54 -5.73 10.43
C SER E 388 -48.44 -5.76 11.65
N SER E 389 -48.46 -6.90 12.34
CA SER E 389 -49.25 -7.05 13.54
C SER E 389 -48.74 -6.14 14.65
N SER E 390 -49.64 -5.71 15.52
CA SER E 390 -49.31 -4.80 16.60
C SER E 390 -50.27 -5.05 17.76
N VAL E 391 -50.11 -4.26 18.83
CA VAL E 391 -51.01 -4.38 19.97
C VAL E 391 -52.43 -3.99 19.57
N LYS E 392 -52.58 -3.01 18.69
CA LYS E 392 -53.91 -2.64 18.21
C LYS E 392 -54.56 -3.77 17.43
N HIS E 393 -53.77 -4.66 16.84
CA HIS E 393 -54.29 -5.80 16.09
C HIS E 393 -54.63 -6.99 16.98
N ILE E 394 -54.22 -6.96 18.25
CA ILE E 394 -54.53 -8.06 19.16
C ILE E 394 -56.04 -8.22 19.38
N PRO E 395 -56.82 -7.16 19.63
CA PRO E 395 -58.27 -7.35 19.83
C PRO E 395 -58.99 -7.90 18.62
N LEU E 396 -58.34 -8.05 17.47
CA LEU E 396 -58.96 -8.67 16.30
C LEU E 396 -58.99 -10.19 16.39
N MET E 397 -58.39 -10.77 17.43
CA MET E 397 -58.37 -12.22 17.57
C MET E 397 -59.77 -12.84 17.68
N THR E 398 -60.75 -12.10 18.20
CA THR E 398 -62.10 -12.64 18.32
C THR E 398 -62.65 -13.07 16.97
N ASP E 399 -62.32 -12.34 15.91
CA ASP E 399 -62.72 -12.70 14.56
C ASP E 399 -61.65 -13.44 13.77
N LEU E 400 -60.38 -13.31 14.16
CA LEU E 400 -59.29 -13.96 13.44
C LEU E 400 -58.97 -15.37 13.95
N SER E 401 -59.58 -15.81 15.05
CA SER E 401 -59.34 -17.17 15.53
C SER E 401 -59.90 -18.20 14.57
N LYS E 402 -61.07 -17.95 14.00
CA LYS E 402 -61.69 -18.84 13.03
C LYS E 402 -61.26 -18.54 11.60
N LYS E 403 -60.36 -17.57 11.41
CA LYS E 403 -59.89 -17.18 10.09
C LYS E 403 -58.47 -17.66 9.82
N GLY E 404 -57.93 -18.54 10.68
CA GLY E 404 -56.63 -19.12 10.48
C GLY E 404 -55.51 -18.45 11.26
N TYR E 405 -55.76 -17.29 11.86
CA TYR E 405 -54.73 -16.57 12.60
C TYR E 405 -54.62 -17.14 14.01
N ILE E 406 -53.53 -17.84 14.30
CA ILE E 406 -53.24 -18.36 15.63
C ILE E 406 -52.43 -17.33 16.40
N LEU E 407 -52.80 -17.13 17.67
CA LEU E 407 -52.15 -16.14 18.52
C LEU E 407 -50.90 -16.75 19.13
N TYR E 408 -49.73 -16.27 18.71
CA TYR E 408 -48.44 -16.72 19.22
C TYR E 408 -47.69 -15.55 19.80
N ASP E 409 -47.32 -15.65 21.09
CA ASP E 409 -46.56 -14.61 21.78
C ASP E 409 -47.29 -13.26 21.73
N ASN E 410 -48.62 -13.32 21.89
CA ASN E 410 -49.47 -12.12 21.86
C ASN E 410 -49.29 -11.35 20.54
N VAL E 411 -49.06 -12.08 19.46
CA VAL E 411 -48.93 -11.53 18.13
C VAL E 411 -49.83 -12.32 17.19
N VAL E 412 -50.57 -11.61 16.34
CA VAL E 412 -51.42 -12.25 15.35
C VAL E 412 -50.53 -12.88 14.29
N THR E 413 -50.46 -14.20 14.28
CA THR E 413 -49.55 -14.94 13.41
C THR E 413 -50.35 -15.75 12.39
N LEU E 414 -49.89 -15.71 11.13
CA LEU E 414 -50.48 -16.43 10.03
C LEU E 414 -49.57 -17.56 9.59
N PRO E 415 -50.09 -18.77 9.39
CA PRO E 415 -49.25 -19.89 8.96
C PRO E 415 -48.59 -19.62 7.62
N LEU E 416 -47.39 -20.18 7.45
CA LEU E 416 -46.64 -19.99 6.21
C LEU E 416 -47.37 -20.57 5.01
N THR E 417 -47.96 -21.76 5.15
CA THR E 417 -48.71 -22.35 4.04
C THR E 417 -49.88 -21.47 3.63
N THR E 418 -50.64 -20.97 4.61
CA THR E 418 -51.74 -20.07 4.32
C THR E 418 -51.24 -18.77 3.72
N PHE E 419 -50.12 -18.24 4.23
CA PHE E 419 -49.56 -17.01 3.67
C PHE E 419 -49.18 -17.19 2.21
N GLN E 420 -48.56 -18.32 1.86
CA GLN E 420 -48.20 -18.57 0.47
C GLN E 420 -49.43 -18.78 -0.41
N GLN E 421 -50.40 -19.56 0.07
CA GLN E 421 -51.61 -19.79 -0.71
C GLN E 421 -52.40 -18.51 -0.93
N LYS E 422 -52.29 -17.55 -0.02
CA LYS E 422 -52.98 -16.27 -0.20
C LYS E 422 -52.18 -15.27 -1.02
N ILE E 423 -50.84 -15.28 -0.91
CA ILE E 423 -50.02 -14.39 -1.71
C ILE E 423 -49.98 -14.84 -3.17
N SER E 424 -50.22 -16.13 -3.44
CA SER E 424 -50.34 -16.59 -4.81
C SER E 424 -51.59 -16.06 -5.50
N LYS E 425 -52.58 -15.59 -4.73
CA LYS E 425 -53.81 -15.09 -5.32
C LYS E 425 -53.64 -13.68 -5.90
N TYR E 426 -52.84 -12.83 -5.25
CA TYR E 426 -52.68 -11.45 -5.67
C TYR E 426 -51.45 -11.22 -6.55
N PHE E 427 -50.39 -11.99 -6.36
CA PHE E 427 -49.17 -11.86 -7.13
C PHE E 427 -48.98 -13.07 -8.03
N ASN E 428 -48.42 -12.84 -9.21
CA ASN E 428 -48.07 -13.93 -10.10
C ASN E 428 -46.89 -14.68 -9.49
N SER E 429 -47.17 -15.82 -8.85
CA SER E 429 -46.13 -16.58 -8.17
C SER E 429 -45.05 -17.06 -9.12
N ARG E 430 -45.41 -17.42 -10.35
CA ARG E 430 -44.42 -17.85 -11.34
C ARG E 430 -43.47 -16.72 -11.74
N LEU E 431 -43.98 -15.50 -11.89
CA LEU E 431 -43.10 -14.36 -12.18
C LEU E 431 -42.37 -13.88 -10.93
N PHE E 432 -43.04 -13.88 -9.78
CA PHE E 432 -42.47 -13.37 -8.53
C PHE E 432 -41.93 -14.49 -7.65
N GLY E 433 -41.48 -15.60 -8.22
CA GLY E 433 -41.00 -16.71 -7.41
C GLY E 433 -39.84 -16.33 -6.50
N HIS E 434 -38.77 -15.80 -7.08
CA HIS E 434 -37.61 -15.43 -6.28
C HIS E 434 -37.92 -14.32 -5.28
N ASP E 435 -38.73 -13.34 -5.70
CA ASP E 435 -39.10 -12.26 -4.78
C ASP E 435 -39.89 -12.77 -3.59
N ILE E 436 -40.88 -13.63 -3.82
CA ILE E 436 -41.66 -14.20 -2.71
C ILE E 436 -40.78 -15.07 -1.83
N GLU E 437 -39.88 -15.87 -2.44
CA GLU E 437 -38.99 -16.70 -1.63
C GLU E 437 -38.09 -15.86 -0.75
N SER E 438 -37.50 -14.79 -1.29
CA SER E 438 -36.66 -13.91 -0.50
C SER E 438 -37.43 -13.19 0.60
N PHE E 439 -38.63 -12.71 0.29
CA PHE E 439 -39.45 -12.07 1.31
C PHE E 439 -39.80 -13.03 2.44
N ILE E 440 -40.14 -14.28 2.10
CA ILE E 440 -40.43 -15.28 3.12
C ILE E 440 -39.19 -15.56 3.96
N ASN E 441 -38.05 -15.79 3.31
CA ASN E 441 -36.83 -16.10 4.05
C ASN E 441 -36.35 -14.94 4.90
N ARG E 442 -36.73 -13.70 4.57
CA ARG E 442 -36.31 -12.55 5.35
C ARG E 442 -37.28 -12.21 6.47
N HIS E 443 -38.59 -12.35 6.25
CA HIS E 443 -39.59 -11.86 7.20
C HIS E 443 -40.40 -12.94 7.89
N LYS E 444 -39.97 -14.20 7.85
CA LYS E 444 -40.71 -15.25 8.55
C LYS E 444 -40.10 -15.53 9.92
N LYS E 445 -40.92 -16.10 10.79
CA LYS E 445 -40.49 -16.55 12.11
C LYS E 445 -41.03 -17.95 12.37
N PHE E 446 -40.22 -18.76 13.04
CA PHE E 446 -40.56 -20.15 13.34
C PHE E 446 -41.20 -20.23 14.72
N ALA E 447 -42.28 -21.02 14.83
CA ALA E 447 -42.92 -21.20 16.13
C ALA E 447 -42.04 -22.03 17.06
N ASN E 448 -41.82 -23.30 16.70
CA ASN E 448 -40.85 -24.12 17.43
C ASN E 448 -39.71 -24.58 16.51
N VAL E 449 -40.00 -25.39 15.49
CA VAL E 449 -38.98 -25.73 14.49
C VAL E 449 -39.57 -25.61 13.09
N SER E 450 -40.89 -25.83 12.97
CA SER E 450 -41.51 -26.01 11.67
C SER E 450 -42.77 -25.20 11.44
N ASP E 451 -43.50 -24.82 12.50
CA ASP E 451 -44.73 -24.05 12.35
C ASP E 451 -44.38 -22.60 12.04
N GLU E 452 -43.74 -22.41 10.89
CA GLU E 452 -43.27 -21.09 10.50
C GLU E 452 -44.45 -20.16 10.22
N TYR E 453 -44.34 -18.93 10.72
CA TYR E 453 -45.41 -17.95 10.60
C TYR E 453 -44.83 -16.60 10.20
N LEU E 454 -45.70 -15.73 9.69
CA LEU E 454 -45.35 -14.37 9.36
C LEU E 454 -46.26 -13.41 10.13
N GLN E 455 -45.67 -12.35 10.66
CA GLN E 455 -46.39 -11.39 11.49
C GLN E 455 -46.94 -10.25 10.63
N TYR E 456 -47.86 -10.61 9.73
CA TYR E 456 -48.51 -9.66 8.85
C TYR E 456 -49.96 -10.07 8.65
N ILE E 457 -50.85 -9.10 8.56
CA ILE E 457 -52.29 -9.33 8.47
C ILE E 457 -52.82 -8.71 7.19
N PHE E 458 -53.69 -9.43 6.51
CA PHE E 458 -54.36 -8.92 5.31
C PHE E 458 -55.38 -7.85 5.70
N ILE E 459 -55.64 -6.94 4.76
CA ILE E 459 -56.70 -5.96 4.94
C ILE E 459 -58.07 -6.61 5.00
N GLU E 460 -58.30 -7.67 4.22
CA GLU E 460 -59.57 -8.38 4.20
C GLU E 460 -59.88 -9.09 5.51
N ASP E 461 -58.97 -9.05 6.49
CA ASP E 461 -59.15 -9.72 7.77
C ASP E 461 -59.34 -8.77 8.94
N ILE E 462 -59.02 -7.49 8.79
CA ILE E 462 -59.22 -6.52 9.86
C ILE E 462 -60.70 -6.37 10.18
N ALA F 1 11.85 47.32 1.74
CA ALA F 1 13.02 47.94 1.12
C ALA F 1 13.47 47.13 -0.10
N MET F 2 12.73 47.28 -1.20
CA MET F 2 13.03 46.57 -2.44
C MET F 2 12.92 47.57 -3.59
N GLY F 3 12.97 47.05 -4.82
CA GLY F 3 12.92 47.88 -6.00
C GLY F 3 11.54 47.99 -6.60
N ASN F 4 11.32 49.08 -7.34
CA ASN F 4 10.06 49.35 -8.01
C ASN F 4 10.08 48.98 -9.48
N LYS F 5 11.25 49.05 -10.13
CA LYS F 5 11.35 48.75 -11.56
C LYS F 5 11.02 47.30 -11.86
N LEU F 6 11.16 46.39 -10.88
CA LEU F 6 10.95 44.98 -11.15
C LEU F 6 9.51 44.68 -11.55
N PHE F 7 8.55 45.39 -10.96
CA PHE F 7 7.16 45.20 -11.37
C PHE F 7 6.95 45.65 -12.81
N ASN F 8 7.62 46.73 -13.22
CA ASN F 8 7.56 47.13 -14.63
C ASN F 8 8.15 46.07 -15.54
N ILE F 9 9.24 45.42 -15.11
CA ILE F 9 9.82 44.34 -15.90
C ILE F 9 8.84 43.18 -16.01
N ALA F 10 8.17 42.83 -14.90
CA ALA F 10 7.18 41.77 -14.95
C ALA F 10 6.02 42.11 -15.87
N GLN F 11 5.57 43.37 -15.84
CA GLN F 11 4.50 43.79 -16.74
C GLN F 11 4.94 43.70 -18.20
N ARG F 12 6.17 44.12 -18.50
CA ARG F 12 6.69 43.99 -19.86
C ARG F 12 6.79 42.53 -20.28
N ILE F 13 7.19 41.65 -19.37
CA ILE F 13 7.26 40.22 -19.68
C ILE F 13 5.87 39.69 -19.99
N LEU F 14 4.88 40.04 -19.16
CA LEU F 14 3.52 39.59 -19.42
C LEU F 14 2.90 40.22 -20.66
N ASP F 15 3.44 41.36 -21.12
CA ASP F 15 2.95 41.96 -22.35
C ASP F 15 3.18 41.04 -23.55
N THR F 16 4.35 40.40 -23.60
CA THR F 16 4.69 39.50 -24.69
C THR F 16 3.90 38.19 -24.65
N ASN F 17 3.21 37.91 -23.55
CA ASN F 17 2.47 36.66 -23.37
C ASN F 17 3.39 35.45 -23.54
N SER F 18 4.62 35.58 -23.06
CA SER F 18 5.59 34.48 -23.12
C SER F 18 5.40 33.46 -22.00
N VAL F 19 4.55 33.76 -21.01
CA VAL F 19 4.27 32.85 -19.91
C VAL F 19 2.77 32.80 -19.69
N LEU F 20 2.21 31.60 -19.62
CA LEU F 20 0.79 31.40 -19.46
C LEU F 20 0.51 30.43 -18.33
N LEU F 21 -0.66 30.57 -17.73
CA LEU F 21 -1.12 29.68 -16.66
C LEU F 21 -2.12 28.69 -17.22
N THR F 22 -1.83 27.40 -17.09
CA THR F 22 -2.70 26.38 -17.64
C THR F 22 -3.94 26.20 -16.77
N GLU F 23 -4.91 25.47 -17.30
CA GLU F 23 -6.12 25.15 -16.55
C GLU F 23 -5.82 24.24 -15.38
N ARG F 24 -4.71 23.51 -15.43
CA ARG F 24 -4.30 22.63 -14.34
C ARG F 24 -3.51 23.36 -13.26
N GLY F 25 -3.46 24.68 -13.31
CA GLY F 25 -2.69 25.43 -12.33
C GLY F 25 -1.19 25.35 -12.52
N ASP F 26 -0.73 25.08 -13.74
CA ASP F 26 0.69 24.99 -14.04
C ASP F 26 1.09 26.14 -14.96
N TYR F 27 2.36 26.53 -14.87
CA TYR F 27 2.90 27.66 -15.62
C TYR F 27 3.76 27.15 -16.76
N ILE F 28 3.52 27.67 -17.96
CA ILE F 28 4.30 27.33 -19.14
C ILE F 28 5.08 28.55 -19.59
N VAL F 29 6.18 28.32 -20.29
CA VAL F 29 7.03 29.40 -20.79
C VAL F 29 7.30 29.18 -22.27
N TRP F 30 7.63 30.26 -22.95
CA TRP F 30 7.92 30.26 -24.38
C TRP F 30 9.40 30.61 -24.58
N ILE F 31 10.23 29.57 -24.67
CA ILE F 31 11.67 29.74 -24.84
C ILE F 31 12.11 28.89 -26.03
N ASN F 32 13.05 29.43 -26.81
CA ASN F 32 13.64 28.72 -27.95
C ASN F 32 12.57 28.25 -28.93
N ASN F 33 11.60 29.12 -29.18
CA ASN F 33 10.50 28.84 -30.12
C ASN F 33 9.78 27.54 -29.76
N SER F 34 9.48 27.39 -28.48
CA SER F 34 8.81 26.19 -27.99
C SER F 34 8.20 26.48 -26.62
N TRP F 35 6.96 26.01 -26.43
CA TRP F 35 6.25 26.19 -25.16
C TRP F 35 6.73 25.14 -24.16
N LYS F 36 7.92 25.38 -23.61
CA LYS F 36 8.46 24.49 -22.60
C LYS F 36 7.66 24.59 -21.30
N PHE F 37 7.53 23.46 -20.62
CA PHE F 37 6.70 23.38 -19.42
C PHE F 37 7.29 22.34 -18.48
N ASN F 38 7.29 22.65 -17.19
CA ASN F 38 7.81 21.75 -16.17
C ASN F 38 7.13 22.05 -14.85
N SER F 39 6.42 21.06 -14.30
CA SER F 39 5.76 21.24 -13.01
C SER F 39 6.73 21.15 -11.85
N GLU F 40 7.79 20.35 -11.97
CA GLU F 40 8.73 20.18 -10.86
C GLU F 40 9.49 21.46 -10.60
N GLU F 41 10.26 21.93 -11.58
CA GLU F 41 11.02 23.17 -11.47
C GLU F 41 10.35 24.26 -12.29
N PRO F 42 9.96 25.38 -11.66
CA PRO F 42 9.35 26.46 -12.43
C PRO F 42 10.35 27.06 -13.42
N LEU F 43 9.94 27.15 -14.68
CA LEU F 43 10.80 27.65 -15.75
C LEU F 43 10.68 29.16 -15.94
N ILE F 44 9.95 29.85 -15.06
CA ILE F 44 9.79 31.29 -15.19
C ILE F 44 11.14 32.00 -15.09
N THR F 45 11.99 31.56 -14.17
CA THR F 45 13.31 32.18 -14.02
C THR F 45 14.13 32.03 -15.29
N LYS F 46 14.10 30.84 -15.90
CA LYS F 46 14.78 30.63 -17.17
C LYS F 46 14.20 31.51 -18.26
N LEU F 47 12.87 31.67 -18.27
CA LEU F 47 12.24 32.55 -19.26
C LEU F 47 12.72 33.98 -19.11
N ILE F 48 12.80 34.47 -17.87
CA ILE F 48 13.28 35.82 -17.62
C ILE F 48 14.73 35.97 -18.07
N LEU F 49 15.57 35.00 -17.71
CA LEU F 49 16.96 35.06 -18.12
C LEU F 49 17.11 35.01 -19.63
N SER F 50 16.20 34.32 -20.32
CA SER F 50 16.26 34.26 -21.78
C SER F 50 15.82 35.58 -22.40
N ILE F 51 14.74 36.16 -21.91
CA ILE F 51 14.13 37.32 -22.55
C ILE F 51 14.66 38.62 -21.97
N ARG F 52 15.68 38.56 -21.09
CA ARG F 52 16.38 39.78 -20.70
C ARG F 52 16.93 40.51 -21.91
N HIS F 53 17.26 39.78 -22.98
CA HIS F 53 17.83 40.41 -24.16
C HIS F 53 16.80 41.20 -24.95
N GLN F 54 15.52 40.83 -24.84
CA GLN F 54 14.45 41.50 -25.56
C GLN F 54 13.91 42.72 -24.79
N LEU F 55 14.68 43.24 -23.85
CA LEU F 55 14.28 44.36 -23.00
C LEU F 55 15.36 45.43 -23.03
N PRO F 56 15.02 46.67 -22.65
CA PRO F 56 16.04 47.72 -22.62
C PRO F 56 17.18 47.38 -21.68
N LYS F 57 18.33 48.03 -21.94
CA LYS F 57 19.53 47.75 -21.16
C LYS F 57 19.34 48.04 -19.67
N GLU F 58 18.43 48.95 -19.34
CA GLU F 58 18.18 49.28 -17.93
C GLU F 58 17.54 48.12 -17.17
N TYR F 59 17.00 47.13 -17.87
CA TYR F 59 16.30 46.02 -17.23
C TYR F 59 17.09 44.73 -17.23
N SER F 60 17.92 44.49 -18.25
CA SER F 60 18.74 43.28 -18.26
C SER F 60 19.71 43.25 -17.10
N SER F 61 20.33 44.40 -16.78
CA SER F 61 21.22 44.45 -15.62
C SER F 61 20.48 44.13 -14.32
N GLU F 62 19.25 44.62 -14.19
CA GLU F 62 18.43 44.26 -13.03
C GLU F 62 18.14 42.77 -13.00
N LEU F 63 17.84 42.19 -14.15
CA LEU F 63 17.49 40.78 -14.24
C LEU F 63 18.68 39.84 -14.08
N LEU F 64 19.91 40.35 -14.22
CA LEU F 64 21.08 39.49 -14.02
C LEU F 64 21.15 38.96 -12.59
N CYS F 65 20.56 39.67 -11.64
CA CYS F 65 20.59 39.25 -10.24
C CYS F 65 19.54 38.16 -9.99
N PRO F 66 19.93 36.98 -9.50
CA PRO F 66 18.94 35.95 -9.19
C PRO F 66 17.91 36.35 -8.14
N ARG F 67 18.27 37.19 -7.18
CA ARG F 67 17.29 37.66 -6.20
C ARG F 67 16.21 38.49 -6.89
N LYS F 68 16.61 39.49 -7.67
CA LYS F 68 15.65 40.29 -8.42
C LYS F 68 14.91 39.45 -9.46
N ARG F 69 15.58 38.45 -10.03
CA ARG F 69 14.91 37.58 -10.99
C ARG F 69 13.80 36.78 -10.32
N LYS F 70 14.07 36.24 -9.12
CA LYS F 70 13.04 35.56 -8.36
C LYS F 70 11.92 36.52 -7.95
N THR F 71 12.27 37.77 -7.64
CA THR F 71 11.26 38.77 -7.35
C THR F 71 10.34 38.99 -8.55
N VAL F 72 10.92 39.11 -9.73
CA VAL F 72 10.14 39.28 -10.95
C VAL F 72 9.29 38.04 -11.21
N GLU F 73 9.84 36.87 -10.93
CA GLU F 73 9.08 35.62 -11.09
C GLU F 73 7.86 35.62 -10.17
N ALA F 74 8.04 36.05 -8.93
CA ALA F 74 6.90 36.15 -8.01
C ALA F 74 5.88 37.14 -8.50
N ASN F 75 6.34 38.29 -9.02
CA ASN F 75 5.42 39.27 -9.57
C ASN F 75 4.62 38.69 -10.74
N ILE F 76 5.29 37.94 -11.62
CA ILE F 76 4.61 37.31 -12.74
C ILE F 76 3.60 36.29 -12.26
N ARG F 77 3.96 35.49 -11.26
CA ARG F 77 3.03 34.53 -10.69
C ARG F 77 1.80 35.22 -10.13
N ASP F 78 1.99 36.36 -9.46
CA ASP F 78 0.86 37.12 -8.93
C ASP F 78 0.00 37.70 -10.06
N MET F 79 0.64 38.17 -11.13
CA MET F 79 -0.08 38.79 -12.24
C MET F 79 -0.84 37.80 -13.10
N LEU F 80 -0.39 36.54 -13.17
CA LEU F 80 -1.08 35.53 -13.96
C LEU F 80 -2.27 35.02 -13.16
N VAL F 81 -3.47 35.48 -13.52
CA VAL F 81 -4.69 35.12 -12.82
C VAL F 81 -5.60 34.26 -13.70
N ASP F 82 -5.85 34.68 -14.93
CA ASP F 82 -6.72 33.96 -15.84
C ASP F 82 -6.07 32.65 -16.26
N SER F 83 -6.66 31.53 -15.86
CA SER F 83 -6.13 30.20 -16.18
C SER F 83 -6.50 29.86 -17.62
N VAL F 84 -5.69 30.38 -18.54
CA VAL F 84 -5.95 30.20 -19.97
C VAL F 84 -5.59 28.76 -20.35
N GLU F 85 -6.55 28.05 -20.94
CA GLU F 85 -6.31 26.70 -21.40
C GLU F 85 -5.49 26.70 -22.68
N THR F 86 -4.84 25.57 -22.96
CA THR F 86 -3.93 25.44 -24.07
C THR F 86 -4.29 24.22 -24.91
N ASP F 87 -3.65 24.12 -26.08
CA ASP F 87 -3.85 23.01 -27.01
C ASP F 87 -5.32 22.91 -27.43
N THR F 88 -5.83 24.00 -28.00
CA THR F 88 -7.22 24.05 -28.44
C THR F 88 -7.39 23.38 -29.81
N TYR F 89 -6.66 23.88 -30.80
CA TYR F 89 -6.67 23.47 -32.19
C TYR F 89 -6.30 22.01 -32.36
N PRO F 90 -7.02 21.25 -33.19
CA PRO F 90 -6.62 19.87 -33.47
C PRO F 90 -5.81 19.74 -34.75
N ASP F 91 -5.70 20.85 -35.50
CA ASP F 91 -5.11 20.83 -36.83
C ASP F 91 -3.68 21.38 -36.87
N LYS F 92 -3.03 21.48 -35.72
CA LYS F 92 -1.67 22.01 -35.63
C LYS F 92 -0.74 20.96 -35.02
N LEU F 93 0.44 20.81 -35.63
CA LEU F 93 1.43 19.85 -35.18
C LEU F 93 2.65 20.58 -34.65
N PRO F 94 2.97 20.45 -33.35
CA PRO F 94 4.11 21.17 -32.80
C PRO F 94 5.45 20.50 -33.05
N PHE F 95 6.50 21.29 -33.27
CA PHE F 95 7.84 20.77 -33.47
C PHE F 95 8.82 21.47 -32.53
N LYS F 96 10.07 21.04 -32.52
CA LYS F 96 11.10 21.71 -31.73
C LYS F 96 11.54 23.04 -32.34
N ASN F 97 11.13 23.33 -33.57
CA ASN F 97 11.43 24.60 -34.21
C ASN F 97 10.19 25.45 -34.44
N GLY F 98 9.01 24.94 -34.11
CA GLY F 98 7.77 25.67 -34.33
C GLY F 98 6.57 24.76 -34.43
N VAL F 99 5.56 25.16 -35.20
CA VAL F 99 4.33 24.40 -35.35
C VAL F 99 4.05 24.20 -36.84
N LEU F 100 3.75 22.98 -37.23
CA LEU F 100 3.40 22.67 -38.61
C LEU F 100 1.88 22.52 -38.74
N ASP F 101 1.30 23.28 -39.65
CA ASP F 101 -0.14 23.26 -39.85
C ASP F 101 -0.54 22.08 -40.73
N LEU F 102 -1.74 21.57 -40.50
CA LEU F 102 -2.31 20.50 -41.29
C LEU F 102 -3.30 20.99 -42.35
N VAL F 103 -3.78 22.23 -42.22
CA VAL F 103 -4.73 22.76 -43.21
C VAL F 103 -4.01 23.04 -44.51
N ASP F 104 -3.03 23.95 -44.48
CA ASP F 104 -2.29 24.32 -45.68
C ASP F 104 -0.96 23.60 -45.80
N GLY F 105 -0.50 22.92 -44.75
CA GLY F 105 0.78 22.25 -44.78
C GLY F 105 1.98 23.14 -44.59
N MET F 106 1.78 24.42 -44.26
CA MET F 106 2.87 25.34 -44.02
C MET F 106 3.34 25.23 -42.58
N PHE F 107 4.65 25.37 -42.37
CA PHE F 107 5.26 25.26 -41.05
C PHE F 107 5.49 26.65 -40.48
N TYR F 108 5.02 26.87 -39.26
CA TYR F 108 5.23 28.13 -38.57
C TYR F 108 6.38 28.01 -37.58
N SER F 109 7.01 29.14 -37.30
CA SER F 109 8.14 29.20 -36.38
C SER F 109 8.21 30.58 -35.77
N GLY F 110 8.90 30.68 -34.63
CA GLY F 110 9.03 31.95 -33.96
C GLY F 110 7.71 32.45 -33.41
N ASP F 111 7.47 33.75 -33.55
CA ASP F 111 6.23 34.34 -33.05
C ASP F 111 5.01 33.80 -33.78
N ASP F 112 5.16 33.32 -35.02
CA ASP F 112 4.04 32.68 -35.70
C ASP F 112 3.61 31.42 -34.96
N ALA F 113 4.57 30.63 -34.48
CA ALA F 113 4.24 29.47 -33.65
C ALA F 113 3.83 29.89 -32.24
N LYS F 114 4.29 31.06 -31.78
CA LYS F 114 3.91 31.53 -30.45
C LYS F 114 2.42 31.78 -30.34
N LYS F 115 1.75 32.11 -31.45
CA LYS F 115 0.31 32.24 -31.44
C LYS F 115 -0.36 30.94 -30.99
N TYR F 116 0.29 29.81 -31.23
CA TYR F 116 -0.20 28.51 -30.79
C TYR F 116 0.49 28.14 -29.48
N THR F 117 -0.28 27.56 -28.55
CA THR F 117 0.19 27.17 -27.22
C THR F 117 0.07 25.66 -27.11
N CYS F 118 1.13 24.96 -27.49
CA CYS F 118 1.14 23.50 -27.48
C CYS F 118 1.83 22.99 -26.22
N THR F 119 1.17 22.09 -25.51
CA THR F 119 1.73 21.53 -24.28
C THR F 119 2.96 20.67 -24.56
N VAL F 120 2.98 19.99 -25.69
CA VAL F 120 4.03 19.06 -26.05
C VAL F 120 4.54 19.40 -27.45
N SER F 121 5.47 18.60 -27.94
CA SER F 121 6.03 18.77 -29.28
C SER F 121 6.42 17.41 -29.82
N THR F 122 6.72 17.38 -31.11
CA THR F 122 7.10 16.13 -31.78
C THR F 122 8.44 15.59 -31.31
N GLY F 123 9.22 16.37 -30.57
CA GLY F 123 10.47 15.89 -30.02
C GLY F 123 11.66 15.96 -30.94
N PHE F 124 11.53 16.58 -32.11
CA PHE F 124 12.67 16.77 -33.00
C PHE F 124 12.47 18.03 -33.81
N LYS F 125 13.59 18.57 -34.30
CA LYS F 125 13.54 19.80 -35.08
C LYS F 125 13.00 19.52 -36.48
N PHE F 126 12.14 20.42 -36.94
CA PHE F 126 11.55 20.31 -38.27
C PHE F 126 12.57 20.66 -39.34
N ASP F 127 12.43 20.03 -40.50
CA ASP F 127 13.32 20.27 -41.64
C ASP F 127 12.48 20.25 -42.91
N ASP F 128 12.27 21.43 -43.51
CA ASP F 128 11.51 21.51 -44.75
C ASP F 128 12.27 20.87 -45.91
N THR F 129 13.60 20.91 -45.88
CA THR F 129 14.39 20.29 -46.94
C THR F 129 14.15 18.78 -47.02
N LYS F 130 14.09 18.11 -45.87
CA LYS F 130 13.75 16.70 -45.83
C LYS F 130 12.25 16.45 -45.97
N PHE F 131 11.43 17.49 -45.87
CA PHE F 131 9.98 17.36 -45.99
C PHE F 131 9.58 17.68 -47.43
N VAL F 132 10.01 16.80 -48.34
CA VAL F 132 9.72 16.93 -49.75
C VAL F 132 9.32 15.57 -50.31
N GLU F 133 8.43 15.59 -51.30
CA GLU F 133 8.00 14.35 -51.94
C GLU F 133 9.02 13.85 -52.94
N ASP F 134 9.72 14.77 -53.62
CA ASP F 134 10.72 14.40 -54.62
C ASP F 134 12.00 13.99 -53.90
N SER F 135 12.02 12.74 -53.45
CA SER F 135 13.18 12.19 -52.75
C SER F 135 13.16 10.68 -52.88
N PRO F 136 14.32 10.02 -52.98
CA PRO F 136 14.31 8.56 -53.04
C PRO F 136 13.70 7.90 -51.82
N GLU F 137 13.86 8.49 -50.63
CA GLU F 137 13.27 7.93 -49.43
C GLU F 137 11.75 7.89 -49.52
N MET F 138 11.15 8.93 -50.10
CA MET F 138 9.71 8.95 -50.27
C MET F 138 9.23 7.80 -51.16
N GLU F 139 9.92 7.58 -52.29
CA GLU F 139 9.54 6.48 -53.17
C GLU F 139 9.73 5.13 -52.50
N GLU F 140 10.85 4.96 -51.79
CA GLU F 140 11.09 3.70 -51.09
C GLU F 140 10.02 3.43 -50.05
N LEU F 141 9.65 4.46 -49.28
CA LEU F 141 8.64 4.28 -48.24
C LEU F 141 7.26 4.06 -48.84
N MET F 142 6.96 4.72 -49.97
CA MET F 142 5.71 4.46 -50.67
C MET F 142 5.62 3.01 -51.13
N ASN F 143 6.71 2.49 -51.68
CA ASN F 143 6.74 1.08 -52.08
C ASN F 143 6.58 0.16 -50.87
N ILE F 144 7.22 0.51 -49.74
CA ILE F 144 7.11 -0.31 -48.54
C ILE F 144 5.67 -0.33 -48.04
N ILE F 145 5.02 0.84 -48.01
CA ILE F 145 3.64 0.91 -47.54
C ILE F 145 2.71 0.16 -48.48
N ASN F 146 2.91 0.31 -49.80
CA ASN F 146 2.12 -0.46 -50.75
C ASN F 146 2.32 -1.96 -50.60
N ASP F 147 3.53 -2.39 -50.22
CA ASP F 147 3.73 -3.79 -49.87
C ASP F 147 2.93 -4.15 -48.62
N ILE F 148 2.92 -3.27 -47.62
CA ILE F 148 2.16 -3.53 -46.39
C ILE F 148 0.67 -3.56 -46.70
N GLN F 149 0.19 -2.59 -47.48
CA GLN F 149 -1.22 -2.53 -47.88
C GLN F 149 -1.30 -2.28 -49.38
N PRO F 150 -1.66 -3.27 -50.19
CA PRO F 150 -1.68 -3.07 -51.64
C PRO F 150 -2.75 -2.08 -52.07
N LEU F 151 -2.49 -1.40 -53.18
CA LEU F 151 -3.44 -0.48 -53.79
C LEU F 151 -4.39 -1.20 -54.75
N THR F 152 -5.04 -2.25 -54.26
CA THR F 152 -5.94 -3.07 -55.06
C THR F 152 -7.39 -2.80 -54.66
N ASP F 153 -8.29 -3.00 -55.62
CA ASP F 153 -9.71 -2.78 -55.36
C ASP F 153 -10.25 -3.72 -54.29
N GLU F 154 -9.74 -4.95 -54.24
CA GLU F 154 -10.14 -5.87 -53.17
C GLU F 154 -9.70 -5.36 -51.80
N ASN F 155 -8.55 -4.67 -51.73
CA ASN F 155 -8.07 -4.07 -50.52
C ASN F 155 -8.33 -2.56 -50.46
N LYS F 156 -9.15 -2.04 -51.37
CA LYS F 156 -9.34 -0.60 -51.48
C LYS F 156 -9.93 -0.01 -50.20
N LYS F 157 -11.00 -0.63 -49.68
CA LYS F 157 -11.62 -0.12 -48.47
C LYS F 157 -10.68 -0.23 -47.28
N ASN F 158 -10.00 -1.37 -47.14
CA ASN F 158 -9.08 -1.55 -46.03
C ASN F 158 -7.91 -0.57 -46.11
N ARG F 159 -7.35 -0.41 -47.30
CA ARG F 159 -6.25 0.55 -47.48
C ARG F 159 -6.70 1.97 -47.19
N GLU F 160 -7.90 2.34 -47.65
CA GLU F 160 -8.40 3.68 -47.39
C GLU F 160 -8.63 3.92 -45.91
N LEU F 161 -9.20 2.93 -45.20
CA LEU F 161 -9.38 3.07 -43.77
C LEU F 161 -8.05 3.15 -43.04
N TYR F 162 -7.06 2.36 -43.49
CA TYR F 162 -5.73 2.41 -42.88
C TYR F 162 -5.10 3.79 -43.05
N GLU F 163 -5.20 4.36 -44.24
CA GLU F 163 -4.69 5.71 -44.47
C GLU F 163 -5.43 6.73 -43.63
N LYS F 164 -6.76 6.60 -43.53
CA LYS F 164 -7.54 7.54 -42.72
C LYS F 164 -7.14 7.47 -41.25
N THR F 165 -6.93 6.26 -40.72
CA THR F 165 -6.52 6.13 -39.34
C THR F 165 -5.12 6.70 -39.11
N LEU F 166 -4.18 6.41 -40.00
CA LEU F 166 -2.84 6.96 -39.84
C LEU F 166 -2.84 8.48 -39.94
N SER F 167 -3.71 9.05 -40.78
CA SER F 167 -3.83 10.49 -40.86
C SER F 167 -4.48 11.08 -39.61
N SER F 168 -5.49 10.39 -39.07
CA SER F 168 -6.13 10.84 -37.83
C SER F 168 -5.20 10.75 -36.64
N CYS F 169 -4.16 9.91 -36.72
CA CYS F 169 -3.13 9.92 -35.68
C CYS F 169 -2.49 11.30 -35.54
N LEU F 170 -2.50 12.10 -36.60
CA LEU F 170 -1.96 13.46 -36.51
C LEU F 170 -2.89 14.40 -35.75
N CYS F 171 -4.20 14.24 -35.93
CA CYS F 171 -5.17 15.21 -35.41
C CYS F 171 -5.14 15.21 -33.89
N GLY F 172 -5.13 16.41 -33.31
CA GLY F 172 -5.15 16.56 -31.87
C GLY F 172 -6.55 16.74 -31.32
N ALA F 173 -7.46 15.85 -31.68
CA ALA F 173 -8.84 15.87 -31.22
C ALA F 173 -9.22 14.51 -30.63
N THR F 174 -10.42 14.45 -30.07
CA THR F 174 -10.90 13.22 -29.46
C THR F 174 -11.22 12.19 -30.54
N LYS F 175 -10.80 10.95 -30.31
CA LYS F 175 -11.09 9.89 -31.25
C LYS F 175 -12.56 9.51 -31.19
N GLY F 176 -13.20 9.43 -32.36
CA GLY F 176 -14.61 9.12 -32.43
C GLY F 176 -14.90 7.66 -32.68
N CYS F 177 -13.86 6.89 -33.04
CA CYS F 177 -14.07 5.48 -33.37
C CYS F 177 -12.74 4.75 -33.21
N LEU F 178 -12.70 3.79 -32.29
CA LEU F 178 -11.50 2.99 -32.06
C LEU F 178 -11.14 2.18 -33.30
N THR F 179 -9.85 1.98 -33.51
CA THR F 179 -9.33 1.27 -34.67
C THR F 179 -8.52 0.07 -34.23
N PHE F 180 -8.65 -1.03 -34.98
CA PHE F 180 -7.95 -2.28 -34.69
C PHE F 180 -7.08 -2.65 -35.88
N PHE F 181 -5.90 -3.19 -35.61
CA PHE F 181 -5.03 -3.75 -36.64
C PHE F 181 -5.10 -5.27 -36.53
N PHE F 182 -5.79 -5.89 -37.49
CA PHE F 182 -6.00 -7.33 -37.49
C PHE F 182 -5.10 -7.99 -38.52
N GLY F 183 -4.55 -9.14 -38.15
CA GLY F 183 -3.69 -9.90 -39.05
C GLY F 183 -2.93 -10.99 -38.32
N GLU F 184 -1.76 -11.34 -38.83
CA GLU F 184 -0.88 -12.30 -38.20
C GLU F 184 0.36 -11.58 -37.68
N THR F 185 1.32 -12.35 -37.15
CA THR F 185 2.54 -11.75 -36.62
C THR F 185 3.41 -11.23 -37.76
N ALA F 186 3.90 -10.01 -37.61
CA ALA F 186 4.81 -9.37 -38.57
C ALA F 186 4.21 -9.31 -39.98
N THR F 187 2.93 -8.95 -40.04
CA THR F 187 2.24 -8.75 -41.31
C THR F 187 2.27 -7.30 -41.77
N GLY F 188 2.92 -6.41 -41.00
CA GLY F 188 2.97 -5.01 -41.37
C GLY F 188 2.54 -4.10 -40.25
N LYS F 189 1.94 -4.67 -39.20
CA LYS F 189 1.48 -3.87 -38.07
C LYS F 189 2.66 -3.28 -37.30
N SER F 190 3.66 -4.11 -36.98
CA SER F 190 4.82 -3.61 -36.25
C SER F 190 5.61 -2.59 -37.05
N THR F 191 5.76 -2.81 -38.37
CA THR F 191 6.44 -1.84 -39.21
C THR F 191 5.70 -0.51 -39.22
N THR F 192 4.37 -0.55 -39.34
CA THR F 192 3.57 0.67 -39.28
C THR F 192 3.74 1.37 -37.94
N LYS F 193 3.73 0.61 -36.85
CA LYS F 193 3.92 1.20 -35.53
C LYS F 193 5.25 1.90 -35.42
N ARG F 194 6.33 1.23 -35.87
CA ARG F 194 7.66 1.82 -35.79
C ARG F 194 7.77 3.06 -36.67
N LEU F 195 7.23 3.01 -37.88
CA LEU F 195 7.28 4.17 -38.77
C LEU F 195 6.51 5.35 -38.19
N LEU F 196 5.31 5.10 -37.66
CA LEU F 196 4.53 6.17 -37.07
C LEU F 196 5.21 6.76 -35.84
N LYS F 197 5.80 5.90 -35.00
CA LYS F 197 6.52 6.39 -33.83
C LYS F 197 7.70 7.25 -34.24
N SER F 198 8.49 6.80 -35.23
CA SER F 198 9.62 7.59 -35.69
C SER F 198 9.16 8.90 -36.32
N ALA F 199 7.99 8.91 -36.97
CA ALA F 199 7.50 10.11 -37.62
C ALA F 199 7.04 11.15 -36.60
N ILE F 200 6.29 10.73 -35.58
CA ILE F 200 5.65 11.67 -34.66
C ILE F 200 6.41 11.82 -33.35
N GLY F 201 7.55 11.16 -33.19
CA GLY F 201 8.41 11.44 -32.05
C GLY F 201 7.74 11.17 -30.72
N ASP F 202 7.86 12.14 -29.80
CA ASP F 202 7.34 11.97 -28.44
C ASP F 202 5.83 11.90 -28.40
N LEU F 203 5.14 12.39 -29.43
CA LEU F 203 3.69 12.31 -29.46
C LEU F 203 3.20 10.87 -29.48
N PHE F 204 4.02 9.94 -29.95
CA PHE F 204 3.67 8.54 -29.95
C PHE F 204 3.72 7.98 -28.52
N VAL F 205 2.88 6.96 -28.27
CA VAL F 205 2.92 6.21 -27.03
C VAL F 205 2.49 4.79 -27.33
N GLU F 206 3.04 3.84 -26.58
CA GLU F 206 2.73 2.43 -26.73
C GLU F 206 2.40 1.83 -25.37
N THR F 207 1.49 0.87 -25.38
CA THR F 207 1.04 0.23 -24.15
C THR F 207 0.63 -1.19 -24.45
N GLY F 208 0.32 -1.94 -23.40
CA GLY F 208 -0.03 -3.34 -23.51
C GLY F 208 -1.53 -3.57 -23.49
N GLN F 209 -1.93 -4.67 -22.87
CA GLN F 209 -3.32 -5.09 -22.79
C GLN F 209 -4.03 -4.62 -21.52
N THR F 210 -3.34 -3.85 -20.67
CA THR F 210 -3.91 -3.47 -19.38
C THR F 210 -5.13 -2.56 -19.56
N ILE F 211 -5.00 -1.50 -20.35
CA ILE F 211 -6.10 -0.57 -20.55
C ILE F 211 -7.28 -1.19 -21.28
N LEU F 212 -7.06 -2.26 -22.04
CA LEU F 212 -8.13 -2.92 -22.76
C LEU F 212 -8.76 -4.07 -22.00
N THR F 213 -8.07 -4.60 -20.98
CA THR F 213 -8.55 -5.77 -20.26
C THR F 213 -8.74 -5.54 -18.77
N ASP F 214 -8.32 -4.40 -18.22
CA ASP F 214 -8.39 -4.15 -16.79
C ASP F 214 -9.16 -2.87 -16.52
N VAL F 215 -9.36 -2.56 -15.24
CA VAL F 215 -10.08 -1.38 -14.81
C VAL F 215 -9.12 -0.20 -14.78
N LEU F 216 -9.50 0.90 -15.42
CA LEU F 216 -8.63 2.07 -15.51
C LEU F 216 -8.59 2.84 -14.20
N ASP F 217 -9.73 3.35 -13.76
CA ASP F 217 -9.79 4.23 -12.59
C ASP F 217 -9.78 3.41 -11.31
N LYS F 218 -8.57 3.08 -10.86
CA LYS F 218 -8.37 2.43 -9.57
C LYS F 218 -7.03 2.90 -9.02
N GLY F 219 -7.06 3.95 -8.18
CA GLY F 219 -5.86 4.53 -7.64
C GLY F 219 -4.98 5.12 -8.72
N PRO F 220 -3.67 5.05 -8.52
CA PRO F 220 -2.74 5.52 -9.56
C PRO F 220 -2.86 4.72 -10.83
N ASN F 221 -2.67 5.40 -11.96
CA ASN F 221 -2.70 4.77 -13.28
C ASN F 221 -1.71 5.48 -14.18
N PRO F 222 -0.43 5.08 -14.13
CA PRO F 222 0.59 5.74 -14.97
C PRO F 222 0.34 5.59 -16.46
N PHE F 223 -0.35 4.54 -16.91
CA PHE F 223 -0.63 4.39 -18.33
C PHE F 223 -1.51 5.53 -18.84
N ILE F 224 -2.63 5.78 -18.17
CA ILE F 224 -3.51 6.87 -18.56
C ILE F 224 -2.82 8.21 -18.38
N ALA F 225 -2.00 8.35 -17.33
CA ALA F 225 -1.27 9.59 -17.12
C ALA F 225 -0.32 9.89 -18.27
N ASN F 226 0.37 8.87 -18.79
CA ASN F 226 1.23 9.07 -19.94
C ASN F 226 0.44 9.27 -21.23
N MET F 227 -0.71 8.61 -21.35
CA MET F 227 -1.53 8.73 -22.55
C MET F 227 -2.15 10.11 -22.73
N HIS F 228 -2.17 10.94 -21.69
CA HIS F 228 -2.75 12.26 -21.81
C HIS F 228 -1.90 13.14 -22.71
N LEU F 229 -2.57 14.04 -23.45
CA LEU F 229 -1.91 14.99 -24.35
C LEU F 229 -1.08 14.28 -25.42
N LYS F 230 -1.47 13.07 -25.79
CA LYS F 230 -0.78 12.29 -26.81
C LYS F 230 -1.52 12.38 -28.14
N ARG F 231 -0.84 11.92 -29.20
CA ARG F 231 -1.41 11.93 -30.54
C ARG F 231 -1.83 10.55 -31.03
N SER F 232 -1.28 9.48 -30.47
CA SER F 232 -1.65 8.13 -30.88
C SER F 232 -1.28 7.15 -29.79
N VAL F 233 -2.11 6.11 -29.63
CA VAL F 233 -1.90 5.05 -28.65
C VAL F 233 -1.85 3.73 -29.41
N PHE F 234 -0.78 2.97 -29.21
CA PHE F 234 -0.65 1.65 -29.83
C PHE F 234 -0.72 0.58 -28.75
N CYS F 235 -1.70 -0.31 -28.87
CA CYS F 235 -1.94 -1.37 -27.89
C CYS F 235 -1.62 -2.71 -28.54
N SER F 236 -0.43 -3.24 -28.27
CA SER F 236 -0.03 -4.54 -28.76
C SER F 236 -0.32 -5.61 -27.71
N GLU F 237 0.21 -6.81 -27.95
CA GLU F 237 0.12 -7.93 -27.02
C GLU F 237 -1.33 -8.30 -26.72
N LEU F 238 -2.04 -8.69 -27.76
CA LEU F 238 -3.36 -9.18 -27.37
C LEU F 238 -3.36 -10.70 -27.30
N PRO F 239 -3.98 -11.27 -26.28
CA PRO F 239 -3.92 -12.71 -26.05
C PRO F 239 -4.86 -13.48 -26.98
N ASP F 240 -4.66 -14.79 -27.02
CA ASP F 240 -5.54 -15.68 -27.76
C ASP F 240 -6.90 -15.71 -27.07
N PHE F 241 -7.89 -15.06 -27.66
CA PHE F 241 -9.20 -14.94 -27.01
C PHE F 241 -9.94 -16.26 -26.95
N ALA F 242 -9.70 -17.16 -27.90
CA ALA F 242 -10.33 -18.48 -27.84
C ALA F 242 -9.83 -19.29 -26.66
N CYS F 243 -8.55 -19.17 -26.33
CA CYS F 243 -8.00 -19.90 -25.19
C CYS F 243 -8.53 -19.34 -23.89
N SER F 244 -8.61 -20.21 -22.88
CA SER F 244 -9.11 -19.81 -21.57
C SER F 244 -8.07 -18.98 -20.83
N GLY F 245 -8.56 -18.13 -19.94
CA GLY F 245 -7.72 -17.26 -19.15
C GLY F 245 -7.45 -15.90 -19.76
N SER F 246 -7.72 -15.73 -21.05
CA SER F 246 -7.49 -14.45 -21.72
C SER F 246 -8.68 -13.53 -21.51
N LYS F 247 -8.41 -12.34 -20.98
CA LYS F 247 -9.47 -11.39 -20.71
C LYS F 247 -10.03 -10.81 -22.01
N LYS F 248 -11.30 -10.43 -21.95
CA LYS F 248 -11.98 -9.83 -23.09
C LYS F 248 -11.69 -8.33 -23.14
N ILE F 249 -11.83 -7.75 -24.33
CA ILE F 249 -11.70 -6.31 -24.49
C ILE F 249 -12.94 -5.67 -23.86
N ARG F 250 -12.75 -5.05 -22.71
CA ARG F 250 -13.88 -4.50 -21.96
C ARG F 250 -14.47 -3.31 -22.70
N SER F 251 -15.77 -3.42 -23.05
CA SER F 251 -16.45 -2.30 -23.70
C SER F 251 -16.54 -1.08 -22.79
N ASP F 252 -16.54 -1.28 -21.47
CA ASP F 252 -16.48 -0.15 -20.56
C ASP F 252 -15.19 0.64 -20.76
N ASN F 253 -14.06 -0.06 -20.91
CA ASN F 253 -12.80 0.62 -21.20
C ASN F 253 -12.86 1.37 -22.53
N ILE F 254 -13.45 0.75 -23.54
CA ILE F 254 -13.55 1.39 -24.85
C ILE F 254 -14.37 2.68 -24.75
N LYS F 255 -15.48 2.64 -24.02
CA LYS F 255 -16.26 3.85 -23.80
C LYS F 255 -15.52 4.84 -22.91
N LYS F 256 -14.58 4.37 -22.10
CA LYS F 256 -13.80 5.27 -21.26
C LYS F 256 -12.78 6.08 -22.06
N LEU F 257 -12.05 5.43 -22.96
CA LEU F 257 -11.05 6.14 -23.78
C LEU F 257 -11.64 6.58 -25.11
N THR F 258 -12.81 7.22 -25.07
CA THR F 258 -13.43 7.81 -26.24
C THR F 258 -14.05 9.15 -25.90
N GLU F 259 -13.48 9.84 -24.92
CA GLU F 259 -13.99 11.12 -24.45
C GLU F 259 -12.88 12.16 -24.39
N PRO F 260 -13.20 13.43 -24.59
CA PRO F 260 -12.15 14.48 -24.51
C PRO F 260 -11.47 14.54 -23.16
N CYS F 261 -12.19 14.24 -22.07
CA CYS F 261 -11.65 14.29 -20.72
C CYS F 261 -11.84 12.91 -20.09
N VAL F 262 -10.75 12.16 -19.96
CA VAL F 262 -10.78 10.79 -19.45
C VAL F 262 -10.19 10.79 -18.04
N ILE F 263 -10.94 10.21 -17.10
CA ILE F 263 -10.49 10.16 -15.71
C ILE F 263 -9.35 9.16 -15.57
N GLY F 264 -8.66 9.24 -14.43
CA GLY F 264 -7.52 8.39 -14.14
C GLY F 264 -6.47 9.12 -13.33
N ARG F 265 -6.00 8.49 -12.27
CA ARG F 265 -5.15 9.27 -11.37
C ARG F 265 -3.67 9.06 -11.72
N PRO F 266 -2.91 10.14 -11.84
CA PRO F 266 -1.46 10.01 -12.00
C PRO F 266 -0.75 9.65 -10.71
N CYS F 267 0.58 9.62 -10.71
CA CYS F 267 1.37 9.21 -9.56
C CYS F 267 1.72 10.44 -8.74
N PHE F 268 1.15 10.52 -7.53
CA PHE F 268 1.44 11.58 -6.56
C PHE F 268 1.20 12.96 -7.15
N SER F 269 0.07 13.10 -7.84
CA SER F 269 -0.33 14.38 -8.40
C SER F 269 -1.83 14.33 -8.69
N ASN F 270 -2.41 15.52 -8.90
CA ASN F 270 -3.84 15.66 -9.19
C ASN F 270 -4.01 16.10 -10.63
N LYS F 271 -4.01 15.12 -11.54
CA LYS F 271 -4.21 15.35 -12.96
C LYS F 271 -5.23 14.38 -13.54
N ILE F 272 -6.32 14.13 -12.80
CA ILE F 272 -7.31 13.16 -13.22
C ILE F 272 -7.97 13.59 -14.53
N ASN F 273 -8.18 14.88 -14.72
CA ASN F 273 -8.74 15.39 -15.97
C ASN F 273 -7.66 15.34 -17.03
N ASN F 274 -7.76 14.39 -17.95
CA ASN F 274 -6.75 14.15 -18.97
C ASN F 274 -7.35 14.45 -20.34
N ARG F 275 -6.63 15.24 -21.13
CA ARG F 275 -7.05 15.53 -22.50
C ARG F 275 -6.65 14.37 -23.40
N ASN F 276 -7.61 13.84 -24.14
CA ASN F 276 -7.40 12.68 -25.01
C ASN F 276 -7.42 13.15 -26.46
N HIS F 277 -6.24 13.31 -27.05
CA HIS F 277 -6.09 13.68 -28.45
C HIS F 277 -5.50 12.54 -29.28
N ALA F 278 -5.51 11.33 -28.74
CA ALA F 278 -4.74 10.23 -29.30
C ALA F 278 -5.63 9.30 -30.13
N THR F 279 -5.11 8.89 -31.29
CA THR F 279 -5.74 7.86 -32.09
C THR F 279 -5.22 6.49 -31.62
N ILE F 280 -6.10 5.73 -30.97
CA ILE F 280 -5.72 4.47 -30.34
C ILE F 280 -5.80 3.36 -31.38
N ILE F 281 -4.65 2.83 -31.78
CA ILE F 281 -4.56 1.72 -32.71
C ILE F 281 -4.15 0.48 -31.94
N ILE F 282 -4.92 -0.58 -32.07
CA ILE F 282 -4.73 -1.80 -31.29
C ILE F 282 -4.08 -2.84 -32.18
N ASP F 283 -2.87 -3.26 -31.83
CA ASP F 283 -2.16 -4.29 -32.57
C ASP F 283 -2.53 -5.65 -32.00
N THR F 284 -3.07 -6.53 -32.85
CA THR F 284 -3.50 -7.85 -32.41
C THR F 284 -3.29 -8.85 -33.53
N ASN F 285 -3.29 -10.13 -33.15
CA ASN F 285 -3.13 -11.23 -34.09
C ASN F 285 -4.36 -12.12 -34.17
N TYR F 286 -5.39 -11.84 -33.39
CA TYR F 286 -6.61 -12.64 -33.35
C TYR F 286 -7.82 -11.74 -33.57
N LYS F 287 -8.96 -12.37 -33.81
CA LYS F 287 -10.21 -11.61 -33.88
C LYS F 287 -10.67 -11.23 -32.48
N PRO F 288 -10.98 -9.95 -32.25
CA PRO F 288 -11.30 -9.50 -30.89
C PRO F 288 -12.58 -10.12 -30.34
N VAL F 289 -12.56 -10.35 -29.03
CA VAL F 289 -13.71 -10.86 -28.29
C VAL F 289 -13.94 -9.94 -27.10
N PHE F 290 -15.15 -9.41 -26.97
CA PHE F 290 -15.47 -8.40 -25.98
C PHE F 290 -16.38 -8.97 -24.90
N ASP F 291 -16.59 -8.18 -23.86
CA ASP F 291 -17.47 -8.58 -22.76
C ASP F 291 -18.89 -8.08 -22.94
N ARG F 292 -19.06 -6.89 -23.52
CA ARG F 292 -20.37 -6.31 -23.78
C ARG F 292 -20.42 -5.83 -25.22
N ILE F 293 -21.53 -6.10 -25.90
CA ILE F 293 -21.71 -5.74 -27.30
C ILE F 293 -23.02 -4.98 -27.44
N ASP F 294 -22.96 -3.84 -28.13
CA ASP F 294 -24.15 -3.03 -28.39
C ASP F 294 -23.89 -2.16 -29.61
N ASN F 295 -24.88 -1.37 -29.98
CA ASN F 295 -24.75 -0.50 -31.16
C ASN F 295 -23.70 0.57 -30.96
N ALA F 296 -23.58 1.11 -29.74
CA ALA F 296 -22.58 2.14 -29.48
C ALA F 296 -21.17 1.61 -29.71
N LEU F 297 -20.88 0.40 -29.20
CA LEU F 297 -19.57 -0.19 -29.42
C LEU F 297 -19.34 -0.52 -30.90
N MET F 298 -20.37 -1.02 -31.58
CA MET F 298 -20.25 -1.30 -33.00
C MET F 298 -19.98 -0.05 -33.83
N ARG F 299 -20.48 1.11 -33.38
CA ARG F 299 -20.15 2.38 -33.99
C ARG F 299 -18.85 2.97 -33.47
N ARG F 300 -18.30 2.41 -32.39
CA ARG F 300 -17.04 2.88 -31.82
C ARG F 300 -15.82 2.14 -32.33
N ILE F 301 -15.97 1.08 -33.12
CA ILE F 301 -14.88 0.19 -33.46
C ILE F 301 -14.72 0.12 -34.97
N ALA F 302 -13.50 0.38 -35.44
CA ALA F 302 -13.10 0.15 -36.82
C ALA F 302 -11.99 -0.89 -36.85
N VAL F 303 -11.94 -1.67 -37.93
CA VAL F 303 -10.99 -2.77 -38.05
C VAL F 303 -10.21 -2.59 -39.35
N VAL F 304 -8.89 -2.62 -39.26
CA VAL F 304 -8.00 -2.57 -40.42
C VAL F 304 -7.27 -3.90 -40.50
N ARG F 305 -7.56 -4.67 -41.55
CA ARG F 305 -6.93 -5.96 -41.71
C ARG F 305 -5.57 -5.83 -42.39
N PHE F 306 -4.69 -6.78 -42.09
CA PHE F 306 -3.37 -6.89 -42.72
C PHE F 306 -3.30 -8.24 -43.43
N ARG F 307 -3.18 -8.21 -44.75
CA ARG F 307 -3.28 -9.42 -45.56
C ARG F 307 -2.07 -9.56 -46.49
N THR F 308 -0.87 -9.20 -46.01
CA THR F 308 0.34 -9.35 -46.80
C THR F 308 1.49 -9.71 -45.88
N HIS F 309 1.97 -10.94 -45.99
CA HIS F 309 3.09 -11.41 -45.19
C HIS F 309 4.41 -11.13 -45.91
N PHE F 310 5.50 -11.13 -45.12
CA PHE F 310 6.84 -10.89 -45.64
C PHE F 310 7.74 -11.98 -45.05
N SER F 311 7.84 -13.11 -45.75
CA SER F 311 8.65 -14.23 -45.28
C SER F 311 10.13 -13.86 -45.25
N TYR F 325 -3.41 -14.67 -46.40
CA TYR F 325 -3.12 -13.30 -46.78
C TYR F 325 -3.67 -12.99 -48.16
N ASP F 326 -3.20 -11.88 -48.73
CA ASP F 326 -3.48 -11.54 -50.13
C ASP F 326 -2.22 -11.44 -50.98
N LYS F 327 -1.05 -11.51 -50.37
CA LYS F 327 0.22 -11.35 -51.06
C LYS F 327 1.34 -11.78 -50.13
N VAL F 328 2.33 -12.49 -50.67
CA VAL F 328 3.46 -12.99 -49.88
C VAL F 328 4.74 -12.58 -50.58
N LYS F 329 5.62 -11.89 -49.87
CA LYS F 329 6.91 -11.44 -50.38
C LYS F 329 8.02 -11.90 -49.44
N LEU F 330 9.24 -11.45 -49.74
CA LEU F 330 10.41 -11.79 -48.94
C LEU F 330 10.65 -10.75 -47.86
N LEU F 331 11.41 -11.15 -46.84
CA LEU F 331 11.68 -10.28 -45.70
C LEU F 331 12.80 -9.29 -46.02
N ASP F 332 12.63 -8.07 -45.56
CA ASP F 332 13.65 -7.02 -45.67
C ASP F 332 14.25 -6.82 -44.28
N GLU F 333 15.36 -7.50 -44.02
CA GLU F 333 15.96 -7.44 -42.68
C GLU F 333 16.56 -6.07 -42.38
N GLY F 334 17.05 -5.37 -43.40
CA GLY F 334 17.64 -4.07 -43.21
C GLY F 334 16.67 -2.92 -43.13
N LEU F 335 15.37 -3.20 -43.19
CA LEU F 335 14.38 -2.12 -43.13
C LEU F 335 14.35 -1.47 -41.75
N ASP F 336 14.46 -2.27 -40.69
CA ASP F 336 14.31 -1.74 -39.34
C ASP F 336 15.44 -0.78 -38.97
N GLY F 337 16.64 -1.02 -39.50
CA GLY F 337 17.75 -0.13 -39.22
C GLY F 337 17.53 1.29 -39.71
N LYS F 338 16.93 1.43 -40.89
CA LYS F 338 16.61 2.76 -41.41
C LYS F 338 15.53 3.44 -40.57
N ILE F 339 14.56 2.66 -40.08
CA ILE F 339 13.52 3.23 -39.23
C ILE F 339 14.12 3.72 -37.92
N GLN F 340 14.99 2.93 -37.31
CA GLN F 340 15.63 3.33 -36.06
C GLN F 340 16.55 4.52 -36.26
N ASN F 341 17.08 4.71 -37.47
CA ASN F 341 17.90 5.86 -37.79
C ASN F 341 17.07 7.04 -38.30
N ASN F 342 15.75 6.90 -38.34
CA ASN F 342 14.84 7.97 -38.75
C ASN F 342 15.12 8.42 -40.19
N ARG F 343 15.54 7.49 -41.03
CA ARG F 343 15.74 7.81 -42.44
C ARG F 343 14.42 8.15 -43.12
N TYR F 344 13.36 7.39 -42.82
CA TYR F 344 12.03 7.61 -43.38
C TYR F 344 11.12 8.37 -42.43
N ARG F 345 11.69 9.22 -41.57
CA ARG F 345 10.88 9.99 -40.64
C ARG F 345 10.10 11.08 -41.37
N PHE F 346 10.81 11.97 -42.06
CA PHE F 346 10.16 13.06 -42.78
C PHE F 346 9.36 12.58 -43.99
N ALA F 347 9.79 11.49 -44.63
CA ALA F 347 8.98 10.91 -45.71
C ALA F 347 7.65 10.41 -45.18
N PHE F 348 7.66 9.71 -44.04
CA PHE F 348 6.42 9.25 -43.43
C PHE F 348 5.58 10.43 -42.97
N LEU F 349 6.23 11.49 -42.47
CA LEU F 349 5.48 12.69 -42.09
C LEU F 349 4.79 13.32 -43.29
N TYR F 350 5.49 13.39 -44.43
CA TYR F 350 4.91 13.93 -45.65
C TYR F 350 3.73 13.07 -46.10
N LEU F 351 3.87 11.75 -46.03
CA LEU F 351 2.77 10.86 -46.35
C LEU F 351 1.58 11.07 -45.44
N LEU F 352 1.83 11.22 -44.13
CA LEU F 352 0.75 11.45 -43.18
C LEU F 352 0.05 12.78 -43.46
N VAL F 353 0.81 13.81 -43.78
CA VAL F 353 0.23 15.12 -44.10
C VAL F 353 -0.63 15.02 -45.36
N LYS F 354 -0.13 14.32 -46.38
CA LYS F 354 -0.90 14.15 -47.61
C LYS F 354 -2.20 13.38 -47.34
N TRP F 355 -2.13 12.33 -46.53
CA TRP F 355 -3.35 11.60 -46.17
C TRP F 355 -4.32 12.46 -45.37
N TYR F 356 -3.81 13.29 -44.45
CA TYR F 356 -4.68 14.17 -43.70
C TYR F 356 -5.37 15.17 -44.62
N LYS F 357 -4.62 15.74 -45.58
CA LYS F 357 -5.22 16.64 -46.55
C LYS F 357 -6.25 15.92 -47.42
N LYS F 358 -5.99 14.66 -47.76
CA LYS F 358 -6.90 13.92 -48.63
C LYS F 358 -8.20 13.56 -47.92
N TYR F 359 -8.13 13.19 -46.64
CA TYR F 359 -9.31 12.65 -45.94
C TYR F 359 -9.84 13.60 -44.88
N HIS F 360 -9.02 14.03 -43.93
CA HIS F 360 -9.52 14.72 -42.74
C HIS F 360 -9.57 16.24 -42.92
N VAL F 361 -9.12 16.77 -44.05
CA VAL F 361 -9.25 18.19 -44.34
C VAL F 361 -10.55 18.39 -45.11
N PRO F 362 -11.45 19.29 -44.68
CA PRO F 362 -11.33 20.16 -43.50
C PRO F 362 -11.97 19.58 -42.24
N ILE F 363 -12.66 18.45 -42.32
CA ILE F 363 -13.44 17.89 -41.22
C ILE F 363 -12.88 16.52 -40.86
N MET F 364 -12.62 16.30 -39.57
CA MET F 364 -12.21 14.99 -39.10
C MET F 364 -13.36 14.00 -39.20
N LYS F 365 -13.08 12.84 -39.80
CA LYS F 365 -14.07 11.80 -39.98
C LYS F 365 -13.48 10.45 -39.56
N LEU F 366 -14.22 9.72 -38.74
CA LEU F 366 -13.82 8.39 -38.26
C LEU F 366 -15.06 7.51 -38.28
N TYR F 367 -15.23 6.74 -39.37
CA TYR F 367 -16.43 5.91 -39.48
C TYR F 367 -16.10 4.46 -39.12
N PRO F 368 -16.98 3.80 -38.36
CA PRO F 368 -16.71 2.43 -37.94
C PRO F 368 -16.86 1.43 -39.07
N THR F 369 -16.22 0.28 -38.88
CA THR F 369 -16.35 -0.87 -39.78
C THR F 369 -16.64 -2.11 -38.95
N PRO F 370 -17.83 -2.20 -38.35
CA PRO F 370 -18.16 -3.38 -37.54
C PRO F 370 -18.37 -4.65 -38.35
N GLU F 371 -18.53 -4.54 -39.67
CA GLU F 371 -18.73 -5.71 -40.51
C GLU F 371 -17.49 -6.60 -40.59
N GLU F 372 -16.34 -6.12 -40.12
CA GLU F 372 -15.11 -6.90 -40.15
C GLU F 372 -14.97 -7.81 -38.93
N ILE F 373 -15.88 -7.74 -37.99
CA ILE F 373 -15.88 -8.57 -36.79
C ILE F 373 -17.09 -9.50 -36.86
N PRO F 374 -16.91 -10.82 -36.73
CA PRO F 374 -18.07 -11.73 -36.78
C PRO F 374 -19.11 -11.44 -35.72
N ASP F 375 -18.70 -11.08 -34.51
CA ASP F 375 -19.66 -10.77 -33.46
C ASP F 375 -20.50 -9.54 -33.83
N PHE F 376 -19.84 -8.47 -34.28
CA PHE F 376 -20.55 -7.27 -34.67
C PHE F 376 -21.39 -7.48 -35.93
N ALA F 377 -20.92 -8.29 -36.87
CA ALA F 377 -21.73 -8.62 -38.04
C ALA F 377 -22.99 -9.38 -37.63
N PHE F 378 -22.85 -10.34 -36.71
CA PHE F 378 -24.01 -11.06 -36.20
C PHE F 378 -24.99 -10.11 -35.53
N TYR F 379 -24.47 -9.21 -34.70
CA TYR F 379 -25.35 -8.27 -33.99
C TYR F 379 -26.04 -7.32 -34.95
N LEU F 380 -25.35 -6.85 -36.00
CA LEU F 380 -25.98 -5.98 -36.99
C LEU F 380 -27.06 -6.73 -37.77
N LYS F 381 -26.77 -7.95 -38.21
CA LYS F 381 -27.77 -8.73 -38.93
C LYS F 381 -28.96 -9.07 -38.04
N ILE F 382 -28.74 -9.20 -36.73
CA ILE F 382 -29.84 -9.37 -35.79
C ILE F 382 -30.67 -8.09 -35.72
N GLY F 383 -30.02 -6.97 -35.36
CA GLY F 383 -30.71 -5.71 -35.19
C GLY F 383 -31.47 -5.24 -36.41
N THR F 384 -31.01 -5.60 -37.61
CA THR F 384 -31.78 -5.32 -38.81
C THR F 384 -33.08 -6.13 -38.82
N LEU F 385 -32.99 -7.43 -38.57
CA LEU F 385 -34.13 -8.33 -38.65
C LEU F 385 -34.83 -8.53 -37.31
N LEU F 386 -34.35 -7.91 -36.22
CA LEU F 386 -34.96 -8.11 -34.91
C LEU F 386 -35.32 -6.78 -34.26
N VAL F 387 -36.03 -5.92 -34.99
CA VAL F 387 -36.45 -4.64 -34.42
C VAL F 387 -37.30 -4.89 -33.18
N SER F 388 -37.00 -4.16 -32.12
CA SER F 388 -37.68 -4.35 -30.84
C SER F 388 -39.13 -3.92 -30.92
N SER F 389 -40.00 -4.66 -30.23
CA SER F 389 -41.42 -4.34 -30.21
C SER F 389 -41.66 -3.00 -29.51
N SER F 390 -42.72 -2.32 -29.93
CA SER F 390 -43.05 -1.01 -29.40
C SER F 390 -44.56 -0.81 -29.49
N VAL F 391 -45.02 0.36 -29.06
CA VAL F 391 -46.44 0.69 -29.16
C VAL F 391 -46.87 0.75 -30.61
N LYS F 392 -46.00 1.25 -31.50
CA LYS F 392 -46.32 1.27 -32.92
C LYS F 392 -46.46 -0.13 -33.49
N HIS F 393 -45.82 -1.12 -32.88
CA HIS F 393 -45.92 -2.51 -33.33
C HIS F 393 -47.15 -3.22 -32.77
N ILE F 394 -47.84 -2.62 -31.80
CA ILE F 394 -49.05 -3.25 -31.25
C ILE F 394 -50.15 -3.42 -32.29
N PRO F 395 -50.48 -2.41 -33.12
CA PRO F 395 -51.55 -2.61 -34.11
C PRO F 395 -51.25 -3.68 -35.15
N LEU F 396 -50.04 -4.26 -35.16
CA LEU F 396 -49.73 -5.35 -36.06
C LEU F 396 -50.27 -6.70 -35.57
N MET F 397 -50.87 -6.73 -34.38
CA MET F 397 -51.42 -7.96 -33.83
C MET F 397 -52.50 -8.58 -34.71
N THR F 398 -53.26 -7.76 -35.45
CA THR F 398 -54.31 -8.30 -36.31
C THR F 398 -53.76 -9.31 -37.31
N ASP F 399 -52.54 -9.08 -37.81
CA ASP F 399 -51.89 -10.02 -38.71
C ASP F 399 -50.90 -10.94 -38.02
N LEU F 400 -50.39 -10.56 -36.85
CA LEU F 400 -49.41 -11.38 -36.14
C LEU F 400 -50.02 -12.39 -35.19
N SER F 401 -51.34 -12.37 -34.98
CA SER F 401 -51.96 -13.36 -34.12
C SER F 401 -51.90 -14.75 -34.73
N LYS F 402 -52.09 -14.86 -36.04
CA LYS F 402 -52.01 -16.13 -36.76
C LYS F 402 -50.60 -16.44 -37.23
N LYS F 403 -49.63 -15.57 -36.93
CA LYS F 403 -48.25 -15.76 -37.33
C LYS F 403 -47.35 -16.20 -36.19
N GLY F 404 -47.93 -16.58 -35.04
CA GLY F 404 -47.18 -17.08 -33.92
C GLY F 404 -46.89 -16.06 -32.84
N TYR F 405 -47.14 -14.78 -33.08
CA TYR F 405 -46.87 -13.74 -32.11
C TYR F 405 -48.02 -13.63 -31.13
N ILE F 406 -47.80 -14.06 -29.88
CA ILE F 406 -48.78 -13.94 -28.82
C ILE F 406 -48.56 -12.62 -28.09
N LEU F 407 -49.66 -11.92 -27.80
CA LEU F 407 -49.60 -10.61 -27.15
C LEU F 407 -49.50 -10.80 -25.64
N TYR F 408 -48.35 -10.45 -25.08
CA TYR F 408 -48.10 -10.56 -23.64
C TYR F 408 -47.74 -9.18 -23.11
N ASP F 409 -48.50 -8.70 -22.12
CA ASP F 409 -48.25 -7.41 -21.48
C ASP F 409 -48.23 -6.28 -22.51
N ASN F 410 -49.16 -6.35 -23.48
CA ASN F 410 -49.27 -5.35 -24.55
C ASN F 410 -47.96 -5.22 -25.32
N VAL F 411 -47.24 -6.32 -25.46
CA VAL F 411 -46.00 -6.38 -26.21
C VAL F 411 -46.08 -7.56 -27.17
N VAL F 412 -45.67 -7.35 -28.40
CA VAL F 412 -45.63 -8.41 -29.41
C VAL F 412 -44.50 -9.37 -29.03
N THR F 413 -44.85 -10.56 -28.57
CA THR F 413 -43.90 -11.53 -28.05
C THR F 413 -43.85 -12.75 -28.96
N LEU F 414 -42.63 -13.22 -29.25
CA LEU F 414 -42.39 -14.39 -30.07
C LEU F 414 -41.85 -15.53 -29.21
N PRO F 415 -42.39 -16.74 -29.36
CA PRO F 415 -41.90 -17.87 -28.55
C PRO F 415 -40.43 -18.15 -28.80
N LEU F 416 -39.76 -18.63 -27.74
CA LEU F 416 -38.34 -18.93 -27.84
C LEU F 416 -38.05 -20.03 -28.85
N THR F 417 -38.87 -21.07 -28.89
CA THR F 417 -38.66 -22.14 -29.87
C THR F 417 -38.80 -21.62 -31.29
N THR F 418 -39.83 -20.82 -31.55
CA THR F 418 -39.98 -20.20 -32.87
C THR F 418 -38.83 -19.25 -33.18
N PHE F 419 -38.40 -18.47 -32.19
CA PHE F 419 -37.28 -17.57 -32.40
C PHE F 419 -36.02 -18.32 -32.79
N GLN F 420 -35.72 -19.43 -32.12
CA GLN F 420 -34.56 -20.24 -32.47
C GLN F 420 -34.70 -20.89 -33.83
N GLN F 421 -35.88 -21.46 -34.13
CA GLN F 421 -36.07 -22.11 -35.42
C GLN F 421 -35.98 -21.10 -36.57
N LYS F 422 -36.32 -19.83 -36.31
CA LYS F 422 -36.21 -18.82 -37.35
C LYS F 422 -34.80 -18.21 -37.43
N ILE F 423 -34.11 -18.06 -36.31
CA ILE F 423 -32.74 -17.54 -36.34
C ILE F 423 -31.77 -18.57 -36.91
N SER F 424 -32.11 -19.86 -36.83
CA SER F 424 -31.29 -20.88 -37.49
C SER F 424 -31.36 -20.79 -39.02
N LYS F 425 -32.38 -20.12 -39.56
CA LYS F 425 -32.52 -20.01 -41.01
C LYS F 425 -31.56 -18.98 -41.61
N TYR F 426 -31.30 -17.88 -40.90
CA TYR F 426 -30.47 -16.80 -41.41
C TYR F 426 -29.02 -16.88 -40.95
N PHE F 427 -28.77 -17.40 -39.76
CA PHE F 427 -27.43 -17.52 -39.22
C PHE F 427 -27.02 -18.98 -39.15
N ASN F 428 -25.74 -19.23 -39.38
CA ASN F 428 -25.19 -20.58 -39.21
C ASN F 428 -25.18 -20.90 -37.72
N SER F 429 -26.17 -21.67 -37.27
CA SER F 429 -26.28 -21.99 -35.85
C SER F 429 -25.09 -22.75 -35.32
N ARG F 430 -24.49 -23.62 -36.12
CA ARG F 430 -23.30 -24.36 -35.71
C ARG F 430 -22.09 -23.44 -35.51
N LEU F 431 -21.91 -22.44 -36.36
CA LEU F 431 -20.83 -21.47 -36.17
C LEU F 431 -21.18 -20.45 -35.09
N PHE F 432 -22.44 -20.01 -35.04
CA PHE F 432 -22.87 -18.98 -34.11
C PHE F 432 -23.54 -19.56 -32.87
N GLY F 433 -23.18 -20.77 -32.45
CA GLY F 433 -23.85 -21.38 -31.32
C GLY F 433 -23.72 -20.57 -30.04
N HIS F 434 -22.49 -20.26 -29.64
CA HIS F 434 -22.28 -19.49 -28.41
C HIS F 434 -22.87 -18.09 -28.51
N ASP F 435 -22.75 -17.44 -29.66
CA ASP F 435 -23.33 -16.11 -29.84
C ASP F 435 -24.84 -16.11 -29.69
N ILE F 436 -25.52 -17.07 -30.33
CA ILE F 436 -26.97 -17.16 -30.22
C ILE F 436 -27.37 -17.50 -28.79
N GLU F 437 -26.64 -18.40 -28.14
CA GLU F 437 -26.95 -18.75 -26.76
C GLU F 437 -26.82 -17.54 -25.84
N SER F 438 -25.74 -16.77 -25.99
CA SER F 438 -25.56 -15.57 -25.17
C SER F 438 -26.62 -14.52 -25.45
N PHE F 439 -26.96 -14.30 -26.72
CA PHE F 439 -28.02 -13.35 -27.05
C PHE F 439 -29.35 -13.77 -26.46
N ILE F 440 -29.67 -15.06 -26.51
CA ILE F 440 -30.92 -15.54 -25.91
C ILE F 440 -30.89 -15.34 -24.40
N ASN F 441 -29.80 -15.74 -23.75
CA ASN F 441 -29.71 -15.61 -22.30
C ASN F 441 -29.71 -14.15 -21.85
N ARG F 442 -29.32 -13.22 -22.70
CA ARG F 442 -29.30 -11.82 -22.32
C ARG F 442 -30.61 -11.09 -22.64
N HIS F 443 -31.26 -11.42 -23.75
CA HIS F 443 -32.40 -10.65 -24.21
C HIS F 443 -33.74 -11.39 -24.18
N LYS F 444 -33.84 -12.50 -23.47
CA LYS F 444 -35.11 -13.21 -23.37
C LYS F 444 -35.86 -12.82 -22.10
N LYS F 445 -37.17 -13.03 -22.12
CA LYS F 445 -38.03 -12.84 -20.96
C LYS F 445 -38.97 -14.02 -20.83
N PHE F 446 -39.24 -14.41 -19.58
CA PHE F 446 -40.09 -15.55 -19.27
C PHE F 446 -41.52 -15.09 -19.06
N ALA F 447 -42.48 -15.82 -19.62
CA ALA F 447 -43.88 -15.48 -19.41
C ALA F 447 -44.30 -15.77 -17.97
N ASN F 448 -44.29 -17.04 -17.57
CA ASN F 448 -44.50 -17.40 -16.17
C ASN F 448 -43.29 -18.11 -15.58
N VAL F 449 -42.94 -19.30 -16.09
CA VAL F 449 -41.70 -19.97 -15.68
C VAL F 449 -40.97 -20.51 -16.90
N SER F 450 -41.73 -20.85 -17.95
CA SER F 450 -41.19 -21.63 -19.06
C SER F 450 -41.52 -21.08 -20.44
N ASP F 451 -42.62 -20.35 -20.60
CA ASP F 451 -43.01 -19.81 -21.90
C ASP F 451 -42.13 -18.61 -22.24
N GLU F 452 -40.84 -18.88 -22.36
CA GLU F 452 -39.86 -17.83 -22.60
C GLU F 452 -40.08 -17.20 -23.98
N TYR F 453 -40.01 -15.88 -24.02
CA TYR F 453 -40.25 -15.12 -25.24
C TYR F 453 -39.20 -14.04 -25.41
N LEU F 454 -39.08 -13.53 -26.62
CA LEU F 454 -38.21 -12.41 -26.94
C LEU F 454 -39.03 -11.30 -27.58
N GLN F 455 -38.74 -10.07 -27.16
CA GLN F 455 -39.50 -8.91 -27.62
C GLN F 455 -38.84 -8.30 -28.85
N TYR F 456 -38.84 -9.07 -29.93
CA TYR F 456 -38.28 -8.64 -31.20
C TYR F 456 -39.11 -9.22 -32.33
N ILE F 457 -39.28 -8.44 -33.40
CA ILE F 457 -40.14 -8.79 -34.52
C ILE F 457 -39.31 -8.82 -35.79
N PHE F 458 -39.53 -9.84 -36.62
CA PHE F 458 -38.89 -9.93 -37.93
C PHE F 458 -39.46 -8.90 -38.88
N ILE F 459 -38.64 -8.49 -39.86
CA ILE F 459 -39.11 -7.61 -40.91
C ILE F 459 -40.17 -8.28 -41.78
N GLU F 460 -40.04 -9.58 -42.03
CA GLU F 460 -41.00 -10.34 -42.83
C GLU F 460 -42.37 -10.43 -42.19
N ASP F 461 -42.54 -9.91 -40.98
CA ASP F 461 -43.81 -9.98 -40.26
C ASP F 461 -44.50 -8.64 -40.09
N ILE F 462 -43.81 -7.52 -40.33
CA ILE F 462 -44.43 -6.21 -40.24
C ILE F 462 -45.51 -6.05 -41.31
#